data_7U19
#
_entry.id   7U19
#
_cell.length_a   1.00
_cell.length_b   1.00
_cell.length_c   1.00
_cell.angle_alpha   90.00
_cell.angle_beta   90.00
_cell.angle_gamma   90.00
#
_symmetry.space_group_name_H-M   'P 1'
#
loop_
_entity.id
_entity.type
_entity.pdbx_description
1 polymer 'Replication factor C subunit 1'
2 polymer 'Replication factor C subunit 4'
3 polymer 'Replication factor C subunit 3'
4 polymer 'Replication factor C subunit 2'
5 polymer 'Replication factor C subunit 5'
6 polymer 'Proliferating cell nuclear antigen'
7 polymer 'primer DNA'
8 polymer 'template DNA'
9 polymer DNA
10 non-polymer 'PHOSPHOTHIOPHOSPHORIC ACID-ADENYLATE ESTER'
11 non-polymer 'MAGNESIUM ION'
12 non-polymer "ADENOSINE-5'-DIPHOSPHATE"
#
loop_
_entity_poly.entity_id
_entity_poly.type
_entity_poly.pdbx_seq_one_letter_code
_entity_poly.pdbx_strand_id
1 'polypeptide(L)'
;MVNISDFFGKNKKSVRSSTSRPTRQVGSSKPEVIDLDTESDQESTNKTPKKMPVSNVIDVSETPEGEKKLPLPAKRKASS
PTVKPASSKKTKPSSKSSDSASNITAQDVLDKIPSLDLSNVHVKENAKFDFKSANSNADPDEIVSEIGSFPEGKPNCLLG
LTIVFTGVLPTLERGASEALAKRYGARVTKSISSKTSVVVLGDEAGPKKLEKIKQLKIKAIDEEGFKQLIAGMPAEGGDG
EAAEKARRKLEEQHNIATKEAELLVKKEEERSKKLAATRVSGGHLERDNVVREEDKLWTVKYAPTNLQQVCGNKGSVMKL
KNWLANWENSKKNSFKHAGKDGSGVFRAAMLYGPPGIGKTTAAHLVAQELGYDILEQNASDVRSKTLLNAGVKNALDNMS
VVGYFKHNEEAQNLNGKHFVIIMDEVDGMSGGDRGGVGQLAQFCRKTSTPLILICNERNLPKMRPFDRVCLDIQFRRPDA
NSIKSRLMTIAIREKFKLDPNVIDRLIQTTRGDIRQVINLLSTISTTTKTINHENINEISKAWEKNIALKPFDIAHKMLD
GQIYSDIGSRNFTLNDKIALYFDDFDFTPLMIQENYLSTRPSVLKPGQSHLEAVAEAANCISLGDIVEKKIRSSEQLWSL
LPLHAVLSSVYPASKVAGHMAGRINFTAWLGQNSKSAKYYRLLQEIHYHTRLGTSTDKIGLRLDYLPTFRKRLLDPFLKQ
GADAISSVIEVMDDYYLTKEDWDSIMEFFVGPDVTTAIIKKIPATVKSGFTRKYNSMTHPVAIYRTGSTIGGGGVGTSTS
TPDFEDVVDADDNPVPADDEETQDSSTDLKKDKLIKQKAKPTKRKTATSKPGGSKKRKTKA
;
A
2 'polypeptide(L)'
;MSKTLSLQLPWVEKYRPQVLSDIVGNKETIDRLQQIAKDGNMPHMIISGMPGIGKTTSVHCLAHELLGRSYADGVLELNA
SDDRGIDVVRNQIKHFAQKKLHLPPGKHKIVILDEADSMTAGAQQALRRTMELYSNSTRFAFACNQSNKIIEPLQSRCAI
LRYSKLSDEDVLKRLLQIIKLEDVKYTNDGLEAIIFTAEGDMRQAINNLQSTVAGHGLVNADNVFKIVDSPHPLIVKKML
LASNLEDSIQILRTDLWKKGYSSIDIVTTSFRVTKNLAQVKESVRLEMIKEIGLTHMRILEGVGTYLQLASMLAKIHKLN
NKA
;
B
3 'polypeptide(L)'
;MSTSTEKRSKENLPWVEKYRPETLDEVYGQNEVITTVRKFVDEGKLPHLLFYGPPGTGKTSTIVALAREIYGKNYSNMVL
ELNASDDRGIDVVRNQIKDFASTRQIFSKGFKLIILDEADAMTNAAQNALRRVIERYTKNTRFCVLANYAHKLTPALLSR
CTRFRFQPLPQEAIERRIANVLVHEKLKLSPNAEKALIELSNGDMRRVLNVLQSCKATLDNPDEDEISDDVIYECCGAPR
PSDLKAVLKSILEDDWGTAHYTLNKVRSAKGLALIDLIEGIVKILEDYELQNEETRVHLLTKLADIEYSISKGGNDQIQG
SAVIGAIKASFENETVKANV
;
C
4 'polypeptide(L)'
;MFEGFGPNKKRKISKLAAEQSLAQQPWVEKYRPKNLDEVTAQDHAVTVLKKTLKSANLPHMLFYGPPGTGKTSTILALTK
ELYGPDLMKSRILELNASDERGISIVREKVKNFARLTVSKPSKHDLENYPCPPYKIIILDEADSMTADAQSALRRTMETY
SGVTRFCLICNYVTRIIDPLASRCSKFRFKALDASNAIDRLRFISEQENVKCDDGVLERILDISAGDLRRGITLLQSASK
GAQYLGDGKNITSTQVEELAGVVPHDILIEIVEKVKSGDFDEIKKYVNTFMKSGWSAASVVNQLHEYYITNDNFDTNFKN
QISWLLFTTDSRLNNGTNEHIQLLNLLVKISQL
;
D
5 'polypeptide(L)'
;MSLWVDKYRPKSLNALSHNEELTNFLKSLSDQPRDLPHLLLYGPNGTGKKTRCMALLESIFGPGVYRLKIDVRQFVTASN
RKLELNVVSSPYHLEITPSDMGNNDRIVIQELLKEVAQMEQVDFQDSKDGLAHRYKCVIINEANSLTKDAQAALRRTMEK
YSKNIRLIMVCDSMSPIIAPIKSRCLLIRCPAPSDSEISTILSDVVTNERIQLETKDILKRIAQASNGNLRVSLLMLESM
ALNNELALKSSSPIIKPDWIIVIHKLTRKIVKERSVNSLIECRAVLYDLLAHCIPANIILKELTFSLLDVETLNTTNKSS
IIEYSSVFDERLSLGNKAIFHLEGFIAKVMCCLD
;
E
6 'polypeptide(L)'
;GPHMASMLEAKFEEASLFKRIIDGFKDCVQLVNFQCKEDGIIAQAVDDSRVLLVSLEIGVEAFQEYRCDHPVTLGMDLTS
LSKILRCGNNTDTLTLIADNTPDSIILLFEDTKKDRIAEYSLKLMDIDADFLKIEELQYDSTLSLPSSEFSKIVRDLSQL
SDSINIMITKETIKFVADGDIGSGSVIIKPFVDMEHPETSIKLEMDQPVDLTFGAKYLLDIIKGSSLSDRVGIRLSSEAP
ALFQFDLKSGFLQFFLAPKFNDEE
;
F,G,H
7 'polydeoxyribonucleotide' (DG)(DC)(DA)(DG)(DA)(DC)(DA)(DC)(DT)(DA)(DC)(DG)(DA)(DG)(DT)(DA)(DC)(DA)(DA)(DA) I
8 'polydeoxyribonucleotide'
;(DA)(DC)(DA)(DG)(DA)(DC)(DC)(DT)(DA)(DA)(DG)(DT)(DC)(DC)(DT)(DT)(DT)(DG)(DT)(DA)
(DC)(DT)(DC)(DG)(DT)(DA)(DG)(DT)(DG)(DT)(DC)(DT)(DG)(DC)
;
J
9 'polydeoxyribonucleotide' (DG)(DA)(DC)(DT)(DT)(DA)(DG)(DG)(DT)(DC)(DT)(DG)(DT) K
#
loop_
_chem_comp.id
_chem_comp.type
_chem_comp.name
_chem_comp.formula
ADP non-polymer ADENOSINE-5'-DIPHOSPHATE 'C10 H15 N5 O10 P2'
AGS non-polymer 'PHOSPHOTHIOPHOSPHORIC ACID-ADENYLATE ESTER' 'C10 H16 N5 O12 P3 S'
DA DNA linking 2'-DEOXYADENOSINE-5'-MONOPHOSPHATE 'C10 H14 N5 O6 P'
DC DNA linking 2'-DEOXYCYTIDINE-5'-MONOPHOSPHATE 'C9 H14 N3 O7 P'
DG DNA linking 2'-DEOXYGUANOSINE-5'-MONOPHOSPHATE 'C10 H14 N5 O7 P'
DT DNA linking THYMIDINE-5'-MONOPHOSPHATE 'C10 H15 N2 O8 P'
MG non-polymer 'MAGNESIUM ION' 'Mg 2'
#
# COMPACT_ATOMS: atom_id res chain seq x y z
N SER A 149 21.26 -53.88 0.71
CA SER A 149 20.49 -53.91 1.94
C SER A 149 19.34 -54.92 1.85
N PHE A 150 18.21 -54.47 1.34
CA PHE A 150 17.05 -55.34 1.21
C PHE A 150 17.28 -56.35 0.09
N PRO A 151 17.15 -57.65 0.36
CA PRO A 151 17.30 -58.64 -0.71
C PRO A 151 16.18 -58.52 -1.73
N GLU A 152 16.52 -58.84 -2.98
CA GLU A 152 15.54 -58.80 -4.05
C GLU A 152 14.55 -59.96 -3.92
N GLY A 153 13.37 -59.78 -4.51
CA GLY A 153 12.34 -60.79 -4.46
C GLY A 153 11.70 -60.99 -5.82
N LYS A 154 10.95 -62.08 -5.93
CA LYS A 154 10.23 -62.38 -7.15
C LYS A 154 9.13 -61.33 -7.38
N PRO A 155 8.76 -61.07 -8.63
CA PRO A 155 7.76 -60.03 -8.91
C PRO A 155 6.43 -60.28 -8.22
N ASN A 156 5.85 -59.22 -7.63
CA ASN A 156 4.57 -59.29 -6.93
C ASN A 156 4.59 -60.33 -5.82
N CYS A 157 5.74 -60.47 -5.15
CA CYS A 157 5.87 -61.46 -4.10
C CYS A 157 4.95 -61.16 -2.92
N LEU A 158 4.85 -59.89 -2.53
CA LEU A 158 4.06 -59.47 -1.38
C LEU A 158 2.61 -59.16 -1.74
N LEU A 159 2.11 -59.73 -2.84
CA LEU A 159 0.75 -59.45 -3.27
C LEU A 159 -0.26 -60.05 -2.29
N GLY A 160 -1.35 -59.32 -2.05
CA GLY A 160 -2.42 -59.80 -1.19
C GLY A 160 -2.16 -59.64 0.30
N LEU A 161 -1.11 -58.93 0.69
CA LEU A 161 -0.77 -58.73 2.09
C LEU A 161 -0.99 -57.27 2.46
N THR A 162 -1.73 -57.04 3.54
CA THR A 162 -1.95 -55.70 4.07
C THR A 162 -0.91 -55.43 5.14
N ILE A 163 -0.01 -54.48 4.87
CA ILE A 163 1.13 -54.20 5.73
C ILE A 163 1.06 -52.75 6.18
N VAL A 164 1.20 -52.54 7.49
CA VAL A 164 1.19 -51.21 8.09
C VAL A 164 2.55 -50.99 8.73
N PHE A 165 3.28 -49.96 8.27
CA PHE A 165 4.62 -49.65 8.77
C PHE A 165 4.54 -48.63 9.90
N THR A 166 4.01 -49.09 11.04
CA THR A 166 3.87 -48.21 12.20
C THR A 166 5.22 -47.87 12.82
N GLY A 167 6.06 -48.88 13.05
CA GLY A 167 7.28 -48.65 13.79
C GLY A 167 8.34 -47.94 12.97
N VAL A 168 9.22 -47.22 13.69
CA VAL A 168 10.34 -46.56 13.05
C VAL A 168 11.41 -47.58 12.72
N LEU A 169 11.93 -47.52 11.49
CA LEU A 169 12.90 -48.49 11.02
C LEU A 169 14.27 -47.85 10.89
N PRO A 170 15.32 -48.45 11.46
CA PRO A 170 16.64 -47.80 11.44
C PRO A 170 17.19 -47.52 10.06
N THR A 171 16.93 -48.39 9.07
CA THR A 171 17.56 -48.27 7.76
C THR A 171 16.70 -47.53 6.74
N LEU A 172 15.37 -47.72 6.77
CA LEU A 172 14.47 -47.13 5.79
C LEU A 172 13.56 -46.11 6.46
N GLU A 173 13.30 -45.01 5.75
CA GLU A 173 12.25 -44.09 6.14
C GLU A 173 10.89 -44.72 5.81
N ARG A 174 9.83 -44.08 6.32
CA ARG A 174 8.48 -44.62 6.11
C ARG A 174 8.13 -44.65 4.63
N GLY A 175 8.47 -43.60 3.89
CA GLY A 175 8.20 -43.58 2.46
C GLY A 175 8.95 -44.65 1.71
N ALA A 176 10.22 -44.87 2.08
CA ALA A 176 11.02 -45.90 1.43
C ALA A 176 10.45 -47.29 1.71
N SER A 177 10.02 -47.54 2.95
CA SER A 177 9.41 -48.82 3.28
C SER A 177 8.11 -49.02 2.51
N GLU A 178 7.28 -47.97 2.41
CA GLU A 178 6.05 -48.08 1.64
C GLU A 178 6.34 -48.36 0.17
N ALA A 179 7.36 -47.70 -0.39
CA ALA A 179 7.71 -47.94 -1.79
C ALA A 179 8.20 -49.37 -2.00
N LEU A 180 9.07 -49.86 -1.12
CA LEU A 180 9.58 -51.22 -1.28
C LEU A 180 8.53 -52.28 -0.98
N ALA A 181 7.47 -51.95 -0.25
CA ALA A 181 6.33 -52.85 -0.11
C ALA A 181 5.40 -52.81 -1.31
N LYS A 182 5.14 -51.62 -1.86
CA LYS A 182 4.22 -51.51 -2.98
C LYS A 182 4.87 -51.98 -4.28
N ARG A 183 6.19 -52.06 -4.33
CA ARG A 183 6.84 -52.63 -5.50
C ARG A 183 6.44 -54.08 -5.72
N TYR A 184 6.11 -54.79 -4.65
CA TYR A 184 5.77 -56.20 -4.71
C TYR A 184 4.27 -56.46 -4.55
N GLY A 185 3.43 -55.45 -4.77
CA GLY A 185 2.00 -55.64 -4.77
C GLY A 185 1.32 -55.58 -3.42
N ALA A 186 2.04 -55.23 -2.36
CA ALA A 186 1.44 -55.18 -1.04
C ALA A 186 0.53 -53.96 -0.91
N ARG A 187 -0.44 -54.06 0.00
CA ARG A 187 -1.37 -52.98 0.28
C ARG A 187 -0.97 -52.31 1.60
N VAL A 188 -0.85 -50.99 1.58
CA VAL A 188 -0.46 -50.21 2.75
C VAL A 188 -1.65 -49.36 3.19
N THR A 189 -2.04 -49.52 4.44
CA THR A 189 -3.13 -48.75 5.03
C THR A 189 -2.65 -48.05 6.30
N LYS A 190 -3.28 -46.92 6.60
CA LYS A 190 -2.87 -46.10 7.75
C LYS A 190 -3.42 -46.59 9.07
N SER A 191 -4.39 -47.50 9.06
CA SER A 191 -5.06 -47.95 10.28
C SER A 191 -4.84 -49.45 10.45
N ILE A 192 -4.36 -49.84 11.63
CA ILE A 192 -4.29 -51.25 11.98
C ILE A 192 -5.70 -51.76 12.25
N SER A 193 -6.05 -52.88 11.62
CA SER A 193 -7.43 -53.34 11.64
C SER A 193 -7.46 -54.85 11.62
N SER A 194 -8.68 -55.40 11.65
CA SER A 194 -8.89 -56.85 11.65
C SER A 194 -8.31 -57.50 10.41
N LYS A 195 -8.42 -56.85 9.26
CA LYS A 195 -7.92 -57.40 8.02
C LYS A 195 -6.44 -57.11 7.78
N THR A 196 -5.79 -56.36 8.67
CA THR A 196 -4.36 -56.08 8.54
C THR A 196 -3.58 -57.39 8.69
N SER A 197 -2.95 -57.83 7.59
CA SER A 197 -2.24 -59.11 7.62
C SER A 197 -1.02 -59.07 8.53
N VAL A 198 -0.15 -58.07 8.35
CA VAL A 198 1.10 -57.98 9.08
C VAL A 198 1.37 -56.51 9.41
N VAL A 199 1.87 -56.26 10.62
CA VAL A 199 2.32 -54.94 11.04
C VAL A 199 3.83 -54.98 11.18
N VAL A 200 4.50 -54.02 10.54
CA VAL A 200 5.96 -53.94 10.56
C VAL A 200 6.34 -52.86 11.56
N LEU A 201 6.99 -53.27 12.65
CA LEU A 201 7.49 -52.34 13.65
C LEU A 201 8.79 -52.90 14.22
N GLY A 202 9.91 -52.28 13.87
CA GLY A 202 11.17 -52.62 14.51
C GLY A 202 11.22 -52.15 15.96
N ASP A 203 10.80 -50.91 16.20
CA ASP A 203 10.72 -50.33 17.53
C ASP A 203 9.99 -48.99 17.46
N GLU A 204 9.83 -48.33 18.61
CA GLU A 204 9.23 -47.00 18.69
C GLU A 204 7.81 -46.98 18.13
N ALA A 205 6.97 -47.87 18.66
CA ALA A 205 5.58 -47.96 18.24
C ALA A 205 4.69 -47.08 19.11
N GLY A 206 3.47 -46.85 18.63
CA GLY A 206 2.52 -46.01 19.34
C GLY A 206 1.61 -46.81 20.24
N PRO A 207 1.40 -46.30 21.46
CA PRO A 207 0.58 -47.05 22.44
C PRO A 207 -0.84 -47.31 21.98
N LYS A 208 -1.45 -46.37 21.25
CA LYS A 208 -2.80 -46.61 20.71
C LYS A 208 -2.77 -47.71 19.65
N LYS A 209 -1.85 -47.59 18.70
CA LYS A 209 -1.68 -48.64 17.70
C LYS A 209 -1.27 -49.96 18.33
N LEU A 210 -0.44 -49.89 19.38
CA LEU A 210 -0.06 -51.11 20.09
C LEU A 210 -1.27 -51.78 20.74
N GLU A 211 -2.15 -50.99 21.35
CA GLU A 211 -3.38 -51.53 21.92
C GLU A 211 -4.25 -52.15 20.84
N LYS A 212 -4.33 -51.50 19.67
CA LYS A 212 -5.08 -52.08 18.56
C LYS A 212 -4.48 -53.41 18.13
N ILE A 213 -3.15 -53.50 18.07
CA ILE A 213 -2.50 -54.77 17.74
C ILE A 213 -2.83 -55.84 18.78
N LYS A 214 -2.77 -55.48 20.06
CA LYS A 214 -3.05 -56.44 21.12
C LYS A 214 -4.49 -56.94 21.04
N GLN A 215 -5.44 -56.04 20.81
CA GLN A 215 -6.85 -56.46 20.74
C GLN A 215 -7.12 -57.30 19.49
N LEU A 216 -6.63 -56.86 18.34
CA LEU A 216 -6.89 -57.56 17.09
C LEU A 216 -5.97 -58.76 16.87
N LYS A 217 -4.95 -58.94 17.72
CA LYS A 217 -4.04 -60.09 17.64
C LYS A 217 -3.37 -60.17 16.27
N ILE A 218 -2.83 -59.05 15.81
CA ILE A 218 -2.19 -58.99 14.50
C ILE A 218 -0.72 -59.38 14.63
N LYS A 219 -0.26 -60.26 13.75
CA LYS A 219 1.14 -60.67 13.74
C LYS A 219 2.03 -59.49 13.34
N ALA A 220 3.16 -59.37 14.03
CA ALA A 220 4.07 -58.25 13.82
C ALA A 220 5.48 -58.75 13.57
N ILE A 221 6.24 -57.96 12.80
CA ILE A 221 7.62 -58.27 12.47
C ILE A 221 8.44 -56.99 12.55
N ASP A 222 9.77 -57.15 12.52
CA ASP A 222 10.71 -56.05 12.54
C ASP A 222 11.27 -55.81 11.13
N GLU A 223 12.21 -54.88 11.03
CA GLU A 223 12.79 -54.54 9.73
C GLU A 223 13.57 -55.71 9.16
N GLU A 224 14.38 -56.39 9.98
CA GLU A 224 15.05 -57.59 9.52
C GLU A 224 14.04 -58.68 9.18
N GLY A 225 12.98 -58.79 9.99
CA GLY A 225 11.89 -59.67 9.63
C GLY A 225 11.24 -59.30 8.32
N PHE A 226 11.13 -58.00 8.03
CA PHE A 226 10.59 -57.56 6.75
C PHE A 226 11.52 -57.94 5.60
N LYS A 227 12.82 -57.80 5.81
CA LYS A 227 13.79 -58.22 4.79
C LYS A 227 13.66 -59.71 4.50
N GLN A 228 13.52 -60.52 5.55
CA GLN A 228 13.30 -61.94 5.35
C GLN A 228 11.97 -62.20 4.64
N LEU A 229 10.95 -61.39 4.96
CA LEU A 229 9.62 -61.58 4.40
C LEU A 229 9.58 -61.29 2.91
N ILE A 230 10.32 -60.27 2.47
CA ILE A 230 10.27 -59.86 1.08
C ILE A 230 10.67 -61.01 0.16
N ALA A 231 11.80 -61.66 0.45
CA ALA A 231 12.33 -62.68 -0.45
C ALA A 231 11.50 -63.96 -0.46
N GLY A 232 11.04 -64.40 0.71
CA GLY A 232 10.58 -65.77 0.85
C GLY A 232 9.30 -66.10 0.09
N MET A 233 8.30 -65.23 0.19
CA MET A 233 6.98 -65.52 -0.34
C MET A 233 7.00 -65.59 -1.87
N PRO A 234 6.19 -66.46 -2.48
CA PRO A 234 6.30 -66.72 -3.92
C PRO A 234 5.74 -65.58 -4.76
N ALA A 235 5.95 -65.70 -6.08
CA ALA A 235 5.45 -64.72 -7.03
C ALA A 235 3.93 -64.64 -6.97
N GLU A 236 3.42 -63.42 -7.12
CA GLU A 236 1.99 -63.14 -7.20
C GLU A 236 1.25 -63.51 -5.91
N GLY A 237 1.95 -63.48 -4.78
CA GLY A 237 1.33 -63.80 -3.50
C GLY A 237 1.14 -65.27 -3.24
N ASP A 239 -1.95 -70.45 -4.33
CA ASP A 239 -1.34 -70.03 -3.08
C ASP A 239 -2.40 -69.69 -2.04
N GLY A 240 -2.41 -68.45 -1.58
CA GLY A 240 -3.41 -67.99 -0.65
C GLY A 240 -4.60 -67.33 -1.33
N GLU A 241 -5.78 -67.54 -0.76
CA GLU A 241 -7.02 -67.07 -1.39
C GLU A 241 -7.03 -65.56 -1.54
N ALA A 242 -6.53 -64.84 -0.53
CA ALA A 242 -6.44 -63.39 -0.62
C ALA A 242 -5.56 -62.97 -1.79
N ALA A 243 -4.50 -63.74 -2.06
CA ALA A 243 -3.66 -63.45 -3.21
C ALA A 243 -4.41 -63.74 -4.52
N GLU A 244 -5.22 -64.79 -4.54
CA GLU A 244 -5.98 -65.11 -5.75
C GLU A 244 -6.98 -64.01 -6.06
N LYS A 245 -7.59 -63.43 -5.03
CA LYS A 245 -8.54 -62.33 -5.26
C LYS A 245 -7.83 -61.14 -5.92
N ALA A 246 -6.65 -60.78 -5.42
CA ALA A 246 -5.90 -59.68 -6.00
C ALA A 246 -5.46 -60.00 -7.42
N ARG A 247 -5.08 -61.26 -7.67
CA ARG A 247 -4.75 -61.68 -9.03
C ARG A 247 -5.92 -61.49 -9.97
N ARG A 248 -7.12 -61.90 -9.53
CA ARG A 248 -8.31 -61.74 -10.35
C ARG A 248 -8.59 -60.27 -10.62
N LYS A 249 -8.44 -59.42 -9.59
CA LYS A 249 -8.67 -57.99 -9.77
C LYS A 249 -7.70 -57.40 -10.79
N LEU A 250 -6.41 -57.76 -10.68
CA LEU A 250 -5.42 -57.24 -11.61
C LEU A 250 -5.72 -57.68 -13.04
N GLU A 251 -6.05 -58.97 -13.23
CA GLU A 251 -6.38 -59.46 -14.56
C GLU A 251 -7.61 -58.76 -15.11
N GLU A 252 -8.64 -58.56 -14.28
CA GLU A 252 -9.86 -57.88 -14.73
C GLU A 252 -9.56 -56.45 -15.16
N GLN A 253 -8.76 -55.73 -14.37
CA GLN A 253 -8.41 -54.36 -14.74
C GLN A 253 -7.64 -54.32 -16.05
N HIS A 254 -6.72 -55.27 -16.25
CA HIS A 254 -5.99 -55.32 -17.50
C HIS A 254 -6.93 -55.59 -18.67
N ASN A 255 -7.91 -56.48 -18.48
CA ASN A 255 -8.87 -56.75 -19.56
C ASN A 255 -9.72 -55.52 -19.88
N ILE A 256 -10.17 -54.79 -18.87
CA ILE A 256 -10.95 -53.57 -19.13
C ILE A 256 -10.10 -52.56 -19.89
N ALA A 257 -8.84 -52.39 -19.49
CA ALA A 257 -7.96 -51.47 -20.19
C ALA A 257 -7.77 -51.87 -21.65
N THR A 258 -7.54 -53.16 -21.90
CA THR A 258 -7.37 -53.64 -23.27
C THR A 258 -8.63 -53.41 -24.09
N LYS A 259 -9.81 -53.69 -23.50
CA LYS A 259 -11.06 -53.50 -24.22
C LYS A 259 -11.27 -52.03 -24.60
N GLU A 260 -11.02 -51.12 -23.66
CA GLU A 260 -11.22 -49.71 -23.97
C GLU A 260 -10.18 -49.19 -24.96
N ALA A 261 -8.96 -49.72 -24.90
CA ALA A 261 -7.96 -49.36 -25.90
C ALA A 261 -8.38 -49.82 -27.30
N GLU A 262 -8.92 -51.04 -27.39
CA GLU A 262 -9.44 -51.52 -28.67
C GLU A 262 -10.59 -50.65 -29.15
N LEU A 263 -11.45 -50.22 -28.24
CA LEU A 263 -12.56 -49.34 -28.60
C LEU A 263 -12.03 -48.00 -29.15
N LEU A 264 -11.01 -47.45 -28.51
CA LEU A 264 -10.40 -46.20 -29.00
C LEU A 264 -9.78 -46.40 -30.38
N VAL A 265 -9.12 -47.55 -30.60
CA VAL A 265 -8.56 -47.82 -31.92
C VAL A 265 -9.67 -47.90 -32.97
N LYS A 266 -10.79 -48.54 -32.64
CA LYS A 266 -11.91 -48.60 -33.57
C LYS A 266 -12.46 -47.22 -33.88
N LYS A 267 -12.58 -46.36 -32.86
CA LYS A 267 -13.04 -44.99 -33.09
C LYS A 267 -12.08 -44.22 -33.99
N GLU A 268 -10.77 -44.40 -33.77
CA GLU A 268 -9.79 -43.73 -34.62
C GLU A 268 -9.90 -44.21 -36.07
N GLU A 269 -10.09 -45.51 -36.26
CA GLU A 269 -10.26 -46.03 -37.61
C GLU A 269 -11.52 -45.47 -38.27
N GLU A 270 -12.61 -45.36 -37.51
CA GLU A 270 -13.83 -44.80 -38.05
C GLU A 270 -13.63 -43.34 -38.44
N ARG A 271 -12.92 -42.58 -37.60
CA ARG A 271 -12.63 -41.19 -37.93
C ARG A 271 -11.76 -41.09 -39.17
N SER A 272 -10.79 -41.98 -39.32
CA SER A 272 -9.95 -41.98 -40.52
C SER A 272 -10.77 -42.28 -41.76
N LYS A 273 -11.70 -43.24 -41.66
CA LYS A 273 -12.58 -43.55 -42.79
C LYS A 273 -13.45 -42.35 -43.15
N LYS A 274 -13.97 -41.65 -42.14
CA LYS A 274 -14.76 -40.44 -42.40
C LYS A 274 -13.91 -39.38 -43.10
N LEU A 275 -12.68 -39.17 -42.61
CA LEU A 275 -11.82 -38.14 -43.18
C LEU A 275 -11.46 -38.48 -44.63
N ALA A 276 -11.23 -39.76 -44.93
CA ALA A 276 -10.95 -40.16 -46.30
C ALA A 276 -12.14 -39.88 -47.21
N ALA A 277 -13.35 -40.15 -46.73
CA ALA A 277 -14.56 -39.91 -47.50
C ALA A 277 -14.80 -38.43 -47.70
N VAL A 290 -11.02 -30.72 -37.50
CA VAL A 290 -10.03 -30.54 -38.56
C VAL A 290 -8.64 -30.81 -38.01
N VAL A 291 -8.43 -30.49 -36.74
CA VAL A 291 -7.13 -30.69 -36.12
C VAL A 291 -6.86 -32.19 -35.96
N ARG A 292 -5.67 -32.61 -36.36
CA ARG A 292 -5.29 -34.01 -36.26
C ARG A 292 -5.22 -34.42 -34.78
N GLU A 293 -5.59 -35.68 -34.54
CA GLU A 293 -5.70 -36.17 -33.16
C GLU A 293 -4.36 -36.15 -32.45
N GLU A 294 -3.26 -36.32 -33.19
CA GLU A 294 -1.93 -36.29 -32.59
C GLU A 294 -1.63 -34.91 -32.03
N ASP A 295 -2.06 -33.86 -32.74
CA ASP A 295 -1.81 -32.49 -32.32
C ASP A 295 -2.47 -32.19 -30.97
N LYS A 296 -3.59 -32.84 -30.67
CA LYS A 296 -4.30 -32.59 -29.42
C LYS A 296 -3.48 -33.08 -28.23
N LEU A 297 -3.65 -32.38 -27.11
CA LEU A 297 -3.02 -32.79 -25.87
C LEU A 297 -3.65 -34.06 -25.33
N TRP A 298 -2.88 -34.81 -24.54
CA TRP A 298 -3.41 -36.02 -23.92
C TRP A 298 -4.54 -35.72 -22.96
N THR A 299 -4.61 -34.49 -22.44
CA THR A 299 -5.67 -34.13 -21.49
C THR A 299 -7.01 -33.96 -22.20
N VAL A 300 -7.00 -33.42 -23.41
CA VAL A 300 -8.23 -33.13 -24.14
C VAL A 300 -8.64 -34.30 -25.04
N LYS A 301 -7.67 -35.01 -25.63
CA LYS A 301 -8.02 -36.14 -26.48
C LYS A 301 -8.62 -37.28 -25.67
N TYR A 302 -8.32 -37.36 -24.38
CA TYR A 302 -8.85 -38.38 -23.49
C TYR A 302 -9.89 -37.81 -22.52
N ALA A 303 -10.45 -36.64 -22.83
CA ALA A 303 -11.46 -36.04 -21.97
C ALA A 303 -12.71 -36.92 -21.97
N PRO A 304 -13.36 -37.08 -20.81
CA PRO A 304 -14.55 -37.94 -20.74
C PRO A 304 -15.69 -37.36 -21.59
N THR A 305 -16.29 -38.23 -22.40
CA THR A 305 -17.42 -37.84 -23.23
C THR A 305 -18.76 -38.10 -22.57
N ASN A 306 -18.78 -38.77 -21.42
CA ASN A 306 -20.02 -39.05 -20.71
C ASN A 306 -19.70 -39.29 -19.24
N LEU A 307 -20.75 -39.31 -18.41
CA LEU A 307 -20.57 -39.49 -16.97
C LEU A 307 -19.99 -40.84 -16.61
N GLN A 308 -20.12 -41.85 -17.48
CA GLN A 308 -19.65 -43.20 -17.18
C GLN A 308 -18.14 -43.33 -17.26
N GLN A 309 -17.44 -42.29 -17.71
CA GLN A 309 -15.99 -42.31 -17.80
C GLN A 309 -15.30 -41.40 -16.79
N VAL A 310 -16.05 -40.66 -15.98
CA VAL A 310 -15.43 -39.85 -14.94
C VAL A 310 -14.86 -40.75 -13.85
N CYS A 311 -13.71 -40.36 -13.31
CA CYS A 311 -13.02 -41.14 -12.29
C CYS A 311 -13.26 -40.51 -10.93
N GLY A 312 -13.82 -41.29 -10.01
CA GLY A 312 -14.06 -40.82 -8.66
C GLY A 312 -15.27 -39.89 -8.58
N ASN A 313 -15.64 -39.59 -7.33
CA ASN A 313 -16.75 -38.66 -7.04
C ASN A 313 -18.04 -39.11 -7.73
N LYS A 314 -18.29 -40.42 -7.71
CA LYS A 314 -19.49 -40.96 -8.34
C LYS A 314 -20.75 -40.39 -7.69
N GLY A 315 -20.76 -40.32 -6.37
CA GLY A 315 -21.92 -39.75 -5.68
C GLY A 315 -22.14 -38.29 -6.03
N SER A 316 -21.05 -37.54 -6.20
CA SER A 316 -21.18 -36.13 -6.55
C SER A 316 -21.80 -35.93 -7.93
N VAL A 317 -21.35 -36.70 -8.92
CA VAL A 317 -21.92 -36.57 -10.26
C VAL A 317 -23.36 -37.06 -10.28
N MET A 318 -23.66 -38.11 -9.50
CA MET A 318 -25.03 -38.57 -9.41
C MET A 318 -25.94 -37.51 -8.78
N LYS A 319 -25.44 -36.84 -7.73
CA LYS A 319 -26.21 -35.78 -7.08
C LYS A 319 -26.42 -34.60 -8.02
N LEU A 320 -25.40 -34.21 -8.77
CA LEU A 320 -25.56 -33.12 -9.74
C LEU A 320 -26.57 -33.50 -10.81
N LYS A 321 -26.50 -34.72 -11.32
CA LYS A 321 -27.44 -35.19 -12.33
C LYS A 321 -28.86 -35.15 -11.79
N ASN A 322 -29.06 -35.63 -10.56
CA ASN A 322 -30.40 -35.63 -9.96
C ASN A 322 -30.91 -34.21 -9.77
N TRP A 323 -30.06 -33.31 -9.26
CA TRP A 323 -30.49 -31.94 -9.03
C TRP A 323 -30.92 -31.28 -10.33
N LEU A 324 -30.10 -31.43 -11.38
CA LEU A 324 -30.44 -30.81 -12.65
C LEU A 324 -31.64 -31.50 -13.31
N ALA A 325 -31.85 -32.78 -13.02
CA ALA A 325 -32.97 -33.51 -13.62
C ALA A 325 -34.31 -33.07 -13.02
N ASN A 326 -34.40 -33.00 -11.70
CA ASN A 326 -35.63 -32.53 -11.06
C ASN A 326 -35.62 -31.02 -10.78
N TRP A 327 -34.69 -30.27 -11.37
CA TRP A 327 -34.79 -28.81 -11.32
C TRP A 327 -36.10 -28.32 -11.94
N GLU A 328 -36.53 -28.91 -13.05
CA GLU A 328 -37.79 -28.48 -13.66
C GLU A 328 -38.97 -28.74 -12.75
N ASN A 329 -39.00 -29.91 -12.10
CA ASN A 329 -40.07 -30.20 -11.15
C ASN A 329 -40.03 -29.25 -9.97
N SER A 330 -38.83 -28.93 -9.47
CA SER A 330 -38.72 -27.97 -8.38
C SER A 330 -39.21 -26.59 -8.80
N LYS A 331 -38.91 -26.19 -10.04
CA LYS A 331 -39.42 -24.92 -10.55
C LYS A 331 -40.94 -24.92 -10.63
N LYS A 332 -41.52 -26.04 -11.05
CA LYS A 332 -42.98 -26.15 -11.03
C LYS A 332 -43.51 -26.04 -9.60
N ASN A 333 -42.80 -26.62 -8.65
CA ASN A 333 -43.17 -26.50 -7.23
C ASN A 333 -42.74 -25.17 -6.62
N SER A 334 -42.18 -24.26 -7.41
CA SER A 334 -41.75 -22.92 -7.01
C SER A 334 -40.59 -22.94 -6.02
N PHE A 335 -39.83 -24.03 -5.96
CA PHE A 335 -38.62 -24.21 -5.16
C PHE A 335 -38.89 -24.26 -3.66
N LYS A 336 -40.14 -24.08 -3.22
CA LYS A 336 -40.43 -24.17 -1.79
C LYS A 336 -40.25 -25.59 -1.28
N HIS A 337 -40.69 -26.58 -2.04
CA HIS A 337 -40.54 -27.97 -1.65
C HIS A 337 -39.12 -28.46 -1.98
N ALA A 338 -38.47 -29.09 -1.00
CA ALA A 338 -37.10 -29.55 -1.19
C ALA A 338 -37.04 -30.82 -2.03
N GLY A 339 -37.96 -31.76 -1.80
CA GLY A 339 -37.96 -33.02 -2.48
C GLY A 339 -37.28 -34.12 -1.67
N LYS A 340 -37.30 -35.33 -2.23
CA LYS A 340 -36.71 -36.48 -1.56
C LYS A 340 -35.21 -36.30 -1.38
N ASP A 341 -34.51 -35.88 -2.44
CA ASP A 341 -33.07 -35.67 -2.34
C ASP A 341 -32.74 -34.39 -1.58
N GLY A 342 -33.63 -33.41 -1.60
CA GLY A 342 -33.41 -32.17 -0.89
C GLY A 342 -32.65 -31.10 -1.64
N SER A 343 -32.15 -31.41 -2.85
CA SER A 343 -31.41 -30.43 -3.62
C SER A 343 -32.31 -29.44 -4.37
N GLY A 344 -33.61 -29.71 -4.44
CA GLY A 344 -34.52 -28.87 -5.21
C GLY A 344 -34.82 -27.52 -4.60
N VAL A 345 -34.61 -27.37 -3.29
CA VAL A 345 -34.89 -26.09 -2.64
C VAL A 345 -33.95 -25.02 -3.15
N PHE A 346 -32.67 -25.36 -3.33
CA PHE A 346 -31.69 -24.39 -3.81
C PHE A 346 -31.87 -24.14 -5.30
N ARG A 347 -31.68 -22.88 -5.71
CA ARG A 347 -31.82 -22.50 -7.11
C ARG A 347 -30.51 -22.61 -7.89
N ALA A 348 -29.37 -22.51 -7.23
CA ALA A 348 -28.07 -22.66 -7.87
C ALA A 348 -27.27 -23.72 -7.14
N ALA A 349 -26.29 -24.31 -7.84
CA ALA A 349 -25.45 -25.35 -7.27
C ALA A 349 -23.98 -25.03 -7.51
N MET A 350 -23.14 -25.26 -6.49
CA MET A 350 -21.71 -25.07 -6.61
C MET A 350 -20.99 -26.41 -6.56
N LEU A 351 -20.00 -26.57 -7.42
CA LEU A 351 -19.06 -27.69 -7.40
C LEU A 351 -17.71 -27.15 -6.96
N TYR A 352 -17.25 -27.56 -5.78
CA TYR A 352 -15.99 -27.04 -5.25
C TYR A 352 -15.09 -28.18 -4.82
N GLY A 353 -13.79 -28.05 -5.12
CA GLY A 353 -12.83 -29.06 -4.78
C GLY A 353 -11.44 -28.71 -5.26
N PRO A 354 -10.48 -29.61 -5.03
CA PRO A 354 -9.14 -29.39 -5.54
C PRO A 354 -9.14 -29.30 -7.06
N PRO A 355 -8.17 -28.62 -7.64
CA PRO A 355 -8.20 -28.43 -9.10
C PRO A 355 -8.08 -29.75 -9.86
N GLY A 356 -8.73 -29.81 -11.02
CA GLY A 356 -8.53 -30.87 -11.95
C GLY A 356 -9.15 -32.21 -11.61
N ILE A 357 -10.27 -32.23 -10.89
CA ILE A 357 -10.91 -33.50 -10.56
C ILE A 357 -12.17 -33.65 -11.39
N GLY A 358 -12.28 -32.88 -12.45
CA GLY A 358 -13.37 -33.04 -13.40
C GLY A 358 -14.67 -32.35 -13.04
N LYS A 359 -14.62 -31.22 -12.34
CA LYS A 359 -15.84 -30.47 -12.07
C LYS A 359 -16.45 -29.91 -13.34
N THR A 360 -15.64 -29.22 -14.15
CA THR A 360 -16.11 -28.67 -15.42
C THR A 360 -16.56 -29.78 -16.36
N THR A 361 -15.79 -30.87 -16.44
CA THR A 361 -16.17 -31.99 -17.29
C THR A 361 -17.50 -32.58 -16.85
N ALA A 362 -17.67 -32.80 -15.54
CA ALA A 362 -18.91 -33.37 -15.02
C ALA A 362 -20.09 -32.47 -15.32
N ALA A 363 -19.93 -31.15 -15.10
CA ALA A 363 -21.02 -30.22 -15.38
C ALA A 363 -21.39 -30.22 -16.86
N HIS A 364 -20.38 -30.17 -17.74
CA HIS A 364 -20.66 -30.17 -19.17
C HIS A 364 -21.39 -31.43 -19.58
N LEU A 365 -20.96 -32.59 -19.07
CA LEU A 365 -21.57 -33.84 -19.50
C LEU A 365 -22.97 -34.01 -18.94
N VAL A 366 -23.21 -33.62 -17.68
CA VAL A 366 -24.57 -33.73 -17.15
C VAL A 366 -25.51 -32.80 -17.91
N ALA A 367 -25.06 -31.58 -18.22
CA ALA A 367 -25.90 -30.66 -18.98
C ALA A 367 -26.14 -31.19 -20.39
N GLN A 368 -25.16 -31.87 -20.98
CA GLN A 368 -25.35 -32.46 -22.30
C GLN A 368 -26.38 -33.59 -22.26
N GLU A 369 -26.25 -34.50 -21.30
CA GLU A 369 -27.19 -35.62 -21.22
C GLU A 369 -28.61 -35.14 -20.94
N LEU A 370 -28.75 -34.14 -20.07
CA LEU A 370 -30.10 -33.68 -19.75
C LEU A 370 -30.69 -32.77 -20.83
N GLY A 371 -29.91 -32.41 -21.84
CA GLY A 371 -30.45 -31.77 -23.02
C GLY A 371 -30.50 -30.27 -23.01
N TYR A 372 -30.14 -29.62 -21.91
CA TYR A 372 -30.13 -28.17 -21.88
C TYR A 372 -28.99 -27.62 -22.73
N ASP A 373 -29.15 -26.38 -23.16
CA ASP A 373 -28.12 -25.68 -23.94
C ASP A 373 -27.11 -25.08 -22.98
N ILE A 374 -25.83 -25.41 -23.20
CA ILE A 374 -24.77 -25.00 -22.28
C ILE A 374 -24.30 -23.60 -22.66
N LEU A 375 -24.22 -22.72 -21.67
CA LEU A 375 -23.59 -21.41 -21.82
C LEU A 375 -22.49 -21.30 -20.78
N GLU A 376 -21.24 -21.20 -21.23
CA GLU A 376 -20.09 -21.20 -20.35
C GLU A 376 -19.51 -19.79 -20.24
N GLN A 377 -19.31 -19.33 -19.02
CA GLN A 377 -18.71 -18.03 -18.74
C GLN A 377 -17.54 -18.21 -17.78
N ASN A 378 -16.39 -17.66 -18.15
CA ASN A 378 -15.21 -17.68 -17.29
C ASN A 378 -15.33 -16.51 -16.32
N ALA A 379 -15.64 -16.80 -15.06
CA ALA A 379 -15.89 -15.74 -14.09
C ALA A 379 -14.61 -14.96 -13.80
N SER A 380 -13.45 -15.60 -13.93
CA SER A 380 -12.20 -14.87 -13.79
C SER A 380 -12.03 -13.85 -14.92
N ASP A 381 -12.37 -14.24 -16.14
CA ASP A 381 -12.30 -13.29 -17.26
C ASP A 381 -13.35 -12.21 -17.13
N VAL A 382 -14.58 -12.58 -16.73
CA VAL A 382 -15.65 -11.60 -16.55
C VAL A 382 -16.06 -11.57 -15.08
N ARG A 383 -15.57 -10.56 -14.36
CA ARG A 383 -15.81 -10.44 -12.93
C ARG A 383 -16.42 -9.12 -12.51
N SER A 384 -16.34 -8.08 -13.35
CA SER A 384 -16.88 -6.79 -13.00
C SER A 384 -18.40 -6.84 -12.90
N LYS A 385 -18.96 -5.97 -12.06
CA LYS A 385 -20.40 -5.99 -11.82
C LYS A 385 -21.18 -5.64 -13.08
N THR A 386 -20.68 -4.67 -13.86
CA THR A 386 -21.43 -4.21 -15.04
C THR A 386 -21.51 -5.30 -16.11
N LEU A 387 -20.37 -5.89 -16.48
CA LEU A 387 -20.36 -6.92 -17.50
C LEU A 387 -21.17 -8.14 -17.07
N LEU A 388 -20.95 -8.59 -15.83
CA LEU A 388 -21.72 -9.69 -15.28
C LEU A 388 -23.21 -9.39 -15.36
N ASN A 389 -23.62 -8.23 -14.84
CA ASN A 389 -25.01 -7.82 -14.87
C ASN A 389 -25.57 -7.92 -16.27
N ALA A 390 -25.03 -7.13 -17.20
CA ALA A 390 -25.54 -7.13 -18.57
C ALA A 390 -25.65 -8.55 -19.10
N GLY A 391 -24.51 -9.24 -19.24
CA GLY A 391 -24.50 -10.53 -19.91
C GLY A 391 -25.43 -11.54 -19.25
N VAL A 392 -25.09 -11.97 -18.03
CA VAL A 392 -25.83 -13.09 -17.49
C VAL A 392 -27.17 -12.70 -16.87
N LYS A 393 -27.35 -11.46 -16.42
CA LYS A 393 -28.69 -11.00 -16.05
C LYS A 393 -29.63 -11.06 -17.25
N ASN A 394 -29.17 -10.65 -18.44
CA ASN A 394 -30.02 -10.77 -19.61
C ASN A 394 -30.19 -12.23 -20.03
N ALA A 395 -29.19 -13.06 -19.75
CA ALA A 395 -29.27 -14.47 -20.14
C ALA A 395 -30.15 -15.30 -19.19
N LEU A 396 -30.36 -14.85 -17.95
CA LEU A 396 -31.02 -15.68 -16.95
C LEU A 396 -32.45 -16.05 -17.32
N ASP A 397 -33.17 -15.20 -18.05
CA ASP A 397 -34.57 -15.44 -18.31
C ASP A 397 -34.95 -15.28 -19.78
N ASN A 398 -34.02 -15.51 -20.70
CA ASN A 398 -34.29 -15.48 -22.13
C ASN A 398 -34.02 -16.85 -22.73
N MET A 399 -34.70 -17.14 -23.84
CA MET A 399 -34.53 -18.40 -24.52
C MET A 399 -33.24 -18.41 -25.33
N SER A 400 -32.93 -19.57 -25.91
CA SER A 400 -31.71 -19.77 -26.68
C SER A 400 -32.06 -19.79 -28.16
N VAL A 401 -31.63 -18.76 -28.89
CA VAL A 401 -31.82 -18.73 -30.34
C VAL A 401 -31.04 -19.86 -31.00
N VAL A 402 -29.81 -20.09 -30.55
CA VAL A 402 -29.04 -21.22 -31.06
C VAL A 402 -29.70 -22.54 -30.66
N GLY A 403 -30.57 -22.52 -29.66
CA GLY A 403 -31.30 -23.71 -29.26
C GLY A 403 -32.62 -23.87 -29.99
N TYR A 404 -33.32 -22.76 -30.22
CA TYR A 404 -34.56 -22.81 -30.99
C TYR A 404 -34.30 -23.29 -32.42
N PHE A 405 -33.23 -22.78 -33.03
CA PHE A 405 -32.87 -23.20 -34.38
C PHE A 405 -32.16 -24.55 -34.41
N LYS A 406 -31.81 -25.11 -33.25
CA LYS A 406 -31.20 -26.43 -33.17
C LYS A 406 -32.24 -27.53 -33.04
N HIS A 407 -33.17 -27.57 -34.00
CA HIS A 407 -34.17 -28.63 -34.12
C HIS A 407 -35.04 -28.71 -32.85
N ASN A 408 -35.82 -27.65 -32.66
CA ASN A 408 -36.91 -27.72 -31.70
C ASN A 408 -38.09 -28.54 -32.20
N GLU A 409 -38.16 -28.78 -33.51
CA GLU A 409 -39.28 -29.53 -34.07
C GLU A 409 -39.33 -30.95 -33.52
N GLU A 410 -38.16 -31.58 -33.35
CA GLU A 410 -38.12 -32.87 -32.68
C GLU A 410 -38.45 -32.69 -31.20
N ALA A 411 -39.26 -33.61 -30.67
CA ALA A 411 -39.86 -33.43 -29.35
C ALA A 411 -39.15 -34.20 -28.24
N GLN A 412 -37.99 -34.82 -28.52
CA GLN A 412 -37.29 -35.55 -27.48
C GLN A 412 -36.80 -34.64 -26.37
N ASN A 413 -36.26 -33.47 -26.71
CA ASN A 413 -35.65 -32.58 -25.73
C ASN A 413 -36.45 -31.28 -25.62
N LEU A 414 -37.23 -31.18 -24.54
CA LEU A 414 -37.91 -29.92 -24.25
C LEU A 414 -36.96 -28.92 -23.59
N ASN A 415 -35.88 -29.42 -22.99
CA ASN A 415 -34.91 -28.54 -22.33
C ASN A 415 -33.97 -27.88 -23.32
N GLY A 416 -34.06 -28.21 -24.61
CA GLY A 416 -33.14 -27.64 -25.57
C GLY A 416 -33.22 -26.13 -25.68
N LYS A 417 -34.43 -25.58 -25.52
CA LYS A 417 -34.58 -24.13 -25.55
C LYS A 417 -33.88 -23.46 -24.39
N HIS A 418 -33.94 -24.07 -23.20
CA HIS A 418 -33.51 -23.39 -22.00
C HIS A 418 -31.98 -23.41 -21.85
N PHE A 419 -31.50 -22.65 -20.88
CA PHE A 419 -30.09 -22.45 -20.64
C PHE A 419 -29.63 -23.13 -19.36
N VAL A 420 -28.41 -23.66 -19.39
CA VAL A 420 -27.65 -23.99 -18.19
C VAL A 420 -26.35 -23.19 -18.25
N ILE A 421 -26.18 -22.27 -17.30
CA ILE A 421 -25.05 -21.36 -17.27
C ILE A 421 -23.99 -21.97 -16.35
N ILE A 422 -22.95 -22.53 -16.94
CA ILE A 422 -21.87 -23.16 -16.21
C ILE A 422 -20.77 -22.11 -16.06
N MET A 423 -20.62 -21.58 -14.84
CA MET A 423 -19.70 -20.47 -14.58
C MET A 423 -18.41 -21.04 -13.99
N ASP A 424 -17.33 -20.92 -14.74
CA ASP A 424 -16.05 -21.44 -14.27
C ASP A 424 -15.21 -20.34 -13.64
N GLU A 425 -14.32 -20.75 -12.73
CA GLU A 425 -13.38 -19.85 -12.06
C GLU A 425 -14.13 -18.73 -11.33
N VAL A 426 -15.17 -19.12 -10.58
CA VAL A 426 -15.98 -18.16 -9.84
C VAL A 426 -15.16 -17.62 -8.68
N ASP A 427 -14.12 -18.36 -8.30
CA ASP A 427 -13.18 -17.90 -7.28
C ASP A 427 -12.35 -16.71 -7.73
N GLY A 428 -12.40 -16.35 -9.02
CA GLY A 428 -11.64 -15.21 -9.52
C GLY A 428 -12.45 -13.93 -9.58
N MET A 429 -13.65 -13.93 -9.01
CA MET A 429 -14.47 -12.73 -8.98
C MET A 429 -13.84 -11.65 -8.11
N SER A 430 -14.11 -10.40 -8.46
CA SER A 430 -13.68 -9.27 -7.65
C SER A 430 -14.48 -9.23 -6.35
N GLY A 431 -13.80 -8.89 -5.27
CA GLY A 431 -14.39 -8.89 -3.95
C GLY A 431 -14.98 -7.56 -3.56
N GLY A 432 -15.82 -7.59 -2.52
CA GLY A 432 -16.44 -6.41 -1.98
C GLY A 432 -17.84 -6.19 -2.51
N ASP A 433 -18.53 -5.21 -1.90
CA ASP A 433 -19.86 -4.85 -2.37
C ASP A 433 -19.80 -4.31 -3.79
N ARG A 434 -18.80 -3.49 -4.09
CA ARG A 434 -18.59 -3.04 -5.47
C ARG A 434 -18.19 -4.22 -6.35
N GLY A 435 -17.45 -5.18 -5.81
CA GLY A 435 -17.07 -6.34 -6.57
C GLY A 435 -18.26 -7.25 -6.85
N GLY A 436 -18.09 -8.11 -7.85
CA GLY A 436 -19.18 -8.97 -8.31
C GLY A 436 -19.31 -10.29 -7.60
N VAL A 437 -18.41 -10.62 -6.68
CA VAL A 437 -18.48 -11.91 -5.99
C VAL A 437 -19.71 -11.99 -5.10
N GLY A 438 -20.05 -10.86 -4.45
CA GLY A 438 -21.25 -10.82 -3.64
C GLY A 438 -22.51 -10.51 -4.43
N GLN A 439 -22.37 -9.92 -5.61
CA GLN A 439 -23.53 -9.57 -6.42
C GLN A 439 -24.16 -10.79 -7.07
N LEU A 440 -23.35 -11.81 -7.38
CA LEU A 440 -23.86 -13.00 -8.04
C LEU A 440 -24.80 -13.79 -7.14
N ALA A 441 -24.66 -13.68 -5.81
CA ALA A 441 -25.62 -14.30 -4.91
C ALA A 441 -27.01 -13.71 -5.11
N GLN A 442 -27.09 -12.39 -5.32
CA GLN A 442 -28.36 -11.77 -5.68
C GLN A 442 -28.90 -12.34 -6.98
N PHE A 443 -28.00 -12.71 -7.90
CA PHE A 443 -28.44 -13.37 -9.13
C PHE A 443 -29.07 -14.72 -8.82
N CYS A 444 -28.38 -15.56 -8.05
CA CYS A 444 -28.91 -16.89 -7.74
C CYS A 444 -30.20 -16.80 -6.93
N ARG A 445 -30.40 -15.71 -6.19
CA ARG A 445 -31.63 -15.55 -5.43
C ARG A 445 -32.84 -15.37 -6.35
N LYS A 446 -32.60 -15.09 -7.63
CA LYS A 446 -33.69 -15.07 -8.61
C LYS A 446 -33.19 -15.53 -9.99
N THR A 447 -33.48 -16.78 -10.32
CA THR A 447 -33.07 -17.39 -11.59
C THR A 447 -34.20 -18.21 -12.17
N SER A 448 -34.41 -18.08 -13.48
CA SER A 448 -35.33 -18.93 -14.21
C SER A 448 -34.60 -20.03 -14.98
N THR A 449 -33.27 -20.06 -14.90
CA THR A 449 -32.45 -21.08 -15.55
C THR A 449 -31.45 -21.61 -14.54
N PRO A 450 -31.05 -22.88 -14.67
CA PRO A 450 -30.09 -23.46 -13.72
C PRO A 450 -28.77 -22.71 -13.72
N LEU A 451 -28.16 -22.66 -12.54
CA LEU A 451 -26.85 -22.04 -12.35
C LEU A 451 -25.90 -23.05 -11.72
N ILE A 452 -24.76 -23.26 -12.36
CA ILE A 452 -23.73 -24.17 -11.85
C ILE A 452 -22.43 -23.40 -11.68
N LEU A 453 -22.20 -22.89 -10.48
CA LEU A 453 -20.94 -22.21 -10.17
C LEU A 453 -19.88 -23.22 -9.79
N ILE A 454 -18.64 -22.94 -10.20
CA ILE A 454 -17.51 -23.84 -9.95
C ILE A 454 -16.36 -23.04 -9.37
N CYS A 455 -15.75 -23.57 -8.31
CA CYS A 455 -14.67 -22.89 -7.61
C CYS A 455 -13.70 -23.91 -7.03
N ASN A 456 -12.44 -23.51 -6.90
CA ASN A 456 -11.46 -24.39 -6.26
C ASN A 456 -11.44 -24.20 -4.75
N GLU A 457 -11.32 -22.96 -4.28
CA GLU A 457 -11.19 -22.64 -2.86
C GLU A 457 -12.52 -22.11 -2.34
N ARG A 458 -13.40 -23.04 -1.94
CA ARG A 458 -14.72 -22.64 -1.45
C ARG A 458 -14.62 -21.90 -0.13
N ASN A 459 -13.75 -22.37 0.77
CA ASN A 459 -13.59 -21.76 2.10
C ASN A 459 -12.66 -20.54 1.99
N LEU A 460 -13.13 -19.54 1.25
CA LEU A 460 -12.45 -18.29 1.04
C LEU A 460 -13.38 -17.14 1.42
N PRO A 461 -12.88 -16.15 2.18
CA PRO A 461 -13.79 -15.13 2.73
C PRO A 461 -14.62 -14.39 1.68
N LYS A 462 -14.03 -14.07 0.52
CA LYS A 462 -14.77 -13.37 -0.52
C LYS A 462 -15.98 -14.17 -0.97
N MET A 463 -15.99 -15.47 -0.70
CA MET A 463 -17.03 -16.37 -1.15
C MET A 463 -18.06 -16.66 -0.06
N ARG A 464 -18.04 -15.92 1.03
CA ARG A 464 -19.04 -16.13 2.08
C ARG A 464 -20.48 -15.93 1.61
N PRO A 465 -20.83 -14.92 0.80
CA PRO A 465 -22.25 -14.72 0.46
C PRO A 465 -22.91 -15.91 -0.23
N PHE A 466 -22.14 -16.75 -0.93
CA PHE A 466 -22.72 -17.87 -1.67
C PHE A 466 -23.13 -19.04 -0.78
N ASP A 467 -22.95 -18.95 0.54
CA ASP A 467 -23.09 -20.12 1.40
C ASP A 467 -24.51 -20.66 1.40
N ARG A 468 -25.50 -19.78 1.58
CA ARG A 468 -26.87 -20.22 1.81
C ARG A 468 -27.74 -20.24 0.56
N VAL A 469 -27.28 -19.65 -0.55
CA VAL A 469 -28.07 -19.58 -1.77
C VAL A 469 -27.72 -20.66 -2.77
N CYS A 470 -26.85 -21.61 -2.41
CA CYS A 470 -26.39 -22.63 -3.34
C CYS A 470 -26.37 -23.99 -2.66
N LEU A 471 -26.47 -25.02 -3.49
CA LEU A 471 -26.24 -26.41 -3.08
C LEU A 471 -24.75 -26.68 -3.19
N ASP A 472 -24.09 -26.77 -2.04
CA ASP A 472 -22.66 -27.03 -2.02
C ASP A 472 -22.39 -28.50 -2.30
N ILE A 473 -21.55 -28.79 -3.29
CA ILE A 473 -21.18 -30.16 -3.64
C ILE A 473 -19.65 -30.20 -3.65
N GLN A 474 -19.08 -30.97 -2.72
CA GLN A 474 -17.63 -31.07 -2.56
C GLN A 474 -17.12 -32.23 -3.40
N PHE A 475 -16.34 -31.91 -4.43
CA PHE A 475 -15.60 -32.91 -5.18
C PHE A 475 -14.26 -33.16 -4.49
N ARG A 476 -13.99 -34.42 -4.17
CA ARG A 476 -12.81 -34.81 -3.43
C ARG A 476 -11.77 -35.40 -4.37
N ARG A 477 -10.54 -35.49 -3.89
CA ARG A 477 -9.47 -36.08 -4.68
C ARG A 477 -9.78 -37.55 -4.91
N PRO A 478 -9.90 -38.00 -6.16
CA PRO A 478 -10.20 -39.40 -6.41
C PRO A 478 -9.09 -40.30 -5.89
N ASP A 479 -9.49 -41.45 -5.35
CA ASP A 479 -8.51 -42.42 -4.88
C ASP A 479 -7.84 -43.10 -6.07
N ALA A 480 -6.62 -43.58 -5.83
CA ALA A 480 -5.80 -44.11 -6.91
C ALA A 480 -6.48 -45.27 -7.63
N ASN A 481 -7.25 -46.09 -6.90
CA ASN A 481 -7.81 -47.30 -7.46
C ASN A 481 -8.73 -46.99 -8.65
N SER A 482 -9.51 -45.92 -8.54
CA SER A 482 -10.39 -45.53 -9.64
C SER A 482 -9.60 -45.13 -10.87
N ILE A 483 -8.46 -44.44 -10.67
CA ILE A 483 -7.71 -43.89 -11.79
C ILE A 483 -6.76 -44.91 -12.41
N LYS A 484 -6.50 -46.04 -11.72
CA LYS A 484 -5.63 -47.06 -12.32
C LYS A 484 -6.16 -47.50 -13.67
N SER A 485 -7.46 -47.78 -13.76
CA SER A 485 -8.03 -48.28 -15.01
C SER A 485 -7.84 -47.27 -16.14
N ARG A 486 -8.11 -45.99 -15.86
CA ARG A 486 -7.99 -44.97 -16.89
C ARG A 486 -6.55 -44.84 -17.36
N LEU A 487 -5.59 -44.84 -16.42
CA LEU A 487 -4.20 -44.74 -16.82
C LEU A 487 -3.77 -45.97 -17.61
N MET A 488 -4.34 -47.14 -17.27
CA MET A 488 -4.02 -48.35 -18.02
C MET A 488 -4.52 -48.29 -19.45
N THR A 489 -5.75 -47.77 -19.67
CA THR A 489 -6.21 -47.61 -21.05
C THR A 489 -5.34 -46.62 -21.82
N ILE A 490 -5.04 -45.46 -21.24
CA ILE A 490 -4.20 -44.49 -21.95
C ILE A 490 -2.80 -45.02 -22.18
N ALA A 491 -2.32 -45.94 -21.33
CA ALA A 491 -0.99 -46.50 -21.49
C ALA A 491 -0.95 -47.60 -22.53
N ILE A 492 -2.00 -48.42 -22.60
CA ILE A 492 -2.05 -49.44 -23.64
C ILE A 492 -2.22 -48.80 -25.00
N ARG A 493 -3.02 -47.73 -25.08
CA ARG A 493 -3.19 -47.08 -26.38
C ARG A 493 -1.91 -46.41 -26.86
N GLU A 494 -1.19 -45.74 -25.96
CA GLU A 494 -0.06 -44.89 -26.34
C GLU A 494 1.27 -45.63 -26.39
N LYS A 495 1.27 -46.95 -26.26
CA LYS A 495 2.46 -47.78 -26.50
C LYS A 495 3.60 -47.47 -25.55
N PHE A 496 3.29 -47.06 -24.31
CA PHE A 496 4.29 -46.93 -23.26
C PHE A 496 3.90 -47.86 -22.12
N LYS A 497 4.88 -48.57 -21.58
CA LYS A 497 4.61 -49.58 -20.57
C LYS A 497 4.46 -48.94 -19.20
N LEU A 498 3.36 -49.25 -18.52
CA LEU A 498 3.07 -48.74 -17.19
C LEU A 498 2.71 -49.91 -16.28
N ASP A 499 3.43 -50.03 -15.16
CA ASP A 499 3.03 -51.08 -14.24
C ASP A 499 2.16 -50.53 -13.12
N PRO A 500 1.14 -51.28 -12.71
CA PRO A 500 0.18 -50.76 -11.72
C PRO A 500 0.81 -50.34 -10.40
N ASN A 501 1.84 -51.03 -9.93
CA ASN A 501 2.39 -50.75 -8.61
C ASN A 501 2.91 -49.32 -8.49
N VAL A 502 3.43 -48.76 -9.59
CA VAL A 502 3.87 -47.38 -9.60
C VAL A 502 2.70 -46.39 -9.50
N ILE A 503 1.56 -46.72 -10.12
CA ILE A 503 0.45 -45.77 -10.30
C ILE A 503 0.13 -45.02 -9.01
N ASP A 504 -0.03 -45.74 -7.90
CA ASP A 504 -0.45 -45.11 -6.65
C ASP A 504 0.48 -43.95 -6.29
N ARG A 505 1.80 -44.20 -6.28
CA ARG A 505 2.72 -43.14 -5.89
C ARG A 505 2.62 -41.95 -6.82
N LEU A 506 2.41 -42.20 -8.12
CA LEU A 506 2.22 -41.10 -9.05
C LEU A 506 1.10 -40.19 -8.59
N ILE A 507 -0.04 -40.78 -8.19
CA ILE A 507 -1.14 -39.97 -7.70
C ILE A 507 -0.71 -39.21 -6.44
N GLN A 508 0.00 -39.88 -5.54
CA GLN A 508 0.49 -39.20 -4.35
C GLN A 508 1.52 -38.13 -4.72
N THR A 509 2.23 -38.33 -5.82
CA THR A 509 3.12 -37.30 -6.32
C THR A 509 2.35 -36.06 -6.73
N THR A 510 1.16 -36.25 -7.28
CA THR A 510 0.40 -35.20 -7.92
C THR A 510 -0.76 -34.70 -7.05
N ARG A 511 -1.11 -35.43 -5.99
CA ARG A 511 -2.16 -35.05 -5.03
C ARG A 511 -3.54 -35.08 -5.66
N GLY A 512 -3.85 -36.17 -6.36
CA GLY A 512 -5.19 -36.39 -6.85
C GLY A 512 -5.60 -35.56 -8.04
N ASP A 513 -4.64 -35.03 -8.78
CA ASP A 513 -4.92 -34.23 -9.98
C ASP A 513 -4.72 -35.12 -11.21
N ILE A 514 -5.83 -35.69 -11.71
CA ILE A 514 -5.75 -36.57 -12.87
C ILE A 514 -5.13 -35.85 -14.05
N ARG A 515 -5.41 -34.54 -14.19
CA ARG A 515 -4.83 -33.76 -15.27
C ARG A 515 -3.30 -33.77 -15.21
N GLN A 516 -2.74 -33.54 -14.01
CA GLN A 516 -1.28 -33.47 -13.92
C GLN A 516 -0.63 -34.84 -14.04
N VAL A 517 -1.33 -35.91 -13.63
CA VAL A 517 -0.83 -37.25 -13.89
C VAL A 517 -0.80 -37.52 -15.40
N ILE A 518 -1.85 -37.08 -16.10
CA ILE A 518 -1.91 -37.24 -17.55
C ILE A 518 -0.74 -36.52 -18.20
N ASN A 519 -0.51 -35.26 -17.79
CA ASN A 519 0.59 -34.49 -18.38
C ASN A 519 1.95 -35.06 -17.98
N LEU A 520 2.07 -35.59 -16.76
CA LEU A 520 3.29 -36.24 -16.32
C LEU A 520 3.64 -37.41 -17.23
N LEU A 521 2.67 -38.29 -17.47
CA LEU A 521 2.93 -39.41 -18.37
C LEU A 521 3.25 -38.92 -19.78
N SER A 522 2.51 -37.92 -20.26
CA SER A 522 2.76 -37.41 -21.62
C SER A 522 4.18 -36.88 -21.76
N THR A 523 4.65 -36.14 -20.77
CA THR A 523 5.97 -35.52 -20.84
C THR A 523 7.08 -36.57 -20.67
N ILE A 524 6.88 -37.52 -19.76
CA ILE A 524 7.95 -38.45 -19.43
C ILE A 524 8.07 -39.56 -20.47
N SER A 525 6.95 -39.92 -21.13
CA SER A 525 6.98 -41.04 -22.06
C SER A 525 7.69 -40.70 -23.36
N THR A 526 7.99 -39.43 -23.61
CA THR A 526 8.68 -39.05 -24.84
C THR A 526 10.05 -39.69 -24.94
N THR A 527 10.80 -39.69 -23.83
CA THR A 527 12.14 -40.26 -23.78
C THR A 527 12.17 -41.65 -23.17
N THR A 528 11.63 -41.82 -21.96
CA THR A 528 11.59 -43.11 -21.30
C THR A 528 10.25 -43.80 -21.62
N LYS A 529 10.33 -44.95 -22.27
CA LYS A 529 9.15 -45.66 -22.74
C LYS A 529 8.60 -46.64 -21.71
N THR A 530 9.32 -46.87 -20.61
CA THR A 530 8.87 -47.81 -19.58
C THR A 530 8.98 -47.11 -18.23
N ILE A 531 7.83 -46.76 -17.65
CA ILE A 531 7.79 -46.21 -16.30
C ILE A 531 7.69 -47.37 -15.31
N ASN A 532 8.78 -47.60 -14.58
CA ASN A 532 8.85 -48.75 -13.68
C ASN A 532 9.33 -48.33 -12.29
N HIS A 533 9.58 -49.30 -11.41
CA HIS A 533 9.97 -49.01 -10.04
C HIS A 533 11.39 -48.45 -9.93
N GLU A 534 12.20 -48.53 -10.99
CA GLU A 534 13.57 -48.02 -10.92
C GLU A 534 13.63 -46.50 -10.96
N ASN A 535 12.82 -45.86 -11.81
CA ASN A 535 12.88 -44.42 -12.00
C ASN A 535 11.76 -43.67 -11.28
N ILE A 536 10.87 -44.37 -10.59
CA ILE A 536 9.71 -43.71 -9.98
C ILE A 536 10.15 -42.70 -8.92
N ASN A 537 11.22 -43.00 -8.19
CA ASN A 537 11.68 -42.09 -7.15
C ASN A 537 12.08 -40.72 -7.73
N GLU A 538 12.85 -40.73 -8.81
CA GLU A 538 13.24 -39.47 -9.45
C GLU A 538 12.04 -38.75 -10.04
N ILE A 539 11.09 -39.49 -10.61
CA ILE A 539 9.88 -38.86 -11.15
C ILE A 539 9.12 -38.15 -10.04
N SER A 540 8.97 -38.81 -8.89
CA SER A 540 8.29 -38.17 -7.77
C SER A 540 9.06 -36.96 -7.26
N LYS A 541 10.39 -37.08 -7.15
CA LYS A 541 11.20 -35.98 -6.64
C LYS A 541 11.21 -34.78 -7.57
N ALA A 542 10.99 -35.00 -8.88
CA ALA A 542 10.99 -33.90 -9.82
C ALA A 542 9.60 -33.34 -10.11
N TRP A 543 8.55 -34.13 -9.87
CA TRP A 543 7.19 -33.73 -10.22
C TRP A 543 6.28 -33.54 -9.01
N GLU A 544 6.83 -33.54 -7.80
CA GLU A 544 5.99 -33.42 -6.61
C GLU A 544 5.34 -32.05 -6.54
N LYS A 545 4.05 -32.03 -6.20
CA LYS A 545 3.33 -30.78 -6.02
C LYS A 545 3.69 -30.15 -4.68
N ASN A 546 4.17 -28.91 -4.73
CA ASN A 546 4.45 -28.13 -3.53
C ASN A 546 3.26 -27.22 -3.27
N ILE A 547 2.32 -27.69 -2.45
CA ILE A 547 1.10 -26.96 -2.15
C ILE A 547 1.21 -26.42 -0.73
N ALA A 548 0.83 -25.14 -0.57
CA ALA A 548 0.84 -24.51 0.74
C ALA A 548 -0.10 -25.26 1.67
N LEU A 549 0.44 -25.80 2.75
CA LEU A 549 -0.37 -26.58 3.68
C LEU A 549 -1.38 -25.70 4.39
N LYS A 550 -2.50 -26.30 4.79
CA LYS A 550 -3.45 -25.62 5.63
C LYS A 550 -2.80 -25.31 6.99
N PRO A 551 -3.25 -24.26 7.68
CA PRO A 551 -2.63 -23.92 8.97
C PRO A 551 -2.66 -25.08 9.97
N PHE A 552 -3.67 -25.95 9.88
CA PHE A 552 -3.70 -27.12 10.75
C PHE A 552 -2.53 -28.05 10.46
N ASP A 553 -2.21 -28.27 9.18
CA ASP A 553 -1.06 -29.08 8.83
C ASP A 553 0.26 -28.43 9.25
N ILE A 554 0.37 -27.11 9.11
CA ILE A 554 1.57 -26.42 9.58
C ILE A 554 1.73 -26.58 11.08
N ALA A 555 0.63 -26.47 11.82
CA ALA A 555 0.69 -26.69 13.27
C ALA A 555 1.09 -28.13 13.58
N HIS A 556 0.54 -29.10 12.84
CA HIS A 556 0.85 -30.50 13.10
C HIS A 556 2.33 -30.80 12.86
N LYS A 557 2.87 -30.33 11.74
CA LYS A 557 4.27 -30.61 11.45
C LYS A 557 5.20 -29.80 12.33
N MET A 558 4.81 -28.57 12.67
CA MET A 558 5.64 -27.72 13.52
C MET A 558 5.76 -28.30 14.93
N LEU A 559 4.67 -28.82 15.46
CA LEU A 559 4.69 -29.46 16.78
C LEU A 559 4.78 -30.98 16.64
N ASP A 560 5.86 -31.42 15.98
CA ASP A 560 6.13 -32.83 15.74
C ASP A 560 7.52 -33.16 16.26
N GLY A 561 7.62 -34.23 17.05
CA GLY A 561 8.91 -34.59 17.63
C GLY A 561 9.93 -35.03 16.60
N GLN A 562 9.47 -35.72 15.55
CA GLN A 562 10.39 -36.24 14.54
C GLN A 562 11.12 -35.12 13.81
N ILE A 563 10.50 -33.94 13.75
CA ILE A 563 11.06 -32.85 12.94
C ILE A 563 12.34 -32.32 13.57
N TYR A 564 12.36 -32.14 14.88
CA TYR A 564 13.47 -31.51 15.58
C TYR A 564 14.44 -32.50 16.20
N SER A 565 14.31 -33.79 15.92
CA SER A 565 15.29 -34.76 16.39
C SER A 565 16.57 -34.65 15.58
N ASP A 566 17.60 -35.37 16.04
CA ASP A 566 18.90 -35.33 15.36
C ASP A 566 18.77 -35.87 13.94
N ILE A 567 18.11 -37.03 13.78
CA ILE A 567 17.94 -37.61 12.46
C ILE A 567 16.96 -36.78 11.62
N GLY A 568 15.87 -36.33 12.24
CA GLY A 568 14.87 -35.59 11.49
C GLY A 568 15.36 -34.24 11.00
N SER A 569 16.27 -33.63 11.74
CA SER A 569 16.78 -32.31 11.35
C SER A 569 17.50 -32.37 10.01
N ARG A 570 18.24 -33.44 9.76
CA ARG A 570 18.90 -33.59 8.47
C ARG A 570 17.90 -33.74 7.34
N ASN A 571 16.83 -34.51 7.57
CA ASN A 571 15.81 -34.69 6.54
C ASN A 571 15.03 -33.38 6.31
N PHE A 572 14.62 -32.73 7.39
CA PHE A 572 13.93 -31.45 7.32
C PHE A 572 14.81 -30.40 7.97
N THR A 573 15.54 -29.65 7.15
CA THR A 573 16.46 -28.64 7.66
C THR A 573 15.69 -27.47 8.26
N LEU A 574 16.45 -26.60 8.95
CA LEU A 574 15.85 -25.42 9.56
C LEU A 574 15.22 -24.51 8.50
N ASN A 575 15.86 -24.39 7.33
CA ASN A 575 15.31 -23.59 6.25
C ASN A 575 13.94 -24.08 5.85
N ASP A 576 13.72 -25.40 5.88
CA ASP A 576 12.41 -25.93 5.55
C ASP A 576 11.37 -25.54 6.60
N LYS A 577 11.76 -25.46 7.86
CA LYS A 577 10.84 -25.00 8.89
C LYS A 577 10.51 -23.52 8.71
N ILE A 578 11.50 -22.71 8.35
CA ILE A 578 11.23 -21.31 8.01
C ILE A 578 10.28 -21.23 6.82
N ALA A 579 10.44 -22.12 5.84
CA ALA A 579 9.52 -22.15 4.70
C ALA A 579 8.11 -22.54 5.14
N LEU A 580 8.01 -23.49 6.08
CA LEU A 580 6.69 -23.86 6.61
C LEU A 580 6.02 -22.66 7.27
N TYR A 581 6.78 -21.89 8.04
CA TYR A 581 6.23 -20.65 8.60
C TYR A 581 5.80 -19.71 7.48
N PHE A 582 6.65 -19.53 6.48
CA PHE A 582 6.42 -18.56 5.41
C PHE A 582 5.28 -18.97 4.49
N ASP A 583 4.83 -20.22 4.56
CA ASP A 583 3.66 -20.66 3.79
C ASP A 583 2.46 -19.81 4.16
N ASP A 584 2.20 -19.67 5.46
CA ASP A 584 1.17 -18.79 5.98
C ASP A 584 1.78 -17.98 7.12
N PHE A 585 2.10 -16.72 6.86
CA PHE A 585 2.78 -15.86 7.82
C PHE A 585 1.82 -15.09 8.71
N ASP A 586 0.51 -15.26 8.53
CA ASP A 586 -0.48 -14.58 9.33
C ASP A 586 -1.12 -15.43 10.41
N PHE A 587 -1.03 -16.75 10.33
CA PHE A 587 -1.71 -17.63 11.28
C PHE A 587 -0.79 -18.58 12.03
N THR A 588 0.31 -19.03 11.44
CA THR A 588 1.21 -19.95 12.15
C THR A 588 1.67 -19.41 13.50
N PRO A 589 2.06 -18.14 13.65
CA PRO A 589 2.35 -17.63 15.01
C PRO A 589 1.20 -17.83 15.98
N LEU A 590 -0.04 -17.64 15.51
CA LEU A 590 -1.19 -17.80 16.39
C LEU A 590 -1.51 -19.28 16.64
N MET A 591 -1.40 -20.12 15.61
CA MET A 591 -1.66 -21.54 15.78
C MET A 591 -0.67 -22.17 16.76
N ILE A 592 0.62 -21.81 16.65
CA ILE A 592 1.61 -22.36 17.56
C ILE A 592 1.34 -21.89 18.98
N GLN A 593 1.00 -20.61 19.15
CA GLN A 593 0.68 -20.09 20.48
C GLN A 593 -0.51 -20.82 21.08
N GLU A 594 -1.49 -21.15 20.24
CA GLU A 594 -2.67 -21.86 20.74
C GLU A 594 -2.39 -23.33 21.06
N ASN A 595 -1.53 -23.99 20.30
CA ASN A 595 -1.35 -25.44 20.40
C ASN A 595 0.12 -25.81 20.65
N TYR A 596 0.84 -25.01 21.44
CA TYR A 596 2.15 -25.41 21.92
C TYR A 596 2.11 -26.00 23.32
N LEU A 597 1.01 -25.79 24.04
CA LEU A 597 0.74 -26.28 25.37
C LEU A 597 -0.21 -27.48 25.40
N SER A 598 -0.55 -28.04 24.25
CA SER A 598 -1.41 -29.22 24.21
C SER A 598 -0.70 -30.41 23.59
N THR A 599 0.62 -30.49 23.76
CA THR A 599 1.43 -31.55 23.17
C THR A 599 2.24 -32.26 24.24
N ARG A 600 2.39 -33.56 24.10
CA ARG A 600 3.27 -34.32 24.98
C ARG A 600 4.69 -34.25 24.41
N PRO A 601 5.60 -33.57 25.09
CA PRO A 601 6.94 -33.35 24.52
C PRO A 601 7.76 -34.63 24.45
N SER A 602 8.67 -34.65 23.48
CA SER A 602 9.59 -35.78 23.31
C SER A 602 11.03 -35.32 23.10
N VAL A 603 11.31 -34.03 23.29
CA VAL A 603 12.66 -33.50 23.10
C VAL A 603 13.12 -32.79 24.36
N LEU A 604 12.55 -33.19 25.50
CA LEU A 604 12.94 -32.58 26.77
C LEU A 604 14.38 -32.95 27.10
N LYS A 605 15.18 -31.93 27.40
CA LYS A 605 16.57 -32.17 27.78
C LYS A 605 16.61 -32.83 29.16
N PRO A 606 17.67 -33.59 29.45
CA PRO A 606 17.77 -34.25 30.77
C PRO A 606 17.78 -33.22 31.89
N GLY A 607 16.83 -33.37 32.81
CA GLY A 607 16.67 -32.44 33.91
C GLY A 607 15.65 -31.34 33.68
N GLN A 608 14.82 -31.43 32.64
CA GLN A 608 13.82 -30.42 32.33
C GLN A 608 12.44 -31.07 32.30
N SER A 609 11.48 -30.44 32.94
CA SER A 609 10.09 -30.88 32.90
C SER A 609 9.35 -30.20 31.75
N HIS A 610 8.07 -30.55 31.61
CA HIS A 610 7.24 -29.94 30.58
C HIS A 610 7.04 -28.46 30.85
N LEU A 611 6.88 -28.09 32.12
CA LEU A 611 6.59 -26.70 32.47
C LEU A 611 7.74 -25.77 32.11
N GLU A 612 8.98 -26.21 32.30
CA GLU A 612 10.12 -25.38 31.96
C GLU A 612 10.18 -25.10 30.46
N ALA A 613 9.96 -26.15 29.65
CA ALA A 613 9.93 -25.96 28.20
C ALA A 613 8.78 -25.04 27.79
N VAL A 614 7.63 -25.19 28.44
CA VAL A 614 6.48 -24.34 28.12
C VAL A 614 6.79 -22.89 28.46
N ALA A 615 7.44 -22.64 29.59
CA ALA A 615 7.80 -21.28 29.98
C ALA A 615 8.81 -20.67 29.01
N GLU A 616 9.82 -21.45 28.61
CA GLU A 616 10.77 -20.97 27.61
C GLU A 616 10.07 -20.64 26.30
N ALA A 617 9.15 -21.52 25.88
CA ALA A 617 8.40 -21.27 24.65
C ALA A 617 7.56 -20.00 24.76
N ALA A 618 6.93 -19.78 25.92
CA ALA A 618 6.12 -18.59 26.09
C ALA A 618 6.97 -17.32 26.06
N ASN A 619 8.16 -17.37 26.66
CA ASN A 619 9.08 -16.24 26.57
C ASN A 619 9.45 -15.97 25.11
N CYS A 620 9.70 -17.04 24.35
CA CYS A 620 10.03 -16.86 22.93
C CYS A 620 8.85 -16.30 22.15
N ILE A 621 7.62 -16.70 22.49
CA ILE A 621 6.45 -16.13 21.82
C ILE A 621 6.30 -14.66 22.16
N SER A 622 6.61 -14.27 23.40
CA SER A 622 6.58 -12.85 23.74
C SER A 622 7.61 -12.06 22.93
N LEU A 623 8.82 -12.59 22.80
CA LEU A 623 9.83 -11.94 21.97
C LEU A 623 9.38 -11.86 20.51
N GLY A 624 8.79 -12.94 20.00
CA GLY A 624 8.25 -12.91 18.65
C GLY A 624 7.11 -11.93 18.47
N ASP A 625 6.31 -11.72 19.51
CA ASP A 625 5.28 -10.70 19.47
C ASP A 625 5.89 -9.30 19.38
N ILE A 626 6.98 -9.08 20.12
CA ILE A 626 7.72 -7.82 19.99
C ILE A 626 8.20 -7.64 18.55
N VAL A 627 8.79 -8.70 17.99
CA VAL A 627 9.30 -8.63 16.62
C VAL A 627 8.16 -8.37 15.64
N GLU A 628 7.00 -9.00 15.85
CA GLU A 628 5.86 -8.80 14.97
C GLU A 628 5.35 -7.36 15.05
N LYS A 629 5.28 -6.80 16.26
CA LYS A 629 4.86 -5.41 16.38
C LYS A 629 5.83 -4.48 15.65
N LYS A 630 7.13 -4.70 15.81
CA LYS A 630 8.10 -3.88 15.08
C LYS A 630 7.94 -4.08 13.57
N ILE A 631 7.59 -5.30 13.14
CA ILE A 631 7.35 -5.57 11.73
C ILE A 631 6.09 -4.87 11.25
N ARG A 632 5.03 -4.96 12.05
CA ARG A 632 3.68 -4.56 11.63
C ARG A 632 3.28 -3.21 12.26
N SER A 633 4.22 -2.28 12.34
CA SER A 633 3.94 -0.94 12.86
C SER A 633 4.36 0.10 11.84
N SER A 634 4.39 1.37 12.26
CA SER A 634 4.68 2.47 11.35
C SER A 634 6.07 2.38 10.73
N GLU A 635 6.99 1.63 11.33
CA GLU A 635 8.32 1.46 10.75
C GLU A 635 8.36 0.43 9.64
N GLN A 636 7.49 -0.58 9.67
CA GLN A 636 7.37 -1.61 8.65
C GLN A 636 8.72 -2.23 8.32
N LEU A 637 9.33 -2.82 9.35
CA LEU A 637 10.61 -3.51 9.22
C LEU A 637 10.37 -4.96 8.81
N TRP A 638 9.90 -5.14 7.58
CA TRP A 638 9.63 -6.47 7.06
C TRP A 638 10.89 -7.30 6.86
N SER A 639 12.07 -6.68 6.88
CA SER A 639 13.32 -7.43 6.79
C SER A 639 13.52 -8.35 7.99
N LEU A 640 12.77 -8.15 9.06
CA LEU A 640 12.79 -9.02 10.23
C LEU A 640 11.85 -10.21 10.09
N LEU A 641 11.22 -10.37 8.92
CA LEU A 641 10.29 -11.49 8.73
C LEU A 641 10.96 -12.85 8.94
N PRO A 642 12.16 -13.14 8.41
CA PRO A 642 12.80 -14.41 8.79
C PRO A 642 13.03 -14.54 10.28
N LEU A 643 13.43 -13.46 10.96
CA LEU A 643 13.62 -13.53 12.41
C LEU A 643 12.32 -13.84 13.12
N HIS A 644 11.23 -13.17 12.73
CA HIS A 644 9.92 -13.51 13.29
C HIS A 644 9.53 -14.94 12.99
N ALA A 645 10.12 -15.54 11.96
CA ALA A 645 9.92 -16.96 11.70
C ALA A 645 10.46 -17.82 12.83
N VAL A 646 11.64 -17.46 13.35
CA VAL A 646 12.30 -18.30 14.34
C VAL A 646 11.71 -18.07 15.73
N LEU A 647 11.60 -16.80 16.15
CA LEU A 647 11.20 -16.50 17.51
C LEU A 647 9.77 -16.91 17.80
N SER A 648 8.88 -16.71 16.82
CA SER A 648 7.45 -16.91 17.08
C SER A 648 7.04 -18.37 16.90
N SER A 649 7.54 -19.03 15.87
CA SER A 649 7.08 -20.37 15.51
C SER A 649 8.12 -21.46 15.73
N VAL A 650 9.31 -21.32 15.14
CA VAL A 650 10.25 -22.44 15.12
C VAL A 650 10.79 -22.74 16.52
N TYR A 651 11.25 -21.71 17.24
CA TYR A 651 11.90 -21.93 18.52
C TYR A 651 10.95 -22.50 19.58
N PRO A 652 9.76 -21.91 19.81
CA PRO A 652 8.87 -22.50 20.81
C PRO A 652 8.44 -23.92 20.46
N ALA A 653 8.16 -24.19 19.18
CA ALA A 653 7.78 -25.53 18.76
C ALA A 653 8.92 -26.51 19.00
N SER A 654 10.15 -26.11 18.71
CA SER A 654 11.31 -26.96 19.00
C SER A 654 11.43 -27.20 20.49
N LYS A 655 11.10 -26.18 21.31
CA LYS A 655 11.15 -26.35 22.75
C LYS A 655 10.12 -27.34 23.26
N VAL A 656 8.91 -27.35 22.67
CA VAL A 656 7.85 -28.22 23.15
C VAL A 656 7.47 -29.24 22.08
N ALA A 657 8.44 -29.65 21.27
CA ALA A 657 8.19 -30.63 20.23
C ALA A 657 7.87 -32.00 20.81
N GLY A 658 7.00 -32.73 20.12
CA GLY A 658 6.63 -34.07 20.53
C GLY A 658 5.41 -34.60 19.80
N HIS A 659 4.58 -35.35 20.52
CA HIS A 659 3.35 -35.90 19.96
C HIS A 659 2.18 -34.98 20.32
N MET A 660 1.14 -35.01 19.49
CA MET A 660 -0.06 -34.22 19.75
C MET A 660 -0.94 -34.96 20.75
N ALA A 661 -1.22 -34.32 21.89
CA ALA A 661 -2.02 -34.98 22.92
C ALA A 661 -3.47 -35.11 22.50
N GLY A 662 -4.14 -33.98 22.26
CA GLY A 662 -5.51 -34.00 21.80
C GLY A 662 -5.63 -33.66 20.34
N ARG A 663 -6.50 -32.69 20.02
CA ARG A 663 -6.67 -32.22 18.65
C ARG A 663 -6.00 -30.86 18.49
N ILE A 664 -5.78 -30.48 17.23
CA ILE A 664 -5.18 -29.19 16.91
C ILE A 664 -6.32 -28.18 16.81
N ASN A 665 -6.38 -27.26 17.76
CA ASN A 665 -7.44 -26.26 17.77
C ASN A 665 -7.02 -25.02 16.98
N PHE A 666 -8.03 -24.29 16.51
CA PHE A 666 -7.79 -23.04 15.80
C PHE A 666 -7.50 -21.92 16.79
N THR A 667 -6.90 -20.84 16.28
CA THR A 667 -6.52 -19.71 17.12
C THR A 667 -7.74 -19.06 17.73
N ALA A 668 -7.84 -19.12 19.06
CA ALA A 668 -8.91 -18.43 19.76
C ALA A 668 -8.68 -16.94 19.88
N TRP A 669 -7.47 -16.46 19.55
CA TRP A 669 -7.14 -15.05 19.72
C TRP A 669 -8.03 -14.17 18.85
N LEU A 670 -8.35 -14.62 17.63
CA LEU A 670 -9.15 -13.81 16.72
C LEU A 670 -10.54 -13.53 17.28
N GLY A 671 -11.20 -14.58 17.76
CA GLY A 671 -12.57 -14.41 18.26
C GLY A 671 -12.62 -13.53 19.51
N GLN A 672 -11.71 -13.77 20.45
CA GLN A 672 -11.70 -12.96 21.66
C GLN A 672 -11.26 -11.53 21.36
N ASN A 673 -10.40 -11.34 20.36
CA ASN A 673 -10.04 -9.99 19.95
C ASN A 673 -11.23 -9.25 19.37
N SER A 674 -12.02 -9.93 18.53
CA SER A 674 -13.23 -9.31 18.00
C SER A 674 -14.22 -9.00 19.12
N LYS A 675 -14.36 -9.92 20.08
CA LYS A 675 -15.22 -9.67 21.23
C LYS A 675 -14.75 -8.47 22.04
N SER A 676 -13.44 -8.35 22.25
CA SER A 676 -12.88 -7.21 22.97
C SER A 676 -13.12 -5.92 22.22
N ALA A 677 -12.99 -5.94 20.89
CA ALA A 677 -13.28 -4.75 20.10
C ALA A 677 -14.74 -4.33 20.23
N LYS A 678 -15.66 -5.30 20.16
CA LYS A 678 -17.08 -4.99 20.31
C LYS A 678 -17.37 -4.41 21.69
N TYR A 679 -16.80 -5.03 22.74
CA TYR A 679 -17.04 -4.55 24.09
C TYR A 679 -16.42 -3.17 24.30
N TYR A 680 -15.25 -2.92 23.71
CA TYR A 680 -14.66 -1.59 23.78
C TYR A 680 -15.54 -0.55 23.09
N ARG A 681 -16.10 -0.90 21.93
CA ARG A 681 -17.02 0.02 21.25
C ARG A 681 -18.22 0.34 22.13
N LEU A 682 -18.82 -0.69 22.72
CA LEU A 682 -19.98 -0.49 23.59
C LEU A 682 -19.61 0.38 24.80
N LEU A 683 -18.45 0.11 25.40
CA LEU A 683 -17.99 0.91 26.52
C LEU A 683 -17.77 2.36 26.11
N GLN A 684 -17.28 2.60 24.88
CA GLN A 684 -17.17 3.97 24.40
C GLN A 684 -18.53 4.65 24.32
N GLU A 685 -19.54 3.95 23.81
CA GLU A 685 -20.87 4.57 23.74
C GLU A 685 -21.38 4.92 25.13
N ILE A 686 -21.28 3.99 26.08
CA ILE A 686 -21.80 4.28 27.43
C ILE A 686 -20.98 5.39 28.09
N HIS A 687 -19.66 5.38 27.91
CA HIS A 687 -18.82 6.40 28.54
C HIS A 687 -19.14 7.77 27.98
N TYR A 688 -19.33 7.88 26.67
CA TYR A 688 -19.63 9.20 26.09
C TYR A 688 -21.06 9.62 26.41
N HIS A 689 -21.95 8.66 26.69
CA HIS A 689 -23.27 9.03 27.18
C HIS A 689 -23.20 9.56 28.60
N THR A 690 -22.35 8.98 29.45
CA THR A 690 -22.22 9.38 30.84
C THR A 690 -21.21 10.49 31.07
N ARG A 691 -20.54 10.96 30.01
CA ARG A 691 -19.45 11.92 30.18
C ARG A 691 -19.90 13.20 30.85
N LEU A 692 -21.08 13.72 30.50
CA LEU A 692 -21.51 15.01 31.01
C LEU A 692 -21.66 15.03 32.53
N GLY A 693 -21.81 13.88 33.17
CA GLY A 693 -21.83 13.84 34.62
C GLY A 693 -20.57 13.28 35.23
N THR A 694 -20.03 12.21 34.63
CA THR A 694 -18.96 11.44 35.22
C THR A 694 -17.60 11.99 34.80
N SER A 695 -16.73 12.21 35.78
CA SER A 695 -15.38 12.71 35.53
C SER A 695 -14.42 11.52 35.57
N THR A 696 -14.36 10.78 34.46
CA THR A 696 -13.56 9.57 34.39
C THR A 696 -13.07 9.40 32.96
N ASP A 697 -12.29 8.33 32.76
CA ASP A 697 -11.88 7.87 31.44
C ASP A 697 -12.66 6.60 31.10
N LYS A 698 -12.31 6.00 29.96
CA LYS A 698 -13.01 4.80 29.52
C LYS A 698 -12.77 3.63 30.47
N ILE A 699 -11.50 3.38 30.80
CA ILE A 699 -11.15 2.22 31.63
C ILE A 699 -11.68 2.38 33.05
N GLY A 700 -11.60 3.60 33.60
CA GLY A 700 -12.05 3.81 34.96
C GLY A 700 -13.52 3.52 35.15
N LEU A 701 -14.34 3.84 34.14
CA LEU A 701 -15.77 3.56 34.22
C LEU A 701 -16.01 2.06 34.42
N ARG A 702 -15.44 1.23 33.55
CA ARG A 702 -15.62 -0.21 33.68
C ARG A 702 -15.03 -0.72 34.99
N LEU A 703 -13.89 -0.16 35.41
CA LEU A 703 -13.22 -0.68 36.60
C LEU A 703 -14.01 -0.38 37.87
N ASP A 704 -14.63 0.79 37.95
CA ASP A 704 -15.20 1.24 39.22
C ASP A 704 -16.70 1.49 39.17
N TYR A 705 -17.18 2.23 38.17
CA TYR A 705 -18.56 2.74 38.20
C TYR A 705 -19.56 1.62 37.92
N LEU A 706 -19.27 0.79 36.91
CA LEU A 706 -20.15 -0.28 36.48
C LEU A 706 -20.52 -1.22 37.63
N PRO A 707 -19.56 -1.65 38.47
CA PRO A 707 -19.96 -2.42 39.66
C PRO A 707 -20.94 -1.68 40.55
N THR A 708 -20.77 -0.37 40.71
CA THR A 708 -21.73 0.42 41.48
C THR A 708 -23.02 0.64 40.71
N PHE A 709 -22.90 0.90 39.40
CA PHE A 709 -24.09 1.11 38.57
C PHE A 709 -25.00 -0.12 38.59
N ARG A 710 -24.43 -1.31 38.72
CA ARG A 710 -25.25 -2.52 38.80
C ARG A 710 -26.15 -2.50 40.03
N LYS A 711 -25.61 -2.05 41.17
CA LYS A 711 -26.39 -2.06 42.41
C LYS A 711 -27.57 -1.12 42.33
N ARG A 712 -27.45 -0.04 41.55
CA ARG A 712 -28.51 0.94 41.38
C ARG A 712 -29.41 0.66 40.18
N LEU A 713 -29.09 -0.36 39.37
CA LEU A 713 -29.87 -0.64 38.18
C LEU A 713 -30.56 -2.00 38.25
N LEU A 714 -29.79 -3.06 38.49
CA LEU A 714 -30.35 -4.41 38.43
C LEU A 714 -30.83 -4.90 39.79
N ASP A 715 -30.06 -4.60 40.84
CA ASP A 715 -30.43 -5.07 42.18
C ASP A 715 -31.81 -4.61 42.64
N PRO A 716 -32.24 -3.36 42.42
CA PRO A 716 -33.62 -3.02 42.76
C PRO A 716 -34.66 -3.88 42.07
N PHE A 717 -34.40 -4.31 40.83
CA PHE A 717 -35.29 -5.26 40.18
C PHE A 717 -35.24 -6.62 40.86
N LEU A 718 -34.10 -7.01 41.43
CA LEU A 718 -33.98 -8.28 42.11
C LEU A 718 -34.66 -8.28 43.47
N LYS A 719 -34.72 -7.14 44.16
CA LYS A 719 -35.17 -7.14 45.55
C LYS A 719 -36.51 -6.46 45.76
N GLN A 720 -36.67 -5.18 45.42
CA GLN A 720 -37.85 -4.47 45.89
C GLN A 720 -39.04 -4.67 44.94
N GLY A 721 -38.76 -4.92 43.66
CA GLY A 721 -39.79 -5.43 42.77
C GLY A 721 -40.07 -4.52 41.59
N ALA A 722 -41.28 -4.69 41.04
CA ALA A 722 -41.72 -3.98 39.85
C ALA A 722 -41.89 -2.49 40.09
N ASP A 723 -41.87 -2.04 41.34
CA ASP A 723 -41.96 -0.63 41.66
C ASP A 723 -40.60 0.07 41.65
N ALA A 724 -39.53 -0.66 41.34
CA ALA A 724 -38.21 -0.07 41.19
C ALA A 724 -38.04 0.70 39.89
N ILE A 725 -38.86 0.40 38.86
CA ILE A 725 -38.66 0.97 37.52
C ILE A 725 -38.45 2.48 37.59
N SER A 726 -39.40 3.20 38.18
CA SER A 726 -39.31 4.65 38.27
C SER A 726 -37.95 5.06 38.82
N SER A 727 -37.58 4.52 39.98
CA SER A 727 -36.29 4.84 40.56
C SER A 727 -35.17 4.53 39.58
N VAL A 728 -35.18 3.33 38.99
CA VAL A 728 -34.18 2.98 38.00
C VAL A 728 -34.19 4.01 36.87
N ILE A 729 -35.38 4.31 36.35
CA ILE A 729 -35.48 5.29 35.27
C ILE A 729 -34.81 6.58 35.71
N GLU A 730 -35.06 7.02 36.94
CA GLU A 730 -34.47 8.27 37.41
C GLU A 730 -32.96 8.24 37.26
N VAL A 731 -32.30 7.20 37.78
CA VAL A 731 -30.84 7.18 37.68
C VAL A 731 -30.44 7.03 36.23
N MET A 732 -31.23 6.27 35.46
CA MET A 732 -31.04 6.24 34.01
C MET A 732 -31.02 7.66 33.44
N ASP A 733 -32.06 8.44 33.74
CA ASP A 733 -32.15 9.79 33.21
C ASP A 733 -31.12 10.72 33.84
N ASP A 734 -30.45 10.27 34.90
CA ASP A 734 -29.40 11.07 35.50
C ASP A 734 -28.10 10.95 34.71
N TYR A 735 -27.98 9.97 33.81
CA TYR A 735 -26.76 9.80 33.04
C TYR A 735 -27.03 9.52 31.57
N TYR A 736 -28.23 9.86 31.09
CA TYR A 736 -28.57 9.74 29.67
C TYR A 736 -28.40 8.31 29.17
N LEU A 737 -28.73 7.35 30.01
CA LEU A 737 -28.71 5.95 29.60
C LEU A 737 -29.96 5.59 28.81
N THR A 738 -29.82 4.61 27.93
CA THR A 738 -30.91 4.03 27.17
C THR A 738 -31.08 2.56 27.57
N LYS A 739 -32.12 1.94 27.04
CA LYS A 739 -32.33 0.51 27.31
C LYS A 739 -31.18 -0.32 26.76
N GLU A 740 -30.71 0.01 25.55
CA GLU A 740 -29.52 -0.63 25.00
C GLU A 740 -28.32 -0.39 25.89
N ASP A 741 -28.22 0.82 26.47
CA ASP A 741 -27.14 1.11 27.41
C ASP A 741 -27.23 0.20 28.62
N TRP A 742 -28.43 0.00 29.15
CA TRP A 742 -28.62 -0.89 30.30
C TRP A 742 -28.18 -2.32 29.96
N ASP A 743 -28.61 -2.81 28.80
CA ASP A 743 -28.23 -4.16 28.38
C ASP A 743 -26.73 -4.28 28.20
N SER A 744 -26.08 -3.22 27.71
CA SER A 744 -24.63 -3.26 27.53
C SER A 744 -23.91 -3.24 28.87
N ILE A 745 -24.33 -2.37 29.80
CA ILE A 745 -23.69 -2.32 31.11
C ILE A 745 -23.81 -3.67 31.82
N MET A 746 -24.98 -4.30 31.73
CA MET A 746 -25.13 -5.57 32.42
C MET A 746 -24.33 -6.71 31.80
N GLU A 747 -23.70 -6.48 30.64
CA GLU A 747 -22.92 -7.50 29.95
C GLU A 747 -21.42 -7.34 30.15
N PHE A 748 -20.97 -6.41 31.01
CA PHE A 748 -19.55 -6.17 31.21
C PHE A 748 -18.97 -6.87 32.43
N PHE A 749 -19.81 -7.45 33.29
CA PHE A 749 -19.31 -8.04 34.52
C PHE A 749 -18.76 -9.44 34.28
N VAL A 750 -17.83 -9.84 35.14
CA VAL A 750 -17.13 -11.11 35.00
C VAL A 750 -17.11 -11.84 36.34
N GLY A 751 -16.86 -13.14 36.28
CA GLY A 751 -16.72 -13.95 37.46
C GLY A 751 -17.96 -14.01 38.33
N PRO A 752 -17.79 -13.73 39.62
CA PRO A 752 -18.93 -13.86 40.55
C PRO A 752 -20.14 -13.01 40.18
N ASP A 753 -19.93 -11.82 39.64
CA ASP A 753 -21.01 -10.87 39.39
C ASP A 753 -21.60 -10.99 37.99
N VAL A 754 -21.52 -12.16 37.35
CA VAL A 754 -22.09 -12.32 36.03
C VAL A 754 -23.61 -12.27 36.12
N THR A 755 -24.25 -11.49 35.26
CA THR A 755 -25.66 -11.18 35.36
C THR A 755 -26.52 -11.95 34.35
N THR A 756 -25.94 -12.83 33.55
CA THR A 756 -26.72 -13.49 32.50
C THR A 756 -27.82 -14.36 33.08
N ALA A 757 -27.54 -15.05 34.18
CA ALA A 757 -28.57 -15.86 34.82
C ALA A 757 -29.56 -15.00 35.58
N ILE A 758 -29.09 -13.90 36.16
CA ILE A 758 -29.96 -13.04 36.97
C ILE A 758 -31.03 -12.39 36.10
N ILE A 759 -30.64 -11.86 34.94
CA ILE A 759 -31.61 -11.17 34.08
C ILE A 759 -32.68 -12.15 33.58
N LYS A 760 -32.36 -13.45 33.59
CA LYS A 760 -33.37 -14.46 33.25
C LYS A 760 -34.36 -14.67 34.40
N LYS A 761 -33.91 -14.50 35.64
CA LYS A 761 -34.75 -14.81 36.81
C LYS A 761 -35.69 -13.69 37.22
N ILE A 762 -35.49 -12.46 36.76
CA ILE A 762 -36.49 -11.42 36.98
C ILE A 762 -37.71 -11.77 36.13
N PRO A 763 -38.92 -11.68 36.68
CA PRO A 763 -40.09 -12.14 35.92
C PRO A 763 -40.37 -11.25 34.72
N ALA A 764 -40.96 -11.84 33.69
CA ALA A 764 -41.16 -11.13 32.43
C ALA A 764 -42.04 -9.90 32.61
N THR A 765 -42.92 -9.91 33.62
CA THR A 765 -43.78 -8.75 33.87
C THR A 765 -42.95 -7.52 34.20
N VAL A 766 -41.92 -7.68 35.04
CA VAL A 766 -41.09 -6.53 35.42
C VAL A 766 -40.34 -6.00 34.20
N LYS A 767 -39.86 -6.90 33.33
CA LYS A 767 -39.15 -6.45 32.13
C LYS A 767 -40.08 -5.69 31.20
N SER A 768 -41.27 -6.26 30.93
CA SER A 768 -42.20 -5.60 30.03
C SER A 768 -42.63 -4.25 30.59
N GLY A 769 -42.90 -4.18 31.89
CA GLY A 769 -43.23 -2.90 32.49
C GLY A 769 -42.10 -1.90 32.40
N PHE A 770 -40.85 -2.37 32.56
CA PHE A 770 -39.71 -1.48 32.49
C PHE A 770 -39.56 -0.87 31.09
N THR A 771 -39.62 -1.72 30.06
CA THR A 771 -39.53 -1.20 28.69
C THR A 771 -40.71 -0.29 28.37
N ARG A 772 -41.91 -0.67 28.79
CA ARG A 772 -43.08 0.16 28.49
C ARG A 772 -42.98 1.52 29.17
N LYS A 773 -42.57 1.55 30.43
CA LYS A 773 -42.42 2.81 31.14
C LYS A 773 -41.35 3.68 30.52
N TYR A 774 -40.21 3.08 30.14
CA TYR A 774 -39.16 3.87 29.51
C TYR A 774 -39.62 4.45 28.17
N ASN A 775 -40.34 3.63 27.38
CA ASN A 775 -40.82 4.11 26.09
C ASN A 775 -41.83 5.23 26.25
N SER A 776 -42.72 5.12 27.24
CA SER A 776 -43.71 6.17 27.45
C SER A 776 -43.08 7.41 28.07
N MET A 777 -41.95 7.26 28.75
CA MET A 777 -41.32 8.40 29.43
C MET A 777 -40.88 9.47 28.45
N THR A 778 -40.14 9.08 27.42
CA THR A 778 -39.56 10.00 26.43
C THR A 778 -38.66 11.04 27.10
N THR B 4 34.39 5.21 -26.06
CA THR B 4 34.14 5.32 -27.50
C THR B 4 32.65 5.26 -27.81
N LEU B 5 32.30 5.51 -29.08
CA LEU B 5 30.89 5.61 -29.46
C LEU B 5 30.20 4.26 -29.41
N SER B 6 30.81 3.23 -29.98
CA SER B 6 30.19 1.92 -30.11
C SER B 6 30.78 0.95 -29.09
N LEU B 7 29.97 -0.04 -28.71
CA LEU B 7 30.37 -1.06 -27.76
C LEU B 7 30.17 -2.44 -28.36
N GLN B 8 31.01 -3.38 -27.93
CA GLN B 8 30.92 -4.76 -28.37
C GLN B 8 29.84 -5.51 -27.58
N LEU B 9 29.40 -6.63 -28.15
CA LEU B 9 28.41 -7.45 -27.47
C LEU B 9 29.02 -8.10 -26.24
N PRO B 10 28.30 -8.18 -25.12
CA PRO B 10 28.76 -9.02 -24.02
C PRO B 10 28.81 -10.48 -24.46
N TRP B 11 29.78 -11.21 -23.91
CA TRP B 11 29.91 -12.63 -24.24
C TRP B 11 28.71 -13.42 -23.75
N VAL B 12 27.97 -12.89 -22.79
CA VAL B 12 26.75 -13.53 -22.33
C VAL B 12 25.72 -13.57 -23.46
N GLU B 13 25.55 -12.45 -24.17
CA GLU B 13 24.58 -12.41 -25.25
C GLU B 13 25.19 -12.86 -26.58
N LYS B 14 26.46 -12.56 -26.82
CA LYS B 14 27.10 -12.97 -28.07
C LYS B 14 27.19 -14.49 -28.16
N TYR B 15 27.54 -15.16 -27.06
CA TYR B 15 27.68 -16.60 -27.03
C TYR B 15 26.47 -17.30 -26.42
N ARG B 16 25.31 -16.65 -26.47
CA ARG B 16 24.08 -17.30 -26.03
C ARG B 16 23.81 -18.51 -26.93
N PRO B 17 23.48 -19.67 -26.34
CA PRO B 17 23.19 -20.84 -27.18
C PRO B 17 22.03 -20.57 -28.13
N GLN B 18 22.29 -20.82 -29.42
CA GLN B 18 21.28 -20.65 -30.45
C GLN B 18 20.65 -21.98 -30.88
N VAL B 19 21.22 -23.11 -30.46
CA VAL B 19 20.64 -24.42 -30.66
C VAL B 19 20.57 -25.11 -29.31
N LEU B 20 19.65 -26.08 -29.20
CA LEU B 20 19.40 -26.71 -27.91
C LEU B 20 20.57 -27.57 -27.44
N SER B 21 21.45 -28.01 -28.36
CA SER B 21 22.56 -28.86 -27.95
C SER B 21 23.62 -28.09 -27.17
N ASP B 22 23.72 -26.77 -27.38
CA ASP B 22 24.77 -26.00 -26.74
C ASP B 22 24.56 -25.88 -25.23
N ILE B 23 23.31 -25.96 -24.78
CA ILE B 23 23.03 -25.88 -23.35
C ILE B 23 23.63 -27.09 -22.65
N VAL B 24 24.40 -26.84 -21.60
CA VAL B 24 25.25 -27.85 -20.98
C VAL B 24 24.53 -28.60 -19.86
N GLY B 25 24.00 -27.88 -18.88
CA GLY B 25 23.47 -28.49 -17.68
C GLY B 25 22.05 -28.99 -17.84
N ASN B 26 21.59 -29.72 -16.82
CA ASN B 26 20.25 -30.30 -16.79
C ASN B 26 19.98 -31.13 -18.04
N LYS B 27 20.76 -32.21 -18.18
CA LYS B 27 20.79 -32.95 -19.44
C LYS B 27 19.44 -33.59 -19.76
N GLU B 28 18.76 -34.15 -18.75
CA GLU B 28 17.53 -34.88 -19.02
C GLU B 28 16.45 -33.98 -19.60
N THR B 29 16.24 -32.81 -18.98
CA THR B 29 15.23 -31.90 -19.47
C THR B 29 15.57 -31.40 -20.88
N ILE B 30 16.84 -31.11 -21.14
CA ILE B 30 17.24 -30.62 -22.45
C ILE B 30 17.04 -31.69 -23.52
N ASP B 31 17.39 -32.94 -23.21
CA ASP B 31 17.14 -34.03 -24.16
C ASP B 31 15.64 -34.21 -24.41
N ARG B 32 14.82 -34.09 -23.37
CA ARG B 32 13.38 -34.16 -23.57
C ARG B 32 12.90 -33.03 -24.47
N LEU B 33 13.43 -31.81 -24.26
CA LEU B 33 13.05 -30.68 -25.11
C LEU B 33 13.50 -30.87 -26.55
N GLN B 34 14.65 -31.50 -26.78
CA GLN B 34 15.08 -31.85 -28.12
C GLN B 34 14.16 -32.89 -28.75
N GLN B 35 13.72 -33.87 -27.97
CA GLN B 35 12.79 -34.86 -28.49
C GLN B 35 11.44 -34.21 -28.86
N ILE B 36 10.95 -33.30 -28.03
CA ILE B 36 9.74 -32.56 -28.40
C ILE B 36 10.02 -31.67 -29.60
N ALA B 37 11.22 -31.12 -29.68
CA ALA B 37 11.58 -30.29 -30.82
C ALA B 37 11.50 -31.08 -32.13
N LYS B 38 12.00 -32.31 -32.12
CA LYS B 38 11.96 -33.13 -33.33
C LYS B 38 10.55 -33.65 -33.61
N ASP B 39 9.89 -34.21 -32.59
CA ASP B 39 8.58 -34.82 -32.79
C ASP B 39 7.48 -33.78 -32.96
N GLY B 40 7.49 -32.74 -32.12
CA GLY B 40 6.43 -31.77 -32.08
C GLY B 40 5.49 -32.00 -30.91
N ASN B 41 4.35 -31.31 -30.96
CA ASN B 41 3.32 -31.41 -29.93
C ASN B 41 3.88 -31.08 -28.55
N MET B 42 4.33 -29.84 -28.39
CA MET B 42 4.89 -29.45 -27.10
C MET B 42 3.76 -29.13 -26.13
N PRO B 43 3.75 -29.75 -24.94
CA PRO B 43 2.72 -29.42 -23.96
C PRO B 43 3.04 -28.11 -23.26
N HIS B 44 2.03 -27.60 -22.54
CA HIS B 44 2.25 -26.44 -21.69
C HIS B 44 3.29 -26.79 -20.64
N MET B 45 4.17 -25.83 -20.34
CA MET B 45 5.29 -26.10 -19.45
C MET B 45 5.57 -24.89 -18.55
N ILE B 46 6.12 -25.19 -17.38
CA ILE B 46 6.63 -24.19 -16.45
C ILE B 46 8.08 -24.56 -16.15
N ILE B 47 9.00 -23.65 -16.47
CA ILE B 47 10.43 -23.86 -16.30
C ILE B 47 10.86 -23.08 -15.07
N SER B 48 11.32 -23.79 -14.04
CA SER B 48 11.71 -23.13 -12.80
C SER B 48 13.13 -23.53 -12.41
N GLY B 49 13.77 -22.65 -11.66
CA GLY B 49 15.14 -22.87 -11.21
C GLY B 49 15.73 -21.58 -10.64
N MET B 50 17.06 -21.57 -10.59
CA MET B 50 17.84 -20.44 -10.09
C MET B 50 18.31 -19.57 -11.25
N PRO B 51 18.68 -18.31 -10.97
CA PRO B 51 19.14 -17.43 -12.06
C PRO B 51 20.36 -17.99 -12.76
N GLY B 52 20.39 -17.80 -14.08
CA GLY B 52 21.55 -18.16 -14.89
C GLY B 52 21.87 -19.63 -15.00
N ILE B 53 20.86 -20.48 -15.23
CA ILE B 53 21.11 -21.88 -15.54
C ILE B 53 20.45 -22.23 -16.87
N GLY B 54 20.16 -21.21 -17.67
CA GLY B 54 19.61 -21.43 -19.00
C GLY B 54 18.16 -21.86 -19.01
N LYS B 55 17.26 -20.97 -18.59
CA LYS B 55 15.82 -21.20 -18.68
C LYS B 55 15.21 -20.45 -19.86
N THR B 56 15.52 -19.16 -19.98
CA THR B 56 15.08 -18.39 -21.13
C THR B 56 15.70 -18.91 -22.42
N THR B 57 17.00 -19.25 -22.37
CA THR B 57 17.68 -19.77 -23.55
C THR B 57 17.08 -21.09 -24.00
N SER B 58 16.76 -21.97 -23.05
CA SER B 58 16.18 -23.26 -23.40
C SER B 58 14.84 -23.08 -24.11
N VAL B 59 13.97 -22.23 -23.56
CA VAL B 59 12.65 -22.06 -24.15
C VAL B 59 12.78 -21.39 -25.52
N HIS B 60 13.77 -20.50 -25.69
CA HIS B 60 13.91 -19.86 -26.99
C HIS B 60 14.48 -20.80 -28.04
N CYS B 61 15.46 -21.62 -27.66
CA CYS B 61 15.94 -22.64 -28.60
C CYS B 61 14.81 -23.57 -29.01
N LEU B 62 14.02 -24.02 -28.03
CA LEU B 62 12.88 -24.89 -28.32
C LEU B 62 11.89 -24.22 -29.26
N ALA B 63 11.52 -22.96 -28.96
CA ALA B 63 10.54 -22.26 -29.79
C ALA B 63 11.05 -22.07 -31.20
N HIS B 64 12.30 -21.64 -31.35
CA HIS B 64 12.87 -21.43 -32.68
C HIS B 64 12.89 -22.73 -33.47
N GLU B 65 13.37 -23.82 -32.84
CA GLU B 65 13.47 -25.09 -33.56
C GLU B 65 12.10 -25.63 -33.93
N LEU B 66 11.11 -25.47 -33.04
CA LEU B 66 9.75 -25.89 -33.37
C LEU B 66 9.18 -25.10 -34.53
N LEU B 67 9.26 -23.77 -34.45
CA LEU B 67 8.48 -22.95 -35.37
C LEU B 67 9.22 -22.61 -36.66
N GLY B 68 10.50 -22.94 -36.77
CA GLY B 68 11.19 -22.73 -38.03
C GLY B 68 11.18 -21.27 -38.43
N ARG B 69 10.76 -21.01 -39.66
CA ARG B 69 10.67 -19.66 -40.19
C ARG B 69 9.47 -18.89 -39.63
N SER B 70 8.56 -19.55 -38.93
CA SER B 70 7.35 -18.92 -38.41
C SER B 70 7.52 -18.37 -37.01
N TYR B 71 8.76 -18.15 -36.56
CA TYR B 71 8.98 -17.60 -35.22
C TYR B 71 8.46 -16.17 -35.11
N ALA B 72 8.45 -15.43 -36.22
CA ALA B 72 8.03 -14.03 -36.17
C ALA B 72 6.57 -13.89 -35.77
N ASP B 73 5.70 -14.77 -36.28
CA ASP B 73 4.28 -14.67 -36.04
C ASP B 73 3.74 -15.66 -35.01
N GLY B 74 4.32 -16.86 -34.93
CA GLY B 74 3.76 -17.88 -34.06
C GLY B 74 4.17 -17.73 -32.61
N VAL B 75 5.25 -17.01 -32.35
CA VAL B 75 5.79 -16.86 -31.01
C VAL B 75 5.47 -15.45 -30.49
N LEU B 76 4.93 -15.40 -29.28
CA LEU B 76 4.60 -14.13 -28.63
C LEU B 76 5.42 -14.02 -27.35
N GLU B 77 6.29 -13.02 -27.29
CA GLU B 77 7.01 -12.66 -26.07
C GLU B 77 6.11 -11.81 -25.18
N LEU B 78 6.07 -12.16 -23.90
CA LEU B 78 5.58 -11.27 -22.86
C LEU B 78 6.56 -11.32 -21.69
N ASN B 79 7.08 -10.16 -21.31
CA ASN B 79 8.08 -10.06 -20.26
C ASN B 79 7.57 -9.20 -19.13
N ALA B 80 8.27 -9.28 -17.99
CA ALA B 80 7.93 -8.46 -16.83
C ALA B 80 8.06 -6.97 -17.15
N SER B 81 8.91 -6.61 -18.11
CA SER B 81 9.04 -5.22 -18.52
C SER B 81 7.76 -4.69 -19.16
N ASP B 82 6.93 -5.57 -19.70
CA ASP B 82 5.67 -5.18 -20.31
C ASP B 82 4.56 -5.17 -19.27
N ASP B 83 3.37 -4.75 -19.69
CA ASP B 83 2.20 -4.76 -18.83
C ASP B 83 1.56 -6.14 -18.93
N ARG B 84 1.65 -6.93 -17.86
CA ARG B 84 1.15 -8.30 -17.85
C ARG B 84 0.01 -8.48 -16.86
N GLY B 85 -0.86 -7.48 -16.72
CA GLY B 85 -2.05 -7.61 -15.91
C GLY B 85 -3.11 -8.45 -16.60
N ILE B 86 -4.31 -8.43 -16.02
CA ILE B 86 -5.43 -9.15 -16.61
C ILE B 86 -5.76 -8.59 -17.99
N ASP B 87 -5.41 -7.32 -18.24
CA ASP B 87 -5.68 -6.70 -19.54
C ASP B 87 -4.98 -7.42 -20.67
N VAL B 88 -3.71 -7.80 -20.47
CA VAL B 88 -2.96 -8.46 -21.54
C VAL B 88 -3.55 -9.83 -21.82
N VAL B 89 -4.10 -10.49 -20.81
CA VAL B 89 -4.76 -11.77 -21.01
C VAL B 89 -6.07 -11.57 -21.78
N ARG B 90 -6.82 -10.53 -21.43
CA ARG B 90 -8.09 -10.27 -22.12
C ARG B 90 -7.86 -9.80 -23.56
N ASN B 91 -6.91 -8.89 -23.77
CA ASN B 91 -6.81 -8.21 -25.05
C ASN B 91 -5.70 -8.84 -25.87
N GLN B 92 -4.45 -8.87 -25.40
CA GLN B 92 -3.35 -9.30 -26.25
C GLN B 92 -3.26 -10.82 -26.35
N ILE B 93 -3.25 -11.51 -25.21
CA ILE B 93 -3.09 -12.96 -25.21
C ILE B 93 -4.27 -13.65 -25.87
N LYS B 94 -5.50 -13.22 -25.56
CA LYS B 94 -6.68 -13.85 -26.15
C LYS B 94 -6.73 -13.64 -27.65
N HIS B 95 -6.44 -12.42 -28.12
CA HIS B 95 -6.45 -12.17 -29.56
C HIS B 95 -5.34 -12.94 -30.26
N PHE B 96 -4.15 -13.02 -29.67
CA PHE B 96 -3.07 -13.79 -30.26
C PHE B 96 -3.43 -15.27 -30.33
N ALA B 97 -4.10 -15.79 -29.31
CA ALA B 97 -4.46 -17.20 -29.31
C ALA B 97 -5.61 -17.49 -30.27
N GLN B 98 -6.51 -16.53 -30.48
CA GLN B 98 -7.60 -16.73 -31.45
C GLN B 98 -7.13 -16.58 -32.89
N LYS B 99 -5.91 -16.07 -33.12
CA LYS B 99 -5.45 -15.81 -34.48
C LYS B 99 -5.32 -17.11 -35.26
N LYS B 100 -5.55 -17.01 -36.57
CA LYS B 100 -5.39 -18.13 -37.49
C LYS B 100 -4.03 -18.06 -38.14
N LEU B 101 -3.32 -19.20 -38.15
CA LEU B 101 -1.98 -19.25 -38.70
C LEU B 101 -1.66 -20.69 -39.09
N HIS B 102 -1.24 -20.88 -40.34
CA HIS B 102 -0.98 -22.20 -40.89
C HIS B 102 0.47 -22.58 -40.61
N LEU B 103 0.66 -23.68 -39.87
CA LEU B 103 1.96 -24.11 -39.39
C LEU B 103 2.28 -25.52 -39.86
N PRO B 104 3.52 -25.97 -39.73
CA PRO B 104 3.85 -27.38 -39.95
C PRO B 104 2.90 -28.29 -39.19
N PRO B 105 2.76 -29.54 -39.62
CA PRO B 105 1.67 -30.39 -39.09
C PRO B 105 1.70 -30.58 -37.58
N GLY B 106 2.88 -30.65 -36.96
CA GLY B 106 2.96 -30.91 -35.54
C GLY B 106 3.07 -29.66 -34.68
N LYS B 107 3.67 -28.61 -35.22
CA LYS B 107 3.97 -27.43 -34.42
C LYS B 107 2.72 -26.56 -34.22
N HIS B 108 2.72 -25.80 -33.13
CA HIS B 108 1.65 -24.88 -32.81
C HIS B 108 2.25 -23.54 -32.40
N LYS B 109 1.39 -22.52 -32.33
CA LYS B 109 1.82 -21.21 -31.87
C LYS B 109 2.23 -21.28 -30.41
N ILE B 110 3.20 -20.43 -30.03
CA ILE B 110 3.87 -20.53 -28.74
C ILE B 110 3.81 -19.17 -28.06
N VAL B 111 3.36 -19.16 -26.80
CA VAL B 111 3.38 -17.97 -25.98
C VAL B 111 4.46 -18.14 -24.92
N ILE B 112 5.48 -17.29 -24.95
CA ILE B 112 6.58 -17.34 -24.00
C ILE B 112 6.39 -16.18 -23.02
N LEU B 113 6.09 -16.50 -21.77
CA LEU B 113 5.86 -15.54 -20.71
C LEU B 113 7.06 -15.59 -19.77
N ASP B 114 8.08 -14.80 -20.10
CA ASP B 114 9.29 -14.77 -19.29
C ASP B 114 9.05 -13.94 -18.03
N GLU B 115 9.78 -14.31 -16.95
CA GLU B 115 9.54 -13.74 -15.62
C GLU B 115 8.08 -13.87 -15.21
N ALA B 116 7.51 -15.07 -15.40
CA ALA B 116 6.09 -15.29 -15.16
C ALA B 116 5.71 -15.27 -13.69
N ASP B 117 6.69 -15.28 -12.78
CA ASP B 117 6.38 -15.28 -11.35
C ASP B 117 5.74 -13.97 -10.89
N SER B 118 5.91 -12.89 -11.65
CA SER B 118 5.40 -11.58 -11.27
C SER B 118 4.02 -11.30 -11.84
N MET B 119 3.42 -12.27 -12.52
CA MET B 119 2.08 -12.08 -13.06
C MET B 119 1.07 -11.91 -11.92
N THR B 120 0.15 -10.97 -12.09
CA THR B 120 -0.84 -10.69 -11.07
C THR B 120 -1.77 -11.90 -10.89
N ALA B 121 -2.34 -12.01 -9.69
CA ALA B 121 -3.23 -13.13 -9.39
C ALA B 121 -4.44 -13.12 -10.33
N GLY B 122 -4.99 -11.94 -10.60
CA GLY B 122 -6.11 -11.85 -11.54
C GLY B 122 -5.74 -12.32 -12.93
N ALA B 123 -4.57 -11.89 -13.43
CA ALA B 123 -4.13 -12.32 -14.75
C ALA B 123 -3.86 -13.83 -14.78
N GLN B 124 -3.25 -14.35 -13.72
CA GLN B 124 -2.97 -15.79 -13.66
C GLN B 124 -4.26 -16.60 -13.67
N GLN B 125 -5.26 -16.14 -12.90
CA GLN B 125 -6.55 -16.82 -12.88
C GLN B 125 -7.27 -16.71 -14.22
N ALA B 126 -7.18 -15.54 -14.87
CA ALA B 126 -7.84 -15.37 -16.16
C ALA B 126 -7.19 -16.23 -17.24
N LEU B 127 -5.88 -16.48 -17.13
CA LEU B 127 -5.19 -17.31 -18.10
C LEU B 127 -5.62 -18.77 -18.05
N ARG B 128 -6.33 -19.18 -16.99
CA ARG B 128 -6.64 -20.60 -16.81
C ARG B 128 -7.51 -21.13 -17.95
N ARG B 129 -8.53 -20.38 -18.35
CA ARG B 129 -9.41 -20.82 -19.43
C ARG B 129 -8.85 -20.52 -20.81
N THR B 130 -8.08 -19.45 -20.97
CA THR B 130 -7.38 -19.22 -22.23
C THR B 130 -6.39 -20.33 -22.52
N MET B 131 -5.85 -20.95 -21.47
CA MET B 131 -4.92 -22.07 -21.64
C MET B 131 -5.62 -23.28 -22.24
N GLU B 132 -6.85 -23.58 -21.79
CA GLU B 132 -7.54 -24.80 -22.17
C GLU B 132 -8.37 -24.64 -23.43
N LEU B 133 -9.11 -23.53 -23.57
CA LEU B 133 -10.02 -23.38 -24.69
C LEU B 133 -9.28 -23.39 -26.02
N TYR B 134 -8.13 -22.71 -26.08
CA TYR B 134 -7.38 -22.52 -27.32
C TYR B 134 -6.11 -23.36 -27.35
N SER B 135 -6.09 -24.49 -26.64
CA SER B 135 -4.89 -25.31 -26.58
C SER B 135 -4.61 -26.01 -27.90
N ASN B 136 -5.64 -26.19 -28.73
CA ASN B 136 -5.45 -26.87 -30.01
C ASN B 136 -4.52 -26.08 -30.93
N SER B 137 -4.47 -24.76 -30.77
CA SER B 137 -3.70 -23.90 -31.66
C SER B 137 -2.47 -23.29 -30.99
N THR B 138 -2.57 -22.97 -29.69
CA THR B 138 -1.50 -22.28 -28.98
C THR B 138 -1.08 -23.09 -27.77
N ARG B 139 0.22 -23.07 -27.47
CA ARG B 139 0.78 -23.72 -26.29
C ARG B 139 1.53 -22.69 -25.47
N PHE B 140 1.15 -22.55 -24.21
CA PHE B 140 1.77 -21.55 -23.33
C PHE B 140 3.02 -22.13 -22.65
N ALA B 141 4.04 -21.28 -22.51
CA ALA B 141 5.27 -21.64 -21.82
C ALA B 141 5.59 -20.56 -20.81
N PHE B 142 5.87 -20.97 -19.57
CA PHE B 142 6.23 -20.05 -18.50
C PHE B 142 7.66 -20.31 -18.08
N ALA B 143 8.38 -19.24 -17.75
CA ALA B 143 9.70 -19.35 -17.15
C ALA B 143 9.76 -18.44 -15.93
N CYS B 144 10.15 -19.00 -14.79
CA CYS B 144 10.14 -18.23 -13.55
C CYS B 144 11.17 -18.78 -12.60
N ASN B 145 11.67 -17.91 -11.71
CA ASN B 145 12.60 -18.36 -10.68
C ASN B 145 11.89 -19.17 -9.61
N GLN B 146 10.72 -18.71 -9.18
CA GLN B 146 9.95 -19.35 -8.12
C GLN B 146 8.68 -19.94 -8.71
N SER B 147 8.51 -21.25 -8.57
CA SER B 147 7.29 -21.91 -9.00
C SER B 147 6.15 -21.76 -7.99
N ASN B 148 6.46 -21.31 -6.77
CA ASN B 148 5.42 -21.15 -5.76
C ASN B 148 4.51 -19.96 -6.07
N LYS B 149 5.02 -18.95 -6.75
CA LYS B 149 4.22 -17.77 -7.07
C LYS B 149 3.13 -18.06 -8.09
N ILE B 150 3.32 -19.06 -8.94
CA ILE B 150 2.31 -19.41 -9.93
C ILE B 150 1.23 -20.25 -9.27
N ILE B 151 -0.03 -19.90 -9.51
CA ILE B 151 -1.14 -20.55 -8.83
C ILE B 151 -1.20 -22.04 -9.19
N GLU B 152 -1.68 -22.84 -8.23
CA GLU B 152 -1.81 -24.27 -8.46
C GLU B 152 -2.71 -24.63 -9.64
N PRO B 153 -3.87 -23.98 -9.86
CA PRO B 153 -4.64 -24.31 -11.08
C PRO B 153 -3.84 -24.16 -12.36
N LEU B 154 -2.99 -23.14 -12.46
CA LEU B 154 -2.13 -23.02 -13.63
C LEU B 154 -1.06 -24.12 -13.65
N GLN B 155 -0.49 -24.44 -12.49
CA GLN B 155 0.53 -25.48 -12.41
C GLN B 155 -0.03 -26.83 -12.85
N SER B 156 -1.32 -27.06 -12.63
CA SER B 156 -1.92 -28.35 -12.98
C SER B 156 -1.92 -28.58 -14.48
N ARG B 157 -2.17 -27.52 -15.27
CA ARG B 157 -2.40 -27.68 -16.70
C ARG B 157 -1.12 -27.84 -17.50
N CYS B 158 0.05 -27.69 -16.88
CA CYS B 158 1.31 -27.66 -17.62
C CYS B 158 2.30 -28.66 -17.02
N ALA B 159 3.27 -29.06 -17.86
CA ALA B 159 4.34 -29.91 -17.40
C ALA B 159 5.35 -29.10 -16.60
N ILE B 160 5.70 -29.59 -15.41
CA ILE B 160 6.60 -28.87 -14.51
C ILE B 160 8.01 -29.37 -14.78
N LEU B 161 8.86 -28.50 -15.34
CA LEU B 161 10.27 -28.81 -15.52
C LEU B 161 11.07 -27.92 -14.58
N ARG B 162 11.80 -28.55 -13.68
CA ARG B 162 12.60 -27.86 -12.68
C ARG B 162 14.08 -28.02 -13.01
N TYR B 163 14.74 -26.90 -13.23
CA TYR B 163 16.16 -26.86 -13.52
C TYR B 163 16.96 -26.75 -12.22
N SER B 164 18.18 -27.25 -12.26
CA SER B 164 19.03 -27.31 -11.09
C SER B 164 20.30 -26.51 -11.33
N LYS B 165 21.01 -26.21 -10.24
CA LYS B 165 22.26 -25.48 -10.34
C LYS B 165 23.27 -26.29 -11.14
N LEU B 166 24.10 -25.59 -11.92
CA LEU B 166 25.04 -26.22 -12.82
C LEU B 166 26.26 -26.70 -12.05
N SER B 167 26.64 -27.95 -12.28
CA SER B 167 27.84 -28.50 -11.67
C SER B 167 29.07 -27.81 -12.22
N ASP B 168 30.14 -27.81 -11.42
CA ASP B 168 31.37 -27.12 -11.81
C ASP B 168 31.92 -27.65 -13.14
N GLU B 169 31.72 -28.94 -13.40
CA GLU B 169 32.25 -29.53 -14.63
C GLU B 169 31.61 -28.90 -15.87
N ASP B 170 30.29 -28.73 -15.87
CA ASP B 170 29.61 -28.18 -17.04
C ASP B 170 29.99 -26.71 -17.25
N VAL B 171 30.11 -25.95 -16.17
CA VAL B 171 30.56 -24.56 -16.27
C VAL B 171 31.98 -24.53 -16.84
N LEU B 172 32.84 -25.44 -16.39
CA LEU B 172 34.20 -25.49 -16.92
C LEU B 172 34.20 -25.82 -18.41
N LYS B 173 33.35 -26.75 -18.84
CA LYS B 173 33.27 -27.08 -20.26
C LYS B 173 32.84 -25.88 -21.08
N ARG B 174 31.76 -25.20 -20.67
CA ARG B 174 31.28 -24.05 -21.42
C ARG B 174 32.31 -22.93 -21.45
N LEU B 175 32.96 -22.68 -20.31
CA LEU B 175 33.98 -21.63 -20.25
C LEU B 175 35.19 -21.99 -21.11
N LEU B 176 35.55 -23.28 -21.15
CA LEU B 176 36.63 -23.70 -22.02
C LEU B 176 36.28 -23.50 -23.49
N GLN B 177 35.04 -23.79 -23.86
CA GLN B 177 34.61 -23.54 -25.24
C GLN B 177 34.70 -22.05 -25.57
N ILE B 178 34.19 -21.19 -24.68
CA ILE B 178 34.28 -19.75 -24.92
C ILE B 178 35.73 -19.30 -24.96
N ILE B 179 36.57 -19.90 -24.13
CA ILE B 179 38.01 -19.59 -24.10
C ILE B 179 38.63 -19.88 -25.45
N LYS B 180 38.29 -21.05 -26.01
CA LYS B 180 38.85 -21.43 -27.32
C LYS B 180 38.35 -20.51 -28.43
N LEU B 181 37.06 -20.20 -28.46
CA LEU B 181 36.54 -19.34 -29.51
C LEU B 181 37.13 -17.93 -29.42
N GLU B 182 37.31 -17.40 -28.21
CA GLU B 182 37.79 -16.02 -28.06
C GLU B 182 39.28 -15.91 -27.84
N ASP B 183 40.02 -17.02 -27.88
CA ASP B 183 41.49 -17.00 -27.83
C ASP B 183 42.00 -16.27 -26.59
N VAL B 184 41.41 -16.56 -25.43
CA VAL B 184 41.84 -15.90 -24.20
C VAL B 184 42.88 -16.76 -23.49
N LYS B 185 43.91 -16.09 -22.97
CA LYS B 185 44.96 -16.73 -22.18
C LYS B 185 44.43 -16.99 -20.77
N TYR B 186 44.72 -18.18 -20.25
CA TYR B 186 44.12 -18.59 -18.98
C TYR B 186 45.10 -19.47 -18.22
N THR B 187 44.84 -19.60 -16.93
CA THR B 187 45.49 -20.58 -16.07
C THR B 187 44.40 -21.39 -15.36
N ASN B 188 44.73 -22.65 -15.03
CA ASN B 188 43.76 -23.52 -14.37
C ASN B 188 43.27 -22.92 -13.06
N ASP B 189 44.17 -22.28 -12.31
CA ASP B 189 43.78 -21.64 -11.06
C ASP B 189 42.77 -20.52 -11.31
N GLY B 190 42.97 -19.73 -12.36
CA GLY B 190 42.04 -18.66 -12.67
C GLY B 190 40.65 -19.19 -13.04
N LEU B 191 40.61 -20.24 -13.87
CA LEU B 191 39.32 -20.84 -14.22
C LEU B 191 38.63 -21.41 -12.99
N GLU B 192 39.38 -22.10 -12.12
CA GLU B 192 38.80 -22.66 -10.91
C GLU B 192 38.25 -21.56 -10.01
N ALA B 193 38.98 -20.46 -9.88
CA ALA B 193 38.49 -19.33 -9.10
C ALA B 193 37.23 -18.74 -9.71
N ILE B 194 37.15 -18.69 -11.04
CA ILE B 194 35.97 -18.16 -11.71
C ILE B 194 34.75 -19.03 -11.41
N ILE B 195 34.91 -20.35 -11.52
CA ILE B 195 33.80 -21.26 -11.20
C ILE B 195 33.41 -21.11 -9.74
N PHE B 196 34.40 -21.00 -8.84
CA PHE B 196 34.11 -20.89 -7.42
C PHE B 196 33.33 -19.62 -7.11
N THR B 197 33.74 -18.50 -7.71
CA THR B 197 33.03 -17.25 -7.47
C THR B 197 31.65 -17.25 -8.10
N ALA B 198 31.49 -17.91 -9.24
CA ALA B 198 30.19 -17.95 -9.91
C ALA B 198 29.17 -18.73 -9.09
N GLU B 199 29.61 -19.82 -8.43
CA GLU B 199 28.74 -20.68 -7.63
C GLU B 199 27.60 -21.24 -8.47
N GLY B 200 27.95 -21.78 -9.64
CA GLY B 200 26.99 -22.42 -10.52
C GLY B 200 26.24 -21.48 -11.45
N ASP B 201 26.27 -20.17 -11.19
CA ASP B 201 25.61 -19.19 -12.04
C ASP B 201 26.48 -19.00 -13.27
N MET B 202 26.08 -19.63 -14.38
CA MET B 202 26.88 -19.57 -15.61
C MET B 202 26.93 -18.15 -16.16
N ARG B 203 25.83 -17.40 -16.03
CA ARG B 203 25.84 -16.00 -16.45
C ARG B 203 26.92 -15.21 -15.73
N GLN B 204 26.99 -15.35 -14.40
CA GLN B 204 28.02 -14.65 -13.65
C GLN B 204 29.40 -15.17 -14.01
N ALA B 205 29.52 -16.47 -14.30
CA ALA B 205 30.80 -17.02 -14.70
C ALA B 205 31.31 -16.36 -15.98
N ILE B 206 30.46 -16.28 -17.00
CA ILE B 206 30.87 -15.67 -18.27
C ILE B 206 31.13 -14.18 -18.10
N ASN B 207 30.28 -13.50 -17.32
CA ASN B 207 30.47 -12.07 -17.12
C ASN B 207 31.78 -11.78 -16.40
N ASN B 208 32.08 -12.56 -15.34
CA ASN B 208 33.32 -12.38 -14.61
C ASN B 208 34.53 -12.72 -15.47
N LEU B 209 34.42 -13.77 -16.31
CA LEU B 209 35.51 -14.11 -17.20
C LEU B 209 35.80 -12.98 -18.17
N GLN B 210 34.75 -12.43 -18.80
CA GLN B 210 34.94 -11.34 -19.75
C GLN B 210 35.50 -10.11 -19.06
N SER B 211 35.01 -9.80 -17.87
CA SER B 211 35.52 -8.64 -17.13
C SER B 211 36.98 -8.82 -16.75
N THR B 212 37.36 -10.03 -16.33
CA THR B 212 38.75 -10.31 -15.99
C THR B 212 39.64 -10.16 -17.21
N VAL B 213 39.19 -10.66 -18.36
CA VAL B 213 39.98 -10.55 -19.59
C VAL B 213 40.14 -9.09 -19.98
N ALA B 214 39.07 -8.31 -19.86
CA ALA B 214 39.12 -6.91 -20.27
C ALA B 214 40.00 -6.09 -19.34
N GLY B 215 39.83 -6.27 -18.03
CA GLY B 215 40.54 -5.41 -17.08
C GLY B 215 42.03 -5.72 -16.98
N HIS B 216 42.38 -6.99 -16.97
CA HIS B 216 43.76 -7.40 -16.68
C HIS B 216 44.43 -8.17 -17.81
N GLY B 217 43.68 -8.91 -18.62
CA GLY B 217 44.20 -9.55 -19.81
C GLY B 217 44.55 -11.01 -19.65
N LEU B 218 44.75 -11.48 -18.42
CA LEU B 218 45.10 -12.88 -18.16
C LEU B 218 44.16 -13.43 -17.12
N VAL B 219 43.64 -14.63 -17.35
CA VAL B 219 42.76 -15.27 -16.39
C VAL B 219 43.66 -16.02 -15.41
N ASN B 220 44.01 -15.35 -14.31
CA ASN B 220 44.79 -15.93 -13.24
C ASN B 220 44.02 -15.77 -11.93
N ALA B 221 44.45 -16.53 -10.91
CA ALA B 221 43.78 -16.45 -9.61
C ALA B 221 43.85 -15.05 -9.04
N ASP B 222 45.03 -14.42 -9.10
CA ASP B 222 45.19 -13.08 -8.54
C ASP B 222 44.29 -12.08 -9.24
N ASN B 223 44.30 -12.08 -10.58
CA ASN B 223 43.50 -11.12 -11.33
C ASN B 223 42.01 -11.33 -11.11
N VAL B 224 41.57 -12.58 -11.14
CA VAL B 224 40.15 -12.89 -10.94
C VAL B 224 39.71 -12.47 -9.55
N PHE B 225 40.52 -12.75 -8.53
CA PHE B 225 40.16 -12.36 -7.17
C PHE B 225 40.22 -10.85 -6.99
N LYS B 226 41.06 -10.17 -7.76
CA LYS B 226 41.07 -8.71 -7.72
C LYS B 226 39.80 -8.13 -8.30
N ILE B 227 39.35 -8.64 -9.46
CA ILE B 227 38.18 -8.05 -10.11
C ILE B 227 36.89 -8.55 -9.47
N VAL B 228 36.90 -9.76 -8.92
CA VAL B 228 35.74 -10.34 -8.26
C VAL B 228 36.14 -10.72 -6.83
N ASP B 229 35.44 -10.16 -5.86
CA ASP B 229 35.75 -10.41 -4.46
C ASP B 229 35.44 -11.86 -4.08
N SER B 230 36.13 -12.34 -3.04
CA SER B 230 35.77 -13.60 -2.44
C SER B 230 34.38 -13.49 -1.83
N PRO B 231 33.59 -14.55 -1.83
CA PRO B 231 32.19 -14.45 -1.39
C PRO B 231 32.07 -13.94 0.03
N HIS B 232 31.14 -13.00 0.22
CA HIS B 232 30.81 -12.51 1.56
C HIS B 232 30.31 -13.60 2.49
N PRO B 233 29.42 -14.52 2.08
CA PRO B 233 28.98 -15.57 3.01
C PRO B 233 30.11 -16.43 3.53
N LEU B 234 31.18 -16.64 2.76
CA LEU B 234 32.28 -17.47 3.24
C LEU B 234 33.01 -16.82 4.40
N ILE B 235 33.35 -15.54 4.29
CA ILE B 235 34.00 -14.85 5.40
C ILE B 235 33.06 -14.73 6.58
N VAL B 236 31.76 -14.53 6.32
CA VAL B 236 30.79 -14.53 7.42
C VAL B 236 30.78 -15.87 8.15
N LYS B 237 30.76 -16.97 7.40
CA LYS B 237 30.77 -18.30 8.03
C LYS B 237 32.05 -18.53 8.82
N LYS B 238 33.19 -18.10 8.27
CA LYS B 238 34.45 -18.24 9.00
C LYS B 238 34.42 -17.44 10.30
N MET B 239 33.86 -16.23 10.26
CA MET B 239 33.79 -15.41 11.47
C MET B 239 32.87 -16.07 12.50
N LEU B 240 31.75 -16.64 12.04
CA LEU B 240 30.80 -17.26 12.96
C LEU B 240 31.38 -18.51 13.61
N LEU B 241 32.09 -19.33 12.85
CA LEU B 241 32.57 -20.63 13.30
C LEU B 241 33.97 -20.56 13.92
N ALA B 242 34.40 -19.38 14.37
CA ALA B 242 35.71 -19.25 14.96
C ALA B 242 35.78 -19.92 16.32
N SER B 243 36.96 -20.46 16.64
CA SER B 243 37.13 -21.16 17.91
C SER B 243 37.18 -20.18 19.09
N ASN B 244 37.90 -19.08 18.93
CA ASN B 244 38.09 -18.10 20.00
C ASN B 244 37.43 -16.79 19.63
N LEU B 245 37.02 -16.05 20.65
CA LEU B 245 36.35 -14.76 20.41
C LEU B 245 37.30 -13.78 19.73
N GLU B 246 38.56 -13.74 20.16
CA GLU B 246 39.49 -12.77 19.60
C GLU B 246 39.73 -13.00 18.12
N ASP B 247 39.82 -14.27 17.71
CA ASP B 247 39.98 -14.57 16.29
C ASP B 247 38.81 -14.06 15.47
N SER B 248 37.59 -14.32 15.95
CA SER B 248 36.39 -13.86 15.25
C SER B 248 36.31 -12.34 15.21
N ILE B 249 36.70 -11.69 16.30
CA ILE B 249 36.76 -10.22 16.31
C ILE B 249 37.75 -9.72 15.28
N GLN B 250 38.89 -10.40 15.14
CA GLN B 250 39.88 -10.01 14.15
C GLN B 250 39.33 -10.16 12.73
N ILE B 251 38.62 -11.27 12.47
CA ILE B 251 38.00 -11.45 11.15
C ILE B 251 37.00 -10.34 10.88
N LEU B 252 36.13 -10.04 11.85
CA LEU B 252 35.13 -8.99 11.66
C LEU B 252 35.79 -7.64 11.42
N ARG B 253 36.84 -7.33 12.17
CA ARG B 253 37.50 -6.04 12.04
C ARG B 253 38.19 -5.90 10.69
N THR B 254 38.98 -6.90 10.30
CA THR B 254 39.83 -6.76 9.12
C THR B 254 39.06 -7.07 7.83
N ASP B 255 38.40 -8.23 7.78
CA ASP B 255 37.83 -8.70 6.52
C ASP B 255 36.52 -8.00 6.18
N LEU B 256 35.77 -7.53 7.18
CA LEU B 256 34.43 -7.02 6.96
C LEU B 256 34.31 -5.52 7.25
N TRP B 257 34.66 -5.10 8.47
CA TRP B 257 34.45 -3.71 8.85
C TRP B 257 35.43 -2.79 8.13
N LYS B 258 36.71 -3.17 8.09
CA LYS B 258 37.71 -2.32 7.46
C LYS B 258 37.59 -2.34 5.94
N LYS B 259 37.01 -3.41 5.39
CA LYS B 259 36.88 -3.49 3.93
C LYS B 259 35.63 -2.79 3.40
N GLY B 260 34.76 -2.29 4.27
CA GLY B 260 33.66 -1.46 3.86
C GLY B 260 32.29 -2.10 3.83
N TYR B 261 32.14 -3.33 4.32
CA TYR B 261 30.83 -3.95 4.34
C TYR B 261 29.98 -3.34 5.45
N SER B 262 28.73 -3.00 5.11
CA SER B 262 27.83 -2.34 6.04
C SER B 262 27.29 -3.34 7.07
N SER B 263 26.94 -2.81 8.24
CA SER B 263 26.54 -3.64 9.37
C SER B 263 25.31 -4.47 9.04
N ILE B 264 24.34 -3.87 8.35
CA ILE B 264 23.14 -4.60 7.95
C ILE B 264 23.50 -5.81 7.11
N ASP B 265 24.45 -5.64 6.18
CA ASP B 265 24.88 -6.75 5.34
C ASP B 265 25.50 -7.87 6.17
N ILE B 266 26.38 -7.52 7.10
CA ILE B 266 26.99 -8.54 7.96
C ILE B 266 25.95 -9.28 8.78
N VAL B 267 25.00 -8.57 9.38
CA VAL B 267 23.99 -9.23 10.21
C VAL B 267 23.08 -10.13 9.38
N THR B 268 22.64 -9.66 8.22
CA THR B 268 21.76 -10.48 7.37
C THR B 268 22.49 -11.72 6.87
N THR B 269 23.74 -11.55 6.41
CA THR B 269 24.50 -12.69 5.95
C THR B 269 24.81 -13.65 7.09
N SER B 270 25.02 -13.14 8.31
CA SER B 270 25.21 -14.00 9.46
C SER B 270 23.96 -14.82 9.74
N PHE B 271 22.79 -14.19 9.67
CA PHE B 271 21.54 -14.93 9.86
C PHE B 271 21.38 -16.02 8.82
N ARG B 272 21.63 -15.69 7.55
CA ARG B 272 21.45 -16.68 6.49
C ARG B 272 22.45 -17.82 6.61
N VAL B 273 23.71 -17.52 6.92
CA VAL B 273 24.73 -18.54 7.10
C VAL B 273 24.37 -19.43 8.30
N THR B 274 23.87 -18.84 9.37
CA THR B 274 23.46 -19.62 10.53
C THR B 274 22.33 -20.58 10.19
N LYS B 275 21.30 -20.09 9.49
CA LYS B 275 20.16 -20.95 9.18
C LYS B 275 20.53 -22.00 8.12
N ASN B 276 21.55 -21.72 7.31
CA ASN B 276 22.00 -22.68 6.31
C ASN B 276 23.17 -23.53 6.79
N LEU B 277 23.66 -23.31 8.01
CA LEU B 277 24.76 -24.12 8.51
C LEU B 277 24.27 -25.51 8.88
N ALA B 278 25.15 -26.51 8.74
CA ALA B 278 24.79 -27.90 9.00
C ALA B 278 25.59 -28.56 10.11
N GLN B 279 26.86 -28.19 10.29
CA GLN B 279 27.66 -28.84 11.33
C GLN B 279 27.13 -28.54 12.73
N VAL B 280 26.71 -27.30 12.97
CA VAL B 280 26.21 -26.92 14.28
C VAL B 280 24.84 -27.54 14.50
N LYS B 281 24.62 -28.03 15.73
CA LYS B 281 23.34 -28.63 16.07
C LYS B 281 22.22 -27.58 16.01
N GLU B 282 20.99 -28.07 15.81
CA GLU B 282 19.87 -27.17 15.53
C GLU B 282 19.59 -26.25 16.71
N SER B 283 19.68 -26.75 17.94
CA SER B 283 19.40 -25.91 19.10
C SER B 283 20.38 -24.75 19.19
N VAL B 284 21.67 -25.04 19.06
CA VAL B 284 22.68 -23.98 19.11
C VAL B 284 22.47 -23.01 17.96
N ARG B 285 22.14 -23.52 16.77
CA ARG B 285 21.90 -22.65 15.63
C ARG B 285 20.73 -21.70 15.90
N LEU B 286 19.66 -22.22 16.51
CA LEU B 286 18.50 -21.40 16.82
C LEU B 286 18.83 -20.32 17.85
N GLU B 287 19.61 -20.66 18.88
CA GLU B 287 19.96 -19.65 19.88
C GLU B 287 20.87 -18.57 19.31
N MET B 288 21.85 -18.95 18.49
CA MET B 288 22.66 -17.94 17.81
C MET B 288 21.79 -17.11 16.87
N ILE B 289 20.81 -17.72 16.22
CA ILE B 289 19.88 -16.97 15.38
C ILE B 289 19.12 -15.94 16.21
N LYS B 290 18.72 -16.31 17.42
CA LYS B 290 18.07 -15.36 18.32
C LYS B 290 18.98 -14.19 18.63
N GLU B 291 20.26 -14.46 18.92
CA GLU B 291 21.18 -13.37 19.21
C GLU B 291 21.37 -12.45 18.01
N ILE B 292 21.58 -13.02 16.82
CA ILE B 292 21.67 -12.18 15.62
C ILE B 292 20.38 -11.46 15.33
N GLY B 293 19.23 -12.00 15.74
CA GLY B 293 17.98 -11.29 15.58
C GLY B 293 17.90 -10.06 16.45
N LEU B 294 18.33 -10.20 17.70
CA LEU B 294 18.42 -9.03 18.58
C LEU B 294 19.36 -7.99 17.98
N THR B 295 20.52 -8.43 17.48
CA THR B 295 21.46 -7.50 16.87
C THR B 295 20.88 -6.85 15.63
N HIS B 296 20.13 -7.61 14.82
CA HIS B 296 19.50 -7.07 13.62
C HIS B 296 18.48 -6.00 13.98
N MET B 297 17.71 -6.25 15.04
CA MET B 297 16.76 -5.23 15.50
C MET B 297 17.50 -3.96 15.92
N ARG B 298 18.62 -4.11 16.64
CA ARG B 298 19.38 -2.94 17.06
C ARG B 298 19.94 -2.18 15.85
N ILE B 299 20.45 -2.90 14.85
CA ILE B 299 20.98 -2.24 13.66
C ILE B 299 19.88 -1.51 12.90
N LEU B 300 18.73 -2.17 12.73
CA LEU B 300 17.60 -1.55 12.03
C LEU B 300 16.97 -0.41 12.81
N GLU B 301 17.22 -0.31 14.11
CA GLU B 301 16.76 0.83 14.89
C GLU B 301 17.70 2.02 14.83
N GLY B 302 18.75 1.95 13.99
CA GLY B 302 19.67 3.04 13.79
C GLY B 302 21.01 2.87 14.48
N VAL B 303 21.11 1.94 15.43
CA VAL B 303 22.36 1.74 16.14
C VAL B 303 23.19 0.71 15.39
N GLY B 304 23.93 1.15 14.38
CA GLY B 304 24.83 0.26 13.68
C GLY B 304 26.28 0.63 13.89
N THR B 305 26.98 -0.12 14.74
CA THR B 305 28.38 0.13 15.03
C THR B 305 29.10 -1.21 15.19
N TYR B 306 30.43 -1.13 15.18
CA TYR B 306 31.27 -2.29 15.47
C TYR B 306 31.00 -2.87 16.85
N LEU B 307 30.59 -2.04 17.81
CA LEU B 307 30.35 -2.51 19.17
C LEU B 307 29.21 -3.53 19.22
N GLN B 308 28.10 -3.25 18.53
CA GLN B 308 26.96 -4.16 18.59
C GLN B 308 27.26 -5.49 17.91
N LEU B 309 27.95 -5.44 16.77
CA LEU B 309 28.37 -6.68 16.13
C LEU B 309 29.32 -7.48 17.02
N ALA B 310 30.27 -6.78 17.66
CA ALA B 310 31.21 -7.46 18.56
C ALA B 310 30.47 -8.11 19.72
N SER B 311 29.46 -7.41 20.26
CA SER B 311 28.66 -8.00 21.34
C SER B 311 27.88 -9.20 20.84
N MET B 312 27.39 -9.15 19.60
CA MET B 312 26.70 -10.31 19.01
C MET B 312 27.64 -11.51 18.93
N LEU B 313 28.87 -11.29 18.46
CA LEU B 313 29.84 -12.39 18.40
C LEU B 313 30.19 -12.88 19.79
N ALA B 314 30.31 -11.98 20.76
CA ALA B 314 30.60 -12.39 22.14
C ALA B 314 29.49 -13.27 22.69
N LYS B 315 28.23 -12.89 22.42
CA LYS B 315 27.10 -13.72 22.84
C LYS B 315 27.12 -15.07 22.15
N ILE B 316 27.41 -15.09 20.84
CA ILE B 316 27.48 -16.36 20.12
C ILE B 316 28.56 -17.27 20.70
N HIS B 317 29.72 -16.70 21.02
CA HIS B 317 30.81 -17.50 21.59
C HIS B 317 30.45 -17.99 22.98
N LYS B 318 29.80 -17.15 23.79
CA LYS B 318 29.30 -17.61 25.08
C LYS B 318 28.34 -18.78 24.92
N LEU B 319 27.45 -18.69 23.93
CA LEU B 319 26.50 -19.76 23.67
C LEU B 319 27.21 -21.04 23.25
N ASN B 320 28.27 -20.91 22.44
CA ASN B 320 29.02 -22.09 22.01
C ASN B 320 29.89 -22.64 23.13
N ASN B 321 30.34 -21.78 24.04
CA ASN B 321 31.22 -22.18 25.13
C ASN B 321 30.47 -22.68 26.35
N LYS B 322 29.15 -22.80 26.27
CA LYS B 322 28.32 -23.28 27.37
C LYS B 322 28.47 -22.41 28.61
N ARG C 8 27.09 33.00 -7.67
CA ARG C 8 27.55 31.75 -7.08
C ARG C 8 28.97 31.43 -7.53
N SER C 9 29.14 31.19 -8.83
CA SER C 9 30.43 30.84 -9.43
C SER C 9 31.04 29.59 -8.79
N LYS C 10 30.19 28.69 -8.30
CA LYS C 10 30.61 27.44 -7.65
C LYS C 10 31.46 27.70 -6.40
N GLU C 11 31.52 28.96 -5.96
CA GLU C 11 32.24 29.34 -4.75
C GLU C 11 31.33 29.57 -3.55
N ASN C 12 30.05 29.89 -3.77
CA ASN C 12 29.07 30.02 -2.71
C ASN C 12 28.42 28.68 -2.35
N LEU C 13 29.11 27.57 -2.63
CA LEU C 13 28.62 26.23 -2.40
C LEU C 13 29.37 25.58 -1.26
N PRO C 14 28.76 24.63 -0.56
CA PRO C 14 29.48 23.89 0.49
C PRO C 14 30.69 23.17 -0.08
N TRP C 15 31.73 23.02 0.75
CA TRP C 15 32.97 22.40 0.29
C TRP C 15 32.75 20.96 -0.16
N VAL C 16 31.75 20.28 0.39
CA VAL C 16 31.42 18.93 -0.08
C VAL C 16 30.98 18.98 -1.54
N GLU C 17 30.24 20.02 -1.93
CA GLU C 17 29.74 20.15 -3.29
C GLU C 17 30.71 20.87 -4.21
N LYS C 18 31.40 21.89 -3.70
CA LYS C 18 32.28 22.68 -4.55
C LYS C 18 33.52 21.88 -4.95
N TYR C 19 33.99 21.00 -4.06
CA TYR C 19 35.12 20.11 -4.35
C TYR C 19 34.68 18.77 -4.91
N ARG C 20 33.50 18.70 -5.51
CA ARG C 20 33.09 17.45 -6.18
C ARG C 20 33.99 17.20 -7.37
N PRO C 21 34.55 16.00 -7.51
CA PRO C 21 35.41 15.72 -8.66
C PRO C 21 34.65 15.87 -9.97
N GLU C 22 35.34 16.41 -10.98
CA GLU C 22 34.76 16.60 -12.30
C GLU C 22 35.40 15.72 -13.38
N THR C 23 36.60 15.22 -13.14
CA THR C 23 37.27 14.29 -14.05
C THR C 23 37.65 13.03 -13.28
N LEU C 24 37.85 11.95 -14.01
CA LEU C 24 38.20 10.68 -13.39
C LEU C 24 39.57 10.70 -12.73
N ASP C 25 40.41 11.69 -13.05
CA ASP C 25 41.72 11.81 -12.43
C ASP C 25 41.67 12.55 -11.08
N GLU C 26 40.53 13.12 -10.73
CA GLU C 26 40.37 13.79 -9.44
C GLU C 26 39.66 12.93 -8.42
N VAL C 27 39.46 11.64 -8.71
CA VAL C 27 38.90 10.69 -7.76
C VAL C 27 40.04 9.83 -7.23
N TYR C 28 40.17 9.79 -5.91
CA TYR C 28 41.29 9.12 -5.27
C TYR C 28 40.79 7.99 -4.38
N GLY C 29 41.69 7.07 -4.05
CA GLY C 29 41.37 5.96 -3.18
C GLY C 29 40.97 4.70 -3.92
N GLN C 30 39.98 4.82 -4.80
CA GLN C 30 39.51 3.69 -5.59
C GLN C 30 40.27 3.57 -6.90
N ASN C 31 41.61 3.48 -6.79
CA ASN C 31 42.45 3.46 -7.99
C ASN C 31 42.18 2.22 -8.84
N GLU C 32 41.93 1.08 -8.20
CA GLU C 32 41.63 -0.14 -8.95
C GLU C 32 40.37 0.05 -9.81
N VAL C 33 39.29 0.53 -9.20
CA VAL C 33 38.04 0.71 -9.94
C VAL C 33 38.20 1.74 -11.05
N ILE C 34 38.87 2.86 -10.73
CA ILE C 34 39.04 3.91 -11.72
C ILE C 34 39.86 3.42 -12.90
N THR C 35 40.96 2.72 -12.64
CA THR C 35 41.80 2.22 -13.72
C THR C 35 41.07 1.18 -14.56
N THR C 36 40.37 0.24 -13.91
CA THR C 36 39.65 -0.79 -14.64
C THR C 36 38.56 -0.19 -15.52
N VAL C 37 37.81 0.78 -14.97
CA VAL C 37 36.73 1.41 -15.73
C VAL C 37 37.29 2.26 -16.87
N ARG C 38 38.40 2.97 -16.64
CA ARG C 38 39.04 3.73 -17.70
C ARG C 38 39.49 2.83 -18.84
N LYS C 39 40.09 1.69 -18.50
CA LYS C 39 40.48 0.73 -19.52
C LYS C 39 39.26 0.17 -20.26
N PHE C 40 38.19 -0.11 -19.52
CA PHE C 40 36.95 -0.57 -20.14
C PHE C 40 36.47 0.41 -21.19
N VAL C 41 36.38 1.69 -20.82
CA VAL C 41 35.79 2.68 -21.70
C VAL C 41 36.73 3.01 -22.85
N ASP C 42 38.04 2.88 -22.63
CA ASP C 42 39.00 3.11 -23.71
C ASP C 42 38.92 2.00 -24.75
N GLU C 43 38.87 0.74 -24.31
CA GLU C 43 38.70 -0.34 -25.28
C GLU C 43 37.27 -0.49 -25.74
N GLY C 44 36.31 0.15 -25.07
CA GLY C 44 34.92 0.13 -25.47
C GLY C 44 34.12 -1.03 -24.93
N LYS C 45 34.75 -2.00 -24.27
CA LYS C 45 34.04 -3.11 -23.62
C LYS C 45 33.70 -2.71 -22.19
N LEU C 46 32.69 -1.84 -22.08
CA LEU C 46 32.17 -1.39 -20.79
C LEU C 46 30.95 -2.22 -20.43
N PRO C 47 31.00 -3.05 -19.40
CA PRO C 47 29.85 -3.88 -19.03
C PRO C 47 28.87 -3.10 -18.15
N HIS C 48 27.80 -3.79 -17.77
CA HIS C 48 26.86 -3.22 -16.81
C HIS C 48 27.53 -3.13 -15.44
N LEU C 49 27.57 -1.93 -14.88
CA LEU C 49 28.34 -1.68 -13.67
C LEU C 49 27.43 -1.63 -12.44
N LEU C 50 27.96 -2.11 -11.32
CA LEU C 50 27.30 -2.01 -10.03
C LEU C 50 28.33 -1.55 -9.00
N PHE C 51 28.30 -0.26 -8.68
CA PHE C 51 29.21 0.33 -7.71
C PHE C 51 28.53 0.27 -6.35
N TYR C 52 29.02 -0.60 -5.47
CA TYR C 52 28.45 -0.72 -4.13
C TYR C 52 29.50 -0.33 -3.09
N GLY C 53 29.11 0.52 -2.14
CA GLY C 53 30.02 0.99 -1.13
C GLY C 53 29.39 1.88 -0.08
N PRO C 54 30.20 2.27 0.91
CA PRO C 54 29.69 3.11 2.00
C PRO C 54 29.46 4.55 1.53
N PRO C 55 28.72 5.34 2.29
CA PRO C 55 28.46 6.73 1.88
C PRO C 55 29.72 7.57 1.83
N GLY C 56 29.73 8.54 0.93
CA GLY C 56 30.82 9.48 0.83
C GLY C 56 32.14 8.89 0.37
N THR C 57 32.09 7.79 -0.36
CA THR C 57 33.29 7.09 -0.81
C THR C 57 33.54 7.38 -2.30
N GLY C 58 32.64 8.15 -2.89
CA GLY C 58 32.80 8.61 -4.27
C GLY C 58 32.30 7.67 -5.35
N LYS C 59 31.05 7.23 -5.26
CA LYS C 59 30.42 6.45 -6.32
C LYS C 59 29.71 7.35 -7.33
N THR C 60 28.87 8.26 -6.83
CA THR C 60 28.19 9.19 -7.72
C THR C 60 29.17 10.08 -8.47
N SER C 61 30.19 10.59 -7.77
CA SER C 61 31.20 11.41 -8.44
C SER C 61 31.94 10.59 -9.49
N THR C 62 32.26 9.34 -9.17
CA THR C 62 32.95 8.48 -10.13
C THR C 62 32.12 8.27 -11.39
N ILE C 63 30.84 7.95 -11.23
CA ILE C 63 30.02 7.68 -12.41
C ILE C 63 29.75 8.97 -13.19
N VAL C 64 29.60 10.10 -12.50
CA VAL C 64 29.40 11.36 -13.21
C VAL C 64 30.64 11.74 -14.01
N ALA C 65 31.83 11.57 -13.42
CA ALA C 65 33.06 11.83 -14.15
C ALA C 65 33.24 10.85 -15.31
N LEU C 66 32.80 9.60 -15.13
CA LEU C 66 32.84 8.64 -16.24
C LEU C 66 31.95 9.09 -17.39
N ALA C 67 30.74 9.54 -17.08
CA ALA C 67 29.85 10.06 -18.12
C ALA C 67 30.45 11.28 -18.79
N ARG C 68 31.07 12.17 -18.02
CA ARG C 68 31.72 13.35 -18.58
C ARG C 68 32.83 12.95 -19.54
N GLU C 69 33.67 11.99 -19.14
CA GLU C 69 34.75 11.55 -20.00
C GLU C 69 34.25 10.88 -21.27
N ILE C 70 33.24 10.01 -21.15
CA ILE C 70 32.83 9.22 -22.30
C ILE C 70 32.06 10.08 -23.29
N TYR C 71 31.18 10.96 -22.79
CA TYR C 71 30.30 11.73 -23.66
C TYR C 71 30.75 13.16 -23.91
N GLY C 72 31.54 13.74 -23.01
CA GLY C 72 31.94 15.13 -23.13
C GLY C 72 31.23 16.02 -22.14
N LYS C 73 31.21 17.32 -22.47
CA LYS C 73 30.61 18.31 -21.58
C LYS C 73 29.09 18.22 -21.53
N ASN C 74 28.45 17.83 -22.63
CA ASN C 74 26.99 17.74 -22.68
C ASN C 74 26.51 16.34 -22.26
N TYR C 75 26.94 15.90 -21.07
CA TYR C 75 26.57 14.59 -20.57
C TYR C 75 25.23 14.58 -19.85
N SER C 76 24.66 15.76 -19.55
CA SER C 76 23.39 15.84 -18.85
C SER C 76 22.19 15.67 -19.78
N ASN C 77 22.39 15.68 -21.09
CA ASN C 77 21.32 15.47 -22.06
C ASN C 77 21.40 14.11 -22.73
N MET C 78 22.54 13.43 -22.65
CA MET C 78 22.76 12.17 -23.34
C MET C 78 22.93 10.99 -22.40
N VAL C 79 22.72 11.18 -21.10
CA VAL C 79 22.73 10.11 -20.12
C VAL C 79 21.45 10.21 -19.29
N LEU C 80 20.80 9.07 -19.06
CA LEU C 80 19.56 9.04 -18.29
C LEU C 80 19.93 8.83 -16.82
N GLU C 81 20.06 9.92 -16.08
CA GLU C 81 20.38 9.87 -14.66
C GLU C 81 19.08 9.92 -13.88
N LEU C 82 18.77 8.83 -13.18
CA LEU C 82 17.52 8.70 -12.44
C LEU C 82 17.81 8.44 -10.97
N ASN C 83 17.27 9.29 -10.10
CA ASN C 83 17.35 9.09 -8.66
C ASN C 83 16.29 8.08 -8.26
N ALA C 84 16.73 6.84 -8.01
CA ALA C 84 15.77 5.77 -7.73
C ALA C 84 14.97 6.02 -6.46
N SER C 85 15.47 6.86 -5.56
CA SER C 85 14.70 7.20 -4.37
C SER C 85 13.45 8.00 -4.72
N ASP C 86 13.57 8.93 -5.66
CA ASP C 86 12.44 9.78 -6.04
C ASP C 86 11.42 9.01 -6.87
N ASP C 87 11.89 8.17 -7.78
CA ASP C 87 10.99 7.40 -8.65
C ASP C 87 11.51 5.96 -8.72
N ARG C 88 10.83 5.06 -8.01
CA ARG C 88 11.22 3.66 -7.90
C ARG C 88 10.12 2.73 -8.38
N GLY C 89 9.10 3.28 -9.04
CA GLY C 89 7.98 2.47 -9.48
C GLY C 89 8.27 1.69 -10.75
N ILE C 90 7.44 0.69 -11.01
CA ILE C 90 7.53 -0.06 -12.25
C ILE C 90 7.10 0.79 -13.44
N ASP C 91 6.32 1.85 -13.20
CA ASP C 91 5.93 2.75 -14.28
C ASP C 91 7.15 3.41 -14.91
N VAL C 92 8.12 3.79 -14.08
CA VAL C 92 9.36 4.38 -14.59
C VAL C 92 10.10 3.37 -15.47
N VAL C 93 10.15 2.12 -15.04
CA VAL C 93 10.81 1.08 -15.84
C VAL C 93 10.10 0.92 -17.17
N ARG C 94 8.77 0.91 -17.16
CA ARG C 94 8.01 0.74 -18.39
C ARG C 94 8.14 1.96 -19.30
N ASN C 95 8.04 3.16 -18.73
CA ASN C 95 7.90 4.36 -19.56
C ASN C 95 9.23 5.05 -19.85
N GLN C 96 9.95 5.49 -18.81
CA GLN C 96 11.16 6.27 -19.05
C GLN C 96 12.33 5.39 -19.45
N ILE C 97 12.64 4.37 -18.64
CA ILE C 97 13.86 3.59 -18.85
C ILE C 97 13.82 2.86 -20.18
N LYS C 98 12.71 2.19 -20.48
CA LYS C 98 12.61 1.39 -21.70
C LYS C 98 12.57 2.26 -22.96
N ASP C 99 11.83 3.37 -22.93
CA ASP C 99 11.83 4.28 -24.08
C ASP C 99 13.20 4.87 -24.31
N PHE C 100 13.90 5.25 -23.24
CA PHE C 100 15.26 5.77 -23.39
C PHE C 100 16.19 4.72 -23.98
N ALA C 101 16.10 3.47 -23.49
CA ALA C 101 16.99 2.42 -23.98
C ALA C 101 16.71 2.07 -25.43
N SER C 102 15.43 2.03 -25.82
CA SER C 102 15.07 1.55 -27.16
C SER C 102 15.48 2.54 -28.24
N THR C 103 15.24 3.84 -28.02
CA THR C 103 15.40 4.83 -29.07
C THR C 103 16.88 5.16 -29.28
N ARG C 104 17.14 6.03 -30.26
CA ARG C 104 18.48 6.52 -30.54
C ARG C 104 18.65 7.85 -29.80
N GLN C 105 19.72 8.57 -30.11
CA GLN C 105 20.14 9.72 -29.33
C GLN C 105 19.97 11.00 -30.14
N ILE C 106 19.42 12.03 -29.48
CA ILE C 106 19.06 13.28 -30.14
C ILE C 106 20.25 14.18 -30.44
N PHE C 107 21.42 13.89 -29.87
CA PHE C 107 22.53 14.84 -29.89
C PHE C 107 23.68 14.30 -30.73
N SER C 108 24.20 13.12 -30.42
CA SER C 108 25.32 12.55 -31.15
C SER C 108 25.21 11.03 -31.15
N LYS C 109 25.83 10.41 -32.14
CA LYS C 109 25.79 8.96 -32.26
C LYS C 109 26.61 8.31 -31.16
N GLY C 110 26.14 7.14 -30.71
CA GLY C 110 26.84 6.40 -29.68
C GLY C 110 25.87 5.60 -28.84
N PHE C 111 26.43 4.88 -27.88
CA PHE C 111 25.62 4.08 -26.98
C PHE C 111 24.99 4.97 -25.91
N LYS C 112 24.11 4.37 -25.12
CA LYS C 112 23.36 5.08 -24.09
C LYS C 112 23.71 4.55 -22.71
N LEU C 113 23.72 5.46 -21.74
CA LEU C 113 24.05 5.14 -20.35
C LEU C 113 22.88 5.53 -19.46
N ILE C 114 22.48 4.62 -18.59
CA ILE C 114 21.44 4.86 -17.59
C ILE C 114 22.08 4.73 -16.21
N ILE C 115 22.13 5.84 -15.48
CA ILE C 115 22.73 5.89 -14.16
C ILE C 115 21.61 5.90 -13.12
N LEU C 116 21.46 4.80 -12.41
CA LEU C 116 20.42 4.66 -11.39
C LEU C 116 21.05 4.88 -10.02
N ASP C 117 20.75 6.02 -9.41
CA ASP C 117 21.32 6.39 -8.13
C ASP C 117 20.42 5.92 -6.99
N GLU C 118 21.03 5.30 -5.99
CA GLU C 118 20.31 4.75 -4.83
C GLU C 118 19.26 3.74 -5.28
N ALA C 119 19.68 2.81 -6.14
CA ALA C 119 18.79 1.75 -6.60
C ALA C 119 18.46 0.75 -5.51
N ASP C 120 19.15 0.79 -4.36
CA ASP C 120 18.79 -0.10 -3.26
C ASP C 120 17.42 0.23 -2.69
N ALA C 121 16.85 1.39 -2.99
CA ALA C 121 15.49 1.73 -2.63
C ALA C 121 14.48 1.24 -3.66
N MET C 122 14.94 0.84 -4.84
CA MET C 122 14.03 0.38 -5.89
C MET C 122 13.19 -0.80 -5.40
N THR C 123 11.89 -0.73 -5.70
CA THR C 123 10.98 -1.78 -5.30
C THR C 123 11.30 -3.08 -6.03
N ASN C 124 10.93 -4.20 -5.41
CA ASN C 124 11.18 -5.51 -5.98
C ASN C 124 10.51 -5.69 -7.33
N ALA C 125 9.30 -5.16 -7.51
CA ALA C 125 8.63 -5.24 -8.81
C ALA C 125 9.40 -4.47 -9.86
N ALA C 126 9.91 -3.28 -9.51
CA ALA C 126 10.67 -2.48 -10.46
C ALA C 126 11.95 -3.19 -10.90
N GLN C 127 12.66 -3.81 -9.94
CA GLN C 127 13.88 -4.54 -10.29
C GLN C 127 13.58 -5.79 -11.10
N ASN C 128 12.48 -6.49 -10.77
CA ASN C 128 12.08 -7.66 -11.52
C ASN C 128 11.67 -7.28 -12.94
N ALA C 129 11.18 -6.05 -13.13
CA ALA C 129 10.91 -5.57 -14.48
C ALA C 129 12.20 -5.19 -15.20
N LEU C 130 13.14 -4.57 -14.49
CA LEU C 130 14.38 -4.10 -15.11
C LEU C 130 15.33 -5.24 -15.45
N ARG C 131 15.18 -6.41 -14.82
CA ARG C 131 16.12 -7.49 -15.11
C ARG C 131 16.01 -7.99 -16.55
N ARG C 132 14.97 -7.63 -17.28
CA ARG C 132 14.88 -7.93 -18.71
C ARG C 132 15.06 -6.72 -19.59
N VAL C 133 14.77 -5.51 -19.10
CA VAL C 133 15.14 -4.31 -19.82
C VAL C 133 16.65 -4.23 -19.99
N ILE C 134 17.39 -4.64 -18.94
CA ILE C 134 18.84 -4.66 -19.03
C ILE C 134 19.31 -5.63 -20.11
N GLU C 135 18.69 -6.81 -20.15
CA GLU C 135 19.15 -7.86 -21.06
C GLU C 135 18.78 -7.56 -22.51
N ARG C 136 17.55 -7.11 -22.76
CA ARG C 136 17.06 -7.01 -24.13
C ARG C 136 17.81 -5.96 -24.93
N TYR C 137 18.06 -4.80 -24.33
CA TYR C 137 18.66 -3.67 -25.03
C TYR C 137 20.15 -3.53 -24.75
N THR C 138 20.85 -4.65 -24.55
CA THR C 138 22.29 -4.60 -24.32
C THR C 138 23.08 -4.21 -25.57
N LYS C 139 22.43 -4.17 -26.73
CA LYS C 139 23.09 -3.74 -27.95
C LYS C 139 23.42 -2.25 -27.94
N ASN C 140 22.56 -1.43 -27.36
CA ASN C 140 22.65 0.01 -27.53
C ASN C 140 22.78 0.75 -26.19
N THR C 141 22.47 0.10 -25.07
CA THR C 141 22.49 0.78 -23.78
C THR C 141 23.21 -0.08 -22.75
N ARG C 142 23.74 0.58 -21.72
CA ARG C 142 24.39 -0.06 -20.59
C ARG C 142 23.84 0.53 -19.30
N PHE C 143 23.79 -0.28 -18.25
CA PHE C 143 23.18 0.11 -16.98
C PHE C 143 24.22 0.25 -15.89
N CYS C 144 24.11 1.32 -15.12
CA CYS C 144 24.94 1.54 -13.93
C CYS C 144 24.05 1.60 -12.70
N VAL C 145 24.39 0.81 -11.69
CA VAL C 145 23.62 0.69 -10.46
C VAL C 145 24.51 1.12 -9.30
N LEU C 146 24.09 2.14 -8.58
CA LEU C 146 24.82 2.66 -7.43
C LEU C 146 24.10 2.21 -6.16
N ALA C 147 24.86 1.66 -5.21
CA ALA C 147 24.24 1.05 -4.04
C ALA C 147 25.09 1.26 -2.80
N ASN C 148 24.43 1.61 -1.70
CA ASN C 148 25.06 1.50 -0.39
C ASN C 148 24.89 0.09 0.19
N TYR C 149 23.69 -0.46 0.08
CA TYR C 149 23.37 -1.79 0.60
C TYR C 149 23.03 -2.71 -0.56
N ALA C 150 23.72 -3.84 -0.65
CA ALA C 150 23.45 -4.83 -1.69
C ALA C 150 22.41 -5.86 -1.26
N HIS C 151 22.01 -5.88 0.00
CA HIS C 151 21.01 -6.83 0.46
C HIS C 151 19.61 -6.43 -0.03
N LYS C 152 19.36 -5.13 -0.15
CA LYS C 152 18.08 -4.67 -0.69
C LYS C 152 17.90 -5.09 -2.14
N LEU C 153 18.97 -4.99 -2.94
CA LEU C 153 18.88 -5.30 -4.36
C LEU C 153 18.56 -6.77 -4.58
N THR C 154 17.77 -7.04 -5.62
CA THR C 154 17.38 -8.41 -5.94
C THR C 154 18.59 -9.20 -6.42
N PRO C 155 18.63 -10.51 -6.15
CA PRO C 155 19.74 -11.33 -6.64
C PRO C 155 19.85 -11.33 -8.16
N ALA C 156 18.73 -11.24 -8.87
CA ALA C 156 18.76 -11.25 -10.33
C ALA C 156 19.51 -10.04 -10.87
N LEU C 157 19.27 -8.87 -10.30
CA LEU C 157 19.96 -7.66 -10.74
C LEU C 157 21.43 -7.64 -10.34
N LEU C 158 21.86 -8.54 -9.46
CA LEU C 158 23.26 -8.64 -9.07
C LEU C 158 24.02 -9.67 -9.88
N SER C 159 23.36 -10.33 -10.84
CA SER C 159 24.04 -11.26 -11.74
C SER C 159 24.23 -10.69 -13.14
N ARG C 160 23.47 -9.66 -13.52
CA ARG C 160 23.60 -9.03 -14.81
C ARG C 160 24.58 -7.86 -14.83
N CYS C 161 25.10 -7.47 -13.67
CA CYS C 161 25.97 -6.31 -13.56
C CYS C 161 27.31 -6.71 -12.98
N THR C 162 28.39 -6.28 -13.63
CA THR C 162 29.72 -6.48 -13.07
C THR C 162 29.88 -5.63 -11.81
N ARG C 163 30.33 -6.26 -10.74
CA ARG C 163 30.31 -5.67 -9.41
C ARG C 163 31.65 -5.03 -9.09
N PHE C 164 31.62 -3.79 -8.60
CA PHE C 164 32.80 -3.10 -8.09
C PHE C 164 32.49 -2.60 -6.68
N ARG C 165 33.33 -3.00 -5.74
CA ARG C 165 33.22 -2.58 -4.35
C ARG C 165 34.09 -1.36 -4.13
N PHE C 166 33.53 -0.35 -3.49
CA PHE C 166 34.24 0.89 -3.19
C PHE C 166 34.72 0.83 -1.74
N GLN C 167 36.02 0.69 -1.55
CA GLN C 167 36.59 0.54 -0.22
C GLN C 167 36.53 1.87 0.55
N PRO C 168 36.51 1.82 1.87
CA PRO C 168 36.62 3.05 2.65
C PRO C 168 37.95 3.73 2.37
N LEU C 169 37.94 5.06 2.39
CA LEU C 169 39.06 5.83 1.87
C LEU C 169 40.28 5.72 2.79
N PRO C 170 41.43 5.31 2.27
CA PRO C 170 42.61 5.12 3.10
C PRO C 170 43.31 6.45 3.40
N GLN C 171 44.41 6.35 4.14
CA GLN C 171 45.11 7.55 4.61
C GLN C 171 45.68 8.37 3.45
N GLU C 172 46.27 7.69 2.47
CA GLU C 172 47.00 8.39 1.41
C GLU C 172 46.08 9.26 0.56
N ALA C 173 44.96 8.69 0.08
CA ALA C 173 44.08 9.43 -0.83
C ALA C 173 43.39 10.58 -0.11
N ILE C 174 42.88 10.31 1.10
CA ILE C 174 42.24 11.36 1.86
C ILE C 174 43.22 12.47 2.19
N GLU C 175 44.46 12.12 2.54
CA GLU C 175 45.48 13.13 2.84
C GLU C 175 45.79 13.97 1.60
N ARG C 176 45.86 13.32 0.43
CA ARG C 176 46.10 14.06 -0.81
C ARG C 176 44.96 15.03 -1.09
N ARG C 177 43.71 14.61 -0.83
CA ARG C 177 42.59 15.52 -1.05
C ARG C 177 42.62 16.70 -0.08
N ILE C 178 42.97 16.45 1.19
CA ILE C 178 43.13 17.59 2.11
C ILE C 178 44.23 18.52 1.62
N ALA C 179 45.32 17.96 1.10
CA ALA C 179 46.39 18.82 0.57
C ALA C 179 45.85 19.70 -0.54
N ASN C 180 45.07 19.13 -1.46
CA ASN C 180 44.47 19.91 -2.53
C ASN C 180 43.56 21.00 -1.98
N VAL C 181 42.75 20.68 -0.97
CA VAL C 181 41.84 21.68 -0.42
C VAL C 181 42.61 22.83 0.24
N LEU C 182 43.61 22.51 1.06
CA LEU C 182 44.38 23.58 1.70
C LEU C 182 45.17 24.39 0.68
N VAL C 183 45.50 23.78 -0.47
CA VAL C 183 46.12 24.56 -1.53
C VAL C 183 45.10 25.51 -2.15
N HIS C 184 43.89 25.03 -2.43
CA HIS C 184 42.90 25.87 -3.09
C HIS C 184 42.45 27.02 -2.19
N GLU C 185 42.18 26.74 -0.92
CA GLU C 185 41.97 27.80 0.04
C GLU C 185 43.31 28.30 0.57
N LYS C 186 43.26 29.30 1.44
CA LYS C 186 44.43 29.78 2.16
C LYS C 186 44.33 29.24 3.59
N LEU C 187 44.77 28.00 3.77
CA LEU C 187 44.67 27.34 5.05
C LEU C 187 45.90 26.47 5.28
N LYS C 188 46.19 26.22 6.56
CA LYS C 188 47.28 25.34 6.97
C LYS C 188 46.76 24.36 7.99
N LEU C 189 47.32 23.14 7.97
CA LEU C 189 46.91 22.06 8.85
C LEU C 189 48.12 21.47 9.55
N SER C 190 48.06 21.38 10.87
CA SER C 190 49.14 20.74 11.62
C SER C 190 49.12 19.23 11.37
N PRO C 191 50.29 18.58 11.40
CA PRO C 191 50.32 17.13 11.16
C PRO C 191 49.47 16.34 12.14
N ASN C 192 49.48 16.70 13.43
CA ASN C 192 48.64 16.01 14.40
C ASN C 192 47.16 16.29 14.17
N ALA C 193 46.82 17.52 13.79
CA ALA C 193 45.43 17.83 13.44
C ALA C 193 44.97 17.04 12.22
N GLU C 194 45.86 16.90 11.22
CA GLU C 194 45.52 16.07 10.06
C GLU C 194 45.34 14.61 10.46
N LYS C 195 46.18 14.11 11.36
CA LYS C 195 46.01 12.76 11.88
C LYS C 195 44.66 12.60 12.57
N ALA C 196 44.27 13.58 13.38
CA ALA C 196 42.98 13.53 14.04
C ALA C 196 41.84 13.56 13.03
N LEU C 197 41.99 14.38 11.98
CA LEU C 197 40.97 14.42 10.93
C LEU C 197 40.82 13.06 10.25
N ILE C 198 41.94 12.41 9.95
CA ILE C 198 41.87 11.10 9.31
C ILE C 198 41.24 10.08 10.25
N GLU C 199 41.62 10.09 11.52
CA GLU C 199 41.08 9.14 12.48
C GLU C 199 39.57 9.32 12.64
N LEU C 200 39.12 10.58 12.70
CA LEU C 200 37.71 10.88 12.87
C LEU C 200 36.91 10.75 11.58
N SER C 201 37.58 10.69 10.43
CA SER C 201 36.89 10.62 9.15
C SER C 201 36.08 9.33 9.01
N ASN C 202 36.65 8.20 9.44
CA ASN C 202 36.11 6.86 9.24
C ASN C 202 36.00 6.51 7.76
N GLY C 203 36.86 7.09 6.92
CA GLY C 203 36.86 6.79 5.50
C GLY C 203 35.94 7.65 4.65
N ASP C 204 35.37 8.72 5.20
CA ASP C 204 34.39 9.54 4.49
C ASP C 204 35.01 10.91 4.20
N MET C 205 35.13 11.26 2.92
CA MET C 205 35.62 12.59 2.56
C MET C 205 34.62 13.68 2.90
N ARG C 206 33.32 13.35 2.90
CA ARG C 206 32.33 14.34 3.31
C ARG C 206 32.61 14.85 4.71
N ARG C 207 33.00 13.94 5.63
CA ARG C 207 33.29 14.35 7.00
C ARG C 207 34.48 15.30 7.05
N VAL C 208 35.57 14.98 6.34
CA VAL C 208 36.76 15.82 6.41
C VAL C 208 36.49 17.17 5.77
N LEU C 209 35.73 17.20 4.67
CA LEU C 209 35.41 18.47 4.04
C LEU C 209 34.54 19.34 4.94
N ASN C 210 33.52 18.74 5.55
CA ASN C 210 32.64 19.50 6.45
C ASN C 210 33.41 20.03 7.66
N VAL C 211 34.24 19.17 8.27
CA VAL C 211 34.99 19.60 9.45
C VAL C 211 36.03 20.64 9.07
N LEU C 212 36.62 20.53 7.88
CA LEU C 212 37.58 21.54 7.42
C LEU C 212 36.90 22.89 7.23
N GLN C 213 35.70 22.89 6.63
CA GLN C 213 34.97 24.14 6.49
C GLN C 213 34.62 24.73 7.85
N SER C 214 34.15 23.90 8.78
CA SER C 214 33.82 24.39 10.11
C SER C 214 35.05 24.91 10.85
N CYS C 215 36.21 24.27 10.65
CA CYS C 215 37.42 24.69 11.34
C CYS C 215 38.00 25.96 10.73
N LYS C 216 37.85 26.15 9.43
CA LYS C 216 38.15 27.46 8.86
C LYS C 216 37.21 28.52 9.43
N ALA C 217 35.95 28.14 9.66
CA ALA C 217 34.99 29.10 10.22
C ALA C 217 35.35 29.49 11.65
N THR C 218 35.78 28.54 12.48
CA THR C 218 35.97 28.85 13.89
C THR C 218 37.23 29.68 14.13
N LEU C 219 38.17 29.66 13.17
CA LEU C 219 39.37 30.49 13.30
C LEU C 219 39.00 31.97 13.37
N ASP C 220 39.75 32.71 14.18
CA ASP C 220 39.55 34.16 14.30
C ASP C 220 39.72 34.82 12.94
N ASN C 221 40.79 34.48 12.23
CA ASN C 221 40.99 34.95 10.86
C ASN C 221 41.71 33.87 10.06
N PRO C 222 41.24 33.52 8.86
CA PRO C 222 41.98 32.56 8.05
C PRO C 222 43.17 33.19 7.36
N ASP C 223 44.09 32.33 6.93
CA ASP C 223 45.34 32.55 6.17
C ASP C 223 46.45 33.16 7.02
N GLU C 224 46.17 33.54 8.27
CA GLU C 224 47.23 33.93 9.21
C GLU C 224 47.30 33.06 10.44
N ASP C 225 46.31 32.22 10.70
CA ASP C 225 46.31 31.30 11.83
C ASP C 225 46.25 29.88 11.33
N GLU C 226 46.74 28.96 12.16
CA GLU C 226 46.77 27.54 11.82
C GLU C 226 45.62 26.80 12.49
N ILE C 227 45.30 25.64 11.94
CA ILE C 227 44.27 24.76 12.48
C ILE C 227 45.00 23.65 13.24
N SER C 228 44.96 23.72 14.57
CA SER C 228 45.62 22.73 15.40
C SER C 228 44.66 21.58 15.73
N ASP C 229 45.17 20.60 16.47
CA ASP C 229 44.32 19.48 16.89
C ASP C 229 43.23 19.96 17.84
N ASP C 230 43.54 20.98 18.65
CA ASP C 230 42.52 21.57 19.51
C ASP C 230 41.36 22.11 18.70
N VAL C 231 41.66 22.78 17.59
CA VAL C 231 40.60 23.32 16.73
C VAL C 231 39.73 22.19 16.19
N ILE C 232 40.35 21.11 15.72
CA ILE C 232 39.60 19.98 15.16
C ILE C 232 38.67 19.40 16.23
N TYR C 233 39.24 19.08 17.39
CA TYR C 233 38.47 18.41 18.44
C TYR C 233 37.36 19.31 18.97
N GLU C 234 37.63 20.60 19.13
CA GLU C 234 36.62 21.51 19.63
C GLU C 234 35.50 21.72 18.62
N CYS C 235 35.86 21.92 17.35
CA CYS C 235 34.85 22.19 16.33
C CYS C 235 33.96 20.98 16.11
N CYS C 236 34.55 19.77 16.08
CA CYS C 236 33.72 18.58 15.95
C CYS C 236 33.01 18.26 17.26
N GLY C 237 33.69 18.48 18.39
CA GLY C 237 33.19 18.05 19.68
C GLY C 237 33.65 16.68 20.11
N ALA C 238 34.52 16.03 19.33
CA ALA C 238 35.02 14.71 19.67
C ALA C 238 35.96 14.79 20.86
N PRO C 239 36.05 13.72 21.65
CA PRO C 239 36.97 13.71 22.79
C PRO C 239 38.43 13.60 22.37
N ARG C 240 39.28 14.35 23.06
CA ARG C 240 40.71 14.24 22.85
C ARG C 240 41.19 12.87 23.34
N PRO C 241 42.23 12.32 22.71
CA PRO C 241 42.79 11.06 23.21
C PRO C 241 43.26 11.14 24.64
N SER C 242 43.78 12.30 25.06
CA SER C 242 44.22 12.46 26.46
C SER C 242 43.03 12.32 27.41
N ASP C 243 41.89 12.92 27.07
CA ASP C 243 40.71 12.80 27.92
C ASP C 243 40.22 11.36 28.00
N LEU C 244 40.19 10.67 26.86
CA LEU C 244 39.78 9.26 26.86
C LEU C 244 40.70 8.43 27.73
N LYS C 245 42.02 8.62 27.58
CA LYS C 245 42.98 7.85 28.36
C LYS C 245 42.85 8.15 29.86
N ALA C 246 42.65 9.44 30.20
CA ALA C 246 42.51 9.80 31.60
C ALA C 246 41.25 9.19 32.21
N VAL C 247 40.14 9.23 31.48
CA VAL C 247 38.90 8.64 31.99
C VAL C 247 39.05 7.14 32.17
N LEU C 248 39.64 6.47 31.18
CA LEU C 248 39.83 5.02 31.29
C LEU C 248 40.76 4.67 32.45
N LYS C 249 41.84 5.43 32.63
CA LYS C 249 42.76 5.18 33.72
C LYS C 249 42.09 5.39 35.07
N SER C 250 41.28 6.45 35.19
CA SER C 250 40.59 6.70 36.45
C SER C 250 39.59 5.59 36.75
N ILE C 251 38.88 5.10 35.73
CA ILE C 251 37.93 4.00 35.95
C ILE C 251 38.69 2.74 36.37
N LEU C 252 39.82 2.47 35.72
CA LEU C 252 40.46 1.16 35.87
C LEU C 252 41.12 0.97 37.25
N GLU C 253 41.90 1.95 37.71
CA GLU C 253 42.84 1.73 38.81
C GLU C 253 42.65 2.77 39.93
N ASP C 254 41.39 3.05 40.29
CA ASP C 254 41.13 3.89 41.45
C ASP C 254 39.71 3.66 41.95
N ASP C 255 39.41 4.24 43.11
CA ASP C 255 38.11 4.07 43.74
C ASP C 255 36.98 4.68 42.90
N TRP C 256 35.74 4.34 43.27
CA TRP C 256 34.56 4.75 42.53
C TRP C 256 34.35 6.26 42.55
N GLY C 257 34.59 6.89 43.71
CA GLY C 257 34.28 8.30 43.84
C GLY C 257 35.08 9.18 42.89
N THR C 258 36.39 8.97 42.83
CA THR C 258 37.22 9.76 41.93
C THR C 258 37.00 9.36 40.48
N ALA C 259 36.60 8.11 40.24
CA ALA C 259 36.21 7.73 38.87
C ALA C 259 35.00 8.52 38.41
N HIS C 260 33.98 8.63 39.27
CA HIS C 260 32.82 9.46 38.98
C HIS C 260 33.23 10.92 38.80
N TYR C 261 34.11 11.41 39.67
CA TYR C 261 34.59 12.78 39.58
C TYR C 261 35.29 13.04 38.25
N THR C 262 36.16 12.13 37.84
CA THR C 262 36.90 12.30 36.60
C THR C 262 35.98 12.28 35.40
N LEU C 263 35.05 11.32 35.36
CA LEU C 263 34.11 11.27 34.23
C LEU C 263 33.27 12.55 34.18
N ASN C 264 32.72 12.97 35.31
CA ASN C 264 31.86 14.16 35.33
C ASN C 264 32.65 15.40 34.93
N LYS C 265 33.85 15.57 35.47
CA LYS C 265 34.65 16.76 35.15
C LYS C 265 35.08 16.77 33.70
N VAL C 266 35.51 15.63 33.16
CA VAL C 266 35.92 15.56 31.77
C VAL C 266 34.74 15.86 30.85
N ARG C 267 33.57 15.31 31.17
CA ARG C 267 32.39 15.57 30.36
C ARG C 267 31.97 17.03 30.43
N SER C 268 32.02 17.63 31.62
CA SER C 268 31.50 18.98 31.80
C SER C 268 32.44 20.03 31.24
N ALA C 269 33.75 19.87 31.44
CA ALA C 269 34.70 20.92 31.07
C ALA C 269 34.70 21.16 29.56
N LYS C 270 34.71 20.09 28.76
CA LYS C 270 34.77 20.21 27.32
C LYS C 270 33.43 19.90 26.64
N GLY C 271 32.39 19.62 27.42
CA GLY C 271 31.11 19.30 26.82
C GLY C 271 31.07 17.97 26.11
N LEU C 272 31.95 17.03 26.48
CA LEU C 272 32.03 15.76 25.81
C LEU C 272 30.76 14.94 26.02
N ALA C 273 30.33 14.25 24.97
CA ALA C 273 29.17 13.37 25.05
C ALA C 273 29.57 12.00 25.57
N LEU C 274 28.59 11.28 26.11
CA LEU C 274 28.85 9.96 26.69
C LEU C 274 29.16 8.92 25.62
N ILE C 275 28.43 8.95 24.50
CA ILE C 275 28.60 7.92 23.47
C ILE C 275 30.00 8.00 22.86
N ASP C 276 30.49 9.21 22.63
CA ASP C 276 31.83 9.37 22.08
C ASP C 276 32.88 8.81 23.02
N LEU C 277 32.73 9.08 24.32
CA LEU C 277 33.65 8.51 25.30
C LEU C 277 33.57 6.99 25.30
N ILE C 278 32.36 6.44 25.20
CA ILE C 278 32.21 4.98 25.17
C ILE C 278 32.94 4.40 23.96
N GLU C 279 32.78 5.03 22.79
CA GLU C 279 33.45 4.54 21.59
C GLU C 279 34.97 4.61 21.73
N GLY C 280 35.48 5.72 22.24
CA GLY C 280 36.92 5.82 22.46
C GLY C 280 37.43 4.76 23.42
N ILE C 281 36.69 4.55 24.52
CA ILE C 281 37.10 3.57 25.52
C ILE C 281 37.09 2.16 24.94
N VAL C 282 36.06 1.81 24.18
CA VAL C 282 36.00 0.46 23.64
C VAL C 282 37.09 0.25 22.59
N LYS C 283 37.41 1.29 21.81
CA LYS C 283 38.52 1.19 20.88
C LYS C 283 39.83 0.93 21.62
N ILE C 284 40.09 1.72 22.68
CA ILE C 284 41.33 1.55 23.43
C ILE C 284 41.40 0.16 24.06
N LEU C 285 40.30 -0.30 24.65
CA LEU C 285 40.30 -1.59 25.32
C LEU C 285 40.39 -2.74 24.32
N GLU C 286 39.90 -2.53 23.09
CA GLU C 286 40.15 -3.50 22.03
C GLU C 286 41.62 -3.54 21.67
N ASP C 287 42.29 -2.37 21.71
CA ASP C 287 43.73 -2.36 21.49
C ASP C 287 44.50 -3.06 22.61
N TYR C 288 43.87 -3.23 23.77
CA TYR C 288 44.50 -3.92 24.89
C TYR C 288 44.68 -5.41 24.58
N GLU C 289 45.48 -6.07 25.42
CA GLU C 289 45.60 -7.51 25.46
C GLU C 289 45.01 -8.01 26.78
N LEU C 290 44.14 -9.00 26.70
CA LEU C 290 43.36 -9.41 27.87
C LEU C 290 43.56 -10.90 28.17
N GLN C 291 43.67 -11.21 29.46
CA GLN C 291 44.09 -12.57 29.85
C GLN C 291 42.95 -13.56 29.66
N ASN C 292 41.73 -13.21 30.05
CA ASN C 292 40.60 -14.12 29.98
C ASN C 292 39.54 -13.59 29.01
N GLU C 293 38.83 -14.52 28.37
CA GLU C 293 37.82 -14.15 27.39
C GLU C 293 36.60 -13.52 28.06
N GLU C 294 36.29 -13.94 29.29
CA GLU C 294 35.11 -13.48 30.00
C GLU C 294 35.12 -11.97 30.16
N THR C 295 36.31 -11.39 30.37
CA THR C 295 36.42 -9.93 30.45
C THR C 295 35.94 -9.28 29.17
N ARG C 296 36.43 -9.76 28.03
CA ARG C 296 36.00 -9.22 26.74
C ARG C 296 34.50 -9.39 26.54
N VAL C 297 33.98 -10.59 26.88
CA VAL C 297 32.56 -10.86 26.67
C VAL C 297 31.71 -9.89 27.46
N HIS C 298 31.96 -9.81 28.76
CA HIS C 298 31.18 -8.93 29.63
C HIS C 298 31.32 -7.48 29.21
N LEU C 299 32.55 -7.05 28.92
CA LEU C 299 32.79 -5.65 28.59
C LEU C 299 32.04 -5.26 27.32
N LEU C 300 32.19 -6.06 26.26
CA LEU C 300 31.54 -5.76 24.99
C LEU C 300 30.02 -5.78 25.12
N THR C 301 29.48 -6.85 25.72
CA THR C 301 28.02 -6.96 25.84
C THR C 301 27.46 -5.80 26.64
N LYS C 302 28.08 -5.47 27.78
CA LYS C 302 27.57 -4.39 28.60
C LYS C 302 27.62 -3.06 27.86
N LEU C 303 28.79 -2.69 27.32
CA LEU C 303 28.92 -1.40 26.64
C LEU C 303 27.95 -1.29 25.47
N ALA C 304 27.70 -2.39 24.77
CA ALA C 304 26.67 -2.38 23.74
C ALA C 304 25.31 -2.08 24.34
N ASP C 305 25.01 -2.66 25.51
CA ASP C 305 23.73 -2.38 26.16
C ASP C 305 23.60 -0.90 26.55
N ILE C 306 24.64 -0.33 27.15
CA ILE C 306 24.57 1.09 27.51
C ILE C 306 24.48 1.97 26.27
N GLU C 307 25.19 1.61 25.19
CA GLU C 307 25.08 2.39 23.98
C GLU C 307 23.66 2.37 23.41
N TYR C 308 23.05 1.19 23.36
CA TYR C 308 21.68 1.08 22.86
C TYR C 308 20.71 1.86 23.74
N SER C 309 20.93 1.83 25.06
CA SER C 309 20.08 2.61 25.97
C SER C 309 20.27 4.11 25.78
N ILE C 310 21.51 4.54 25.53
CA ILE C 310 21.77 5.96 25.29
C ILE C 310 21.08 6.41 24.01
N SER C 311 21.04 5.54 23.00
CA SER C 311 20.37 5.88 21.75
C SER C 311 18.92 6.26 21.98
N LYS C 312 18.28 5.65 22.96
CA LYS C 312 16.88 5.92 23.28
C LYS C 312 16.71 7.04 24.31
N GLY C 313 17.81 7.62 24.80
CA GLY C 313 17.74 8.66 25.79
C GLY C 313 17.63 8.12 27.20
N GLY C 314 17.58 9.05 28.15
CA GLY C 314 17.48 8.70 29.55
C GLY C 314 18.31 9.57 30.47
N ASN C 315 18.82 8.97 31.55
CA ASN C 315 19.61 9.69 32.54
C ASN C 315 21.09 9.53 32.18
N ASP C 316 21.76 10.66 31.93
CA ASP C 316 23.17 10.61 31.54
C ASP C 316 24.05 10.08 32.67
N GLN C 317 23.79 10.53 33.90
CA GLN C 317 24.61 10.12 35.03
C GLN C 317 24.53 8.62 35.27
N ILE C 318 23.32 8.07 35.17
CA ILE C 318 23.13 6.64 35.39
C ILE C 318 23.89 5.83 34.34
N GLN C 319 23.83 6.25 33.07
CA GLN C 319 24.55 5.54 32.03
C GLN C 319 26.05 5.65 32.21
N GLY C 320 26.55 6.82 32.62
CA GLY C 320 27.97 6.96 32.89
C GLY C 320 28.44 6.07 34.02
N SER C 321 27.66 6.01 35.10
CA SER C 321 27.98 5.12 36.21
C SER C 321 27.92 3.66 35.76
N ALA C 322 26.98 3.33 34.87
CA ALA C 322 26.91 1.98 34.34
C ALA C 322 28.16 1.63 33.54
N VAL C 323 28.65 2.58 32.73
CA VAL C 323 29.88 2.34 31.98
C VAL C 323 31.05 2.11 32.94
N ILE C 324 31.17 2.96 33.96
CA ILE C 324 32.25 2.80 34.93
C ILE C 324 32.19 1.44 35.60
N GLY C 325 30.99 1.04 36.05
CA GLY C 325 30.85 -0.23 36.73
C GLY C 325 31.12 -1.41 35.81
N ALA C 326 30.68 -1.31 34.56
CA ALA C 326 30.90 -2.39 33.59
C ALA C 326 32.39 -2.59 33.35
N ILE C 327 33.12 -1.51 33.11
CA ILE C 327 34.57 -1.63 32.90
C ILE C 327 35.24 -2.17 34.16
N LYS C 328 34.84 -1.66 35.32
CA LYS C 328 35.47 -2.09 36.57
C LYS C 328 35.25 -3.57 36.82
N ALA C 329 34.04 -4.08 36.61
CA ALA C 329 33.77 -5.49 36.83
C ALA C 329 34.44 -6.36 35.78
N SER C 330 34.42 -5.93 34.51
CA SER C 330 35.06 -6.71 33.46
C SER C 330 36.55 -6.86 33.71
N PHE C 331 37.21 -5.80 34.17
CA PHE C 331 38.62 -5.93 34.50
C PHE C 331 38.84 -6.55 35.87
N GLU C 332 37.82 -6.59 36.74
CA GLU C 332 37.87 -7.40 37.94
C GLU C 332 37.91 -8.88 37.61
N ASN C 333 37.29 -9.28 36.50
CA ASN C 333 37.45 -10.65 36.01
C ASN C 333 38.90 -10.97 35.65
N GLU C 334 39.73 -9.96 35.47
CA GLU C 334 41.16 -10.14 35.19
C GLU C 334 41.96 -10.06 36.49
N THR C 335 41.84 -11.11 37.29
CA THR C 335 42.62 -11.22 38.51
C THR C 335 43.10 -12.65 38.73
N LEU D 16 4.70 47.13 18.15
CA LEU D 16 4.24 47.42 19.51
C LEU D 16 3.36 46.28 20.04
N ALA D 17 2.44 45.82 19.19
CA ALA D 17 1.55 44.74 19.59
C ALA D 17 2.33 43.45 19.85
N ALA D 18 3.28 43.13 18.99
CA ALA D 18 4.09 41.94 19.18
C ALA D 18 4.96 42.05 20.42
N GLU D 19 5.46 43.26 20.71
CA GLU D 19 6.28 43.45 21.90
C GLU D 19 5.48 43.16 23.16
N GLN D 20 4.27 43.72 23.27
CA GLN D 20 3.42 43.42 24.42
C GLN D 20 3.02 41.96 24.47
N SER D 21 2.71 41.37 23.30
CA SER D 21 2.33 39.96 23.25
C SER D 21 3.44 39.08 23.83
N LEU D 22 4.66 39.26 23.35
CA LEU D 22 5.78 38.50 23.91
C LEU D 22 6.04 38.87 25.36
N ALA D 23 5.76 40.12 25.76
CA ALA D 23 5.92 40.52 27.15
C ALA D 23 4.96 39.77 28.05
N GLN D 24 3.81 39.33 27.52
CA GLN D 24 2.86 38.50 28.27
C GLN D 24 2.72 37.15 27.53
N GLN D 25 3.64 36.24 27.85
CA GLN D 25 3.76 34.88 27.35
C GLN D 25 4.61 34.09 28.35
N PRO D 26 4.63 32.75 28.27
CA PRO D 26 5.52 31.99 29.15
C PRO D 26 6.97 32.41 28.95
N TRP D 27 7.71 32.44 30.06
CA TRP D 27 9.09 32.90 30.01
C TRP D 27 9.96 32.03 29.11
N VAL D 28 9.52 30.80 28.83
CA VAL D 28 10.19 29.96 27.84
C VAL D 28 10.13 30.62 26.47
N GLU D 29 8.96 31.15 26.11
CA GLU D 29 8.77 31.80 24.81
C GLU D 29 9.08 33.29 24.84
N LYS D 30 8.95 33.94 26.00
CA LYS D 30 9.25 35.36 26.08
C LYS D 30 10.73 35.63 25.82
N TYR D 31 11.61 34.76 26.33
CA TYR D 31 13.05 34.92 26.18
C TYR D 31 13.65 33.94 25.19
N ARG D 32 12.90 33.57 24.16
CA ARG D 32 13.46 32.81 23.06
C ARG D 32 14.52 33.66 22.36
N PRO D 33 15.73 33.15 22.14
CA PRO D 33 16.80 33.99 21.58
C PRO D 33 16.45 34.59 20.22
N LYS D 34 16.36 35.93 20.18
CA LYS D 34 16.05 36.61 18.93
C LYS D 34 17.23 36.61 17.97
N ASN D 35 18.44 36.74 18.50
CA ASN D 35 19.66 36.78 17.69
C ASN D 35 20.57 35.64 18.07
N LEU D 36 21.63 35.45 17.27
CA LEU D 36 22.57 34.36 17.51
C LEU D 36 23.45 34.60 18.73
N ASP D 37 23.65 35.85 19.14
CA ASP D 37 24.52 36.11 20.28
C ASP D 37 23.85 35.68 21.59
N GLU D 38 22.52 35.71 21.62
CA GLU D 38 21.79 35.37 22.84
C GLU D 38 21.85 33.88 23.17
N VAL D 39 22.36 33.05 22.25
CA VAL D 39 22.61 31.64 22.58
C VAL D 39 23.67 31.58 23.68
N THR D 40 23.36 30.89 24.76
CA THR D 40 24.14 31.03 25.99
C THR D 40 25.42 30.21 26.00
N ALA D 41 25.42 28.97 25.50
CA ALA D 41 26.59 28.12 25.65
C ALA D 41 26.95 27.29 24.43
N GLN D 42 26.16 27.32 23.36
CA GLN D 42 26.45 26.55 22.16
C GLN D 42 27.28 27.40 21.20
N ASP D 43 28.49 27.73 21.64
CA ASP D 43 29.33 28.64 20.88
C ASP D 43 29.94 27.96 19.66
N HIS D 44 30.24 26.65 19.76
CA HIS D 44 30.96 25.95 18.70
C HIS D 44 30.14 25.84 17.42
N ALA D 45 28.84 26.13 17.50
CA ALA D 45 27.97 26.14 16.32
C ALA D 45 27.57 27.56 15.92
N VAL D 46 27.18 28.39 16.89
CA VAL D 46 26.78 29.75 16.57
C VAL D 46 27.95 30.57 16.05
N THR D 47 29.18 30.25 16.43
CA THR D 47 30.34 30.94 15.87
C THR D 47 30.49 30.63 14.39
N VAL D 48 30.34 29.36 14.02
CA VAL D 48 30.40 28.96 12.62
C VAL D 48 29.27 29.64 11.83
N LEU D 49 28.07 29.66 12.40
CA LEU D 49 26.96 30.33 11.72
C LEU D 49 27.20 31.83 11.59
N LYS D 50 27.78 32.45 12.62
CA LYS D 50 28.06 33.88 12.57
C LYS D 50 29.08 34.20 11.48
N LYS D 51 30.12 33.38 11.36
CA LYS D 51 31.08 33.62 10.28
C LYS D 51 30.53 33.27 8.92
N THR D 52 29.59 32.33 8.83
CA THR D 52 28.92 32.03 7.58
C THR D 52 27.91 33.11 7.20
N LEU D 53 27.49 33.93 8.16
CA LEU D 53 26.71 35.12 7.82
C LEU D 53 27.46 36.03 6.87
N LYS D 54 28.76 36.24 7.13
CA LYS D 54 29.56 37.06 6.24
C LYS D 54 29.69 36.45 4.85
N SER D 55 29.90 35.14 4.78
CA SER D 55 30.00 34.45 3.50
C SER D 55 28.62 34.00 3.05
N ALA D 56 28.58 33.17 2.01
CA ALA D 56 27.31 32.62 1.50
C ALA D 56 27.47 31.15 1.14
N ASN D 57 28.16 30.40 2.01
CA ASN D 57 28.42 28.99 1.78
C ASN D 57 27.94 28.15 2.96
N LEU D 58 26.70 28.38 3.38
CA LEU D 58 26.13 27.65 4.51
C LEU D 58 26.09 26.16 4.20
N PRO D 59 26.73 25.31 5.01
CA PRO D 59 26.72 23.88 4.73
C PRO D 59 25.35 23.29 5.03
N HIS D 60 25.16 22.04 4.60
CA HIS D 60 24.02 21.26 5.08
C HIS D 60 24.25 20.88 6.54
N MET D 61 23.24 21.10 7.38
CA MET D 61 23.42 21.03 8.83
C MET D 61 22.45 20.08 9.50
N LEU D 62 22.96 19.36 10.50
CA LEU D 62 22.19 18.45 11.34
C LEU D 62 22.43 18.84 12.79
N PHE D 63 21.42 19.44 13.41
CA PHE D 63 21.46 19.87 14.81
C PHE D 63 20.95 18.73 15.66
N TYR D 64 21.83 18.11 16.43
CA TYR D 64 21.46 16.98 17.27
C TYR D 64 21.95 17.20 18.70
N GLY D 65 21.05 17.05 19.66
CA GLY D 65 21.36 17.26 21.06
C GLY D 65 20.18 16.97 21.96
N PRO D 66 20.39 17.06 23.28
CA PRO D 66 19.31 16.81 24.23
C PRO D 66 18.20 17.84 24.09
N PRO D 67 16.98 17.50 24.49
CA PRO D 67 15.87 18.46 24.37
C PRO D 67 16.10 19.69 25.25
N GLY D 68 15.62 20.83 24.75
CA GLY D 68 15.78 22.07 25.48
C GLY D 68 17.16 22.66 25.45
N THR D 69 17.99 22.29 24.46
CA THR D 69 19.34 22.81 24.37
C THR D 69 19.45 24.08 23.53
N GLY D 70 18.59 24.26 22.53
CA GLY D 70 18.59 25.49 21.76
C GLY D 70 18.79 25.32 20.27
N LYS D 71 18.49 24.13 19.74
CA LYS D 71 18.62 23.90 18.31
C LYS D 71 17.62 24.76 17.53
N THR D 72 16.35 24.71 17.92
CA THR D 72 15.32 25.47 17.22
C THR D 72 15.54 26.97 17.36
N SER D 73 15.94 27.43 18.55
CA SER D 73 16.21 28.86 18.74
C SER D 73 17.38 29.30 17.88
N THR D 74 18.45 28.50 17.83
CA THR D 74 19.60 28.84 16.99
C THR D 74 19.19 28.90 15.52
N ILE D 75 18.40 27.93 15.05
CA ILE D 75 18.01 27.91 13.65
C ILE D 75 16.95 28.93 13.30
N LEU D 76 16.25 29.47 14.29
CA LEU D 76 15.31 30.56 14.02
C LEU D 76 15.98 31.92 14.11
N ALA D 77 17.05 32.04 14.88
CA ALA D 77 17.84 33.27 14.87
C ALA D 77 18.75 33.37 13.65
N LEU D 78 19.29 32.25 13.19
CA LEU D 78 20.16 32.26 12.02
C LEU D 78 19.42 32.76 10.78
N THR D 79 18.20 32.26 10.56
CA THR D 79 17.43 32.70 9.39
C THR D 79 17.04 34.16 9.50
N LYS D 80 16.68 34.62 10.72
CA LYS D 80 16.33 36.02 10.91
C LYS D 80 17.53 36.92 10.60
N GLU D 81 18.72 36.54 11.04
CA GLU D 81 19.90 37.34 10.77
C GLU D 81 20.30 37.28 9.30
N LEU D 82 20.14 36.12 8.67
CA LEU D 82 20.58 35.96 7.29
C LEU D 82 19.65 36.67 6.30
N TYR D 83 18.34 36.56 6.50
CA TYR D 83 17.38 37.05 5.52
C TYR D 83 16.65 38.31 5.94
N GLY D 84 16.48 38.55 7.23
CA GLY D 84 15.68 39.66 7.71
C GLY D 84 14.29 39.23 8.08
N PRO D 85 13.58 40.06 8.86
CA PRO D 85 12.23 39.69 9.31
C PRO D 85 11.25 39.45 8.18
N ASP D 86 11.10 40.44 7.29
CA ASP D 86 10.10 40.34 6.23
C ASP D 86 10.42 39.21 5.26
N LEU D 87 11.70 39.05 4.91
CA LEU D 87 12.06 38.18 3.80
C LEU D 87 12.11 36.72 4.26
N MET D 88 12.26 36.50 5.57
CA MET D 88 12.37 35.16 6.11
C MET D 88 11.17 34.29 5.73
N LYS D 89 9.97 34.87 5.81
CA LYS D 89 8.76 34.14 5.44
C LYS D 89 8.85 33.60 4.02
N SER D 90 9.43 34.38 3.10
CA SER D 90 9.55 33.94 1.72
C SER D 90 10.66 32.91 1.55
N ARG D 91 11.79 33.09 2.25
CA ARG D 91 12.96 32.26 2.02
C ARG D 91 13.13 31.14 3.04
N ILE D 92 12.09 30.81 3.80
CA ILE D 92 12.18 29.77 4.81
C ILE D 92 10.99 28.84 4.69
N LEU D 93 11.25 27.53 4.69
CA LEU D 93 10.21 26.51 4.75
C LEU D 93 10.47 25.63 5.96
N GLU D 94 9.51 25.59 6.88
CA GLU D 94 9.63 24.86 8.14
C GLU D 94 8.62 23.72 8.17
N LEU D 95 9.12 22.51 8.46
CA LEU D 95 8.30 21.30 8.47
C LEU D 95 8.62 20.52 9.75
N ASN D 96 7.63 20.38 10.62
CA ASN D 96 7.79 19.68 11.88
C ASN D 96 7.26 18.24 11.76
N ALA D 97 7.21 17.53 12.87
CA ALA D 97 6.56 16.22 12.91
C ALA D 97 5.05 16.31 13.00
N SER D 98 4.51 17.49 13.32
CA SER D 98 3.06 17.68 13.27
C SER D 98 2.52 17.56 11.85
N ASP D 99 3.35 17.82 10.85
CA ASP D 99 3.00 17.62 9.47
C ASP D 99 3.48 16.26 9.00
N GLU D 100 2.67 15.61 8.16
CA GLU D 100 3.07 14.33 7.60
C GLU D 100 4.33 14.49 6.77
N ARG D 101 5.29 13.57 6.95
CA ARG D 101 6.60 13.67 6.33
C ARG D 101 6.99 12.32 5.72
N GLY D 102 6.06 11.74 4.97
CA GLY D 102 6.32 10.52 4.23
C GLY D 102 7.11 10.78 2.96
N ILE D 103 7.08 9.80 2.06
CA ILE D 103 7.78 9.97 0.79
C ILE D 103 7.15 11.07 -0.04
N SER D 104 5.82 11.18 -0.02
CA SER D 104 5.13 12.16 -0.85
C SER D 104 5.50 13.59 -0.46
N ILE D 105 5.49 13.88 0.86
CA ILE D 105 5.80 15.23 1.32
C ILE D 105 7.27 15.58 1.19
N VAL D 106 8.12 14.58 0.96
CA VAL D 106 9.51 14.83 0.59
C VAL D 106 9.67 15.03 -0.91
N ARG D 107 8.93 14.30 -1.74
CA ARG D 107 9.05 14.36 -3.18
C ARG D 107 8.11 15.39 -3.83
N GLU D 108 7.16 15.93 -3.07
CA GLU D 108 6.23 16.92 -3.62
C GLU D 108 6.42 18.29 -2.99
N LYS D 109 6.35 18.41 -1.66
CA LYS D 109 6.45 19.72 -1.05
C LYS D 109 7.90 20.20 -1.01
N VAL D 110 8.79 19.38 -0.45
CA VAL D 110 10.18 19.77 -0.31
C VAL D 110 10.83 19.97 -1.68
N LYS D 111 10.57 19.05 -2.61
CA LYS D 111 11.18 19.15 -3.93
C LYS D 111 10.67 20.36 -4.69
N ASN D 112 9.37 20.65 -4.59
CA ASN D 112 8.83 21.85 -5.24
C ASN D 112 9.44 23.12 -4.65
N PHE D 113 9.57 23.16 -3.32
CA PHE D 113 10.18 24.33 -2.71
C PHE D 113 11.63 24.50 -3.14
N ALA D 114 12.37 23.39 -3.24
CA ALA D 114 13.77 23.45 -3.69
C ALA D 114 13.86 23.91 -5.14
N ARG D 115 12.96 23.43 -6.00
CA ARG D 115 13.04 23.75 -7.42
C ARG D 115 12.73 25.21 -7.70
N LEU D 116 11.88 25.83 -6.88
CA LEU D 116 11.54 27.23 -7.07
C LEU D 116 12.79 28.10 -6.98
N THR D 117 12.86 29.10 -7.85
CA THR D 117 13.97 30.03 -7.81
C THR D 117 13.92 30.86 -6.52
N VAL D 118 15.09 31.36 -6.12
CA VAL D 118 15.17 32.11 -4.87
C VAL D 118 14.36 33.39 -4.98
N SER D 119 13.62 33.71 -3.92
CA SER D 119 12.75 34.88 -3.92
C SER D 119 13.56 36.16 -4.09
N LYS D 120 12.96 37.14 -4.74
CA LYS D 120 13.65 38.39 -5.04
C LYS D 120 13.86 39.19 -3.77
N PRO D 121 15.09 39.55 -3.42
CA PRO D 121 15.31 40.44 -2.27
C PRO D 121 14.90 41.87 -2.62
N SER D 122 14.25 42.54 -1.67
CA SER D 122 13.89 43.93 -1.82
C SER D 122 15.12 44.80 -1.56
N LYS D 123 14.98 46.11 -1.81
CA LYS D 123 16.09 47.02 -1.58
C LYS D 123 16.46 47.08 -0.09
N HIS D 124 15.45 47.22 0.77
CA HIS D 124 15.70 47.37 2.20
C HIS D 124 16.42 46.14 2.76
N ASP D 125 15.95 44.95 2.40
CA ASP D 125 16.58 43.73 2.86
C ASP D 125 18.02 43.65 2.39
N LEU D 126 18.27 44.07 1.14
CA LEU D 126 19.62 44.00 0.60
C LEU D 126 20.57 44.95 1.31
N GLU D 127 20.14 46.19 1.56
CA GLU D 127 21.04 47.13 2.25
C GLU D 127 21.29 46.70 3.69
N ASN D 128 20.27 46.24 4.41
CA ASN D 128 20.45 45.91 5.81
C ASN D 128 20.86 44.46 6.06
N TYR D 129 20.23 43.52 5.39
CA TYR D 129 20.55 42.14 5.75
C TYR D 129 21.38 41.48 4.66
N PRO D 130 22.20 40.49 5.04
CA PRO D 130 23.16 39.91 4.06
C PRO D 130 22.50 39.35 2.82
N CYS D 131 21.32 38.74 2.94
CA CYS D 131 20.56 38.21 1.81
C CYS D 131 21.39 37.21 1.02
N PRO D 132 21.67 36.04 1.55
CA PRO D 132 22.45 35.04 0.82
C PRO D 132 21.63 34.43 -0.31
N PRO D 133 22.29 33.95 -1.39
CA PRO D 133 21.58 33.43 -2.56
C PRO D 133 21.13 31.97 -2.41
N TYR D 134 20.37 31.69 -1.35
CA TYR D 134 19.80 30.37 -1.15
C TYR D 134 18.66 30.48 -0.14
N LYS D 135 17.95 29.36 0.03
CA LYS D 135 16.89 29.25 1.02
C LYS D 135 17.14 28.04 1.90
N ILE D 136 16.77 28.15 3.17
CA ILE D 136 17.03 27.12 4.16
C ILE D 136 15.73 26.39 4.45
N ILE D 137 15.75 25.07 4.32
CA ILE D 137 14.63 24.21 4.69
C ILE D 137 14.91 23.65 6.07
N ILE D 138 14.06 23.98 7.03
CA ILE D 138 14.24 23.56 8.42
C ILE D 138 13.31 22.37 8.68
N LEU D 139 13.90 21.21 8.93
CA LEU D 139 13.14 20.00 9.23
C LEU D 139 13.26 19.71 10.72
N ASP D 140 12.36 20.29 11.50
CA ASP D 140 12.32 20.02 12.92
C ASP D 140 11.88 18.58 13.18
N GLU D 141 12.54 17.92 14.14
CA GLU D 141 12.23 16.54 14.50
C GLU D 141 12.38 15.61 13.30
N ALA D 142 13.51 15.73 12.61
CA ALA D 142 13.80 14.87 11.47
C ALA D 142 13.98 13.40 11.86
N ASP D 143 14.13 13.11 13.15
CA ASP D 143 14.24 11.72 13.59
C ASP D 143 12.94 10.97 13.35
N SER D 144 11.80 11.65 13.47
CA SER D 144 10.51 11.00 13.31
C SER D 144 10.28 10.54 11.88
N MET D 145 10.97 11.14 10.91
CA MET D 145 10.80 10.75 9.52
C MET D 145 11.23 9.31 9.29
N THR D 146 10.49 8.61 8.43
CA THR D 146 10.83 7.24 8.08
C THR D 146 12.09 7.21 7.22
N ALA D 147 12.70 6.02 7.15
CA ALA D 147 13.94 5.86 6.39
C ALA D 147 13.71 6.13 4.91
N ASP D 148 12.53 5.80 4.40
CA ASP D 148 12.23 6.01 2.98
C ASP D 148 12.28 7.49 2.61
N ALA D 149 11.68 8.35 3.45
CA ALA D 149 11.69 9.78 3.17
C ALA D 149 13.11 10.35 3.21
N GLN D 150 13.91 9.89 4.18
CA GLN D 150 15.30 10.35 4.26
C GLN D 150 16.10 9.91 3.03
N SER D 151 15.89 8.66 2.60
CA SER D 151 16.55 8.19 1.39
C SER D 151 16.12 9.00 0.17
N ALA D 152 14.85 9.41 0.12
CA ALA D 152 14.39 10.27 -0.96
C ALA D 152 15.06 11.64 -0.91
N LEU D 153 15.20 12.20 0.30
CA LEU D 153 15.85 13.49 0.48
C LEU D 153 17.35 13.45 0.17
N ARG D 154 17.97 12.27 0.24
CA ARG D 154 19.41 12.15 0.05
C ARG D 154 19.91 12.98 -1.12
N ARG D 155 19.42 12.69 -2.33
CA ARG D 155 19.89 13.42 -3.50
C ARG D 155 19.12 14.71 -3.76
N THR D 156 17.94 14.87 -3.15
CA THR D 156 17.22 16.13 -3.26
C THR D 156 18.04 17.27 -2.66
N MET D 157 18.67 17.02 -1.51
CA MET D 157 19.58 18.02 -0.96
C MET D 157 20.79 18.23 -1.86
N GLU D 158 21.30 17.14 -2.46
CA GLU D 158 22.55 17.21 -3.21
C GLU D 158 22.41 18.01 -4.50
N THR D 159 21.52 17.56 -5.39
CA THR D 159 21.50 18.11 -6.75
C THR D 159 21.04 19.57 -6.73
N TYR D 160 20.29 19.95 -5.69
CA TYR D 160 19.73 21.30 -5.59
C TYR D 160 20.44 22.14 -4.54
N SER D 161 21.68 21.79 -4.20
CA SER D 161 22.40 22.53 -3.16
C SER D 161 22.69 23.97 -3.58
N GLY D 162 22.57 24.26 -4.88
CA GLY D 162 22.88 25.60 -5.35
C GLY D 162 21.93 26.65 -4.82
N VAL D 163 20.63 26.34 -4.78
CA VAL D 163 19.61 27.32 -4.43
C VAL D 163 18.94 27.02 -3.09
N THR D 164 19.19 25.85 -2.50
CA THR D 164 18.58 25.51 -1.22
C THR D 164 19.62 24.91 -0.29
N ARG D 165 19.40 25.13 1.02
CA ARG D 165 20.21 24.54 2.08
C ARG D 165 19.29 23.80 3.03
N PHE D 166 19.77 22.67 3.54
CA PHE D 166 18.94 21.78 4.36
C PHE D 166 19.45 21.74 5.79
N CYS D 167 18.53 21.97 6.74
CA CYS D 167 18.79 21.80 8.16
C CYS D 167 17.84 20.75 8.72
N LEU D 168 18.39 19.77 9.41
CA LEU D 168 17.61 18.73 10.07
C LEU D 168 17.91 18.78 11.57
N ILE D 169 16.85 18.85 12.38
CA ILE D 169 16.98 18.89 13.83
C ILE D 169 16.46 17.57 14.38
N CYS D 170 17.29 16.87 15.15
CA CYS D 170 16.89 15.58 15.68
C CYS D 170 17.36 15.45 17.13
N ASN D 171 16.52 14.84 17.96
CA ASN D 171 16.94 14.54 19.34
C ASN D 171 18.00 13.45 19.38
N TYR D 172 17.77 12.37 18.64
CA TYR D 172 18.72 11.26 18.56
C TYR D 172 19.26 11.18 17.13
N VAL D 173 20.59 11.19 17.01
CA VAL D 173 21.21 11.13 15.70
C VAL D 173 21.12 9.74 15.09
N THR D 174 20.90 8.71 15.91
CA THR D 174 20.83 7.34 15.39
C THR D 174 19.63 7.14 14.47
N ARG D 175 18.54 7.86 14.71
CA ARG D 175 17.35 7.72 13.86
C ARG D 175 17.63 8.18 12.44
N ILE D 176 18.46 9.21 12.28
CA ILE D 176 18.81 9.68 10.95
C ILE D 176 19.65 8.62 10.24
N ILE D 177 19.31 8.37 8.97
CA ILE D 177 20.05 7.37 8.19
C ILE D 177 21.49 7.86 7.97
N ASP D 178 22.38 6.91 7.73
CA ASP D 178 23.82 7.22 7.66
C ASP D 178 24.18 8.19 6.54
N PRO D 179 23.75 8.01 5.28
CA PRO D 179 24.12 9.00 4.25
C PRO D 179 23.61 10.41 4.53
N LEU D 180 22.41 10.52 5.10
CA LEU D 180 21.86 11.85 5.39
C LEU D 180 22.71 12.58 6.42
N ALA D 181 23.12 11.87 7.48
CA ALA D 181 24.01 12.48 8.47
C ALA D 181 25.39 12.74 7.89
N SER D 182 25.84 11.90 6.95
CA SER D 182 27.14 12.11 6.31
C SER D 182 27.14 13.41 5.50
N ARG D 183 26.07 13.66 4.75
CA ARG D 183 26.00 14.88 3.96
C ARG D 183 25.96 16.13 4.84
N CYS D 184 25.17 16.09 5.92
CA CYS D 184 24.99 17.27 6.75
C CYS D 184 26.17 17.48 7.69
N SER D 185 26.50 18.74 7.94
CA SER D 185 27.47 19.07 8.97
C SER D 185 26.85 18.84 10.35
N LYS D 186 27.47 17.98 11.15
CA LYS D 186 26.92 17.57 12.43
C LYS D 186 27.27 18.61 13.49
N PHE D 187 26.24 19.24 14.07
CA PHE D 187 26.40 20.16 15.18
C PHE D 187 25.73 19.56 16.41
N ARG D 188 26.53 19.21 17.40
CA ARG D 188 26.05 18.70 18.67
C ARG D 188 25.86 19.87 19.63
N PHE D 189 24.61 20.09 20.06
CA PHE D 189 24.33 21.14 21.02
C PHE D 189 24.56 20.59 22.43
N LYS D 190 25.56 21.16 23.11
CA LYS D 190 26.01 20.60 24.38
C LYS D 190 24.96 20.79 25.46
N ALA D 191 24.99 19.90 26.46
CA ALA D 191 24.03 19.98 27.56
C ALA D 191 24.26 21.25 28.36
N LEU D 192 23.16 21.79 28.91
CA LEU D 192 23.18 23.07 29.61
C LEU D 192 23.12 22.81 31.11
N ASP D 193 24.31 22.61 31.70
CA ASP D 193 24.43 22.49 33.14
C ASP D 193 24.50 23.86 33.78
N ALA D 194 24.80 23.89 35.08
CA ALA D 194 24.84 25.16 35.81
C ALA D 194 25.98 26.05 35.30
N SER D 195 27.15 25.45 35.04
CA SER D 195 28.35 26.24 34.79
C SER D 195 28.20 27.12 33.55
N ASN D 196 27.54 26.61 32.51
CA ASN D 196 27.53 27.32 31.23
C ASN D 196 26.30 28.20 31.07
N ALA D 197 25.22 27.90 31.79
CA ALA D 197 23.95 28.59 31.61
C ALA D 197 23.53 29.39 32.84
N ILE D 198 24.40 29.47 33.86
CA ILE D 198 24.06 30.25 35.05
C ILE D 198 23.94 31.72 34.70
N ASP D 199 24.76 32.22 33.77
CA ASP D 199 24.67 33.62 33.37
C ASP D 199 23.33 33.92 32.72
N ARG D 200 22.86 33.05 31.82
CA ARG D 200 21.58 33.27 31.17
C ARG D 200 20.43 33.19 32.17
N LEU D 201 20.48 32.21 33.08
CA LEU D 201 19.41 32.10 34.08
C LEU D 201 19.38 33.32 34.99
N ARG D 202 20.55 33.81 35.41
CA ARG D 202 20.60 35.01 36.23
C ARG D 202 20.10 36.23 35.45
N PHE D 203 20.40 36.27 34.14
CA PHE D 203 19.87 37.35 33.30
C PHE D 203 18.35 37.36 33.32
N ILE D 204 17.73 36.19 33.09
CA ILE D 204 16.27 36.13 33.09
C ILE D 204 15.72 36.51 34.46
N SER D 205 16.34 36.01 35.53
CA SER D 205 15.87 36.33 36.87
C SER D 205 15.95 37.83 37.15
N GLU D 206 17.03 38.47 36.71
CA GLU D 206 17.18 39.90 36.93
C GLU D 206 16.17 40.71 36.12
N GLN D 207 15.90 40.29 34.88
CA GLN D 207 14.90 41.01 34.09
C GLN D 207 13.50 40.87 34.66
N GLU D 208 13.20 39.71 35.26
CA GLU D 208 11.89 39.57 35.89
C GLU D 208 11.91 39.80 37.40
N ASN D 209 12.91 40.52 37.91
CA ASN D 209 13.00 40.92 39.32
C ASN D 209 12.83 39.75 40.27
N VAL D 210 13.33 38.57 39.92
CA VAL D 210 13.19 37.42 40.80
C VAL D 210 14.29 37.46 41.86
N LYS D 211 13.87 37.38 43.12
CA LYS D 211 14.78 37.48 44.26
C LYS D 211 15.06 36.06 44.77
N CYS D 212 16.34 35.69 44.81
CA CYS D 212 16.73 34.33 45.12
C CYS D 212 17.86 34.30 46.14
N ASP D 213 17.99 33.16 46.82
CA ASP D 213 19.10 32.88 47.71
C ASP D 213 20.30 32.51 46.83
N ASP D 214 21.48 32.37 47.44
CA ASP D 214 22.73 32.25 46.68
C ASP D 214 22.68 31.07 45.71
N GLY D 215 22.24 29.91 46.17
CA GLY D 215 22.29 28.70 45.37
C GLY D 215 21.02 28.30 44.66
N VAL D 216 20.01 29.17 44.60
CA VAL D 216 18.72 28.78 44.01
C VAL D 216 18.85 28.57 42.51
N LEU D 217 19.50 29.49 41.81
CA LEU D 217 19.64 29.35 40.36
C LEU D 217 20.50 28.15 40.00
N GLU D 218 21.62 27.97 40.70
CA GLU D 218 22.45 26.80 40.46
C GLU D 218 21.71 25.51 40.71
N ARG D 219 20.95 25.45 41.81
CA ARG D 219 20.16 24.26 42.11
C ARG D 219 19.10 24.00 41.05
N ILE D 220 18.44 25.06 40.57
CA ILE D 220 17.49 24.92 39.47
C ILE D 220 18.17 24.28 38.28
N LEU D 221 19.38 24.74 37.96
CA LEU D 221 20.10 24.18 36.82
C LEU D 221 20.47 22.72 37.05
N ASP D 222 20.86 22.35 38.27
CA ASP D 222 21.20 20.94 38.52
C ASP D 222 19.97 20.05 38.41
N ILE D 223 18.82 20.47 38.96
CA ILE D 223 17.61 19.66 38.82
C ILE D 223 17.19 19.56 37.37
N SER D 224 17.41 20.64 36.60
CA SER D 224 17.07 20.61 35.17
C SER D 224 17.85 19.53 34.43
N ALA D 225 19.10 19.27 34.84
CA ALA D 225 19.92 18.20 34.26
C ALA D 225 20.11 18.38 32.75
N GLY D 226 20.70 19.51 32.37
CA GLY D 226 21.03 19.77 30.98
C GLY D 226 19.92 20.34 30.12
N ASP D 227 18.88 20.90 30.72
CA ASP D 227 17.75 21.45 29.97
C ASP D 227 17.48 22.85 30.50
N LEU D 228 17.65 23.85 29.62
CA LEU D 228 17.39 25.23 30.04
C LEU D 228 15.90 25.52 30.13
N ARG D 229 15.10 24.90 29.25
CA ARG D 229 13.66 25.16 29.25
C ARG D 229 13.03 24.76 30.58
N ARG D 230 13.42 23.60 31.11
CA ARG D 230 12.92 23.20 32.43
C ARG D 230 13.34 24.17 33.51
N GLY D 231 14.57 24.69 33.42
CA GLY D 231 15.03 25.67 34.39
C GLY D 231 14.21 26.95 34.35
N ILE D 232 13.92 27.44 33.14
CA ILE D 232 13.10 28.64 33.01
C ILE D 232 11.70 28.39 33.54
N THR D 233 11.13 27.23 33.23
CA THR D 233 9.79 26.91 33.74
C THR D 233 9.77 26.85 35.26
N LEU D 234 10.78 26.21 35.85
CA LEU D 234 10.86 26.13 37.31
C LEU D 234 11.02 27.51 37.94
N LEU D 235 11.87 28.36 37.34
CA LEU D 235 12.05 29.71 37.85
C LEU D 235 10.75 30.50 37.77
N GLN D 236 10.02 30.37 36.66
CA GLN D 236 8.75 31.08 36.53
C GLN D 236 7.73 30.59 37.56
N SER D 237 7.67 29.27 37.79
CA SER D 237 6.75 28.74 38.79
C SER D 237 7.09 29.26 40.18
N ALA D 238 8.39 29.23 40.53
CA ALA D 238 8.81 29.72 41.84
C ALA D 238 8.52 31.21 41.99
N SER D 239 8.76 31.99 40.94
CA SER D 239 8.50 33.42 41.00
C SER D 239 7.01 33.70 41.17
N LYS D 240 6.15 32.97 40.43
CA LYS D 240 4.71 33.16 40.57
C LYS D 240 4.25 32.79 41.97
N GLY D 241 4.77 31.69 42.53
CA GLY D 241 4.44 31.34 43.89
C GLY D 241 4.85 32.41 44.89
N ALA D 242 6.07 32.94 44.72
CA ALA D 242 6.55 33.97 45.63
C ALA D 242 5.71 35.24 45.53
N GLN D 243 5.33 35.64 44.31
CA GLN D 243 4.49 36.81 44.14
C GLN D 243 3.10 36.59 44.74
N TYR D 244 2.55 35.38 44.62
CA TYR D 244 1.26 35.09 45.25
C TYR D 244 1.38 35.16 46.77
N LEU D 245 2.49 34.68 47.33
CA LEU D 245 2.67 34.72 48.78
C LEU D 245 2.63 36.14 49.30
N GLY D 246 3.27 37.08 48.60
CA GLY D 246 3.24 38.46 48.99
C GLY D 246 4.13 38.81 50.17
N ASP D 247 4.93 37.86 50.66
CA ASP D 247 5.81 38.14 51.79
C ASP D 247 6.92 39.10 51.41
N GLY D 248 7.41 39.01 50.18
CA GLY D 248 8.55 39.80 49.74
C GLY D 248 9.89 39.19 50.01
N LYS D 249 9.94 37.96 50.53
CA LYS D 249 11.22 37.27 50.75
C LYS D 249 11.69 36.66 49.43
N ASN D 250 12.71 35.81 49.51
CA ASN D 250 13.33 35.20 48.34
C ASN D 250 12.93 33.73 48.24
N ILE D 251 12.87 33.23 47.01
CA ILE D 251 12.63 31.81 46.79
C ILE D 251 13.82 31.02 47.34
N THR D 252 13.52 29.97 48.10
CA THR D 252 14.53 29.16 48.75
C THR D 252 14.73 27.86 47.98
N SER D 253 15.91 27.25 48.14
CA SER D 253 16.23 26.02 47.42
C SER D 253 15.23 24.90 47.73
N THR D 254 14.76 24.83 48.97
CA THR D 254 13.78 23.82 49.32
C THR D 254 12.46 24.04 48.59
N GLN D 255 12.07 25.30 48.38
CA GLN D 255 10.88 25.59 47.59
C GLN D 255 11.05 25.11 46.15
N VAL D 256 12.22 25.35 45.57
CA VAL D 256 12.49 24.90 44.21
C VAL D 256 12.44 23.38 44.14
N GLU D 257 13.03 22.69 45.11
CA GLU D 257 12.99 21.23 45.11
C GLU D 257 11.57 20.71 45.28
N GLU D 258 10.77 21.38 46.11
CA GLU D 258 9.36 21.01 46.23
C GLU D 258 8.63 21.17 44.91
N LEU D 259 8.92 22.25 44.18
CA LEU D 259 8.27 22.52 42.91
C LEU D 259 8.91 21.79 41.74
N ALA D 260 9.98 21.03 41.98
CA ALA D 260 10.66 20.31 40.91
C ALA D 260 10.45 18.81 40.97
N GLY D 261 9.57 18.33 41.84
CA GLY D 261 9.33 16.90 41.98
C GLY D 261 10.54 16.15 42.48
N VAL D 262 11.18 16.68 43.53
CA VAL D 262 12.35 16.07 44.14
C VAL D 262 11.94 15.46 45.46
N VAL D 263 12.26 14.18 45.65
CA VAL D 263 11.93 13.46 46.87
C VAL D 263 12.69 14.09 48.03
N PRO D 264 12.04 14.39 49.15
CA PRO D 264 12.75 14.98 50.29
C PRO D 264 13.83 14.03 50.81
N HIS D 265 14.88 14.63 51.38
CA HIS D 265 16.00 13.84 51.87
C HIS D 265 15.57 12.86 52.95
N ASP D 266 14.57 13.25 53.76
CA ASP D 266 14.07 12.35 54.79
C ASP D 266 13.44 11.10 54.20
N ILE D 267 12.64 11.26 53.14
CA ILE D 267 11.98 10.11 52.54
C ILE D 267 12.99 9.22 51.84
N LEU D 268 13.97 9.82 51.17
CA LEU D 268 15.03 9.03 50.54
C LEU D 268 15.83 8.26 51.60
N ILE D 269 16.13 8.91 52.73
CA ILE D 269 16.84 8.24 53.81
C ILE D 269 16.03 7.07 54.34
N GLU D 270 14.73 7.27 54.52
CA GLU D 270 13.86 6.19 54.96
C GLU D 270 13.87 5.03 53.96
N ILE D 271 13.88 5.37 52.66
CA ILE D 271 13.96 4.34 51.63
C ILE D 271 15.23 3.52 51.79
N VAL D 272 16.37 4.20 51.96
CA VAL D 272 17.64 3.47 52.11
C VAL D 272 17.65 2.62 53.37
N GLU D 273 17.08 3.13 54.47
CA GLU D 273 17.01 2.33 55.69
C GLU D 273 16.16 1.08 55.48
N LYS D 274 15.06 1.21 54.74
CA LYS D 274 14.22 0.04 54.46
C LYS D 274 14.94 -0.96 53.58
N VAL D 275 15.72 -0.49 52.60
CA VAL D 275 16.50 -1.40 51.78
C VAL D 275 17.58 -2.09 52.62
N LYS D 276 18.12 -1.38 53.61
CA LYS D 276 19.17 -1.99 54.45
C LYS D 276 18.66 -3.21 55.19
N SER D 277 17.44 -3.15 55.73
CA SER D 277 16.82 -4.29 56.39
C SER D 277 16.11 -5.11 55.33
N GLY D 278 16.70 -6.25 54.96
CA GLY D 278 16.22 -7.03 53.84
C GLY D 278 14.96 -7.82 54.13
N ASP D 279 13.84 -7.14 54.33
CA ASP D 279 12.54 -7.75 54.50
C ASP D 279 11.65 -7.36 53.32
N PHE D 280 11.18 -8.38 52.58
CA PHE D 280 10.40 -8.10 51.38
C PHE D 280 9.08 -7.43 51.71
N ASP D 281 8.40 -7.89 52.78
CA ASP D 281 7.10 -7.35 53.12
C ASP D 281 7.19 -5.89 53.55
N GLU D 282 8.17 -5.55 54.38
CA GLU D 282 8.33 -4.16 54.82
C GLU D 282 8.66 -3.24 53.65
N ILE D 283 9.56 -3.69 52.77
CA ILE D 283 9.90 -2.90 51.58
C ILE D 283 8.67 -2.70 50.70
N LYS D 284 7.88 -3.76 50.51
CA LYS D 284 6.68 -3.66 49.70
C LYS D 284 5.68 -2.68 50.30
N LYS D 285 5.48 -2.75 51.62
CA LYS D 285 4.54 -1.84 52.27
C LYS D 285 5.00 -0.38 52.15
N TYR D 286 6.29 -0.13 52.41
CA TYR D 286 6.78 1.23 52.30
C TYR D 286 6.75 1.71 50.85
N VAL D 287 6.98 0.82 49.89
CA VAL D 287 6.89 1.20 48.49
C VAL D 287 5.45 1.57 48.12
N ASN D 288 4.48 0.80 48.63
CA ASN D 288 3.08 1.15 48.37
C ASN D 288 2.74 2.52 48.95
N THR D 289 3.14 2.76 50.21
CA THR D 289 2.88 4.05 50.82
C THR D 289 3.60 5.18 50.08
N PHE D 290 4.80 4.90 49.56
CA PHE D 290 5.57 5.90 48.83
C PHE D 290 4.91 6.24 47.50
N MET D 291 4.47 5.22 46.76
CA MET D 291 3.77 5.44 45.50
C MET D 291 2.36 5.99 45.70
N LYS D 292 1.85 5.98 46.93
CA LYS D 292 0.65 6.77 47.21
C LYS D 292 0.90 8.27 47.12
N SER D 293 2.13 8.68 46.78
CA SER D 293 2.44 10.05 46.44
C SER D 293 3.00 10.08 45.02
N GLY D 294 2.86 11.22 44.36
CA GLY D 294 3.24 11.35 42.96
C GLY D 294 4.73 11.49 42.72
N TRP D 295 5.54 10.95 43.63
CA TRP D 295 6.98 10.90 43.44
C TRP D 295 7.30 10.03 42.23
N SER D 296 7.78 10.67 41.16
CA SER D 296 8.07 9.96 39.92
C SER D 296 9.22 8.99 40.12
N ALA D 297 9.09 7.81 39.52
CA ALA D 297 10.08 6.75 39.73
C ALA D 297 11.44 7.13 39.18
N ALA D 298 11.47 7.86 38.06
CA ALA D 298 12.74 8.28 37.48
C ALA D 298 13.49 9.23 38.43
N SER D 299 12.78 10.18 39.02
CA SER D 299 13.39 11.08 39.99
C SER D 299 13.78 10.38 41.28
N VAL D 300 13.20 9.21 41.56
CA VAL D 300 13.61 8.40 42.69
C VAL D 300 14.89 7.65 42.37
N VAL D 301 14.97 7.06 41.18
CA VAL D 301 16.16 6.33 40.76
C VAL D 301 17.36 7.26 40.65
N ASN D 302 17.14 8.49 40.18
CA ASN D 302 18.25 9.44 40.07
C ASN D 302 18.83 9.77 41.44
N GLN D 303 17.96 10.05 42.42
CA GLN D 303 18.44 10.37 43.76
C GLN D 303 19.05 9.15 44.44
N LEU D 304 18.51 7.96 44.18
CA LEU D 304 19.11 6.74 44.70
C LEU D 304 20.52 6.55 44.15
N HIS D 305 20.70 6.77 42.84
CA HIS D 305 22.03 6.70 42.25
C HIS D 305 22.97 7.72 42.87
N GLU D 306 22.51 8.95 43.03
CA GLU D 306 23.34 9.98 43.66
C GLU D 306 23.78 9.54 45.06
N TYR D 307 22.82 9.13 45.89
CA TYR D 307 23.12 8.75 47.27
C TYR D 307 24.09 7.57 47.32
N TYR D 308 23.79 6.50 46.58
CA TYR D 308 24.60 5.29 46.69
C TYR D 308 25.99 5.49 46.10
N ILE D 309 26.08 6.04 44.89
CA ILE D 309 27.39 6.17 44.24
C ILE D 309 28.24 7.22 44.93
N THR D 310 27.65 8.37 45.30
CA THR D 310 28.42 9.43 45.94
C THR D 310 28.95 8.99 47.30
N ASN D 311 28.14 8.26 48.07
CA ASN D 311 28.53 7.84 49.40
C ASN D 311 29.77 6.95 49.34
N ASP D 312 30.68 7.13 50.30
CA ASP D 312 31.91 6.37 50.37
C ASP D 312 31.85 5.22 51.37
N ASN D 313 30.68 4.95 51.95
CA ASN D 313 30.51 3.83 52.87
C ASN D 313 30.11 2.54 52.17
N PHE D 314 30.05 2.54 50.83
CA PHE D 314 29.65 1.37 50.06
C PHE D 314 30.86 0.81 49.32
N ASP D 315 30.94 -0.52 49.24
CA ASP D 315 32.07 -1.18 48.63
C ASP D 315 32.05 -0.99 47.11
N THR D 316 33.22 -1.14 46.49
CA THR D 316 33.35 -0.97 45.05
C THR D 316 32.51 -2.00 44.30
N ASN D 317 32.53 -3.26 44.77
CA ASN D 317 31.72 -4.30 44.14
C ASN D 317 30.23 -3.98 44.24
N PHE D 318 29.80 -3.52 45.42
CA PHE D 318 28.40 -3.14 45.59
C PHE D 318 28.03 -2.00 44.66
N LYS D 319 28.91 -1.01 44.51
CA LYS D 319 28.64 0.09 43.59
C LYS D 319 28.57 -0.41 42.15
N ASN D 320 29.45 -1.33 41.78
CA ASN D 320 29.42 -1.87 40.42
C ASN D 320 28.11 -2.59 40.14
N GLN D 321 27.61 -3.36 41.12
CA GLN D 321 26.34 -4.05 40.91
C GLN D 321 25.17 -3.07 40.90
N ILE D 322 25.16 -2.10 41.81
CA ILE D 322 24.02 -1.21 41.93
C ILE D 322 23.94 -0.27 40.72
N SER D 323 25.09 0.11 40.16
CA SER D 323 25.06 0.96 38.97
C SER D 323 24.39 0.24 37.80
N TRP D 324 24.71 -1.04 37.61
CA TRP D 324 24.08 -1.81 36.55
C TRP D 324 22.60 -2.02 36.83
N LEU D 325 22.24 -2.26 38.10
CA LEU D 325 20.83 -2.43 38.44
C LEU D 325 20.03 -1.15 38.15
N LEU D 326 20.59 0.00 38.55
CA LEU D 326 19.92 1.27 38.28
C LEU D 326 19.85 1.54 36.78
N PHE D 327 20.89 1.17 36.03
CA PHE D 327 20.86 1.33 34.58
C PHE D 327 19.76 0.50 33.95
N THR D 328 19.61 -0.75 34.38
CA THR D 328 18.54 -1.60 33.86
C THR D 328 17.17 -1.04 34.23
N THR D 329 17.02 -0.56 35.47
CA THR D 329 15.75 0.02 35.88
C THR D 329 15.41 1.25 35.07
N ASP D 330 16.40 2.12 34.80
CA ASP D 330 16.16 3.29 33.97
C ASP D 330 15.80 2.90 32.55
N SER D 331 16.50 1.90 31.99
CA SER D 331 16.20 1.46 30.63
C SER D 331 14.78 0.94 30.51
N ARG D 332 14.34 0.17 31.51
CA ARG D 332 12.97 -0.33 31.50
C ARG D 332 11.97 0.79 31.71
N LEU D 333 12.25 1.70 32.64
CA LEU D 333 11.33 2.79 32.95
C LEU D 333 11.19 3.78 31.80
N ASN D 334 12.18 3.87 30.92
CA ASN D 334 12.09 4.75 29.77
C ASN D 334 11.35 4.12 28.60
N ASN D 335 10.85 2.88 28.77
CA ASN D 335 10.11 2.20 27.72
C ASN D 335 8.60 2.31 27.89
N GLY D 336 8.12 2.88 28.99
CA GLY D 336 6.70 3.03 29.23
C GLY D 336 6.06 1.95 30.08
N THR D 337 6.78 1.36 31.02
CA THR D 337 6.25 0.30 31.86
C THR D 337 5.66 0.86 33.14
N ASN D 338 5.32 -0.03 34.06
CA ASN D 338 4.69 0.36 35.33
C ASN D 338 5.76 0.78 36.33
N GLU D 339 5.60 1.98 36.89
CA GLU D 339 6.61 2.53 37.78
C GLU D 339 6.70 1.76 39.09
N HIS D 340 5.55 1.38 39.64
CA HIS D 340 5.53 0.69 40.93
C HIS D 340 6.30 -0.63 40.87
N ILE D 341 6.03 -1.44 39.84
CA ILE D 341 6.66 -2.74 39.73
C ILE D 341 8.18 -2.61 39.58
N GLN D 342 8.64 -1.72 38.69
CA GLN D 342 10.08 -1.52 38.50
C GLN D 342 10.76 -0.96 39.74
N LEU D 343 10.13 -0.01 40.43
CA LEU D 343 10.72 0.54 41.64
C LEU D 343 10.84 -0.52 42.72
N LEU D 344 9.79 -1.34 42.89
CA LEU D 344 9.86 -2.42 43.87
C LEU D 344 10.93 -3.43 43.51
N ASN D 345 11.03 -3.80 42.23
CA ASN D 345 12.07 -4.74 41.80
C ASN D 345 13.45 -4.18 42.08
N LEU D 346 13.68 -2.90 41.76
CA LEU D 346 14.98 -2.30 41.99
C LEU D 346 15.34 -2.28 43.47
N LEU D 347 14.39 -1.85 44.32
CA LEU D 347 14.67 -1.78 45.74
C LEU D 347 14.91 -3.16 46.33
N VAL D 348 14.14 -4.17 45.90
CA VAL D 348 14.33 -5.52 46.40
C VAL D 348 15.69 -6.06 45.99
N LYS D 349 16.10 -5.82 44.73
CA LYS D 349 17.39 -6.31 44.27
C LYS D 349 18.54 -5.62 44.98
N ILE D 350 18.40 -4.32 45.28
CA ILE D 350 19.41 -3.65 46.09
C ILE D 350 19.45 -4.22 47.50
N SER D 351 18.29 -4.58 48.04
CA SER D 351 18.25 -5.19 49.37
C SER D 351 18.99 -6.52 49.38
N GLN D 352 18.81 -7.33 48.34
CA GLN D 352 19.53 -8.60 48.26
C GLN D 352 21.03 -8.39 48.11
N LEU D 353 21.44 -7.24 47.59
CA LEU D 353 22.86 -6.95 47.39
C LEU D 353 23.61 -6.92 48.72
N TRP E 4 -23.29 9.24 45.94
CA TRP E 4 -22.65 9.03 44.64
C TRP E 4 -21.47 10.00 44.49
N VAL E 5 -20.46 9.58 43.72
CA VAL E 5 -19.29 10.44 43.49
C VAL E 5 -19.69 11.69 42.71
N ASP E 6 -20.66 11.54 41.80
CA ASP E 6 -21.15 12.68 41.04
C ASP E 6 -21.91 13.65 41.94
N LYS E 7 -22.62 13.13 42.94
CA LYS E 7 -23.46 13.98 43.79
C LYS E 7 -22.64 15.00 44.55
N TYR E 8 -21.37 14.72 44.81
CA TYR E 8 -20.52 15.61 45.60
C TYR E 8 -19.13 15.66 44.96
N ARG E 9 -18.90 16.70 44.15
CA ARG E 9 -17.63 16.93 43.49
C ARG E 9 -17.33 18.42 43.60
N PRO E 10 -16.15 18.80 44.10
CA PRO E 10 -15.82 20.23 44.18
C PRO E 10 -15.91 20.90 42.82
N LYS E 11 -16.50 22.10 42.79
CA LYS E 11 -16.66 22.86 41.57
C LYS E 11 -15.85 24.15 41.58
N SER E 12 -15.00 24.34 42.60
CA SER E 12 -14.15 25.52 42.70
C SER E 12 -12.93 25.18 43.53
N LEU E 13 -11.87 25.97 43.37
CA LEU E 13 -10.64 25.72 44.12
C LEU E 13 -10.87 25.85 45.61
N ASN E 14 -11.72 26.79 46.03
CA ASN E 14 -11.98 26.99 47.44
C ASN E 14 -12.76 25.84 48.07
N ALA E 15 -13.37 24.97 47.27
CA ALA E 15 -14.08 23.81 47.78
C ALA E 15 -13.19 22.57 47.89
N LEU E 16 -11.95 22.65 47.42
CA LEU E 16 -11.02 21.54 47.54
C LEU E 16 -10.71 21.28 49.01
N SER E 17 -10.62 19.99 49.37
CA SER E 17 -10.56 19.60 50.77
C SER E 17 -9.33 18.78 51.16
N HIS E 18 -8.52 18.34 50.21
CA HIS E 18 -7.34 17.55 50.53
C HIS E 18 -6.14 18.06 49.73
N ASN E 19 -4.96 17.91 50.34
CA ASN E 19 -3.70 18.41 49.78
C ASN E 19 -3.78 19.92 49.56
N GLU E 20 -3.86 20.66 50.67
CA GLU E 20 -3.96 22.12 50.62
C GLU E 20 -2.78 22.75 49.89
N GLU E 21 -1.62 22.09 49.89
CA GLU E 21 -0.46 22.63 49.18
C GLU E 21 -0.74 22.75 47.69
N LEU E 22 -1.33 21.70 47.11
CA LEU E 22 -1.71 21.75 45.70
C LEU E 22 -2.76 22.82 45.44
N THR E 23 -3.73 22.96 46.34
CA THR E 23 -4.72 24.01 46.20
C THR E 23 -4.06 25.38 46.13
N ASN E 24 -3.17 25.67 47.09
CA ASN E 24 -2.50 26.96 47.13
C ASN E 24 -1.64 27.18 45.88
N PHE E 25 -0.97 26.13 45.41
CA PHE E 25 -0.20 26.25 44.17
C PHE E 25 -1.10 26.60 42.99
N LEU E 26 -2.27 25.98 42.92
CA LEU E 26 -3.19 26.28 41.82
C LEU E 26 -3.70 27.71 41.89
N LYS E 27 -4.02 28.20 43.09
CA LYS E 27 -4.42 29.61 43.20
C LYS E 27 -3.27 30.54 42.82
N SER E 28 -2.04 30.17 43.19
CA SER E 28 -0.88 30.97 42.80
C SER E 28 -0.74 31.05 41.28
N LEU E 29 -0.92 29.92 40.60
CA LEU E 29 -0.88 29.93 39.14
C LEU E 29 -2.02 30.75 38.55
N SER E 30 -3.20 30.66 39.15
CA SER E 30 -4.37 31.36 38.64
C SER E 30 -4.38 32.85 38.98
N ASP E 31 -3.48 33.30 39.87
CA ASP E 31 -3.41 34.70 40.23
C ASP E 31 -3.19 35.58 39.00
N GLN E 32 -2.18 35.26 38.21
CA GLN E 32 -1.94 35.95 36.93
C GLN E 32 -2.04 34.93 35.81
N PRO E 33 -3.19 34.77 35.18
CA PRO E 33 -3.36 33.72 34.16
C PRO E 33 -2.83 34.09 32.78
N ARG E 34 -2.52 35.36 32.54
CA ARG E 34 -1.94 35.77 31.27
C ARG E 34 -0.55 35.20 31.05
N ASP E 35 0.13 34.75 32.12
CA ASP E 35 1.42 34.09 32.03
C ASP E 35 1.30 32.70 32.68
N LEU E 36 0.89 31.72 31.88
CA LEU E 36 0.75 30.34 32.34
C LEU E 36 1.45 29.42 31.35
N PRO E 37 2.47 28.68 31.75
CA PRO E 37 2.99 27.63 30.89
C PRO E 37 2.07 26.43 30.89
N HIS E 38 2.27 25.57 29.89
CA HIS E 38 1.44 24.38 29.76
C HIS E 38 1.63 23.47 30.97
N LEU E 39 0.57 22.79 31.35
CA LEU E 39 0.55 22.00 32.57
C LEU E 39 0.49 20.51 32.25
N LEU E 40 1.11 19.72 33.14
CA LEU E 40 1.04 18.26 33.08
C LEU E 40 0.73 17.76 34.49
N LEU E 41 -0.55 17.51 34.75
CA LEU E 41 -0.96 16.93 36.02
C LEU E 41 -0.72 15.43 36.01
N TYR E 42 -0.10 14.92 37.06
CA TYR E 42 0.20 13.50 37.16
C TYR E 42 0.11 13.06 38.62
N GLY E 43 -0.12 11.76 38.80
CA GLY E 43 -0.26 11.18 40.11
C GLY E 43 -1.09 9.90 40.06
N PRO E 44 -1.33 9.30 41.22
CA PRO E 44 -2.13 8.07 41.25
C PRO E 44 -3.55 8.31 40.78
N ASN E 45 -4.11 7.29 40.12
CA ASN E 45 -5.48 7.39 39.62
C ASN E 45 -6.46 7.46 40.78
N GLY E 46 -7.51 8.28 40.62
CA GLY E 46 -8.50 8.49 41.64
C GLY E 46 -8.16 9.57 42.63
N THR E 47 -7.00 10.20 42.51
CA THR E 47 -6.62 11.27 43.43
C THR E 47 -7.58 12.45 43.35
N GLY E 48 -7.91 12.87 42.12
CA GLY E 48 -8.78 14.01 41.93
C GLY E 48 -8.13 15.09 41.10
N LYS E 49 -7.16 14.71 40.26
CA LYS E 49 -6.43 15.70 39.47
C LYS E 49 -7.35 16.40 38.46
N LYS E 50 -8.29 15.66 37.88
CA LYS E 50 -9.20 16.26 36.91
C LYS E 50 -10.06 17.34 37.55
N THR E 51 -10.55 17.08 38.77
CA THR E 51 -11.32 18.08 39.50
C THR E 51 -10.48 19.33 39.77
N ARG E 52 -9.20 19.13 40.11
CA ARG E 52 -8.31 20.27 40.34
C ARG E 52 -8.07 21.05 39.05
N CYS E 53 -7.94 20.36 37.92
CA CYS E 53 -7.82 21.05 36.64
C CYS E 53 -9.07 21.89 36.36
N MET E 54 -10.25 21.32 36.62
CA MET E 54 -11.49 22.07 36.41
C MET E 54 -11.60 23.26 37.36
N ALA E 55 -11.20 23.10 38.63
CA ALA E 55 -11.24 24.22 39.56
C ALA E 55 -10.27 25.33 39.18
N LEU E 56 -9.05 24.97 38.74
CA LEU E 56 -8.12 25.96 38.24
C LEU E 56 -8.70 26.67 37.02
N LEU E 57 -9.29 25.92 36.09
CA LEU E 57 -9.89 26.51 34.90
C LEU E 57 -11.01 27.47 35.29
N GLU E 58 -11.81 27.10 36.30
CA GLU E 58 -12.87 27.97 36.77
C GLU E 58 -12.31 29.24 37.37
N SER E 59 -11.16 29.15 38.05
CA SER E 59 -10.56 30.35 38.62
C SER E 59 -9.99 31.26 37.54
N ILE E 60 -9.43 30.68 36.47
CA ILE E 60 -8.94 31.49 35.36
C ILE E 60 -10.08 32.19 34.65
N PHE E 61 -11.00 31.42 34.07
CA PHE E 61 -12.12 31.93 33.31
C PHE E 61 -13.30 32.17 34.27
N GLY E 62 -14.49 32.37 33.70
CA GLY E 62 -15.69 32.52 34.51
C GLY E 62 -16.14 31.20 35.09
N PRO E 63 -17.29 31.21 35.78
CA PRO E 63 -17.84 29.97 36.31
C PRO E 63 -18.72 29.17 35.35
N GLY E 64 -18.75 29.53 34.08
CA GLY E 64 -19.37 28.73 33.05
C GLY E 64 -18.47 27.65 32.47
N VAL E 65 -17.31 27.43 33.09
CA VAL E 65 -16.36 26.43 32.61
C VAL E 65 -16.95 25.02 32.67
N TYR E 66 -17.99 24.83 33.49
CA TYR E 66 -18.64 23.53 33.64
C TYR E 66 -19.81 23.33 32.69
N ARG E 67 -20.14 24.32 31.87
CA ARG E 67 -21.22 24.17 30.87
C ARG E 67 -20.66 23.44 29.66
N LEU E 68 -20.56 22.12 29.80
CA LEU E 68 -19.91 21.28 28.81
C LEU E 68 -20.92 20.82 27.76
N LYS E 69 -20.44 20.71 26.52
CA LYS E 69 -21.26 20.24 25.41
C LYS E 69 -20.46 19.25 24.58
N ILE E 70 -21.08 18.10 24.26
CA ILE E 70 -20.40 17.10 23.45
C ILE E 70 -20.64 17.37 21.97
N ASP E 71 -19.56 17.32 21.20
CA ASP E 71 -19.63 17.48 19.75
C ASP E 71 -18.80 16.39 19.10
N VAL E 72 -19.20 16.02 17.88
CA VAL E 72 -18.54 14.97 17.11
C VAL E 72 -17.88 15.61 15.91
N ARG E 73 -16.60 15.32 15.72
CA ARG E 73 -15.81 15.89 14.62
C ARG E 73 -15.24 14.73 13.79
N GLN E 74 -15.82 14.52 12.61
CA GLN E 74 -15.37 13.45 11.73
C GLN E 74 -14.03 13.81 11.10
N PHE E 75 -13.17 12.81 10.95
CA PHE E 75 -11.86 12.96 10.35
C PHE E 75 -11.58 11.81 9.41
N VAL E 76 -10.65 12.02 8.49
CA VAL E 76 -10.19 10.99 7.56
C VAL E 76 -8.72 10.70 7.85
N THR E 77 -8.36 9.42 7.86
CA THR E 77 -6.99 9.00 8.13
C THR E 77 -6.18 8.98 6.85
N ALA E 78 -5.00 8.35 6.90
CA ALA E 78 -4.18 8.20 5.70
C ALA E 78 -4.93 7.42 4.63
N SER E 79 -5.61 6.35 5.01
CA SER E 79 -6.53 5.67 4.12
C SER E 79 -7.87 6.40 4.11
N ASN E 80 -8.80 5.91 3.28
CA ASN E 80 -10.10 6.55 3.20
C ASN E 80 -11.03 6.17 4.35
N ARG E 81 -10.56 5.38 5.32
CA ARG E 81 -11.36 5.05 6.48
C ARG E 81 -11.70 6.31 7.28
N LYS E 82 -12.93 6.39 7.76
CA LYS E 82 -13.44 7.55 8.48
C LYS E 82 -13.42 7.28 9.98
N LEU E 83 -12.90 8.22 10.76
CA LEU E 83 -12.86 8.14 12.21
C LEU E 83 -13.75 9.24 12.79
N GLU E 84 -14.36 8.95 13.94
CA GLU E 84 -15.21 9.91 14.62
C GLU E 84 -14.74 10.09 16.06
N LEU E 85 -14.48 11.33 16.44
CA LEU E 85 -14.07 11.69 17.79
C LEU E 85 -15.09 12.61 18.42
N ASN E 86 -15.52 12.28 19.62
CA ASN E 86 -16.39 13.16 20.39
C ASN E 86 -15.55 14.13 21.20
N VAL E 87 -15.74 15.42 20.97
CA VAL E 87 -15.00 16.46 21.69
C VAL E 87 -15.92 17.02 22.76
N VAL E 88 -15.49 16.94 24.01
CA VAL E 88 -16.21 17.62 25.08
C VAL E 88 -15.69 19.06 25.16
N SER E 89 -16.60 20.01 24.98
CA SER E 89 -16.17 21.39 24.79
C SER E 89 -16.97 22.32 25.69
N SER E 90 -16.38 23.48 25.96
CA SER E 90 -16.97 24.54 26.77
C SER E 90 -16.64 25.86 26.08
N PRO E 91 -17.36 26.94 26.40
CA PRO E 91 -17.05 28.23 25.75
C PRO E 91 -15.60 28.68 25.88
N TYR E 92 -14.90 28.24 26.94
CA TYR E 92 -13.53 28.69 27.19
C TYR E 92 -12.48 27.59 27.03
N HIS E 93 -12.89 26.33 26.89
CA HIS E 93 -11.91 25.25 26.80
C HIS E 93 -12.52 24.07 26.07
N LEU E 94 -11.66 23.11 25.72
CA LEU E 94 -12.08 21.89 25.06
C LEU E 94 -11.27 20.71 25.61
N GLU E 95 -11.81 19.51 25.43
CA GLU E 95 -11.18 18.30 25.91
C GLU E 95 -10.99 17.32 24.75
N ILE E 96 -9.83 16.69 24.69
CA ILE E 96 -9.51 15.68 23.69
C ILE E 96 -8.94 14.47 24.41
N THR E 97 -9.49 13.29 24.13
CA THR E 97 -9.00 12.05 24.70
C THR E 97 -8.54 11.11 23.58
N PRO E 98 -7.28 11.18 23.16
CA PRO E 98 -6.79 10.30 22.08
C PRO E 98 -6.95 8.81 22.32
N SER E 99 -7.10 8.36 23.56
CA SER E 99 -7.06 6.93 23.85
C SER E 99 -8.22 6.18 23.19
N ASP E 100 -9.32 6.87 22.90
CA ASP E 100 -10.44 6.21 22.25
C ASP E 100 -10.07 5.68 20.86
N MET E 101 -9.27 6.44 20.12
CA MET E 101 -8.72 5.95 18.86
C MET E 101 -7.52 5.05 19.11
N GLY E 102 -7.03 4.47 18.03
CA GLY E 102 -5.86 3.60 18.10
C GLY E 102 -4.57 4.33 17.78
N ASN E 103 -3.98 4.03 16.63
CA ASN E 103 -2.72 4.64 16.22
C ASN E 103 -2.91 5.89 15.38
N ASN E 104 -4.15 6.35 15.20
CA ASN E 104 -4.45 7.53 14.41
C ASN E 104 -4.54 8.80 15.26
N ASP E 105 -4.19 8.70 16.55
CA ASP E 105 -4.31 9.85 17.45
C ASP E 105 -3.56 11.06 16.91
N ARG E 106 -2.40 10.83 16.30
CA ARG E 106 -1.61 11.92 15.73
C ARG E 106 -2.48 12.84 14.88
N ILE E 107 -3.33 12.25 14.03
CA ILE E 107 -4.21 13.04 13.17
C ILE E 107 -4.96 14.06 14.01
N VAL E 108 -5.72 13.59 15.01
CA VAL E 108 -6.51 14.52 15.81
C VAL E 108 -5.62 15.49 16.56
N ILE E 109 -4.42 15.05 16.93
CA ILE E 109 -3.48 15.94 17.58
C ILE E 109 -2.99 17.00 16.59
N GLN E 110 -2.77 16.61 15.34
CA GLN E 110 -2.10 17.51 14.41
C GLN E 110 -3.09 18.43 13.69
N GLU E 111 -4.32 17.97 13.46
CA GLU E 111 -5.28 18.83 12.76
C GLU E 111 -6.13 19.66 13.71
N LEU E 112 -6.94 19.00 14.54
CA LEU E 112 -7.96 19.70 15.32
C LEU E 112 -7.34 20.77 16.20
N LEU E 113 -6.30 20.42 16.96
CA LEU E 113 -5.58 21.41 17.75
C LEU E 113 -5.15 22.58 16.90
N LYS E 114 -4.48 22.31 15.77
CA LYS E 114 -4.06 23.39 14.89
C LYS E 114 -5.24 24.22 14.43
N GLU E 115 -6.38 23.55 14.17
CA GLU E 115 -7.58 24.28 13.77
C GLU E 115 -7.97 25.31 14.81
N VAL E 116 -7.92 24.94 16.09
CA VAL E 116 -8.23 25.91 17.14
C VAL E 116 -7.23 27.06 17.10
N ALA E 117 -5.96 26.75 16.86
CA ALA E 117 -4.96 27.80 16.72
C ALA E 117 -5.29 28.71 15.54
N GLN E 118 -5.89 28.15 14.49
CA GLN E 118 -6.27 28.97 13.35
C GLN E 118 -7.50 29.81 13.69
N MET E 119 -8.32 29.35 14.63
CA MET E 119 -9.51 30.11 15.02
C MET E 119 -9.13 31.44 15.67
N GLU E 120 -8.15 31.41 16.57
CA GLU E 120 -7.72 32.61 17.28
C GLU E 120 -6.81 33.47 16.39
N HIS E 133 -8.34 36.84 28.31
CA HIS E 133 -8.74 35.47 27.97
C HIS E 133 -8.44 35.19 26.49
N ARG E 134 -7.16 35.26 26.13
CA ARG E 134 -6.74 35.13 24.74
C ARG E 134 -6.37 33.69 24.36
N TYR E 135 -6.43 32.76 25.29
CA TYR E 135 -6.05 31.38 25.01
C TYR E 135 -7.16 30.42 25.42
N LYS E 136 -7.30 29.34 24.65
CA LYS E 136 -8.27 28.29 24.92
C LYS E 136 -7.51 27.06 25.40
N CYS E 137 -7.91 26.54 26.56
CA CYS E 137 -7.22 25.40 27.16
C CYS E 137 -7.75 24.10 26.59
N VAL E 138 -6.84 23.23 26.16
CA VAL E 138 -7.18 21.90 25.68
C VAL E 138 -6.70 20.89 26.72
N ILE E 139 -7.60 20.04 27.18
CA ILE E 139 -7.30 19.05 28.21
C ILE E 139 -7.12 17.70 27.53
N ILE E 140 -5.90 17.18 27.56
CA ILE E 140 -5.62 15.83 27.05
C ILE E 140 -5.77 14.90 28.23
N ASN E 141 -6.99 14.36 28.38
CA ASN E 141 -7.31 13.52 29.52
C ASN E 141 -6.46 12.26 29.58
N GLU E 142 -6.26 11.61 28.44
CA GLU E 142 -5.43 10.40 28.36
C GLU E 142 -4.21 10.73 27.51
N ALA E 143 -3.10 11.07 28.18
CA ALA E 143 -1.84 11.31 27.50
C ALA E 143 -0.86 10.17 27.62
N ASN E 144 -1.07 9.26 28.58
CA ASN E 144 -0.24 8.06 28.65
C ASN E 144 -0.47 7.16 27.44
N SER E 145 -1.72 7.05 26.99
CA SER E 145 -2.04 6.27 25.82
C SER E 145 -1.65 6.96 24.52
N LEU E 146 -1.25 8.22 24.57
CA LEU E 146 -0.77 8.92 23.39
C LEU E 146 0.46 8.21 22.83
N THR E 147 0.43 7.93 21.53
CA THR E 147 1.57 7.30 20.88
C THR E 147 2.74 8.27 20.84
N LYS E 148 3.95 7.71 20.92
CA LYS E 148 5.16 8.54 20.88
C LYS E 148 5.21 9.38 19.61
N ASP E 149 4.72 8.83 18.49
CA ASP E 149 4.62 9.61 17.27
C ASP E 149 3.65 10.77 17.44
N ALA E 150 2.51 10.53 18.10
CA ALA E 150 1.55 11.60 18.34
C ALA E 150 2.13 12.66 19.27
N GLN E 151 2.90 12.25 20.29
CA GLN E 151 3.57 13.21 21.16
C GLN E 151 4.58 14.04 20.37
N ALA E 152 5.35 13.39 19.50
CA ALA E 152 6.31 14.11 18.67
C ALA E 152 5.62 15.06 17.69
N ALA E 153 4.40 14.72 17.25
CA ALA E 153 3.63 15.65 16.44
C ALA E 153 3.14 16.83 17.26
N LEU E 154 2.69 16.58 18.49
CA LEU E 154 2.26 17.66 19.38
C LEU E 154 3.44 18.53 19.82
N ARG E 155 4.67 18.03 19.66
CA ARG E 155 5.87 18.72 20.12
C ARG E 155 5.95 20.17 19.64
N ARG E 156 5.77 20.40 18.34
CA ARG E 156 5.90 21.75 17.81
C ARG E 156 4.59 22.54 17.85
N THR E 157 3.44 21.86 17.83
CA THR E 157 2.18 22.54 18.09
C THR E 157 2.18 23.15 19.48
N MET E 158 2.92 22.53 20.41
CA MET E 158 3.02 23.05 21.77
C MET E 158 3.68 24.43 21.80
N GLU E 159 4.74 24.62 21.02
CA GLU E 159 5.49 25.87 21.06
C GLU E 159 4.97 26.91 20.08
N LYS E 160 4.69 26.51 18.83
CA LYS E 160 4.32 27.49 17.82
C LYS E 160 3.08 28.27 18.21
N TYR E 161 2.00 27.57 18.56
CA TYR E 161 0.76 28.24 18.93
C TYR E 161 0.60 28.32 20.44
N SER E 162 1.52 29.03 21.10
CA SER E 162 1.47 29.20 22.54
C SER E 162 0.67 30.43 22.96
N LYS E 163 0.43 31.37 22.05
CA LYS E 163 -0.37 32.55 22.36
C LYS E 163 -1.87 32.31 22.17
N ASN E 164 -2.25 31.20 21.54
CA ASN E 164 -3.65 30.88 21.29
C ASN E 164 -4.10 29.61 21.99
N ILE E 165 -3.20 28.66 22.21
CA ILE E 165 -3.53 27.36 22.78
C ILE E 165 -2.59 27.07 23.94
N ARG E 166 -3.14 26.69 25.08
CA ARG E 166 -2.37 26.38 26.27
C ARG E 166 -2.87 25.05 26.83
N LEU E 167 -2.04 24.02 26.74
CA LEU E 167 -2.46 22.66 27.08
C LEU E 167 -2.39 22.40 28.58
N ILE E 168 -3.37 21.64 29.06
CA ILE E 168 -3.34 21.03 30.39
C ILE E 168 -3.55 19.54 30.19
N MET E 169 -2.52 18.74 30.47
CA MET E 169 -2.52 17.32 30.13
C MET E 169 -2.58 16.50 31.41
N VAL E 170 -3.62 15.67 31.52
CA VAL E 170 -3.85 14.85 32.71
C VAL E 170 -3.21 13.49 32.50
N CYS E 171 -2.43 13.05 33.49
CA CYS E 171 -1.69 11.81 33.39
C CYS E 171 -1.74 11.06 34.71
N ASP E 172 -1.45 9.77 34.64
CA ASP E 172 -1.24 8.95 35.84
C ASP E 172 0.21 8.55 36.04
N SER E 173 0.95 8.35 34.94
CA SER E 173 2.36 8.03 34.99
C SER E 173 3.10 8.87 33.96
N MET E 174 4.20 9.51 34.39
CA MET E 174 4.95 10.36 33.47
C MET E 174 5.81 9.53 32.52
N SER E 175 6.16 8.30 32.93
CA SER E 175 7.08 7.45 32.18
C SER E 175 6.67 7.23 30.73
N PRO E 176 5.39 6.96 30.43
CA PRO E 176 5.01 6.86 29.01
C PRO E 176 5.34 8.09 28.18
N ILE E 177 5.20 9.29 28.77
CA ILE E 177 5.36 10.51 28.00
C ILE E 177 6.84 10.77 27.73
N ILE E 178 7.16 11.14 26.49
CA ILE E 178 8.56 11.33 26.10
C ILE E 178 9.15 12.55 26.81
N ALA E 179 10.48 12.61 26.82
CA ALA E 179 11.18 13.68 27.51
C ALA E 179 10.89 15.07 26.98
N PRO E 180 10.87 15.33 25.66
CA PRO E 180 10.60 16.72 25.20
C PRO E 180 9.28 17.29 25.69
N ILE E 181 8.22 16.47 25.73
CA ILE E 181 6.93 16.96 26.21
C ILE E 181 7.02 17.33 27.68
N LYS E 182 7.61 16.45 28.51
CA LYS E 182 7.77 16.76 29.92
C LYS E 182 8.60 18.02 30.12
N SER E 183 9.58 18.25 29.24
CA SER E 183 10.36 19.48 29.30
C SER E 183 9.50 20.69 28.99
N ARG E 184 8.55 20.56 28.06
CA ARG E 184 7.80 21.70 27.58
C ARG E 184 6.72 22.18 28.54
N CYS E 185 6.28 21.36 29.49
CA CYS E 185 5.15 21.72 30.34
C CYS E 185 5.57 21.70 31.81
N LEU E 186 4.98 22.60 32.59
CA LEU E 186 5.18 22.61 34.02
C LEU E 186 4.53 21.38 34.64
N LEU E 187 5.27 20.70 35.51
CA LEU E 187 4.82 19.46 36.13
C LEU E 187 4.22 19.78 37.49
N ILE E 188 2.94 19.45 37.66
CA ILE E 188 2.24 19.68 38.92
C ILE E 188 1.83 18.33 39.52
N ARG E 189 2.55 17.91 40.56
CA ARG E 189 2.27 16.62 41.16
C ARG E 189 0.92 16.65 41.87
N CYS E 190 0.20 15.54 41.81
CA CYS E 190 -1.03 15.40 42.60
C CYS E 190 -0.86 14.26 43.60
N PRO E 191 -0.51 14.53 44.86
CA PRO E 191 -0.43 13.47 45.85
C PRO E 191 -1.81 12.91 46.16
N ALA E 192 -1.86 11.59 46.34
CA ALA E 192 -3.13 10.98 46.68
C ALA E 192 -3.50 11.33 48.12
N PRO E 193 -4.79 11.58 48.39
CA PRO E 193 -5.19 11.94 49.75
C PRO E 193 -4.91 10.81 50.73
N SER E 194 -4.39 11.18 51.90
CA SER E 194 -4.18 10.20 52.95
C SER E 194 -5.52 9.76 53.54
N ASP E 195 -5.48 8.72 54.37
CA ASP E 195 -6.70 8.12 54.86
C ASP E 195 -7.55 9.09 55.67
N SER E 196 -6.93 10.09 56.31
CA SER E 196 -7.66 11.00 57.17
C SER E 196 -8.61 11.89 56.36
N GLU E 197 -8.11 12.51 55.29
CA GLU E 197 -8.96 13.37 54.48
C GLU E 197 -10.02 12.55 53.74
N ILE E 198 -9.68 11.33 53.32
CA ILE E 198 -10.67 10.46 52.70
C ILE E 198 -11.78 10.14 53.70
N SER E 199 -11.40 9.85 54.96
CA SER E 199 -12.38 9.59 55.99
C SER E 199 -13.26 10.80 56.26
N THR E 200 -12.66 12.00 56.27
CA THR E 200 -13.46 13.21 56.47
C THR E 200 -14.45 13.42 55.34
N ILE E 201 -14.02 13.21 54.09
CA ILE E 201 -14.91 13.34 52.94
C ILE E 201 -16.03 12.33 53.02
N LEU E 202 -15.70 11.08 53.39
CA LEU E 202 -16.73 10.06 53.56
C LEU E 202 -17.70 10.42 54.68
N SER E 203 -17.20 11.02 55.75
CA SER E 203 -18.07 11.46 56.83
C SER E 203 -19.06 12.52 56.37
N ASP E 204 -18.57 13.50 55.59
CA ASP E 204 -19.47 14.50 55.03
C ASP E 204 -20.49 13.86 54.10
N VAL E 205 -20.06 12.88 53.30
CA VAL E 205 -20.96 12.22 52.35
C VAL E 205 -22.05 11.45 53.07
N VAL E 206 -21.68 10.71 54.12
CA VAL E 206 -22.68 9.94 54.86
C VAL E 206 -23.59 10.87 55.66
N THR E 207 -23.05 12.01 56.11
CA THR E 207 -23.89 12.98 56.80
C THR E 207 -24.94 13.57 55.88
N ASN E 208 -24.55 13.95 54.66
CA ASN E 208 -25.50 14.57 53.75
C ASN E 208 -26.45 13.55 53.12
N GLU E 209 -25.96 12.33 52.88
CA GLU E 209 -26.78 11.27 52.29
C GLU E 209 -27.61 10.52 53.32
N ARG E 210 -27.45 10.84 54.60
CA ARG E 210 -28.23 10.24 55.69
C ARG E 210 -28.04 8.73 55.73
N ILE E 211 -26.78 8.31 55.86
CA ILE E 211 -26.41 6.92 56.03
C ILE E 211 -26.10 6.72 57.51
N GLN E 212 -26.90 5.91 58.20
CA GLN E 212 -26.69 5.70 59.62
C GLN E 212 -25.42 4.89 59.85
N LEU E 213 -24.57 5.40 60.74
CA LEU E 213 -23.27 4.79 61.01
C LEU E 213 -23.25 4.26 62.43
N GLU E 214 -22.99 2.95 62.57
CA GLU E 214 -22.83 2.36 63.90
C GLU E 214 -21.61 2.95 64.60
N THR E 215 -20.51 3.10 63.88
CA THR E 215 -19.29 3.71 64.40
C THR E 215 -18.61 4.45 63.26
N LYS E 216 -17.46 5.04 63.54
CA LYS E 216 -16.70 5.78 62.53
C LYS E 216 -15.46 5.03 62.05
N ASP E 217 -15.20 3.82 62.55
CA ASP E 217 -14.06 3.04 62.08
C ASP E 217 -14.33 2.49 60.68
N ILE E 218 -15.60 2.42 60.28
CA ILE E 218 -15.96 1.92 58.96
C ILE E 218 -15.36 2.80 57.88
N LEU E 219 -15.40 4.12 58.08
CA LEU E 219 -14.83 5.04 57.10
C LEU E 219 -13.32 4.85 56.97
N LYS E 220 -12.63 4.65 58.09
CA LYS E 220 -11.19 4.42 58.03
C LYS E 220 -10.87 3.09 57.35
N ARG E 221 -11.69 2.06 57.61
CA ARG E 221 -11.51 0.79 56.92
C ARG E 221 -11.70 0.94 55.41
N ILE E 222 -12.71 1.72 55.01
CA ILE E 222 -12.92 1.97 53.58
C ILE E 222 -11.73 2.72 52.99
N ALA E 223 -11.22 3.71 53.71
CA ALA E 223 -10.04 4.44 53.25
C ALA E 223 -8.84 3.52 53.07
N GLN E 224 -8.62 2.62 54.03
CA GLN E 224 -7.53 1.65 53.95
C GLN E 224 -7.74 0.63 52.84
N ALA E 225 -8.99 0.33 52.47
CA ALA E 225 -9.29 -0.63 51.42
C ALA E 225 -9.26 -0.03 50.03
N SER E 226 -9.03 1.28 49.89
CA SER E 226 -9.00 1.94 48.60
C SER E 226 -7.60 2.33 48.15
N ASN E 227 -6.62 2.36 49.06
CA ASN E 227 -5.23 2.67 48.74
C ASN E 227 -5.10 4.05 48.09
N GLY E 228 -5.71 5.05 48.74
CA GLY E 228 -5.57 6.43 48.32
C GLY E 228 -6.56 6.91 47.27
N ASN E 229 -7.38 6.02 46.71
CA ASN E 229 -8.36 6.42 45.71
C ASN E 229 -9.62 6.96 46.38
N LEU E 230 -10.02 8.17 45.98
CA LEU E 230 -11.26 8.75 46.47
C LEU E 230 -12.47 8.31 45.66
N ARG E 231 -12.32 8.16 44.35
CA ARG E 231 -13.39 7.59 43.53
C ARG E 231 -13.77 6.20 44.02
N VAL E 232 -12.76 5.35 44.23
CA VAL E 232 -13.01 3.99 44.70
C VAL E 232 -13.63 4.01 46.09
N SER E 233 -13.14 4.88 46.97
CA SER E 233 -13.68 4.94 48.33
C SER E 233 -15.15 5.34 48.32
N LEU E 234 -15.50 6.37 47.55
CA LEU E 234 -16.89 6.83 47.49
C LEU E 234 -17.79 5.78 46.86
N LEU E 235 -17.34 5.16 45.76
CA LEU E 235 -18.16 4.13 45.12
C LEU E 235 -18.33 2.92 46.02
N MET E 236 -17.29 2.55 46.77
CA MET E 236 -17.40 1.46 47.72
C MET E 236 -18.35 1.80 48.85
N LEU E 237 -18.32 3.06 49.31
CA LEU E 237 -19.26 3.50 50.33
C LEU E 237 -20.70 3.34 49.85
N GLU E 238 -20.97 3.78 48.62
CA GLU E 238 -22.31 3.62 48.07
C GLU E 238 -22.68 2.14 47.94
N SER E 239 -21.72 1.31 47.53
CA SER E 239 -22.01 -0.11 47.34
C SER E 239 -22.30 -0.80 48.66
N MET E 240 -21.61 -0.41 49.72
CA MET E 240 -22.00 -0.85 51.06
C MET E 240 -23.39 -0.37 51.45
N ALA E 241 -23.72 0.89 51.15
CA ALA E 241 -25.03 1.42 51.48
C ALA E 241 -26.16 0.71 50.73
N LEU E 242 -25.90 0.17 49.55
CA LEU E 242 -26.91 -0.59 48.83
C LEU E 242 -26.99 -2.05 49.24
N ASN E 243 -26.01 -2.56 50.00
CA ASN E 243 -26.07 -3.91 50.54
C ASN E 243 -26.40 -3.95 52.02
N ASN E 244 -26.38 -2.82 52.71
CA ASN E 244 -26.67 -2.76 54.14
C ASN E 244 -27.88 -1.87 54.44
N GLU E 245 -28.73 -1.63 53.44
CA GLU E 245 -29.97 -0.86 53.61
C GLU E 245 -29.70 0.53 54.16
N LEU E 246 -28.69 1.20 53.60
CA LEU E 246 -28.34 2.58 53.95
C LEU E 246 -27.98 2.71 55.44
N ALA E 247 -27.50 1.62 56.05
CA ALA E 247 -27.08 1.63 57.44
C ALA E 247 -25.84 0.75 57.56
N LEU E 248 -24.67 1.39 57.72
CA LEU E 248 -23.41 0.68 57.75
C LEU E 248 -23.14 0.16 59.16
N LYS E 249 -22.79 -1.13 59.25
CA LYS E 249 -22.51 -1.78 60.52
C LYS E 249 -21.02 -2.06 60.65
N SER E 250 -20.64 -2.49 61.84
CA SER E 250 -19.22 -2.75 62.11
C SER E 250 -18.68 -3.88 61.25
N SER E 251 -19.48 -4.93 61.01
CA SER E 251 -19.04 -6.10 60.29
C SER E 251 -19.43 -6.10 58.82
N SER E 252 -19.67 -4.92 58.23
CA SER E 252 -20.07 -4.87 56.84
C SER E 252 -18.91 -5.32 55.96
N PRO E 253 -19.06 -6.37 55.16
CA PRO E 253 -17.96 -6.81 54.32
C PRO E 253 -17.69 -5.81 53.20
N ILE E 254 -16.41 -5.58 52.95
CA ILE E 254 -15.99 -4.60 51.96
C ILE E 254 -16.19 -5.17 50.57
N ILE E 255 -16.84 -4.39 49.71
CA ILE E 255 -17.20 -4.84 48.37
C ILE E 255 -16.01 -4.61 47.45
N LYS E 256 -15.49 -5.69 46.88
CA LYS E 256 -14.41 -5.62 45.91
C LYS E 256 -14.99 -5.80 44.51
N PRO E 257 -14.55 -5.01 43.53
CA PRO E 257 -15.06 -5.17 42.16
C PRO E 257 -14.71 -6.54 41.59
N ASP E 258 -15.56 -7.01 40.66
CA ASP E 258 -15.51 -8.37 40.17
C ASP E 258 -14.13 -8.79 39.69
N TRP E 259 -13.47 -7.93 38.90
CA TRP E 259 -12.16 -8.27 38.37
C TRP E 259 -11.16 -8.56 39.49
N ILE E 260 -11.31 -7.87 40.63
CA ILE E 260 -10.40 -8.11 41.75
C ILE E 260 -10.55 -9.55 42.26
N ILE E 261 -11.79 -10.02 42.43
CA ILE E 261 -11.99 -11.39 42.88
C ILE E 261 -11.52 -12.39 41.82
N VAL E 262 -11.72 -12.06 40.55
CA VAL E 262 -11.24 -12.96 39.49
C VAL E 262 -9.71 -13.10 39.55
N ILE E 263 -9.00 -11.98 39.71
CA ILE E 263 -7.56 -12.03 39.82
C ILE E 263 -7.13 -12.76 41.08
N HIS E 264 -7.85 -12.57 42.18
CA HIS E 264 -7.53 -13.30 43.41
C HIS E 264 -7.66 -14.80 43.22
N LYS E 265 -8.75 -15.24 42.56
CA LYS E 265 -8.94 -16.66 42.31
C LYS E 265 -7.87 -17.19 41.35
N LEU E 266 -7.46 -16.37 40.38
CA LEU E 266 -6.36 -16.75 39.51
C LEU E 266 -5.07 -16.95 40.31
N THR E 267 -4.83 -16.06 41.27
CA THR E 267 -3.66 -16.21 42.14
C THR E 267 -3.73 -17.49 42.95
N ARG E 268 -4.91 -17.80 43.50
CA ARG E 268 -5.06 -19.05 44.26
C ARG E 268 -4.79 -20.27 43.37
N LYS E 269 -5.31 -20.25 42.14
CA LYS E 269 -5.06 -21.36 41.23
C LYS E 269 -3.58 -21.47 40.88
N ILE E 270 -2.91 -20.34 40.66
CA ILE E 270 -1.49 -20.36 40.32
C ILE E 270 -0.68 -20.96 41.46
N VAL E 271 -0.93 -20.51 42.69
CA VAL E 271 -0.12 -20.98 43.82
C VAL E 271 -0.46 -22.43 44.15
N LYS E 272 -1.73 -22.82 44.03
CA LYS E 272 -2.11 -24.19 44.38
C LYS E 272 -1.67 -25.19 43.32
N GLU E 273 -1.86 -24.86 42.04
CA GLU E 273 -1.66 -25.81 40.96
C GLU E 273 -0.62 -25.26 39.98
N ARG E 274 0.60 -25.79 40.06
CA ARG E 274 1.70 -25.38 39.20
C ARG E 274 1.86 -26.39 38.07
N SER E 275 0.83 -26.51 37.23
CA SER E 275 0.83 -27.48 36.14
C SER E 275 0.37 -26.78 34.85
N VAL E 276 0.78 -27.37 33.72
CA VAL E 276 0.36 -26.85 32.43
C VAL E 276 -1.15 -27.01 32.25
N ASN E 277 -1.72 -28.06 32.82
CA ASN E 277 -3.18 -28.20 32.81
C ASN E 277 -3.85 -27.06 33.56
N SER E 278 -3.24 -26.60 34.66
CA SER E 278 -3.70 -25.40 35.33
C SER E 278 -3.42 -24.16 34.50
N LEU E 279 -2.33 -24.17 33.73
CA LEU E 279 -2.06 -23.07 32.80
C LEU E 279 -3.17 -22.96 31.75
N ILE E 280 -3.83 -24.07 31.43
CA ILE E 280 -4.96 -24.02 30.50
C ILE E 280 -6.03 -23.08 31.04
N GLU E 281 -6.43 -23.31 32.29
CA GLU E 281 -7.50 -22.53 32.91
C GLU E 281 -7.03 -21.11 33.19
N CYS E 282 -5.74 -20.94 33.50
CA CYS E 282 -5.21 -19.60 33.66
C CYS E 282 -5.31 -18.80 32.37
N ARG E 283 -4.97 -19.40 31.23
CA ARG E 283 -5.15 -18.72 29.95
C ARG E 283 -6.63 -18.44 29.69
N ALA E 284 -7.50 -19.39 30.02
CA ALA E 284 -8.93 -19.14 29.83
C ALA E 284 -9.41 -17.95 30.66
N VAL E 285 -8.98 -17.86 31.92
CA VAL E 285 -9.38 -16.76 32.78
C VAL E 285 -8.81 -15.44 32.27
N LEU E 286 -7.56 -15.45 31.80
CA LEU E 286 -6.98 -14.23 31.24
C LEU E 286 -7.73 -13.78 30.00
N TYR E 287 -8.14 -14.72 29.15
CA TYR E 287 -8.96 -14.36 28.00
C TYR E 287 -10.30 -13.77 28.42
N ASP E 288 -10.93 -14.36 29.43
CA ASP E 288 -12.20 -13.84 29.93
C ASP E 288 -12.03 -12.41 30.44
N LEU E 289 -10.95 -12.14 31.18
CA LEU E 289 -10.71 -10.79 31.66
C LEU E 289 -10.41 -9.82 30.53
N LEU E 290 -9.59 -10.25 29.56
CA LEU E 290 -9.19 -9.34 28.49
C LEU E 290 -10.34 -9.00 27.55
N ALA E 291 -11.19 -9.98 27.24
CA ALA E 291 -12.30 -9.73 26.32
C ALA E 291 -13.38 -8.86 26.92
N HIS E 292 -13.34 -8.59 28.23
CA HIS E 292 -14.38 -7.83 28.92
C HIS E 292 -13.88 -6.47 29.37
N CYS E 293 -13.09 -5.80 28.50
CA CYS E 293 -12.76 -4.38 28.65
C CYS E 293 -11.87 -4.13 29.88
N ILE E 294 -10.84 -4.95 30.03
CA ILE E 294 -9.89 -4.83 31.14
C ILE E 294 -8.49 -4.74 30.55
N PRO E 295 -7.73 -3.69 30.84
CA PRO E 295 -6.36 -3.59 30.32
C PRO E 295 -5.45 -4.65 30.91
N ALA E 296 -4.45 -5.04 30.12
CA ALA E 296 -3.55 -6.12 30.51
C ALA E 296 -2.52 -5.67 31.55
N ASN E 297 -2.06 -4.42 31.49
CA ASN E 297 -1.07 -3.95 32.45
C ASN E 297 -1.65 -3.91 33.86
N ILE E 298 -2.91 -3.50 34.00
CA ILE E 298 -3.56 -3.49 35.30
C ILE E 298 -3.73 -4.92 35.82
N ILE E 299 -4.08 -5.85 34.94
CA ILE E 299 -4.15 -7.26 35.32
C ILE E 299 -2.79 -7.74 35.82
N LEU E 300 -1.73 -7.39 35.11
CA LEU E 300 -0.39 -7.78 35.53
C LEU E 300 -0.05 -7.23 36.91
N LYS E 301 -0.33 -5.93 37.13
CA LYS E 301 -0.05 -5.32 38.42
C LYS E 301 -0.81 -5.99 39.55
N GLU E 302 -2.12 -6.17 39.37
CA GLU E 302 -2.93 -6.76 40.42
C GLU E 302 -2.53 -8.20 40.69
N LEU E 303 -2.29 -8.99 39.63
CA LEU E 303 -1.89 -10.38 39.82
C LEU E 303 -0.54 -10.48 40.52
N THR E 304 0.41 -9.62 40.14
CA THR E 304 1.72 -9.64 40.79
C THR E 304 1.61 -9.31 42.27
N PHE E 305 0.86 -8.26 42.60
CA PHE E 305 0.75 -7.89 44.01
C PHE E 305 -0.02 -8.92 44.82
N SER E 306 -1.05 -9.53 44.22
CA SER E 306 -1.78 -10.60 44.90
C SER E 306 -0.90 -11.81 45.13
N LEU E 307 -0.06 -12.16 44.14
CA LEU E 307 0.87 -13.27 44.32
C LEU E 307 1.88 -12.95 45.41
N LEU E 308 2.34 -11.71 45.47
CA LEU E 308 3.27 -11.31 46.52
C LEU E 308 2.61 -11.37 47.90
N ASP E 309 1.30 -11.09 47.96
CA ASP E 309 0.61 -11.05 49.25
C ASP E 309 0.32 -12.43 49.82
N VAL E 310 0.46 -13.50 49.04
CA VAL E 310 0.15 -14.84 49.56
C VAL E 310 1.24 -15.25 50.55
N GLU E 311 0.84 -15.73 51.72
CA GLU E 311 1.80 -15.91 52.81
C GLU E 311 2.74 -17.08 52.57
N THR E 312 2.32 -18.09 51.79
CA THR E 312 3.06 -19.34 51.75
C THR E 312 4.47 -19.17 51.17
N LEU E 313 4.62 -18.36 50.12
CA LEU E 313 5.89 -18.28 49.41
C LEU E 313 6.97 -17.67 50.29
N ASN E 314 8.19 -18.14 50.12
CA ASN E 314 9.35 -17.56 50.78
C ASN E 314 9.87 -16.37 49.98
N THR E 315 10.82 -15.64 50.57
CA THR E 315 11.30 -14.39 49.97
C THR E 315 11.88 -14.61 48.59
N THR E 316 12.52 -15.77 48.35
CA THR E 316 13.07 -16.05 47.03
C THR E 316 11.98 -16.06 45.97
N ASN E 317 10.85 -16.71 46.27
CA ASN E 317 9.76 -16.77 45.32
C ASN E 317 9.19 -15.38 45.05
N LYS E 318 9.05 -14.55 46.09
CA LYS E 318 8.52 -13.20 45.90
C LYS E 318 9.47 -12.36 45.04
N SER E 319 10.77 -12.45 45.30
CA SER E 319 11.74 -11.71 44.49
C SER E 319 11.72 -12.16 43.05
N SER E 320 11.65 -13.47 42.81
CA SER E 320 11.58 -13.97 41.44
C SER E 320 10.29 -13.52 40.76
N ILE E 321 9.18 -13.51 41.52
CA ILE E 321 7.90 -13.06 40.96
C ILE E 321 7.99 -11.59 40.55
N ILE E 322 8.57 -10.75 41.40
CA ILE E 322 8.67 -9.34 41.05
C ILE E 322 9.61 -9.14 39.85
N GLU E 323 10.68 -9.93 39.77
CA GLU E 323 11.58 -9.83 38.62
C GLU E 323 10.87 -10.20 37.33
N TYR E 324 10.18 -11.35 37.32
CA TYR E 324 9.47 -11.77 36.12
C TYR E 324 8.36 -10.79 35.76
N SER E 325 7.70 -10.22 36.78
CA SER E 325 6.64 -9.25 36.53
C SER E 325 7.21 -7.99 35.88
N SER E 326 8.37 -7.52 36.34
CA SER E 326 9.01 -6.38 35.70
C SER E 326 9.38 -6.68 34.25
N VAL E 327 9.99 -7.85 34.02
CA VAL E 327 10.41 -8.19 32.66
C VAL E 327 9.20 -8.27 31.73
N PHE E 328 8.15 -8.97 32.16
CA PHE E 328 7.00 -9.15 31.27
C PHE E 328 6.15 -7.88 31.20
N ASP E 329 6.26 -6.99 32.18
CA ASP E 329 5.64 -5.67 32.06
C ASP E 329 6.32 -4.87 30.95
N GLU E 330 7.65 -4.93 30.88
CA GLU E 330 8.35 -4.32 29.76
C GLU E 330 7.93 -4.96 28.44
N ARG E 331 7.88 -6.29 28.41
CA ARG E 331 7.46 -7.02 27.22
C ARG E 331 6.07 -6.57 26.75
N LEU E 332 5.14 -6.46 27.69
CA LEU E 332 3.79 -5.99 27.36
C LEU E 332 3.80 -4.56 26.86
N SER E 333 4.63 -3.70 27.47
CA SER E 333 4.77 -2.33 27.00
C SER E 333 5.35 -2.27 25.60
N LEU E 334 6.04 -3.30 25.14
CA LEU E 334 6.51 -3.33 23.76
C LEU E 334 5.85 -4.43 22.94
N GLY E 335 4.55 -4.66 23.14
CA GLY E 335 3.86 -5.73 22.45
C GLY E 335 2.39 -5.49 22.21
N ASN E 336 1.92 -5.74 20.99
CA ASN E 336 0.52 -5.52 20.66
C ASN E 336 -0.38 -6.61 21.25
N LYS E 337 0.03 -7.87 21.16
CA LYS E 337 -0.78 -8.99 21.64
C LYS E 337 -0.54 -9.14 23.14
N ALA E 338 -1.58 -8.87 23.94
CA ALA E 338 -1.42 -8.79 25.38
C ALA E 338 -1.24 -10.18 26.01
N ILE E 339 -2.05 -11.15 25.58
CA ILE E 339 -2.05 -12.46 26.21
C ILE E 339 -0.68 -13.13 26.05
N PHE E 340 0.01 -12.84 24.94
CA PHE E 340 1.30 -13.46 24.68
C PHE E 340 2.32 -13.19 25.77
N HIS E 341 2.18 -12.07 26.48
CA HIS E 341 3.09 -11.70 27.55
C HIS E 341 2.55 -12.09 28.93
N LEU E 342 1.23 -11.97 29.13
CA LEU E 342 0.64 -12.36 30.40
C LEU E 342 0.78 -13.86 30.65
N GLU E 343 0.54 -14.67 29.62
CA GLU E 343 0.69 -16.11 29.77
C GLU E 343 2.16 -16.48 30.01
N GLY E 344 3.08 -15.77 29.37
CA GLY E 344 4.50 -16.00 29.64
C GLY E 344 4.87 -15.66 31.08
N PHE E 345 4.34 -14.55 31.60
CA PHE E 345 4.57 -14.20 33.00
C PHE E 345 4.03 -15.27 33.93
N ILE E 346 2.81 -15.76 33.67
CA ILE E 346 2.22 -16.78 34.52
C ILE E 346 3.03 -18.07 34.46
N ALA E 347 3.47 -18.47 33.26
CA ALA E 347 4.26 -19.68 33.12
C ALA E 347 5.61 -19.54 33.84
N LYS E 348 6.26 -18.38 33.73
CA LYS E 348 7.52 -18.18 34.43
C LYS E 348 7.33 -18.22 35.95
N VAL E 349 6.24 -17.62 36.45
CA VAL E 349 5.96 -17.67 37.88
C VAL E 349 5.72 -19.11 38.32
N MET E 350 4.94 -19.87 37.55
CA MET E 350 4.66 -21.26 37.91
C MET E 350 5.94 -22.09 37.89
N CYS E 351 6.84 -21.82 36.95
CA CYS E 351 8.14 -22.47 36.95
C CYS E 351 8.96 -22.08 38.17
N CYS E 352 8.86 -20.82 38.61
CA CYS E 352 9.60 -20.38 39.78
C CYS E 352 9.17 -21.13 41.03
N LEU E 353 7.87 -21.33 41.20
CA LEU E 353 7.35 -21.98 42.41
C LEU E 353 7.57 -23.49 42.35
N MET F 7 13.77 44.86 -17.72
CA MET F 7 12.42 44.31 -17.65
C MET F 7 11.96 43.78 -19.00
N LEU F 8 11.00 42.86 -18.95
CA LEU F 8 10.38 42.31 -20.15
C LEU F 8 8.90 42.63 -20.14
N GLU F 9 8.42 43.25 -21.23
CA GLU F 9 7.00 43.54 -21.42
C GLU F 9 6.63 43.18 -22.86
N ALA F 10 6.21 41.94 -23.06
CA ALA F 10 5.92 41.42 -24.40
C ALA F 10 4.42 41.21 -24.56
N LYS F 11 3.82 41.80 -25.59
CA LYS F 11 2.38 41.78 -25.78
C LYS F 11 2.00 41.01 -27.03
N PHE F 12 1.17 39.99 -26.86
CA PHE F 12 0.57 39.25 -27.96
C PHE F 12 -0.79 39.86 -28.30
N GLU F 13 -0.98 40.18 -29.58
CA GLU F 13 -2.30 40.61 -30.04
C GLU F 13 -3.32 39.49 -29.93
N GLU F 14 -2.92 38.27 -30.28
CA GLU F 14 -3.77 37.09 -30.24
C GLU F 14 -3.34 36.27 -29.05
N ALA F 15 -4.00 36.48 -27.90
CA ALA F 15 -3.67 35.73 -26.70
C ALA F 15 -3.85 34.24 -26.90
N SER F 16 -4.74 33.84 -27.82
CA SER F 16 -4.91 32.43 -28.15
C SER F 16 -3.71 31.86 -28.88
N LEU F 17 -2.89 32.71 -29.52
CA LEU F 17 -1.70 32.21 -30.19
C LEU F 17 -0.75 31.54 -29.20
N PHE F 18 -0.40 32.25 -28.12
CA PHE F 18 0.50 31.67 -27.12
C PHE F 18 -0.12 30.44 -26.49
N LYS F 19 -1.44 30.45 -26.29
CA LYS F 19 -2.12 29.28 -25.77
C LYS F 19 -1.93 28.08 -26.68
N ARG F 20 -2.09 28.28 -27.99
CA ARG F 20 -1.92 27.18 -28.94
C ARG F 20 -0.49 26.67 -28.99
N ILE F 21 0.49 27.59 -29.01
CA ILE F 21 1.88 27.13 -29.02
C ILE F 21 2.19 26.36 -27.74
N ILE F 22 1.74 26.86 -26.60
CA ILE F 22 2.03 26.19 -25.33
C ILE F 22 1.33 24.83 -25.28
N ASP F 23 0.11 24.75 -25.83
CA ASP F 23 -0.58 23.47 -25.92
C ASP F 23 0.17 22.52 -26.85
N GLY F 24 0.93 23.07 -27.80
CA GLY F 24 1.66 22.23 -28.73
C GLY F 24 2.63 21.29 -28.04
N PHE F 25 3.34 21.77 -27.03
CA PHE F 25 4.32 20.95 -26.32
C PHE F 25 4.06 20.84 -24.82
N LYS F 26 2.84 21.10 -24.34
CA LYS F 26 2.57 20.87 -22.93
C LYS F 26 2.64 19.38 -22.60
N ASP F 27 2.20 18.54 -23.54
CA ASP F 27 2.13 17.11 -23.26
C ASP F 27 3.52 16.47 -23.32
N CYS F 28 4.36 16.93 -24.26
CA CYS F 28 5.68 16.34 -24.42
C CYS F 28 6.57 16.62 -23.22
N VAL F 29 6.68 17.89 -22.81
CA VAL F 29 7.60 18.30 -21.76
C VAL F 29 6.82 19.14 -20.76
N GLN F 30 7.31 19.16 -19.52
CA GLN F 30 6.68 19.95 -18.46
C GLN F 30 7.49 21.18 -18.09
N LEU F 31 8.82 21.09 -18.11
CA LEU F 31 9.70 22.17 -17.66
C LEU F 31 10.35 22.82 -18.87
N VAL F 32 10.30 24.15 -18.94
CA VAL F 32 10.87 24.88 -20.06
C VAL F 32 11.59 26.12 -19.55
N ASN F 33 12.64 26.51 -20.26
CA ASN F 33 13.37 27.75 -20.02
C ASN F 33 13.17 28.68 -21.21
N PHE F 34 12.19 29.57 -21.12
CA PHE F 34 11.96 30.59 -22.13
C PHE F 34 13.03 31.67 -21.95
N GLN F 35 13.99 31.74 -22.87
CA GLN F 35 15.00 32.77 -22.84
C GLN F 35 14.53 33.93 -23.72
N CYS F 36 14.34 35.09 -23.10
CA CYS F 36 13.93 36.30 -23.78
C CYS F 36 15.16 37.16 -24.02
N LYS F 37 15.46 37.39 -25.28
CA LYS F 37 16.52 38.29 -25.73
C LYS F 37 15.88 39.40 -26.57
N GLU F 38 16.71 40.22 -27.20
CA GLU F 38 16.18 41.31 -28.02
C GLU F 38 15.47 40.78 -29.26
N ASP F 39 15.98 39.69 -29.83
CA ASP F 39 15.40 39.16 -31.06
C ASP F 39 14.06 38.48 -30.81
N GLY F 40 13.88 37.91 -29.63
CA GLY F 40 12.60 37.29 -29.30
C GLY F 40 12.78 36.17 -28.28
N ILE F 41 11.66 35.54 -27.97
CA ILE F 41 11.65 34.43 -27.02
C ILE F 41 12.07 33.15 -27.74
N ILE F 42 13.04 32.43 -27.16
CA ILE F 42 13.50 31.16 -27.69
C ILE F 42 13.42 30.13 -26.57
N ALA F 43 12.88 28.95 -26.88
CA ALA F 43 12.70 27.91 -25.88
C ALA F 43 13.23 26.58 -26.41
N GLN F 44 13.90 25.85 -25.52
CA GLN F 44 14.35 24.49 -25.80
C GLN F 44 14.11 23.63 -24.57
N ALA F 45 13.72 22.38 -24.81
CA ALA F 45 13.40 21.47 -23.70
C ALA F 45 13.59 20.04 -24.16
N VAL F 46 13.73 19.15 -23.18
CA VAL F 46 13.91 17.73 -23.42
C VAL F 46 12.95 16.96 -22.52
N ASP F 47 12.33 15.92 -23.08
CA ASP F 47 11.39 15.09 -22.35
C ASP F 47 12.09 14.30 -21.26
N ASP F 48 11.29 13.75 -20.33
CA ASP F 48 11.84 12.90 -19.28
C ASP F 48 12.50 11.66 -19.87
N SER F 49 11.87 11.04 -20.87
CA SER F 49 12.46 9.91 -21.55
C SER F 49 13.67 10.30 -22.40
N ARG F 50 13.88 11.61 -22.60
CA ARG F 50 15.00 12.13 -23.39
C ARG F 50 15.00 11.55 -24.81
N VAL F 51 13.81 11.51 -25.41
CA VAL F 51 13.66 11.05 -26.78
C VAL F 51 13.24 12.17 -27.74
N LEU F 52 12.51 13.18 -27.27
CA LEU F 52 12.04 14.27 -28.10
C LEU F 52 12.56 15.59 -27.56
N LEU F 53 12.94 16.48 -28.47
CA LEU F 53 13.39 17.84 -28.14
C LEU F 53 12.42 18.82 -28.80
N VAL F 54 12.05 19.86 -28.06
CA VAL F 54 11.15 20.90 -28.55
C VAL F 54 11.91 22.22 -28.59
N SER F 55 11.85 22.90 -29.75
CA SER F 55 12.60 24.15 -29.94
C SER F 55 11.64 25.22 -30.50
N LEU F 56 11.01 25.96 -29.58
CA LEU F 56 10.20 27.10 -29.98
C LEU F 56 11.09 28.31 -30.29
N GLU F 57 10.71 29.05 -31.34
CA GLU F 57 11.40 30.31 -31.65
C GLU F 57 10.35 31.37 -32.00
N ILE F 58 9.99 32.18 -31.01
CA ILE F 58 9.11 33.30 -31.26
C ILE F 58 9.94 34.54 -31.58
N GLY F 59 9.48 35.34 -32.55
CA GLY F 59 10.19 36.52 -32.99
C GLY F 59 9.47 37.79 -32.56
N VAL F 60 10.17 38.92 -32.78
CA VAL F 60 9.62 40.22 -32.39
C VAL F 60 8.35 40.53 -33.16
N GLU F 61 8.29 40.12 -34.44
CA GLU F 61 7.14 40.43 -35.27
C GLU F 61 5.85 39.86 -34.69
N ALA F 62 5.96 38.75 -33.93
CA ALA F 62 4.77 38.16 -33.33
C ALA F 62 4.11 39.11 -32.32
N PHE F 63 4.91 39.75 -31.48
CA PHE F 63 4.35 40.66 -30.47
C PHE F 63 3.93 41.98 -31.09
N GLN F 64 2.87 42.58 -30.53
CA GLN F 64 2.61 43.99 -30.80
C GLN F 64 3.77 44.86 -30.33
N GLU F 65 4.12 44.72 -29.06
CA GLU F 65 5.14 45.54 -28.41
C GLU F 65 6.05 44.63 -27.60
N TYR F 66 7.30 44.51 -28.02
CA TYR F 66 8.27 43.65 -27.34
C TYR F 66 9.44 44.49 -26.89
N ARG F 67 9.73 44.45 -25.59
CA ARG F 67 10.85 45.17 -25.00
C ARG F 67 11.57 44.24 -24.03
N CYS F 68 12.83 43.97 -24.31
CA CYS F 68 13.68 43.15 -23.44
C CYS F 68 14.98 43.90 -23.22
N ASP F 69 15.11 44.52 -22.04
CA ASP F 69 16.27 45.37 -21.77
C ASP F 69 17.57 44.56 -21.77
N HIS F 70 17.57 43.42 -21.11
CA HIS F 70 18.74 42.56 -21.01
C HIS F 70 18.30 41.11 -21.17
N PRO F 71 19.20 40.23 -21.59
CA PRO F 71 18.84 38.81 -21.71
C PRO F 71 18.32 38.25 -20.40
N VAL F 72 17.22 37.51 -20.47
CA VAL F 72 16.55 36.97 -19.30
C VAL F 72 16.20 35.52 -19.58
N THR F 73 16.25 34.68 -18.55
CA THR F 73 15.77 33.30 -18.64
C THR F 73 14.63 33.14 -17.65
N LEU F 74 13.50 32.62 -18.14
CA LEU F 74 12.33 32.36 -17.32
C LEU F 74 12.06 30.86 -17.34
N GLY F 75 12.33 30.20 -16.21
CA GLY F 75 12.05 28.78 -16.07
C GLY F 75 10.66 28.57 -15.50
N MET F 76 9.91 27.65 -16.11
CA MET F 76 8.53 27.47 -15.70
C MET F 76 8.08 26.04 -15.98
N ASP F 77 6.98 25.68 -15.34
CA ASP F 77 6.33 24.39 -15.54
C ASP F 77 5.19 24.59 -16.54
N LEU F 78 5.10 23.71 -17.52
CA LEU F 78 4.11 23.88 -18.59
C LEU F 78 2.69 23.65 -18.11
N THR F 79 2.50 22.77 -17.11
CA THR F 79 1.16 22.43 -16.68
C THR F 79 0.44 23.62 -16.05
N SER F 80 1.12 24.33 -15.14
CA SER F 80 0.49 25.47 -14.48
C SER F 80 0.31 26.63 -15.45
N LEU F 81 1.31 26.86 -16.30
CA LEU F 81 1.22 27.95 -17.27
C LEU F 81 0.09 27.69 -18.27
N SER F 82 -0.15 26.43 -18.60
CA SER F 82 -1.28 26.08 -19.47
C SER F 82 -2.60 26.45 -18.82
N LYS F 83 -2.76 26.15 -17.53
CA LYS F 83 -3.95 26.57 -16.80
C LYS F 83 -4.10 28.08 -16.85
N ILE F 84 -3.00 28.80 -16.58
CA ILE F 84 -3.05 30.25 -16.51
C ILE F 84 -3.45 30.83 -17.86
N LEU F 85 -2.92 30.28 -18.95
CA LEU F 85 -3.34 30.70 -20.28
C LEU F 85 -4.81 30.39 -20.53
N ARG F 86 -5.28 29.21 -20.09
CA ARG F 86 -6.70 28.89 -20.23
C ARG F 86 -7.59 29.77 -19.38
N CYS F 87 -7.02 30.51 -18.42
CA CYS F 87 -7.78 31.43 -17.59
C CYS F 87 -8.10 32.75 -18.29
N GLY F 88 -8.00 32.80 -19.61
CA GLY F 88 -8.22 34.03 -20.35
C GLY F 88 -9.21 33.85 -21.49
N ASN F 89 -9.84 34.96 -21.88
CA ASN F 89 -10.80 34.94 -22.97
C ASN F 89 -10.09 35.01 -24.33
N ASN F 90 -10.82 34.65 -25.39
CA ASN F 90 -10.25 34.67 -26.72
C ASN F 90 -10.00 36.10 -27.22
N THR F 91 -10.96 36.99 -27.00
CA THR F 91 -10.85 38.37 -27.50
C THR F 91 -10.07 39.22 -26.50
N ASP F 92 -8.84 38.77 -26.23
CA ASP F 92 -7.98 39.42 -25.26
C ASP F 92 -6.61 39.65 -25.88
N THR F 93 -5.84 40.54 -25.25
CA THR F 93 -4.44 40.75 -25.55
C THR F 93 -3.63 40.30 -24.35
N LEU F 94 -2.50 39.65 -24.61
CA LEU F 94 -1.69 39.05 -23.55
C LEU F 94 -0.41 39.86 -23.34
N THR F 95 0.08 39.86 -22.10
CA THR F 95 1.32 40.54 -21.76
C THR F 95 2.12 39.68 -20.80
N LEU F 96 3.35 39.36 -21.18
CA LEU F 96 4.32 38.73 -20.31
C LEU F 96 5.20 39.82 -19.71
N ILE F 97 5.28 39.87 -18.39
CA ILE F 97 6.03 40.88 -17.67
C ILE F 97 7.03 40.20 -16.74
N ALA F 98 8.27 40.66 -16.79
CA ALA F 98 9.34 40.11 -15.97
C ALA F 98 10.18 41.26 -15.44
N ASP F 99 10.56 41.18 -14.17
CA ASP F 99 11.37 42.23 -13.54
C ASP F 99 12.83 42.07 -13.96
N ASN F 100 13.68 42.90 -13.36
CA ASN F 100 15.12 42.84 -13.65
C ASN F 100 15.70 41.50 -13.22
N THR F 101 15.42 41.09 -11.99
CA THR F 101 15.80 39.75 -11.54
C THR F 101 14.67 38.78 -11.86
N PRO F 102 14.92 37.75 -12.68
CA PRO F 102 13.83 36.87 -13.11
C PRO F 102 13.18 36.10 -11.96
N ASP F 103 11.93 36.42 -11.66
CA ASP F 103 11.19 35.75 -10.59
C ASP F 103 9.71 36.11 -10.70
N SER F 104 8.84 35.10 -10.60
CA SER F 104 7.39 35.27 -10.56
C SER F 104 6.89 36.09 -11.75
N ILE F 105 7.03 35.48 -12.93
CA ILE F 105 6.57 36.13 -14.16
C ILE F 105 5.09 36.46 -14.05
N ILE F 106 4.71 37.65 -14.53
CA ILE F 106 3.34 38.12 -14.47
C ILE F 106 2.72 38.00 -15.86
N LEU F 107 1.56 37.35 -15.94
CA LEU F 107 0.81 37.26 -17.17
C LEU F 107 -0.45 38.11 -17.04
N LEU F 108 -0.70 38.93 -18.05
CA LEU F 108 -1.69 40.00 -17.95
C LEU F 108 -2.59 39.96 -19.19
N PHE F 109 -3.86 39.63 -18.98
CA PHE F 109 -4.86 39.54 -20.04
C PHE F 109 -5.72 40.80 -19.97
N GLU F 110 -5.82 41.52 -21.08
CA GLU F 110 -6.70 42.69 -21.12
C GLU F 110 -7.67 42.62 -22.28
N ASP F 111 -8.88 43.10 -22.03
CA ASP F 111 -9.82 43.50 -23.07
C ASP F 111 -10.36 44.87 -22.69
N THR F 112 -10.17 45.85 -23.58
CA THR F 112 -10.60 47.22 -23.32
C THR F 112 -11.90 47.56 -24.04
N LYS F 113 -12.41 46.68 -24.89
CA LYS F 113 -13.74 46.86 -25.44
C LYS F 113 -14.78 46.85 -24.33
N LYS F 114 -14.69 45.86 -23.44
CA LYS F 114 -15.33 45.88 -22.13
C LYS F 114 -14.22 45.80 -21.09
N ASP F 115 -14.00 46.88 -20.35
CA ASP F 115 -12.80 47.03 -19.53
C ASP F 115 -12.66 45.87 -18.56
N ARG F 116 -11.65 45.03 -18.78
CA ARG F 116 -11.41 43.87 -17.94
C ARG F 116 -9.93 43.59 -17.87
N ILE F 117 -9.43 43.41 -16.65
CA ILE F 117 -8.03 43.07 -16.40
C ILE F 117 -7.98 41.72 -15.71
N ALA F 118 -7.01 40.90 -16.09
CA ALA F 118 -6.78 39.61 -15.46
C ALA F 118 -5.28 39.47 -15.24
N GLU F 119 -4.84 39.62 -13.99
CA GLU F 119 -3.42 39.51 -13.65
C GLU F 119 -3.20 38.16 -12.97
N TYR F 120 -2.16 37.45 -13.42
CA TYR F 120 -1.81 36.15 -12.88
C TYR F 120 -0.30 36.10 -12.65
N SER F 121 0.12 35.27 -11.71
CA SER F 121 1.54 35.11 -11.39
C SER F 121 1.95 33.65 -11.59
N LEU F 122 3.22 33.47 -11.96
CA LEU F 122 3.79 32.13 -12.09
C LEU F 122 5.18 32.16 -11.48
N LYS F 123 5.41 31.32 -10.48
CA LYS F 123 6.70 31.29 -9.80
C LYS F 123 7.75 30.64 -10.69
N LEU F 124 8.89 31.30 -10.85
CA LEU F 124 9.97 30.73 -11.62
C LEU F 124 10.63 29.58 -10.86
N MET F 125 11.27 28.69 -11.62
CA MET F 125 11.90 27.50 -11.08
C MET F 125 13.29 27.35 -11.67
N ASP F 126 14.24 26.96 -10.83
CA ASP F 126 15.66 26.94 -11.19
C ASP F 126 15.96 25.65 -11.95
N ILE F 127 15.96 25.74 -13.27
CA ILE F 127 16.29 24.61 -14.13
C ILE F 127 17.73 24.78 -14.61
N ASP F 128 18.60 23.85 -14.24
CA ASP F 128 20.02 23.99 -14.54
C ASP F 128 20.31 23.73 -16.02
N ALA F 129 19.56 22.82 -16.64
CA ALA F 129 19.84 22.42 -18.02
C ALA F 129 19.55 23.55 -19.00
N ASP F 130 20.62 24.14 -19.55
CA ASP F 130 20.50 25.20 -20.54
C ASP F 130 21.46 24.98 -21.71
N PHE F 131 21.44 23.78 -22.28
CA PHE F 131 22.37 23.47 -23.38
C PHE F 131 22.19 24.43 -24.55
N LEU F 132 20.95 24.68 -24.96
CA LEU F 132 20.62 25.74 -25.92
C LEU F 132 21.34 25.56 -27.26
N LYS F 133 21.50 24.32 -27.70
CA LYS F 133 22.20 24.07 -28.95
C LYS F 133 21.39 23.13 -29.85
N ILE F 134 21.30 23.50 -31.12
CA ILE F 134 20.75 22.64 -32.17
C ILE F 134 21.78 22.59 -33.30
N GLU F 135 21.74 21.52 -34.07
CA GLU F 135 22.69 21.31 -35.16
C GLU F 135 21.92 21.28 -36.49
N GLU F 136 22.02 22.37 -37.24
CA GLU F 136 21.46 22.41 -38.58
C GLU F 136 22.25 21.48 -39.49
N LEU F 137 21.56 20.54 -40.13
CA LEU F 137 22.20 19.50 -40.91
C LEU F 137 21.61 19.46 -42.31
N GLN F 138 22.41 18.94 -43.25
CA GLN F 138 21.95 18.69 -44.61
C GLN F 138 21.27 17.33 -44.61
N TYR F 139 19.96 17.33 -44.35
CA TYR F 139 19.22 16.10 -44.22
C TYR F 139 19.13 15.37 -45.56
N ASP F 140 18.90 14.06 -45.49
CA ASP F 140 18.80 13.25 -46.70
C ASP F 140 17.54 13.56 -47.50
N SER F 141 16.46 13.92 -46.83
CA SER F 141 15.21 14.20 -47.51
C SER F 141 14.47 15.31 -46.79
N THR F 142 13.81 16.18 -47.55
CA THR F 142 13.01 17.28 -47.03
C THR F 142 11.65 17.23 -47.72
N LEU F 143 10.60 16.99 -46.94
CA LEU F 143 9.25 16.93 -47.48
C LEU F 143 8.37 17.96 -46.77
N SER F 144 7.26 18.30 -47.42
CA SER F 144 6.31 19.25 -46.88
C SER F 144 4.91 18.80 -47.25
N LEU F 145 4.06 18.63 -46.24
CA LEU F 145 2.71 18.12 -46.46
C LEU F 145 1.76 18.81 -45.50
N PRO F 146 0.47 18.89 -45.83
CA PRO F 146 -0.48 19.54 -44.92
C PRO F 146 -0.50 18.84 -43.56
N SER F 147 -0.64 19.66 -42.51
CA SER F 147 -0.63 19.14 -41.15
C SER F 147 -1.80 18.22 -40.89
N SER F 148 -2.98 18.56 -41.44
CA SER F 148 -4.16 17.74 -41.21
C SER F 148 -3.97 16.33 -41.77
N GLU F 149 -3.43 16.21 -42.98
CA GLU F 149 -3.22 14.90 -43.57
C GLU F 149 -2.23 14.06 -42.77
N PHE F 150 -1.10 14.67 -42.37
CA PHE F 150 -0.10 13.95 -41.60
C PHE F 150 -0.64 13.51 -40.24
N SER F 151 -1.37 14.39 -39.56
CA SER F 151 -1.97 14.01 -38.27
C SER F 151 -3.00 12.91 -38.44
N LYS F 152 -3.82 12.98 -39.49
CA LYS F 152 -4.78 11.92 -39.80
C LYS F 152 -4.05 10.59 -39.97
N ILE F 153 -2.98 10.59 -40.76
CA ILE F 153 -2.24 9.37 -41.05
C ILE F 153 -1.61 8.80 -39.78
N VAL F 154 -1.00 9.67 -38.98
CA VAL F 154 -0.32 9.21 -37.77
C VAL F 154 -1.32 8.64 -36.77
N ARG F 155 -2.44 9.36 -36.56
CA ARG F 155 -3.45 8.87 -35.63
C ARG F 155 -4.09 7.57 -36.09
N ASP F 156 -4.19 7.35 -37.41
CA ASP F 156 -4.81 6.10 -37.85
C ASP F 156 -3.83 4.93 -37.88
N LEU F 157 -2.54 5.20 -38.10
CA LEU F 157 -1.55 4.12 -38.02
C LEU F 157 -1.09 3.85 -36.60
N SER F 158 -1.38 4.74 -35.65
CA SER F 158 -1.00 4.48 -34.26
C SER F 158 -1.84 3.40 -33.62
N GLN F 159 -3.02 3.11 -34.17
CA GLN F 159 -3.89 2.10 -33.59
C GLN F 159 -3.43 0.68 -33.88
N LEU F 160 -2.60 0.49 -34.90
CA LEU F 160 -2.16 -0.85 -35.26
C LEU F 160 -0.99 -1.32 -34.42
N SER F 161 -0.05 -0.44 -34.11
CA SER F 161 1.14 -0.81 -33.35
C SER F 161 1.67 0.44 -32.65
N ASP F 162 2.74 0.25 -31.87
CA ASP F 162 3.41 1.35 -31.18
C ASP F 162 4.61 1.88 -31.95
N SER F 163 4.91 1.31 -33.12
CA SER F 163 6.05 1.74 -33.93
C SER F 163 5.56 2.05 -35.34
N ILE F 164 5.92 3.22 -35.84
CA ILE F 164 5.54 3.66 -37.18
C ILE F 164 6.82 3.87 -37.98
N ASN F 165 6.94 3.17 -39.10
CA ASN F 165 8.12 3.24 -39.96
C ASN F 165 7.86 4.21 -41.10
N ILE F 166 8.79 5.16 -41.29
CA ILE F 166 8.74 6.10 -42.39
C ILE F 166 9.83 5.71 -43.38
N MET F 167 9.44 5.59 -44.65
CA MET F 167 10.34 5.27 -45.74
C MET F 167 10.22 6.35 -46.81
N ILE F 168 11.36 6.91 -47.19
CA ILE F 168 11.44 7.90 -48.25
C ILE F 168 12.20 7.28 -49.41
N THR F 169 11.53 7.13 -50.55
CA THR F 169 12.18 6.64 -51.76
C THR F 169 11.88 7.60 -52.89
N LYS F 170 12.30 7.27 -54.12
CA LYS F 170 12.27 8.23 -55.22
C LYS F 170 10.83 8.64 -55.49
N GLU F 171 10.48 9.86 -55.07
CA GLU F 171 9.14 10.41 -55.22
C GLU F 171 8.08 9.50 -54.60
N THR F 172 8.41 8.87 -53.47
CA THR F 172 7.46 8.03 -52.75
C THR F 172 7.66 8.20 -51.26
N ILE F 173 6.57 8.41 -50.52
CA ILE F 173 6.59 8.51 -49.07
C ILE F 173 5.69 7.39 -48.54
N LYS F 174 6.26 6.51 -47.73
CA LYS F 174 5.54 5.35 -47.21
C LYS F 174 5.52 5.39 -45.69
N PHE F 175 4.32 5.22 -45.13
CA PHE F 175 4.13 5.08 -43.69
C PHE F 175 3.61 3.67 -43.42
N VAL F 176 4.38 2.88 -42.69
CA VAL F 176 4.05 1.49 -42.39
C VAL F 176 3.85 1.33 -40.89
N ALA F 177 2.94 0.42 -40.53
CA ALA F 177 2.71 0.10 -39.13
C ALA F 177 2.30 -1.36 -39.05
N ASP F 178 3.16 -2.19 -38.46
CA ASP F 178 2.92 -3.63 -38.34
C ASP F 178 2.69 -3.93 -36.86
N GLY F 179 1.52 -4.48 -36.55
CA GLY F 179 1.16 -4.78 -35.18
C GLY F 179 0.66 -6.19 -34.97
N ASP F 180 -0.11 -6.40 -33.89
CA ASP F 180 -0.62 -7.72 -33.56
C ASP F 180 -1.98 -8.01 -34.19
N ILE F 181 -2.84 -7.00 -34.34
CA ILE F 181 -4.11 -7.19 -35.02
C ILE F 181 -3.97 -7.15 -36.53
N GLY F 182 -2.82 -6.79 -37.06
CA GLY F 182 -2.62 -6.74 -38.49
C GLY F 182 -1.52 -5.76 -38.85
N SER F 183 -1.57 -5.29 -40.09
CA SER F 183 -0.59 -4.36 -40.61
C SER F 183 -1.27 -3.33 -41.49
N GLY F 184 -0.57 -2.23 -41.74
CA GLY F 184 -1.07 -1.19 -42.60
C GLY F 184 0.06 -0.43 -43.24
N SER F 185 -0.19 0.09 -44.43
CA SER F 185 0.84 0.81 -45.19
C SER F 185 0.16 1.81 -46.12
N VAL F 186 0.52 3.08 -45.98
CA VAL F 186 -0.01 4.14 -46.84
C VAL F 186 1.14 4.71 -47.66
N ILE F 187 0.93 4.80 -48.98
CA ILE F 187 1.92 5.29 -49.92
C ILE F 187 1.36 6.56 -50.55
N ILE F 188 2.16 7.64 -50.53
CA ILE F 188 1.78 8.91 -51.14
C ILE F 188 2.89 9.36 -52.07
N LYS F 189 2.52 10.17 -53.05
CA LYS F 189 3.43 10.69 -54.04
C LYS F 189 3.43 12.22 -54.02
N PRO F 190 4.58 12.87 -54.23
CA PRO F 190 4.62 14.33 -54.25
C PRO F 190 3.95 14.91 -55.48
N PHE F 191 2.82 15.60 -55.29
CA PHE F 191 2.07 16.21 -56.37
C PHE F 191 1.87 17.69 -56.08
N VAL F 192 1.86 18.49 -57.14
CA VAL F 192 1.77 19.95 -57.07
C VAL F 192 0.46 20.36 -57.71
N ASP F 193 -0.34 21.16 -57.00
CA ASP F 193 -1.71 21.43 -57.40
C ASP F 193 -1.86 22.94 -57.58
N MET F 194 -2.08 23.37 -58.83
CA MET F 194 -2.10 24.80 -59.13
C MET F 194 -3.35 25.48 -58.58
N GLU F 195 -4.49 24.81 -58.68
CA GLU F 195 -5.75 25.43 -58.25
C GLU F 195 -5.78 25.69 -56.75
N HIS F 196 -5.20 24.80 -55.96
CA HIS F 196 -5.14 24.94 -54.50
C HIS F 196 -3.73 24.61 -54.01
N PRO F 197 -2.87 25.61 -53.77
CA PRO F 197 -1.49 25.32 -53.37
C PRO F 197 -1.35 24.68 -52.00
N GLU F 198 -2.30 24.91 -51.09
CA GLU F 198 -2.10 24.47 -49.70
C GLU F 198 -2.18 22.96 -49.56
N THR F 199 -2.81 22.27 -50.51
CA THR F 199 -2.99 20.82 -50.44
C THR F 199 -1.91 20.05 -51.17
N SER F 200 -0.85 20.73 -51.64
CA SER F 200 0.19 20.07 -52.41
C SER F 200 1.12 19.29 -51.47
N ILE F 201 1.95 18.42 -52.07
CA ILE F 201 2.92 17.62 -51.35
C ILE F 201 4.27 17.83 -52.04
N LYS F 202 5.27 18.28 -51.29
CA LYS F 202 6.61 18.43 -51.83
C LYS F 202 7.57 17.43 -51.19
N LEU F 203 8.54 16.97 -51.98
CA LEU F 203 9.54 16.03 -51.48
C LEU F 203 10.80 16.17 -52.32
N GLU F 204 11.89 16.60 -51.69
CA GLU F 204 13.21 16.67 -52.31
C GLU F 204 14.09 15.65 -51.59
N MET F 205 14.55 14.63 -52.32
CA MET F 205 15.30 13.52 -51.74
C MET F 205 16.69 13.44 -52.35
N ASP F 206 17.68 13.18 -51.50
CA ASP F 206 19.05 12.94 -51.92
C ASP F 206 19.47 11.49 -51.80
N GLN F 207 18.90 10.75 -50.85
CA GLN F 207 19.29 9.37 -50.56
C GLN F 207 18.15 8.74 -49.79
N PRO F 208 17.67 7.56 -50.19
CA PRO F 208 16.43 7.04 -49.59
C PRO F 208 16.61 6.65 -48.13
N VAL F 209 15.57 6.90 -47.34
CA VAL F 209 15.63 6.80 -45.89
C VAL F 209 14.62 5.75 -45.43
N ASP F 210 14.92 5.12 -44.30
CA ASP F 210 14.04 4.09 -43.75
C ASP F 210 14.32 4.05 -42.24
N LEU F 211 13.36 4.52 -41.44
CA LEU F 211 13.57 4.53 -40.00
C LEU F 211 12.23 4.61 -39.27
N THR F 212 12.23 4.17 -38.02
CA THR F 212 11.02 3.98 -37.24
C THR F 212 10.97 4.91 -36.04
N PHE F 213 9.75 5.34 -35.69
CA PHE F 213 9.48 6.13 -34.49
C PHE F 213 8.49 5.40 -33.61
N GLY F 214 8.35 5.87 -32.37
CA GLY F 214 7.30 5.40 -31.51
C GLY F 214 5.99 6.12 -31.77
N ALA F 215 4.89 5.43 -31.51
CA ALA F 215 3.57 5.98 -31.80
C ALA F 215 3.21 7.13 -30.86
N LYS F 216 3.55 7.00 -29.57
CA LYS F 216 3.18 8.03 -28.61
C LYS F 216 3.83 9.38 -28.94
N TYR F 217 5.12 9.35 -29.28
CA TYR F 217 5.82 10.59 -29.61
C TYR F 217 5.28 11.22 -30.87
N LEU F 218 4.95 10.41 -31.89
CA LEU F 218 4.33 10.96 -33.09
C LEU F 218 2.96 11.58 -32.79
N LEU F 219 2.16 10.91 -31.97
CA LEU F 219 0.86 11.45 -31.58
C LEU F 219 0.99 12.74 -30.79
N ASP F 220 2.07 12.89 -30.00
CA ASP F 220 2.30 14.14 -29.29
C ASP F 220 2.83 15.24 -30.19
N ILE F 221 3.64 14.88 -31.20
CA ILE F 221 4.14 15.88 -32.14
C ILE F 221 3.01 16.44 -32.99
N ILE F 222 2.10 15.58 -33.46
CA ILE F 222 1.05 16.03 -34.36
C ILE F 222 0.07 16.94 -33.64
N LYS F 223 0.22 17.08 -32.32
CA LYS F 223 -0.61 18.01 -31.56
C LYS F 223 -0.36 19.46 -31.95
N GLY F 224 0.77 19.75 -32.60
CA GLY F 224 1.09 21.08 -33.08
C GLY F 224 0.48 21.43 -34.42
N SER F 225 -0.35 20.54 -34.97
CA SER F 225 -0.98 20.81 -36.26
C SER F 225 -1.97 21.96 -36.21
N SER F 226 -2.38 22.38 -35.01
CA SER F 226 -3.30 23.50 -34.85
C SER F 226 -2.63 24.85 -35.05
N LEU F 227 -1.30 24.89 -35.16
CA LEU F 227 -0.58 26.13 -35.35
C LEU F 227 -0.49 26.51 -36.82
N SER F 228 0.05 25.62 -37.64
CA SER F 228 0.23 25.87 -39.06
C SER F 228 -0.56 24.84 -39.88
N ASP F 229 -0.96 25.26 -41.08
CA ASP F 229 -1.72 24.40 -41.97
C ASP F 229 -0.84 23.42 -42.73
N ARG F 230 0.48 23.57 -42.67
CA ARG F 230 1.41 22.70 -43.39
C ARG F 230 2.63 22.45 -42.52
N VAL F 231 3.09 21.20 -42.50
CA VAL F 231 4.22 20.78 -41.67
C VAL F 231 5.32 20.26 -42.59
N GLY F 232 6.56 20.61 -42.25
CA GLY F 232 7.73 20.10 -42.94
C GLY F 232 8.39 19.00 -42.14
N ILE F 233 8.91 18.00 -42.85
CA ILE F 233 9.58 16.86 -42.24
C ILE F 233 10.96 16.72 -42.88
N ARG F 234 12.00 16.79 -42.07
CA ARG F 234 13.38 16.61 -42.52
C ARG F 234 13.89 15.30 -41.94
N LEU F 235 14.33 14.39 -42.81
CA LEU F 235 14.80 13.07 -42.41
C LEU F 235 16.22 12.85 -42.92
N SER F 236 17.01 12.11 -42.15
CA SER F 236 18.38 11.80 -42.52
C SER F 236 18.77 10.48 -41.88
N SER F 237 19.85 9.89 -42.41
CA SER F 237 20.34 8.61 -41.92
C SER F 237 20.90 8.78 -40.51
N GLU F 238 20.15 8.28 -39.53
CA GLU F 238 20.54 8.35 -38.11
C GLU F 238 20.78 9.79 -37.67
N ALA F 239 19.74 10.61 -37.86
CA ALA F 239 19.74 12.00 -37.42
C ALA F 239 18.39 12.30 -36.82
N PRO F 240 18.31 13.23 -35.87
CA PRO F 240 17.01 13.58 -35.29
C PRO F 240 16.07 14.15 -36.34
N ALA F 241 14.95 13.46 -36.54
CA ALA F 241 13.97 13.91 -37.51
C ALA F 241 13.39 15.26 -37.09
N LEU F 242 13.29 16.16 -38.05
CA LEU F 242 12.86 17.53 -37.79
C LEU F 242 11.42 17.70 -38.28
N PHE F 243 10.48 17.78 -37.33
CA PHE F 243 9.09 18.07 -37.63
C PHE F 243 8.84 19.54 -37.32
N GLN F 244 8.72 20.36 -38.35
CA GLN F 244 8.67 21.81 -38.21
C GLN F 244 7.29 22.34 -38.59
N PHE F 245 6.71 23.13 -37.69
CA PHE F 245 5.50 23.90 -37.97
C PHE F 245 5.92 25.36 -38.01
N ASP F 246 5.82 25.98 -39.19
CA ASP F 246 6.29 27.35 -39.38
C ASP F 246 5.19 28.32 -38.99
N LEU F 247 5.50 29.24 -38.09
CA LEU F 247 4.58 30.28 -37.69
C LEU F 247 4.81 31.54 -38.52
N LYS F 248 4.00 32.57 -38.27
CA LYS F 248 4.14 33.82 -39.01
C LYS F 248 5.48 34.50 -38.72
N SER F 249 5.91 34.46 -37.46
CA SER F 249 7.15 35.13 -37.06
C SER F 249 8.29 34.16 -36.75
N GLY F 250 8.00 32.89 -36.50
CA GLY F 250 9.02 31.94 -36.14
C GLY F 250 8.63 30.51 -36.47
N PHE F 251 8.97 29.57 -35.60
CA PHE F 251 8.65 28.18 -35.86
C PHE F 251 8.63 27.39 -34.55
N LEU F 252 8.02 26.20 -34.63
CA LEU F 252 8.04 25.22 -33.56
C LEU F 252 8.54 23.92 -34.16
N GLN F 253 9.69 23.44 -33.70
CA GLN F 253 10.34 22.28 -34.29
C GLN F 253 10.53 21.20 -33.25
N PHE F 254 10.13 19.98 -33.60
CA PHE F 254 10.35 18.79 -32.80
C PHE F 254 11.49 17.99 -33.41
N PHE F 255 12.55 17.78 -32.63
CA PHE F 255 13.66 16.90 -33.00
C PHE F 255 13.39 15.55 -32.34
N LEU F 256 13.00 14.57 -33.15
CA LEU F 256 12.68 13.25 -32.62
C LEU F 256 13.82 12.27 -32.88
N ALA F 257 14.00 11.35 -31.94
CA ALA F 257 15.03 10.32 -32.04
C ALA F 257 14.41 9.02 -32.50
N PRO F 258 14.83 8.51 -33.66
CA PRO F 258 14.25 7.25 -34.15
C PRO F 258 14.69 6.07 -33.29
N LYS F 259 13.90 5.00 -33.37
CA LYS F 259 14.22 3.78 -32.65
C LYS F 259 15.42 3.08 -33.29
N PHE F 260 16.08 2.22 -32.51
CA PHE F 260 17.26 1.50 -32.95
C PHE F 260 16.84 0.15 -33.52
N ASN F 261 17.35 -0.19 -34.68
CA ASN F 261 17.00 -1.44 -35.35
C ASN F 261 17.39 -2.66 -34.52
N MET G 7 -8.65 -17.24 -54.24
CA MET G 7 -8.52 -15.80 -54.05
C MET G 7 -9.88 -15.13 -53.98
N LEU G 8 -9.85 -13.82 -53.76
CA LEU G 8 -11.08 -13.02 -53.69
C LEU G 8 -10.70 -11.57 -53.94
N GLU G 9 -11.41 -10.90 -54.85
CA GLU G 9 -11.22 -9.47 -55.10
C GLU G 9 -12.60 -8.83 -55.21
N ALA G 10 -13.05 -8.22 -54.12
CA ALA G 10 -14.36 -7.56 -54.09
C ALA G 10 -14.18 -6.06 -53.86
N LYS G 11 -14.66 -5.26 -54.80
CA LYS G 11 -14.46 -3.81 -54.78
C LYS G 11 -15.79 -3.12 -54.48
N PHE G 12 -15.85 -2.43 -53.34
CA PHE G 12 -17.02 -1.64 -53.00
C PHE G 12 -17.04 -0.34 -53.80
N GLU G 13 -18.26 0.16 -54.05
CA GLU G 13 -18.40 1.49 -54.64
C GLU G 13 -17.88 2.56 -53.68
N GLU G 14 -18.22 2.44 -52.41
CA GLU G 14 -17.92 3.43 -51.39
C GLU G 14 -17.62 2.71 -50.09
N ALA G 15 -16.65 3.23 -49.36
CA ALA G 15 -16.18 2.58 -48.13
C ALA G 15 -17.02 2.95 -46.90
N SER G 16 -17.83 4.01 -46.98
CA SER G 16 -18.65 4.39 -45.83
C SER G 16 -19.74 3.35 -45.56
N LEU G 17 -20.21 2.68 -46.61
CA LEU G 17 -21.27 1.68 -46.44
C LEU G 17 -20.82 0.54 -45.53
N PHE G 18 -19.62 0.01 -45.80
CA PHE G 18 -19.10 -1.07 -44.97
C PHE G 18 -18.83 -0.61 -43.54
N LYS G 19 -18.32 0.62 -43.39
CA LYS G 19 -18.07 1.16 -42.06
C LYS G 19 -19.36 1.25 -41.25
N ARG G 20 -20.43 1.77 -41.86
CA ARG G 20 -21.71 1.86 -41.18
C ARG G 20 -22.27 0.47 -40.88
N ILE G 21 -22.13 -0.47 -41.83
CA ILE G 21 -22.63 -1.82 -41.62
C ILE G 21 -21.96 -2.45 -40.40
N ILE G 22 -20.63 -2.33 -40.31
CA ILE G 22 -19.91 -2.92 -39.20
C ILE G 22 -20.21 -2.19 -37.89
N ASP G 23 -20.34 -0.87 -37.94
CA ASP G 23 -20.73 -0.11 -36.75
C ASP G 23 -22.13 -0.48 -36.28
N GLY G 24 -22.97 -1.02 -37.16
CA GLY G 24 -24.33 -1.36 -36.76
C GLY G 24 -24.39 -2.46 -35.72
N PHE G 25 -23.60 -3.52 -35.90
CA PHE G 25 -23.70 -4.72 -35.07
C PHE G 25 -22.36 -5.10 -34.45
N LYS G 26 -21.58 -4.10 -34.03
CA LYS G 26 -20.29 -4.38 -33.40
C LYS G 26 -20.32 -4.30 -31.88
N ASP G 27 -21.41 -3.78 -31.29
CA ASP G 27 -21.53 -3.67 -29.84
C ASP G 27 -22.29 -4.83 -29.22
N CYS G 28 -22.76 -5.78 -30.03
CA CYS G 28 -23.46 -6.96 -29.53
C CYS G 28 -22.63 -8.23 -29.69
N VAL G 29 -22.06 -8.45 -30.87
CA VAL G 29 -21.21 -9.60 -31.12
C VAL G 29 -19.81 -9.10 -31.46
N GLN G 30 -18.80 -9.85 -31.02
CA GLN G 30 -17.41 -9.47 -31.19
C GLN G 30 -16.71 -10.19 -32.33
N LEU G 31 -17.14 -11.39 -32.70
CA LEU G 31 -16.44 -12.21 -33.68
C LEU G 31 -17.43 -12.79 -34.68
N VAL G 32 -17.02 -12.81 -35.96
CA VAL G 32 -17.92 -13.20 -37.04
C VAL G 32 -17.19 -14.08 -38.04
N ASN G 33 -17.96 -14.74 -38.90
CA ASN G 33 -17.45 -15.56 -39.99
C ASN G 33 -18.14 -15.13 -41.28
N PHE G 34 -17.40 -14.49 -42.18
CA PHE G 34 -17.91 -14.05 -43.46
C PHE G 34 -17.62 -15.13 -44.52
N GLN G 35 -18.65 -15.90 -44.88
CA GLN G 35 -18.53 -16.91 -45.93
C GLN G 35 -18.78 -16.21 -47.26
N CYS G 36 -17.76 -16.19 -48.12
CA CYS G 36 -17.84 -15.47 -49.39
C CYS G 36 -18.13 -16.47 -50.50
N LYS G 37 -19.39 -16.51 -50.94
CA LYS G 37 -19.87 -17.40 -51.98
C LYS G 37 -20.10 -16.58 -53.26
N GLU G 38 -20.30 -17.28 -54.38
CA GLU G 38 -20.52 -16.61 -55.65
C GLU G 38 -21.73 -15.69 -55.63
N ASP G 39 -22.67 -15.91 -54.71
CA ASP G 39 -23.80 -15.00 -54.58
C ASP G 39 -23.42 -13.71 -53.89
N GLY G 40 -22.47 -13.76 -52.95
CA GLY G 40 -22.05 -12.57 -52.24
C GLY G 40 -21.29 -12.94 -50.97
N ILE G 41 -21.60 -12.22 -49.90
CA ILE G 41 -20.97 -12.44 -48.60
C ILE G 41 -22.05 -12.73 -47.56
N ILE G 42 -22.23 -14.00 -47.21
CA ILE G 42 -23.21 -14.37 -46.19
C ILE G 42 -22.50 -14.63 -44.88
N ALA G 43 -23.01 -14.07 -43.80
CA ALA G 43 -22.36 -14.22 -42.51
C ALA G 43 -23.38 -14.16 -41.39
N GLN G 44 -23.37 -15.16 -40.50
CA GLN G 44 -24.17 -15.06 -39.29
C GLN G 44 -23.23 -15.12 -38.10
N ALA G 45 -23.63 -14.44 -37.03
CA ALA G 45 -22.92 -14.46 -35.76
C ALA G 45 -23.92 -14.72 -34.64
N VAL G 46 -23.65 -15.75 -33.83
CA VAL G 46 -24.42 -15.95 -32.61
C VAL G 46 -23.84 -15.07 -31.51
N ASP G 47 -24.72 -14.43 -30.75
CA ASP G 47 -24.27 -13.56 -29.68
C ASP G 47 -23.59 -14.38 -28.59
N ASP G 48 -22.72 -13.72 -27.83
CA ASP G 48 -22.02 -14.39 -26.74
C ASP G 48 -23.01 -14.92 -25.70
N SER G 49 -24.07 -14.16 -25.42
CA SER G 49 -25.13 -14.64 -24.55
C SER G 49 -25.98 -15.70 -25.22
N ARG G 50 -25.80 -15.93 -26.52
CA ARG G 50 -26.58 -16.89 -27.29
C ARG G 50 -28.08 -16.57 -27.25
N VAL G 51 -28.41 -15.28 -27.21
CA VAL G 51 -29.78 -14.80 -27.17
C VAL G 51 -30.14 -14.05 -28.44
N LEU G 52 -29.15 -13.58 -29.20
CA LEU G 52 -29.40 -12.88 -30.44
C LEU G 52 -28.55 -13.48 -31.55
N LEU G 53 -29.08 -13.48 -32.76
CA LEU G 53 -28.38 -13.97 -33.93
C LEU G 53 -28.42 -12.90 -35.02
N VAL G 54 -27.28 -12.66 -35.66
CA VAL G 54 -27.17 -11.65 -36.70
C VAL G 54 -26.87 -12.36 -38.02
N SER G 55 -27.63 -12.04 -39.06
CA SER G 55 -27.37 -12.57 -40.39
C SER G 55 -27.29 -11.42 -41.40
N LEU G 56 -26.24 -11.45 -42.22
CA LEU G 56 -25.97 -10.40 -43.20
C LEU G 56 -25.66 -11.04 -44.55
N GLU G 57 -26.31 -10.52 -45.60
CA GLU G 57 -26.05 -10.94 -46.96
C GLU G 57 -25.80 -9.70 -47.82
N ILE G 58 -24.69 -9.69 -48.54
CA ILE G 58 -24.35 -8.62 -49.47
C ILE G 58 -24.06 -9.28 -50.82
N GLY G 59 -24.92 -9.03 -51.80
CA GLY G 59 -24.83 -9.73 -53.05
C GLY G 59 -23.81 -9.12 -54.00
N VAL G 60 -23.65 -9.79 -55.15
CA VAL G 60 -22.74 -9.32 -56.19
C VAL G 60 -23.19 -8.00 -56.77
N GLU G 61 -24.50 -7.77 -56.86
CA GLU G 61 -25.02 -6.49 -57.36
C GLU G 61 -24.45 -5.32 -56.56
N ALA G 62 -24.19 -5.54 -55.27
CA ALA G 62 -23.62 -4.48 -54.44
C ALA G 62 -22.23 -4.10 -54.90
N PHE G 63 -21.40 -5.09 -55.25
CA PHE G 63 -20.01 -4.82 -55.59
C PHE G 63 -19.87 -4.31 -57.01
N GLN G 64 -18.87 -3.46 -57.25
CA GLN G 64 -18.53 -3.08 -58.62
C GLN G 64 -17.99 -4.28 -59.39
N GLU G 65 -17.05 -5.01 -58.79
CA GLU G 65 -16.43 -6.17 -59.44
C GLU G 65 -16.10 -7.19 -58.37
N TYR G 66 -16.83 -8.30 -58.34
CA TYR G 66 -16.65 -9.36 -57.37
C TYR G 66 -16.19 -10.61 -58.09
N ARG G 67 -15.04 -11.15 -57.67
CA ARG G 67 -14.50 -12.37 -58.23
C ARG G 67 -14.05 -13.29 -57.10
N CYS G 68 -14.56 -14.52 -57.09
CA CYS G 68 -14.11 -15.54 -56.16
C CYS G 68 -13.90 -16.84 -56.92
N ASP G 69 -12.75 -17.48 -56.71
CA ASP G 69 -12.39 -18.70 -57.43
C ASP G 69 -12.87 -19.95 -56.71
N HIS G 70 -12.51 -20.11 -55.44
CA HIS G 70 -12.98 -21.21 -54.62
C HIS G 70 -13.66 -20.64 -53.38
N PRO G 71 -14.80 -21.20 -52.95
CA PRO G 71 -15.49 -20.63 -51.78
C PRO G 71 -14.61 -20.68 -50.54
N VAL G 72 -14.61 -19.57 -49.79
CA VAL G 72 -13.81 -19.45 -48.59
C VAL G 72 -14.67 -18.83 -47.48
N THR G 73 -14.18 -18.99 -46.24
CA THR G 73 -14.72 -18.29 -45.09
C THR G 73 -13.61 -17.46 -44.45
N LEU G 74 -13.93 -16.24 -44.06
CA LEU G 74 -13.00 -15.34 -43.40
C LEU G 74 -13.48 -15.12 -41.97
N GLY G 75 -12.73 -15.65 -41.01
CA GLY G 75 -13.04 -15.45 -39.61
C GLY G 75 -12.41 -14.15 -39.13
N MET G 76 -13.25 -13.26 -38.60
CA MET G 76 -12.84 -11.89 -38.39
C MET G 76 -13.33 -11.38 -37.04
N ASP G 77 -12.63 -10.38 -36.52
CA ASP G 77 -13.00 -9.70 -35.28
C ASP G 77 -13.60 -8.34 -35.66
N LEU G 78 -14.81 -8.08 -35.16
CA LEU G 78 -15.54 -6.89 -35.60
C LEU G 78 -14.86 -5.61 -35.15
N THR G 79 -14.28 -5.60 -33.95
CA THR G 79 -13.62 -4.39 -33.47
C THR G 79 -12.39 -4.05 -34.30
N SER G 80 -11.61 -5.06 -34.69
CA SER G 80 -10.44 -4.82 -35.52
C SER G 80 -10.86 -4.33 -36.91
N LEU G 81 -11.93 -4.92 -37.47
CA LEU G 81 -12.42 -4.46 -38.76
C LEU G 81 -12.92 -3.03 -38.68
N SER G 82 -13.60 -2.67 -37.58
CA SER G 82 -14.05 -1.29 -37.41
C SER G 82 -12.86 -0.35 -37.34
N LYS G 83 -11.80 -0.75 -36.62
CA LYS G 83 -10.59 0.06 -36.57
C LYS G 83 -10.00 0.25 -37.98
N ILE G 84 -9.96 -0.82 -38.77
CA ILE G 84 -9.40 -0.73 -40.11
C ILE G 84 -10.27 0.15 -41.01
N LEU G 85 -11.59 -0.01 -40.92
CA LEU G 85 -12.49 0.76 -41.77
C LEU G 85 -12.48 2.24 -41.41
N ARG G 86 -12.22 2.55 -40.14
CA ARG G 86 -12.10 3.94 -39.74
C ARG G 86 -10.91 4.62 -40.43
N CYS G 87 -9.93 3.83 -40.88
CA CYS G 87 -8.76 4.39 -41.56
C CYS G 87 -9.08 4.96 -42.93
N GLY G 88 -10.05 4.39 -43.64
CA GLY G 88 -10.32 4.81 -44.99
C GLY G 88 -11.15 6.09 -45.06
N ASN G 89 -10.98 6.81 -46.17
CA ASN G 89 -11.76 8.00 -46.42
C ASN G 89 -13.16 7.63 -46.91
N ASN G 90 -14.08 8.61 -46.82
CA ASN G 90 -15.47 8.35 -47.15
C ASN G 90 -15.64 7.98 -48.63
N THR G 91 -14.95 8.69 -49.52
CA THR G 91 -15.13 8.50 -50.95
C THR G 91 -14.22 7.42 -51.53
N ASP G 92 -13.42 6.76 -50.72
CA ASP G 92 -12.49 5.76 -51.23
C ASP G 92 -13.25 4.50 -51.65
N THR G 93 -12.63 3.75 -52.56
CA THR G 93 -13.15 2.46 -53.01
C THR G 93 -12.40 1.36 -52.29
N LEU G 94 -13.10 0.62 -51.43
CA LEU G 94 -12.49 -0.42 -50.62
C LEU G 94 -12.52 -1.74 -51.37
N THR G 95 -11.33 -2.33 -51.58
CA THR G 95 -11.19 -3.60 -52.26
C THR G 95 -10.65 -4.64 -51.29
N LEU G 96 -11.48 -5.62 -50.96
CA LEU G 96 -11.07 -6.76 -50.15
C LEU G 96 -10.41 -7.79 -51.06
N ILE G 97 -9.14 -8.08 -50.80
CA ILE G 97 -8.37 -9.03 -51.58
C ILE G 97 -7.84 -10.11 -50.65
N ALA G 98 -8.09 -11.37 -50.98
CA ALA G 98 -7.70 -12.51 -50.18
C ALA G 98 -6.99 -13.54 -51.04
N ASP G 99 -5.92 -14.11 -50.50
CA ASP G 99 -5.10 -15.09 -51.20
C ASP G 99 -5.55 -16.48 -50.74
N ASN G 100 -5.08 -17.51 -51.43
CA ASN G 100 -5.38 -18.89 -51.06
C ASN G 100 -4.82 -19.21 -49.67
N THR G 101 -5.54 -20.07 -48.95
CA THR G 101 -5.26 -20.36 -47.55
C THR G 101 -5.15 -19.05 -46.76
N PRO G 102 -6.24 -18.31 -46.61
CA PRO G 102 -6.14 -16.94 -46.08
C PRO G 102 -5.71 -16.92 -44.62
N ASP G 103 -4.65 -16.17 -44.34
CA ASP G 103 -4.29 -15.80 -42.98
C ASP G 103 -4.58 -14.34 -42.67
N SER G 104 -4.73 -13.49 -43.68
CA SER G 104 -5.10 -12.10 -43.49
C SER G 104 -5.88 -11.64 -44.71
N ILE G 105 -6.71 -10.62 -44.51
CA ILE G 105 -7.49 -10.00 -45.57
C ILE G 105 -6.92 -8.62 -45.83
N ILE G 106 -6.62 -8.32 -47.09
CA ILE G 106 -5.92 -7.10 -47.46
C ILE G 106 -6.98 -6.10 -47.95
N LEU G 107 -7.48 -5.29 -47.02
CA LEU G 107 -8.34 -4.18 -47.39
C LEU G 107 -7.53 -3.11 -48.10
N LEU G 108 -8.06 -2.59 -49.22
CA LEU G 108 -7.34 -1.66 -50.08
C LEU G 108 -8.20 -0.42 -50.33
N PHE G 109 -7.97 0.62 -49.54
CA PHE G 109 -8.61 1.90 -49.82
C PHE G 109 -7.83 2.64 -50.90
N GLU G 110 -8.56 3.20 -51.87
CA GLU G 110 -7.94 3.83 -53.01
C GLU G 110 -8.83 4.98 -53.48
N ASP G 111 -8.21 6.09 -53.88
CA ASP G 111 -8.94 7.25 -54.37
C ASP G 111 -8.50 7.52 -55.80
N THR G 112 -9.47 7.72 -56.69
CA THR G 112 -9.15 7.95 -58.09
C THR G 112 -8.72 9.39 -58.34
N LYS G 113 -9.16 10.33 -57.49
CA LYS G 113 -8.77 11.73 -57.68
C LYS G 113 -7.28 11.92 -57.46
N LYS G 114 -6.76 11.41 -56.34
CA LYS G 114 -5.34 11.45 -56.05
C LYS G 114 -4.71 10.11 -56.45
N ASP G 115 -3.45 9.92 -56.06
CA ASP G 115 -2.77 8.64 -56.21
C ASP G 115 -2.55 7.95 -54.86
N ARG G 116 -3.30 8.33 -53.84
CA ARG G 116 -3.11 7.76 -52.51
C ARG G 116 -3.70 6.36 -52.45
N ILE G 117 -2.88 5.40 -52.02
CA ILE G 117 -3.31 4.02 -51.83
C ILE G 117 -2.98 3.61 -50.41
N ALA G 118 -3.92 2.96 -49.73
CA ALA G 118 -3.75 2.53 -48.35
C ALA G 118 -4.16 1.07 -48.24
N GLU G 119 -3.18 0.20 -47.98
CA GLU G 119 -3.43 -1.23 -47.81
C GLU G 119 -3.27 -1.59 -46.34
N TYR G 120 -4.34 -2.10 -45.75
CA TYR G 120 -4.33 -2.60 -44.38
C TYR G 120 -4.65 -4.08 -44.39
N SER G 121 -3.77 -4.89 -43.82
CA SER G 121 -3.96 -6.33 -43.73
C SER G 121 -4.48 -6.65 -42.34
N LEU G 122 -5.68 -7.22 -42.28
CA LEU G 122 -6.31 -7.61 -41.02
C LEU G 122 -6.11 -9.11 -40.85
N LYS G 123 -5.46 -9.49 -39.75
CA LYS G 123 -5.22 -10.90 -39.48
C LYS G 123 -6.55 -11.61 -39.24
N LEU G 124 -6.68 -12.81 -39.80
CA LEU G 124 -7.92 -13.56 -39.79
C LEU G 124 -8.01 -14.36 -38.50
N MET G 125 -9.16 -14.26 -37.83
CA MET G 125 -9.38 -15.01 -36.61
C MET G 125 -9.99 -16.38 -36.93
N ASP G 126 -9.59 -17.40 -36.18
CA ASP G 126 -10.08 -18.76 -36.40
C ASP G 126 -11.30 -19.00 -35.52
N ILE G 127 -12.48 -18.98 -36.13
CA ILE G 127 -13.74 -19.20 -35.41
C ILE G 127 -14.31 -20.55 -35.82
N ASP G 128 -14.60 -21.38 -34.83
CA ASP G 128 -15.20 -22.70 -35.03
C ASP G 128 -16.63 -22.66 -34.48
N ALA G 129 -17.61 -22.58 -35.39
CA ALA G 129 -19.01 -22.57 -35.01
C ALA G 129 -19.83 -23.16 -36.15
N ASP G 130 -20.98 -23.71 -35.79
CA ASP G 130 -21.79 -24.43 -36.76
C ASP G 130 -22.60 -23.49 -37.65
N PHE G 131 -22.90 -23.94 -38.87
CA PHE G 131 -23.70 -23.18 -39.82
C PHE G 131 -25.16 -23.53 -39.58
N LEU G 132 -25.73 -22.93 -38.52
CA LEU G 132 -27.09 -23.25 -38.12
C LEU G 132 -28.09 -22.84 -39.20
N LYS G 133 -29.03 -23.74 -39.49
CA LYS G 133 -29.96 -23.57 -40.59
C LYS G 133 -31.11 -22.65 -40.16
N ILE G 134 -31.51 -21.76 -41.07
CA ILE G 134 -32.51 -20.73 -40.78
C ILE G 134 -33.72 -20.99 -41.67
N GLU G 135 -34.88 -21.16 -41.05
CA GLU G 135 -36.11 -21.47 -41.77
C GLU G 135 -37.21 -20.51 -41.32
N GLU G 136 -37.89 -19.90 -42.28
CA GLU G 136 -38.94 -18.94 -41.99
C GLU G 136 -40.21 -19.64 -41.53
N LEU G 137 -41.04 -18.90 -40.79
CA LEU G 137 -42.34 -19.37 -40.34
C LEU G 137 -43.36 -18.26 -40.54
N GLN G 138 -44.63 -18.66 -40.60
CA GLN G 138 -45.70 -17.67 -40.67
C GLN G 138 -45.69 -16.80 -39.43
N TYR G 139 -45.65 -15.49 -39.63
CA TYR G 139 -45.50 -14.53 -38.55
C TYR G 139 -46.85 -13.90 -38.23
N ASP G 140 -47.20 -13.88 -36.95
CA ASP G 140 -48.49 -13.35 -36.53
C ASP G 140 -48.59 -11.85 -36.81
N SER G 141 -47.51 -11.11 -36.58
CA SER G 141 -47.52 -9.67 -36.78
C SER G 141 -46.30 -9.23 -37.58
N THR G 142 -46.52 -8.55 -38.69
CA THR G 142 -45.45 -7.95 -39.47
C THR G 142 -45.66 -6.44 -39.54
N LEU G 143 -44.65 -5.68 -39.13
CA LEU G 143 -44.74 -4.24 -39.00
C LEU G 143 -43.60 -3.56 -39.76
N SER G 144 -43.89 -2.40 -40.33
CA SER G 144 -42.89 -1.54 -40.95
C SER G 144 -43.01 -0.15 -40.35
N LEU G 145 -41.95 0.30 -39.69
CA LEU G 145 -41.94 1.54 -38.92
C LEU G 145 -40.74 2.36 -39.35
N PRO G 146 -40.79 3.68 -39.16
CA PRO G 146 -39.57 4.49 -39.32
C PRO G 146 -38.49 4.07 -38.33
N SER G 147 -37.23 4.11 -38.78
CA SER G 147 -36.13 3.67 -37.93
C SER G 147 -35.85 4.65 -36.80
N SER G 148 -35.85 5.96 -37.11
CA SER G 148 -35.54 6.95 -36.08
C SER G 148 -36.58 6.93 -34.97
N GLU G 149 -37.86 6.82 -35.33
CA GLU G 149 -38.92 6.72 -34.32
C GLU G 149 -38.67 5.56 -33.39
N PHE G 150 -38.48 4.36 -33.95
CA PHE G 150 -38.28 3.15 -33.16
C PHE G 150 -37.06 3.28 -32.26
N SER G 151 -35.97 3.83 -32.80
CA SER G 151 -34.79 4.10 -32.00
C SER G 151 -35.13 4.97 -30.79
N LYS G 152 -35.96 6.01 -31.02
CA LYS G 152 -36.29 6.92 -29.94
C LYS G 152 -37.15 6.25 -28.87
N ILE G 153 -38.18 5.47 -29.27
CA ILE G 153 -38.97 4.80 -28.22
C ILE G 153 -38.10 3.83 -27.44
N VAL G 154 -37.25 3.06 -28.13
CA VAL G 154 -36.41 2.09 -27.43
C VAL G 154 -35.48 2.80 -26.45
N ARG G 155 -34.84 3.89 -26.89
CA ARG G 155 -33.87 4.57 -26.03
C ARG G 155 -34.55 5.30 -24.88
N ASP G 156 -35.76 5.83 -25.10
CA ASP G 156 -36.49 6.48 -24.02
C ASP G 156 -36.94 5.48 -22.97
N LEU G 157 -37.45 4.33 -23.41
CA LEU G 157 -37.98 3.35 -22.47
C LEU G 157 -36.87 2.59 -21.75
N SER G 158 -35.70 2.47 -22.38
CA SER G 158 -34.60 1.72 -21.75
C SER G 158 -34.11 2.40 -20.47
N GLN G 159 -34.31 3.71 -20.34
CA GLN G 159 -33.87 4.41 -19.14
C GLN G 159 -34.62 3.92 -17.90
N LEU G 160 -35.93 3.73 -18.03
CA LEU G 160 -36.73 3.36 -16.86
C LEU G 160 -36.52 1.91 -16.45
N SER G 161 -36.43 1.00 -17.42
CA SER G 161 -36.38 -0.42 -17.11
C SER G 161 -35.55 -1.17 -18.14
N ASP G 162 -35.31 -2.44 -17.87
CA ASP G 162 -34.54 -3.32 -18.74
C ASP G 162 -35.43 -4.24 -19.57
N SER G 163 -36.73 -4.02 -19.59
CA SER G 163 -37.67 -4.85 -20.33
C SER G 163 -38.51 -3.97 -21.25
N ILE G 164 -38.77 -4.46 -22.46
CA ILE G 164 -39.62 -3.75 -23.41
C ILE G 164 -40.73 -4.71 -23.81
N ASN G 165 -41.96 -4.38 -23.44
CA ASN G 165 -43.12 -5.20 -23.75
C ASN G 165 -43.85 -4.57 -24.93
N ILE G 166 -43.81 -5.24 -26.07
CA ILE G 166 -44.56 -4.84 -27.26
C ILE G 166 -45.84 -5.66 -27.26
N MET G 167 -46.98 -4.98 -27.14
CA MET G 167 -48.27 -5.61 -27.36
C MET G 167 -48.90 -4.96 -28.59
N ILE G 168 -49.17 -5.77 -29.60
CA ILE G 168 -49.87 -5.33 -30.79
C ILE G 168 -51.35 -5.67 -30.69
N THR G 169 -52.12 -4.78 -30.09
CA THR G 169 -53.57 -4.93 -30.09
C THR G 169 -54.13 -4.45 -31.42
N LYS G 170 -55.44 -4.59 -31.57
CA LYS G 170 -56.08 -4.31 -32.85
C LYS G 170 -55.82 -2.87 -33.28
N GLU G 171 -55.04 -2.71 -34.36
CA GLU G 171 -54.68 -1.40 -34.91
C GLU G 171 -53.98 -0.53 -33.86
N THR G 172 -53.07 -1.14 -33.10
CA THR G 172 -52.36 -0.43 -32.05
C THR G 172 -51.07 -1.18 -31.73
N ILE G 173 -49.99 -0.43 -31.55
CA ILE G 173 -48.72 -1.00 -31.12
C ILE G 173 -48.23 -0.25 -29.89
N LYS G 174 -48.26 -0.89 -28.72
CA LYS G 174 -47.89 -0.23 -27.48
C LYS G 174 -46.64 -0.86 -26.88
N PHE G 175 -45.67 -0.02 -26.54
CA PHE G 175 -44.44 -0.42 -25.86
C PHE G 175 -44.52 0.01 -24.40
N VAL G 176 -44.26 -0.92 -23.49
CA VAL G 176 -44.38 -0.68 -22.06
C VAL G 176 -43.10 -1.11 -21.36
N ALA G 177 -42.67 -0.30 -20.39
CA ALA G 177 -41.53 -0.62 -19.55
C ALA G 177 -41.91 -0.38 -18.10
N ASP G 178 -41.63 -1.36 -17.24
CA ASP G 178 -41.89 -1.26 -15.81
C ASP G 178 -40.57 -1.38 -15.06
N GLY G 179 -40.22 -0.34 -14.30
CA GLY G 179 -38.93 -0.30 -13.63
C GLY G 179 -39.10 -0.03 -12.15
N ASP G 180 -37.97 -0.09 -11.45
CA ASP G 180 -37.97 0.15 -10.00
C ASP G 180 -38.43 1.58 -9.69
N ILE G 181 -37.95 2.55 -10.45
CA ILE G 181 -38.31 3.94 -10.26
C ILE G 181 -39.02 4.40 -11.54
N GLY G 182 -40.34 4.32 -11.55
CA GLY G 182 -41.13 4.82 -12.65
C GLY G 182 -41.43 3.77 -13.70
N SER G 183 -42.44 4.06 -14.51
CA SER G 183 -42.84 3.19 -15.60
C SER G 183 -43.25 4.05 -16.79
N GLY G 184 -43.13 3.48 -17.99
CA GLY G 184 -43.42 4.23 -19.19
C GLY G 184 -44.22 3.44 -20.22
N SER G 185 -45.05 4.14 -20.99
CA SER G 185 -45.86 3.53 -22.03
C SER G 185 -45.94 4.48 -23.23
N VAL G 186 -45.65 3.95 -24.42
CA VAL G 186 -45.73 4.71 -25.66
C VAL G 186 -46.56 3.91 -26.66
N ILE G 187 -47.63 4.52 -27.17
CA ILE G 187 -48.59 3.85 -28.04
C ILE G 187 -48.52 4.51 -29.41
N ILE G 188 -48.52 3.68 -30.46
CA ILE G 188 -48.44 4.13 -31.84
C ILE G 188 -49.64 3.57 -32.59
N LYS G 189 -50.35 4.44 -33.31
CA LYS G 189 -51.43 4.07 -34.21
C LYS G 189 -50.88 3.92 -35.61
N PRO G 190 -51.48 3.09 -36.47
CA PRO G 190 -51.00 2.97 -37.85
C PRO G 190 -51.59 4.03 -38.76
N PHE G 191 -50.73 4.79 -39.41
CA PHE G 191 -51.14 5.81 -40.37
C PHE G 191 -50.26 5.69 -41.62
N VAL G 192 -50.90 5.78 -42.78
CA VAL G 192 -50.21 5.72 -44.07
C VAL G 192 -50.34 7.08 -44.73
N ASP G 193 -49.21 7.69 -45.06
CA ASP G 193 -49.16 9.02 -45.66
C ASP G 193 -48.68 8.89 -47.10
N MET G 194 -49.52 9.34 -48.04
CA MET G 194 -49.16 9.27 -49.46
C MET G 194 -48.06 10.26 -49.80
N GLU G 195 -48.10 11.45 -49.19
CA GLU G 195 -47.15 12.50 -49.55
C GLU G 195 -45.72 12.12 -49.20
N HIS G 196 -45.52 11.50 -48.03
CA HIS G 196 -44.20 10.94 -47.69
C HIS G 196 -44.34 9.45 -47.38
N PRO G 197 -43.84 8.57 -48.25
CA PRO G 197 -43.90 7.13 -47.94
C PRO G 197 -43.02 6.72 -46.77
N GLU G 198 -41.95 7.47 -46.49
CA GLU G 198 -41.03 7.08 -45.43
C GLU G 198 -41.71 7.12 -44.07
N THR G 199 -42.52 8.16 -43.81
CA THR G 199 -43.18 8.29 -42.52
C THR G 199 -44.36 7.35 -42.35
N SER G 200 -44.75 6.62 -43.40
CA SER G 200 -45.89 5.72 -43.32
C SER G 200 -45.61 4.58 -42.34
N ILE G 201 -46.67 4.10 -41.69
CA ILE G 201 -46.60 3.01 -40.74
C ILE G 201 -47.43 1.86 -41.29
N LYS G 202 -46.84 0.68 -41.40
CA LYS G 202 -47.49 -0.45 -42.06
C LYS G 202 -47.70 -1.59 -41.08
N LEU G 203 -48.93 -2.14 -41.09
CA LEU G 203 -49.40 -3.13 -40.13
C LEU G 203 -49.95 -4.35 -40.86
N GLU G 204 -49.58 -5.53 -40.39
CA GLU G 204 -50.26 -6.78 -40.73
C GLU G 204 -50.36 -7.62 -39.47
N MET G 205 -51.59 -8.01 -39.11
CA MET G 205 -51.85 -8.73 -37.86
C MET G 205 -52.73 -9.94 -38.14
N ASP G 206 -52.09 -11.09 -38.36
CA ASP G 206 -52.84 -12.35 -38.46
C ASP G 206 -53.42 -12.73 -37.10
N GLN G 207 -52.59 -12.69 -36.05
CA GLN G 207 -53.01 -12.95 -34.69
C GLN G 207 -52.36 -11.91 -33.77
N PRO G 208 -53.11 -11.36 -32.82
CA PRO G 208 -52.52 -10.40 -31.89
C PRO G 208 -51.42 -11.05 -31.04
N VAL G 209 -50.38 -10.26 -30.74
CA VAL G 209 -49.21 -10.76 -30.02
C VAL G 209 -48.89 -9.82 -28.85
N ASP G 210 -48.40 -10.42 -27.77
CA ASP G 210 -47.79 -9.70 -26.66
C ASP G 210 -46.47 -10.38 -26.33
N LEU G 211 -45.38 -9.62 -26.36
CA LEU G 211 -44.06 -10.20 -26.12
C LEU G 211 -43.16 -9.22 -25.40
N THR G 212 -42.41 -9.73 -24.43
CA THR G 212 -41.43 -8.95 -23.68
C THR G 212 -40.03 -9.32 -24.15
N PHE G 213 -39.23 -8.31 -24.49
CA PHE G 213 -37.88 -8.50 -24.99
C PHE G 213 -36.89 -7.74 -24.11
N GLY G 214 -35.66 -8.26 -24.06
CA GLY G 214 -34.62 -7.61 -23.29
C GLY G 214 -34.25 -6.27 -23.89
N ALA G 215 -33.96 -5.30 -23.02
CA ALA G 215 -33.67 -3.95 -23.49
C ALA G 215 -32.33 -3.87 -24.19
N LYS G 216 -31.28 -4.45 -23.58
CA LYS G 216 -29.92 -4.29 -24.10
C LYS G 216 -29.80 -4.79 -25.54
N TYR G 217 -30.32 -5.99 -25.80
CA TYR G 217 -30.36 -6.50 -27.16
C TYR G 217 -31.18 -5.59 -28.06
N LEU G 218 -32.19 -4.92 -27.50
CA LEU G 218 -33.02 -4.06 -28.33
C LEU G 218 -32.28 -2.80 -28.75
N LEU G 219 -31.49 -2.18 -27.86
CA LEU G 219 -30.67 -1.06 -28.31
C LEU G 219 -29.57 -1.53 -29.26
N ASP G 220 -29.05 -2.74 -29.04
CA ASP G 220 -28.12 -3.32 -30.01
C ASP G 220 -28.78 -3.44 -31.38
N ILE G 221 -30.07 -3.74 -31.40
CA ILE G 221 -30.81 -3.83 -32.67
C ILE G 221 -30.99 -2.44 -33.28
N ILE G 222 -31.41 -1.47 -32.47
CA ILE G 222 -31.68 -0.12 -32.98
C ILE G 222 -30.41 0.57 -33.42
N LYS G 223 -29.25 0.08 -32.98
CA LYS G 223 -27.99 0.65 -33.44
C LYS G 223 -27.79 0.50 -34.96
N GLY G 224 -28.52 -0.41 -35.60
CA GLY G 224 -28.48 -0.56 -37.04
C GLY G 224 -29.39 0.36 -37.81
N SER G 225 -29.85 1.45 -37.18
CA SER G 225 -30.78 2.35 -37.84
C SER G 225 -30.17 3.04 -39.04
N SER G 226 -28.85 3.21 -39.04
CA SER G 226 -28.20 3.92 -40.14
C SER G 226 -28.29 3.15 -41.46
N LEU G 227 -28.46 1.83 -41.38
CA LEU G 227 -28.46 1.01 -42.60
C LEU G 227 -29.68 1.31 -43.48
N SER G 228 -30.85 1.42 -42.87
CA SER G 228 -32.08 1.57 -43.64
C SER G 228 -33.01 2.56 -42.94
N ASP G 229 -33.90 3.17 -43.75
CA ASP G 229 -34.83 4.14 -43.20
C ASP G 229 -35.97 3.46 -42.44
N ARG G 230 -36.33 2.24 -42.82
CA ARG G 230 -37.49 1.56 -42.28
C ARG G 230 -37.10 0.23 -41.65
N VAL G 231 -37.69 -0.06 -40.49
CA VAL G 231 -37.45 -1.33 -39.81
C VAL G 231 -38.55 -2.32 -40.21
N GLY G 232 -38.19 -3.60 -40.28
CA GLY G 232 -39.18 -4.64 -40.47
C GLY G 232 -39.22 -5.58 -39.29
N ILE G 233 -40.32 -5.56 -38.53
CA ILE G 233 -40.44 -6.34 -37.30
C ILE G 233 -41.42 -7.47 -37.53
N ARG G 234 -40.95 -8.70 -37.39
CA ARG G 234 -41.79 -9.89 -37.49
C ARG G 234 -41.88 -10.55 -36.12
N LEU G 235 -43.12 -10.74 -35.65
CA LEU G 235 -43.42 -11.16 -34.30
C LEU G 235 -44.29 -12.40 -34.33
N SER G 236 -43.83 -13.44 -33.62
CA SER G 236 -44.58 -14.65 -33.33
C SER G 236 -44.41 -14.96 -31.86
N SER G 237 -45.47 -15.47 -31.23
CA SER G 237 -45.51 -15.55 -29.77
C SER G 237 -44.42 -16.47 -29.22
N GLU G 238 -44.23 -17.65 -29.82
CA GLU G 238 -43.31 -18.65 -29.31
C GLU G 238 -42.01 -18.70 -30.10
N ALA G 239 -41.78 -17.77 -31.01
CA ALA G 239 -40.62 -17.82 -31.89
C ALA G 239 -39.79 -16.55 -31.72
N PRO G 240 -38.49 -16.63 -32.00
CA PRO G 240 -37.65 -15.42 -31.94
C PRO G 240 -38.15 -14.35 -32.90
N ALA G 241 -38.07 -13.10 -32.44
CA ALA G 241 -38.52 -11.95 -33.21
C ALA G 241 -37.48 -11.59 -34.26
N LEU G 242 -37.95 -11.22 -35.45
CA LEU G 242 -37.06 -10.75 -36.52
C LEU G 242 -37.09 -9.23 -36.60
N PHE G 243 -35.92 -8.61 -36.53
CA PHE G 243 -35.75 -7.20 -36.79
C PHE G 243 -34.85 -7.04 -38.01
N GLN G 244 -35.39 -6.50 -39.09
CA GLN G 244 -34.71 -6.43 -40.37
C GLN G 244 -34.45 -4.98 -40.76
N PHE G 245 -33.20 -4.67 -41.08
CA PHE G 245 -32.83 -3.44 -41.74
C PHE G 245 -32.39 -3.79 -43.15
N ASP G 246 -33.18 -3.41 -44.14
CA ASP G 246 -32.97 -3.86 -45.51
C ASP G 246 -31.90 -3.03 -46.20
N LEU G 247 -31.05 -3.71 -46.96
CA LEU G 247 -30.02 -3.09 -47.76
C LEU G 247 -30.37 -3.24 -49.23
N LYS G 248 -29.57 -2.59 -50.08
CA LYS G 248 -29.85 -2.60 -51.52
C LYS G 248 -29.80 -4.02 -52.07
N SER G 249 -28.88 -4.84 -51.57
CA SER G 249 -28.78 -6.24 -51.99
C SER G 249 -28.78 -7.19 -50.79
N GLY G 250 -29.31 -6.74 -49.65
CA GLY G 250 -29.34 -7.60 -48.48
C GLY G 250 -30.06 -6.99 -47.29
N PHE G 251 -29.66 -7.40 -46.09
CA PHE G 251 -30.33 -6.98 -44.86
C PHE G 251 -29.42 -7.30 -43.68
N LEU G 252 -29.80 -6.76 -42.53
CA LEU G 252 -29.15 -7.08 -41.25
C LEU G 252 -30.23 -7.70 -40.35
N GLN G 253 -30.42 -9.01 -40.49
CA GLN G 253 -31.45 -9.70 -39.74
C GLN G 253 -31.01 -9.94 -38.30
N PHE G 254 -31.85 -9.57 -37.35
CA PHE G 254 -31.63 -9.82 -35.93
C PHE G 254 -32.71 -10.76 -35.43
N PHE G 255 -32.29 -11.92 -34.92
CA PHE G 255 -33.15 -12.91 -34.29
C PHE G 255 -33.01 -12.73 -32.78
N LEU G 256 -34.08 -12.31 -32.12
CA LEU G 256 -34.08 -12.02 -30.70
C LEU G 256 -34.99 -12.98 -29.94
N ALA G 257 -34.57 -13.32 -28.73
CA ALA G 257 -35.31 -14.24 -27.88
C ALA G 257 -36.05 -13.48 -26.79
N PRO G 258 -37.35 -13.70 -26.62
CA PRO G 258 -38.11 -13.00 -25.57
C PRO G 258 -37.91 -13.65 -24.21
N LYS G 259 -38.39 -12.95 -23.18
CA LYS G 259 -38.34 -13.49 -21.84
C LYS G 259 -39.38 -14.60 -21.64
N PHE G 260 -39.14 -15.43 -20.64
CA PHE G 260 -40.09 -16.49 -20.32
C PHE G 260 -41.38 -15.89 -19.80
N ASN G 261 -42.50 -16.46 -20.24
CA ASN G 261 -43.82 -15.98 -19.83
C ASN G 261 -44.84 -17.12 -19.84
N MET H 7 -56.85 18.10 -6.79
CA MET H 7 -55.96 17.42 -7.73
C MET H 7 -54.96 18.42 -8.33
N LEU H 8 -53.81 17.91 -8.75
CA LEU H 8 -52.73 18.73 -9.29
C LEU H 8 -52.60 18.46 -10.79
N GLU H 9 -52.73 19.52 -11.59
CA GLU H 9 -52.60 19.44 -13.04
C GLU H 9 -51.86 20.68 -13.51
N ALA H 10 -50.64 20.49 -14.02
CA ALA H 10 -49.80 21.59 -14.47
C ALA H 10 -49.30 21.30 -15.88
N LYS H 11 -49.77 22.07 -16.86
CA LYS H 11 -49.34 21.94 -18.24
C LYS H 11 -48.23 22.96 -18.48
N PHE H 12 -47.01 22.45 -18.67
CA PHE H 12 -45.84 23.29 -18.89
C PHE H 12 -45.85 23.88 -20.29
N GLU H 13 -45.07 24.96 -20.46
CA GLU H 13 -44.88 25.53 -21.80
C GLU H 13 -43.96 24.66 -22.63
N GLU H 14 -42.88 24.16 -22.03
CA GLU H 14 -41.91 23.34 -22.75
C GLU H 14 -41.17 22.47 -21.75
N ALA H 15 -40.93 21.20 -22.13
CA ALA H 15 -40.20 20.29 -21.25
C ALA H 15 -38.77 20.77 -21.00
N SER H 16 -38.19 21.50 -21.95
CA SER H 16 -36.82 21.97 -21.79
C SER H 16 -36.69 22.97 -20.65
N LEU H 17 -37.75 23.76 -20.39
CA LEU H 17 -37.70 24.71 -19.29
C LEU H 17 -37.52 24.00 -17.95
N PHE H 18 -38.38 23.01 -17.68
CA PHE H 18 -38.24 22.22 -16.46
C PHE H 18 -36.95 21.41 -16.47
N LYS H 19 -36.51 20.98 -17.66
CA LYS H 19 -35.24 20.27 -17.77
C LYS H 19 -34.09 21.12 -17.25
N ARG H 20 -33.99 22.36 -17.73
CA ARG H 20 -32.94 23.26 -17.25
C ARG H 20 -33.13 23.59 -15.78
N ILE H 21 -34.38 23.76 -15.34
CA ILE H 21 -34.66 24.08 -13.94
C ILE H 21 -34.10 22.98 -13.03
N ILE H 22 -34.30 21.73 -13.40
CA ILE H 22 -33.72 20.63 -12.63
C ILE H 22 -32.22 20.55 -12.81
N ASP H 23 -31.71 20.78 -14.03
CA ASP H 23 -30.28 20.72 -14.28
C ASP H 23 -29.51 21.76 -13.48
N GLY H 24 -30.18 22.81 -13.03
CA GLY H 24 -29.50 23.85 -12.26
C GLY H 24 -28.87 23.34 -10.97
N PHE H 25 -29.45 22.31 -10.36
CA PHE H 25 -29.00 21.81 -9.07
C PHE H 25 -28.93 20.28 -9.05
N LYS H 26 -28.33 19.71 -10.09
CA LYS H 26 -28.18 18.26 -10.17
C LYS H 26 -27.30 17.72 -9.04
N ASP H 27 -26.03 18.12 -9.01
CA ASP H 27 -25.05 17.56 -8.10
C ASP H 27 -25.03 18.25 -6.73
N CYS H 28 -26.07 19.00 -6.39
CA CYS H 28 -26.14 19.65 -5.09
C CYS H 28 -26.81 18.76 -4.05
N VAL H 29 -28.03 18.29 -4.36
CA VAL H 29 -28.78 17.40 -3.47
C VAL H 29 -29.29 16.23 -4.29
N GLN H 30 -29.91 15.28 -3.60
CA GLN H 30 -30.44 14.06 -4.23
C GLN H 30 -31.94 13.90 -4.08
N LEU H 31 -32.48 14.08 -2.88
CA LEU H 31 -33.91 13.90 -2.62
C LEU H 31 -34.52 15.24 -2.24
N VAL H 32 -35.58 15.63 -2.95
CA VAL H 32 -36.23 16.92 -2.71
C VAL H 32 -37.74 16.74 -2.65
N ASN H 33 -38.38 17.66 -1.94
CA ASN H 33 -39.83 17.69 -1.81
C ASN H 33 -40.34 19.01 -2.37
N PHE H 34 -41.06 18.92 -3.49
CA PHE H 34 -41.73 20.06 -4.09
C PHE H 34 -43.06 20.28 -3.37
N GLN H 35 -43.26 21.47 -2.83
CA GLN H 35 -44.51 21.81 -2.15
C GLN H 35 -45.38 22.60 -3.11
N CYS H 36 -46.41 21.94 -3.66
CA CYS H 36 -47.26 22.53 -4.68
C CYS H 36 -48.49 23.15 -4.03
N LYS H 37 -48.67 24.45 -4.26
CA LYS H 37 -49.81 25.20 -3.77
C LYS H 37 -50.29 26.07 -4.94
N GLU H 38 -51.51 26.60 -4.84
CA GLU H 38 -52.12 27.29 -5.97
C GLU H 38 -51.25 28.42 -6.50
N ASP H 39 -50.43 29.03 -5.64
CA ASP H 39 -49.50 30.08 -6.04
C ASP H 39 -48.11 29.48 -6.23
N GLY H 40 -47.97 28.71 -7.32
CA GLY H 40 -46.66 28.22 -7.73
C GLY H 40 -46.15 27.03 -6.91
N ILE H 41 -44.89 26.71 -7.14
CA ILE H 41 -44.22 25.58 -6.51
C ILE H 41 -42.95 26.07 -5.82
N ILE H 42 -42.67 25.49 -4.65
CA ILE H 42 -41.52 25.85 -3.84
C ILE H 42 -40.70 24.59 -3.58
N ALA H 43 -39.40 24.79 -3.35
CA ALA H 43 -38.49 23.69 -3.06
C ALA H 43 -37.34 24.21 -2.22
N GLN H 44 -37.07 23.52 -1.11
CA GLN H 44 -35.99 23.88 -0.20
C GLN H 44 -35.09 22.67 -0.01
N ALA H 45 -33.78 22.88 -0.10
CA ALA H 45 -32.80 21.81 0.03
C ALA H 45 -31.59 22.31 0.81
N VAL H 46 -31.04 21.43 1.64
CA VAL H 46 -29.82 21.70 2.41
C VAL H 46 -28.88 20.53 2.25
N ASP H 47 -27.63 20.81 1.89
CA ASP H 47 -26.64 19.75 1.73
C ASP H 47 -26.15 19.27 3.10
N ASP H 48 -25.39 18.17 3.07
CA ASP H 48 -24.89 17.58 4.32
C ASP H 48 -23.83 18.47 4.98
N SER H 49 -23.13 19.28 4.20
CA SER H 49 -22.03 20.09 4.74
C SER H 49 -22.51 21.31 5.50
N ARG H 50 -23.82 21.61 5.48
CA ARG H 50 -24.40 22.75 6.20
C ARG H 50 -23.72 24.05 5.77
N VAL H 51 -23.53 24.23 4.47
CA VAL H 51 -22.94 25.44 3.94
C VAL H 51 -23.76 26.11 2.86
N LEU H 52 -24.64 25.40 2.15
CA LEU H 52 -25.45 25.98 1.09
C LEU H 52 -26.92 25.67 1.34
N LEU H 53 -27.77 26.62 0.96
CA LEU H 53 -29.22 26.51 1.12
C LEU H 53 -29.83 26.81 -0.24
N VAL H 54 -30.44 25.81 -0.85
CA VAL H 54 -31.01 25.94 -2.19
C VAL H 54 -32.51 26.19 -2.06
N SER H 55 -32.97 27.30 -2.62
CA SER H 55 -34.39 27.67 -2.58
C SER H 55 -34.85 27.97 -4.00
N LEU H 56 -35.73 27.12 -4.53
CA LEU H 56 -36.26 27.27 -5.88
C LEU H 56 -37.75 27.58 -5.78
N GLU H 57 -38.16 28.71 -6.33
CA GLU H 57 -39.57 29.12 -6.36
C GLU H 57 -39.96 29.41 -7.80
N ILE H 58 -41.08 28.85 -8.24
CA ILE H 58 -41.64 29.11 -9.57
C ILE H 58 -43.08 29.56 -9.41
N GLY H 59 -43.43 30.67 -10.07
CA GLY H 59 -44.77 31.22 -9.95
C GLY H 59 -45.75 30.59 -10.91
N VAL H 60 -47.02 30.99 -10.75
CA VAL H 60 -48.06 30.50 -11.64
C VAL H 60 -47.86 31.03 -13.05
N GLU H 61 -47.36 32.25 -13.19
CA GLU H 61 -47.16 32.85 -14.52
C GLU H 61 -46.10 32.10 -15.33
N ALA H 62 -45.23 31.34 -14.68
CA ALA H 62 -44.24 30.54 -15.41
C ALA H 62 -44.85 29.33 -16.07
N PHE H 63 -46.06 28.92 -15.68
CA PHE H 63 -46.74 27.79 -16.27
C PHE H 63 -47.72 28.25 -17.34
N GLN H 64 -47.86 27.43 -18.38
CA GLN H 64 -48.90 27.68 -19.36
C GLN H 64 -50.28 27.42 -18.77
N GLU H 65 -50.41 26.35 -17.99
CA GLU H 65 -51.64 26.07 -17.25
C GLU H 65 -51.28 25.47 -15.90
N TYR H 66 -52.00 25.85 -14.86
CA TYR H 66 -51.73 25.36 -13.51
C TYR H 66 -53.02 25.37 -12.70
N ARG H 67 -53.42 24.20 -12.19
CA ARG H 67 -54.58 24.09 -11.32
C ARG H 67 -54.31 23.07 -10.22
N CYS H 68 -54.37 23.52 -8.97
CA CYS H 68 -54.12 22.66 -7.81
C CYS H 68 -55.02 23.14 -6.68
N ASP H 69 -56.19 22.50 -6.56
CA ASP H 69 -57.14 22.88 -5.53
C ASP H 69 -56.63 22.52 -4.14
N HIS H 70 -56.05 21.33 -4.00
CA HIS H 70 -55.57 20.85 -2.72
C HIS H 70 -54.06 20.94 -2.67
N PRO H 71 -53.47 21.69 -1.73
CA PRO H 71 -52.01 21.73 -1.62
C PRO H 71 -51.43 20.34 -1.38
N VAL H 72 -50.34 20.04 -2.07
CA VAL H 72 -49.77 18.69 -2.06
C VAL H 72 -48.25 18.77 -1.92
N THR H 73 -47.70 17.95 -1.05
CA THR H 73 -46.25 17.76 -0.96
C THR H 73 -45.86 16.54 -1.79
N LEU H 74 -44.81 16.68 -2.60
CA LEU H 74 -44.36 15.63 -3.50
C LEU H 74 -42.88 15.39 -3.26
N GLY H 75 -42.53 14.22 -2.72
CA GLY H 75 -41.12 13.86 -2.61
C GLY H 75 -40.66 13.10 -3.83
N MET H 76 -39.41 13.33 -4.23
CA MET H 76 -38.81 12.57 -5.32
C MET H 76 -37.30 12.60 -5.22
N ASP H 77 -36.67 11.74 -6.02
CA ASP H 77 -35.22 11.65 -6.14
C ASP H 77 -34.80 12.34 -7.43
N LEU H 78 -33.74 13.16 -7.34
CA LEU H 78 -33.41 14.06 -8.45
C LEU H 78 -32.85 13.31 -9.66
N THR H 79 -31.95 12.34 -9.43
CA THR H 79 -31.33 11.65 -10.56
C THR H 79 -32.36 10.85 -11.35
N SER H 80 -33.28 10.19 -10.66
CA SER H 80 -34.34 9.46 -11.38
C SER H 80 -35.29 10.43 -12.06
N LEU H 81 -35.54 11.59 -11.45
CA LEU H 81 -36.38 12.60 -12.08
C LEU H 81 -35.77 13.06 -13.40
N SER H 82 -34.45 13.33 -13.39
CA SER H 82 -33.77 13.71 -14.62
C SER H 82 -33.75 12.57 -15.63
N LYS H 83 -33.68 11.33 -15.15
CA LYS H 83 -33.84 10.19 -16.05
C LYS H 83 -35.20 10.22 -16.73
N ILE H 84 -36.24 10.58 -15.99
CA ILE H 84 -37.57 10.73 -16.57
C ILE H 84 -37.58 11.85 -17.60
N LEU H 85 -36.91 12.97 -17.31
CA LEU H 85 -36.87 14.06 -18.28
C LEU H 85 -36.11 13.68 -19.55
N ARG H 86 -35.26 12.65 -19.48
CA ARG H 86 -34.53 12.19 -20.66
C ARG H 86 -35.38 11.18 -21.44
N CYS H 87 -36.63 11.55 -21.67
CA CYS H 87 -37.55 10.63 -22.35
C CYS H 87 -38.46 11.32 -23.36
N GLY H 88 -38.25 12.60 -23.68
CA GLY H 88 -39.16 13.31 -24.56
C GLY H 88 -38.43 14.31 -25.43
N ASN H 89 -39.12 14.75 -26.46
CA ASN H 89 -38.58 15.73 -27.39
C ASN H 89 -38.52 17.11 -26.74
N ASN H 90 -37.67 17.97 -27.30
CA ASN H 90 -37.57 19.35 -26.87
C ASN H 90 -38.57 20.26 -27.57
N THR H 91 -39.42 19.69 -28.43
CA THR H 91 -40.54 20.41 -29.03
C THR H 91 -41.88 19.96 -28.46
N ASP H 92 -41.86 19.21 -27.35
CA ASP H 92 -43.05 18.67 -26.74
C ASP H 92 -43.30 19.37 -25.41
N THR H 93 -44.54 19.31 -24.94
CA THR H 93 -44.92 19.95 -23.69
C THR H 93 -45.22 18.91 -22.63
N LEU H 94 -44.72 19.15 -21.43
CA LEU H 94 -44.89 18.26 -20.28
C LEU H 94 -46.12 18.66 -19.48
N THR H 95 -46.88 17.66 -19.04
CA THR H 95 -48.03 17.85 -18.17
C THR H 95 -47.84 16.99 -16.93
N LEU H 96 -47.77 17.63 -15.77
CA LEU H 96 -47.66 16.94 -14.49
C LEU H 96 -49.05 16.76 -13.91
N ILE H 97 -49.43 15.51 -13.67
CA ILE H 97 -50.75 15.18 -13.13
C ILE H 97 -50.55 14.30 -11.90
N ALA H 98 -51.23 14.64 -10.81
CA ALA H 98 -51.11 13.87 -9.58
C ALA H 98 -52.47 13.77 -8.91
N ASP H 99 -52.83 12.54 -8.54
CA ASP H 99 -54.03 12.30 -7.76
C ASP H 99 -53.79 12.71 -6.30
N ASN H 100 -54.87 12.66 -5.51
CA ASN H 100 -54.77 13.04 -4.11
C ASN H 100 -53.82 12.13 -3.35
N THR H 101 -53.90 10.82 -3.62
CA THR H 101 -53.00 9.89 -2.96
C THR H 101 -51.58 10.09 -3.48
N PRO H 102 -50.60 10.34 -2.61
CA PRO H 102 -49.21 10.56 -3.05
C PRO H 102 -48.44 9.26 -3.28
N ASP H 103 -48.82 8.54 -4.35
CA ASP H 103 -48.16 7.29 -4.71
C ASP H 103 -47.22 7.45 -5.91
N SER H 104 -47.68 8.12 -6.96
CA SER H 104 -46.86 8.34 -8.14
C SER H 104 -47.35 9.57 -8.88
N ILE H 105 -46.42 10.26 -9.52
CA ILE H 105 -46.72 11.42 -10.35
C ILE H 105 -46.69 10.98 -11.82
N ILE H 106 -47.70 11.37 -12.58
CA ILE H 106 -47.81 10.98 -13.98
C ILE H 106 -47.37 12.16 -14.84
N LEU H 107 -46.38 11.92 -15.68
CA LEU H 107 -45.86 12.92 -16.60
C LEU H 107 -46.30 12.56 -18.02
N LEU H 108 -47.06 13.44 -18.64
CA LEU H 108 -47.58 13.24 -19.98
C LEU H 108 -46.86 14.19 -20.94
N PHE H 109 -46.10 13.62 -21.87
CA PHE H 109 -45.45 14.39 -22.92
C PHE H 109 -46.37 14.41 -24.13
N GLU H 110 -46.87 15.59 -24.48
CA GLU H 110 -47.75 15.74 -25.62
C GLU H 110 -47.07 16.59 -26.69
N ASP H 111 -47.26 16.19 -27.95
CA ASP H 111 -46.64 16.81 -29.10
C ASP H 111 -47.76 17.31 -30.02
N THR H 112 -47.45 18.37 -30.77
CA THR H 112 -48.47 19.05 -31.59
C THR H 112 -49.15 18.08 -32.55
N LYS H 113 -48.42 17.10 -33.09
CA LYS H 113 -49.07 16.00 -33.78
C LYS H 113 -49.69 15.06 -32.76
N LYS H 114 -51.00 14.81 -32.89
CA LYS H 114 -51.78 14.10 -31.89
C LYS H 114 -51.65 12.58 -31.97
N ASP H 115 -50.71 12.06 -32.76
CA ASP H 115 -50.50 10.63 -32.87
C ASP H 115 -49.30 10.13 -32.06
N ARG H 116 -48.58 11.01 -31.39
CA ARG H 116 -47.40 10.65 -30.59
C ARG H 116 -47.57 11.25 -29.21
N ILE H 117 -48.08 10.44 -28.27
CA ILE H 117 -48.27 10.85 -26.88
C ILE H 117 -47.47 9.90 -26.00
N ALA H 118 -46.68 10.46 -25.08
CA ALA H 118 -45.84 9.67 -24.20
C ALA H 118 -46.33 9.79 -22.76
N GLU H 119 -46.27 8.68 -22.03
CA GLU H 119 -46.68 8.64 -20.63
C GLU H 119 -45.56 8.04 -19.79
N TYR H 120 -45.29 8.65 -18.64
CA TYR H 120 -44.28 8.15 -17.72
C TYR H 120 -44.76 8.36 -16.29
N SER H 121 -44.14 7.63 -15.37
CA SER H 121 -44.48 7.70 -13.96
C SER H 121 -43.23 7.96 -13.14
N LEU H 122 -43.43 8.55 -11.96
CA LEU H 122 -42.36 8.76 -11.00
C LEU H 122 -42.87 8.42 -9.62
N LYS H 123 -42.24 7.44 -8.96
CA LYS H 123 -42.67 7.01 -7.64
C LYS H 123 -42.11 7.95 -6.57
N LEU H 124 -42.97 8.36 -5.65
CA LEU H 124 -42.59 9.28 -4.60
C LEU H 124 -41.75 8.60 -3.52
N MET H 125 -40.92 9.40 -2.85
CA MET H 125 -40.16 8.97 -1.69
C MET H 125 -40.40 9.98 -0.57
N ASP H 126 -40.39 9.49 0.67
CA ASP H 126 -40.66 10.33 1.83
C ASP H 126 -39.36 10.80 2.44
N ILE H 127 -39.18 12.12 2.52
CA ILE H 127 -37.97 12.73 3.07
C ILE H 127 -38.38 13.78 4.10
N ASP H 128 -37.63 13.82 5.19
CA ASP H 128 -37.88 14.81 6.26
C ASP H 128 -37.53 16.19 5.71
N ALA H 129 -38.56 16.99 5.44
CA ALA H 129 -38.35 18.32 4.90
C ALA H 129 -37.82 19.27 5.97
N ASP H 130 -37.27 20.40 5.51
CA ASP H 130 -36.72 21.42 6.39
C ASP H 130 -37.56 22.68 6.30
N PHE H 131 -37.50 23.48 7.37
CA PHE H 131 -38.28 24.71 7.44
C PHE H 131 -37.81 25.72 6.39
N LEU H 132 -38.78 26.39 5.78
CA LEU H 132 -38.45 27.44 4.83
C LEU H 132 -37.96 28.69 5.56
N LYS H 133 -36.98 29.37 4.96
CA LYS H 133 -36.39 30.57 5.55
C LYS H 133 -36.74 31.77 4.69
N ILE H 134 -37.28 32.81 5.32
CA ILE H 134 -37.65 34.04 4.65
C ILE H 134 -36.84 35.22 5.15
N GLU H 135 -35.69 34.97 5.79
CA GLU H 135 -34.89 36.05 6.33
C GLU H 135 -34.34 36.93 5.21
N GLU H 136 -34.44 38.24 5.40
CA GLU H 136 -33.98 39.24 4.45
C GLU H 136 -33.04 40.21 5.12
N LEU H 137 -32.06 39.67 5.85
CA LEU H 137 -31.08 40.50 6.52
C LEU H 137 -30.38 41.40 5.52
N GLN H 138 -30.13 42.65 5.93
CA GLN H 138 -29.57 43.62 5.02
C GLN H 138 -28.22 43.14 4.50
N TYR H 139 -28.04 43.25 3.18
CA TYR H 139 -26.83 42.80 2.51
C TYR H 139 -25.89 43.98 2.30
N ASP H 140 -24.59 43.68 2.28
CA ASP H 140 -23.57 44.74 2.27
C ASP H 140 -23.49 45.39 0.89
N SER H 141 -23.15 44.61 -0.14
CA SER H 141 -23.09 45.11 -1.50
C SER H 141 -23.90 44.21 -2.42
N THR H 142 -24.25 44.73 -3.58
CA THR H 142 -25.09 44.00 -4.53
C THR H 142 -24.59 44.26 -5.93
N LEU H 143 -24.32 43.19 -6.67
CA LEU H 143 -23.94 43.28 -8.08
C LEU H 143 -24.84 42.38 -8.91
N SER H 144 -24.82 42.60 -10.21
CA SER H 144 -25.53 41.75 -11.17
C SER H 144 -24.66 41.61 -12.41
N LEU H 145 -24.23 40.38 -12.71
CA LEU H 145 -23.32 40.16 -13.82
C LEU H 145 -23.80 38.96 -14.61
N PRO H 146 -23.52 38.91 -15.92
CA PRO H 146 -24.02 37.79 -16.73
C PRO H 146 -23.53 36.44 -16.21
N SER H 147 -24.42 35.44 -16.25
CA SER H 147 -24.15 34.17 -15.59
C SER H 147 -23.02 33.41 -16.24
N SER H 148 -22.96 33.41 -17.58
CA SER H 148 -21.92 32.64 -18.27
C SER H 148 -20.53 33.17 -17.92
N GLU H 149 -20.37 34.49 -17.88
CA GLU H 149 -19.08 35.07 -17.51
C GLU H 149 -18.70 34.72 -16.07
N PHE H 150 -19.67 34.77 -15.14
CA PHE H 150 -19.37 34.45 -13.75
C PHE H 150 -18.95 32.98 -13.61
N SER H 151 -19.64 32.08 -14.30
CA SER H 151 -19.23 30.68 -14.29
C SER H 151 -17.84 30.52 -14.87
N LYS H 152 -17.54 31.26 -15.95
CA LYS H 152 -16.24 31.18 -16.60
C LYS H 152 -15.12 31.59 -15.66
N ILE H 153 -15.27 32.76 -15.02
CA ILE H 153 -14.22 33.24 -14.13
C ILE H 153 -14.10 32.33 -12.91
N VAL H 154 -15.22 31.81 -12.42
CA VAL H 154 -15.16 30.89 -11.28
C VAL H 154 -14.37 29.65 -11.66
N ARG H 155 -14.59 29.11 -12.86
CA ARG H 155 -13.89 27.89 -13.25
C ARG H 155 -12.42 28.15 -13.54
N ASP H 156 -12.05 29.37 -13.98
CA ASP H 156 -10.62 29.68 -14.06
C ASP H 156 -9.99 29.80 -12.67
N LEU H 157 -10.63 30.54 -11.76
CA LEU H 157 -10.05 30.76 -10.45
C LEU H 157 -10.05 29.52 -9.57
N SER H 158 -10.88 28.52 -9.89
CA SER H 158 -10.83 27.27 -9.14
C SER H 158 -9.58 26.45 -9.46
N GLN H 159 -8.93 26.71 -10.60
CA GLN H 159 -7.75 25.94 -10.97
C GLN H 159 -6.56 26.30 -10.09
N LEU H 160 -6.42 27.57 -9.72
CA LEU H 160 -5.26 28.01 -8.96
C LEU H 160 -5.37 27.61 -7.50
N SER H 161 -6.44 28.03 -6.84
CA SER H 161 -6.61 27.78 -5.42
C SER H 161 -8.07 27.39 -5.14
N ASP H 162 -8.28 26.73 -4.01
CA ASP H 162 -9.60 26.28 -3.60
C ASP H 162 -10.34 27.31 -2.76
N SER H 163 -9.79 28.50 -2.58
CA SER H 163 -10.43 29.57 -1.83
C SER H 163 -10.46 30.81 -2.72
N ILE H 164 -11.66 31.32 -3.00
CA ILE H 164 -11.84 32.48 -3.86
C ILE H 164 -12.18 33.67 -3.00
N ASN H 165 -11.41 34.75 -3.12
CA ASN H 165 -11.58 35.94 -2.30
C ASN H 165 -12.23 37.04 -3.16
N ILE H 166 -13.44 37.43 -2.79
CA ILE H 166 -14.22 38.41 -3.54
C ILE H 166 -14.23 39.70 -2.72
N MET H 167 -13.74 40.78 -3.32
CA MET H 167 -13.71 42.08 -2.67
C MET H 167 -14.41 43.11 -3.53
N ILE H 168 -15.30 43.89 -2.92
CA ILE H 168 -16.03 44.95 -3.60
C ILE H 168 -15.78 46.25 -2.83
N THR H 169 -15.18 47.22 -3.50
CA THR H 169 -14.87 48.51 -2.90
C THR H 169 -14.63 49.53 -4.01
N LYS H 170 -15.21 50.71 -3.86
CA LYS H 170 -14.96 51.86 -4.73
C LYS H 170 -15.20 51.53 -6.20
N GLU H 171 -16.40 51.01 -6.48
CA GLU H 171 -16.81 50.67 -7.84
C GLU H 171 -15.82 49.71 -8.51
N THR H 172 -15.34 48.72 -7.74
CA THR H 172 -14.46 47.69 -8.26
C THR H 172 -14.91 46.34 -7.73
N ILE H 173 -14.82 45.32 -8.58
CA ILE H 173 -15.12 43.95 -8.19
C ILE H 173 -13.88 43.11 -8.48
N LYS H 174 -13.31 42.51 -7.44
CA LYS H 174 -12.06 41.77 -7.61
C LYS H 174 -12.21 40.36 -7.06
N PHE H 175 -11.73 39.40 -7.86
CA PHE H 175 -11.76 37.99 -7.50
C PHE H 175 -10.33 37.47 -7.51
N VAL H 176 -9.86 37.01 -6.35
CA VAL H 176 -8.47 36.63 -6.14
C VAL H 176 -8.40 35.14 -5.79
N ALA H 177 -7.39 34.46 -6.32
CA ALA H 177 -7.15 33.06 -6.01
C ALA H 177 -5.64 32.83 -6.02
N ASP H 178 -5.03 32.91 -4.84
CA ASP H 178 -3.58 32.74 -4.69
C ASP H 178 -3.30 31.27 -4.38
N GLY H 179 -2.79 30.54 -5.38
CA GLY H 179 -2.45 29.15 -5.21
C GLY H 179 -0.98 28.94 -4.91
N ASP H 180 -0.60 27.67 -4.84
CA ASP H 180 0.80 27.33 -4.61
C ASP H 180 1.66 27.54 -5.85
N ILE H 181 1.09 27.33 -7.03
CA ILE H 181 1.84 27.50 -8.27
C ILE H 181 1.96 28.96 -8.68
N GLY H 182 1.03 29.80 -8.25
CA GLY H 182 1.07 31.21 -8.61
C GLY H 182 -0.03 32.03 -7.96
N SER H 183 -0.61 32.96 -8.72
CA SER H 183 -1.67 33.81 -8.21
C SER H 183 -2.67 34.09 -9.31
N GLY H 184 -3.88 34.46 -8.90
CA GLY H 184 -4.93 34.84 -9.82
C GLY H 184 -5.72 36.03 -9.32
N SER H 185 -6.03 36.97 -10.23
CA SER H 185 -6.76 38.18 -9.83
C SER H 185 -7.48 38.72 -11.06
N VAL H 186 -8.81 38.69 -11.03
CA VAL H 186 -9.63 39.26 -12.09
C VAL H 186 -10.32 40.50 -11.54
N ILE H 187 -10.20 41.60 -12.28
CA ILE H 187 -10.70 42.91 -11.86
C ILE H 187 -11.76 43.37 -12.84
N ILE H 188 -12.90 43.83 -12.32
CA ILE H 188 -14.04 44.24 -13.12
C ILE H 188 -14.53 45.60 -12.64
N LYS H 189 -14.81 46.49 -13.59
CA LYS H 189 -15.50 47.73 -13.26
C LYS H 189 -16.95 47.66 -13.69
N PRO H 190 -17.87 48.34 -12.99
CA PRO H 190 -19.28 48.28 -13.38
C PRO H 190 -19.51 48.98 -14.70
N PHE H 191 -20.23 48.31 -15.60
CA PHE H 191 -20.53 48.82 -16.93
C PHE H 191 -22.00 48.64 -17.23
N VAL H 192 -22.60 49.66 -17.84
CA VAL H 192 -23.98 49.61 -18.32
C VAL H 192 -23.95 49.76 -19.84
N ASP H 193 -24.66 48.86 -20.52
CA ASP H 193 -24.67 48.83 -21.98
C ASP H 193 -26.07 49.12 -22.49
N MET H 194 -26.20 50.16 -23.32
CA MET H 194 -27.49 50.46 -23.93
C MET H 194 -27.80 49.50 -25.06
N GLU H 195 -26.77 48.99 -25.74
CA GLU H 195 -26.99 48.12 -26.89
C GLU H 195 -27.68 46.83 -26.49
N HIS H 196 -27.21 46.20 -25.41
CA HIS H 196 -27.77 44.94 -24.94
C HIS H 196 -27.94 45.00 -23.43
N PRO H 197 -29.16 44.89 -22.90
CA PRO H 197 -29.34 44.98 -21.44
C PRO H 197 -28.70 43.83 -20.68
N GLU H 198 -28.65 42.63 -21.28
CA GLU H 198 -28.16 41.47 -20.54
C GLU H 198 -26.66 41.54 -20.28
N THR H 199 -25.91 42.16 -21.19
CA THR H 199 -24.46 42.27 -21.06
C THR H 199 -24.10 43.56 -20.34
N SER H 200 -24.58 43.68 -19.10
CA SER H 200 -24.33 44.83 -18.28
C SER H 200 -24.06 44.39 -16.84
N ILE H 201 -23.25 45.16 -16.13
CA ILE H 201 -22.91 44.89 -14.74
C ILE H 201 -23.38 46.06 -13.89
N LYS H 202 -24.25 45.77 -12.93
CA LYS H 202 -24.88 46.79 -12.08
C LYS H 202 -24.40 46.59 -10.65
N LEU H 203 -23.45 47.41 -10.24
CA LEU H 203 -22.87 47.34 -8.90
C LEU H 203 -23.49 48.43 -8.03
N GLU H 204 -24.09 48.02 -6.91
CA GLU H 204 -24.73 48.94 -5.97
C GLU H 204 -23.99 48.81 -4.65
N MET H 205 -23.24 49.85 -4.31
CA MET H 205 -22.20 49.81 -3.29
C MET H 205 -22.63 50.71 -2.12
N ASP H 206 -22.70 50.10 -0.92
CA ASP H 206 -23.05 50.82 0.30
C ASP H 206 -21.96 50.77 1.37
N GLN H 207 -21.33 49.61 1.56
CA GLN H 207 -20.20 49.46 2.46
C GLN H 207 -19.21 48.49 1.82
N PRO H 208 -17.91 48.58 2.16
CA PRO H 208 -16.93 47.69 1.53
C PRO H 208 -17.17 46.24 1.92
N VAL H 209 -16.82 45.32 1.01
CA VAL H 209 -16.99 43.88 1.22
C VAL H 209 -15.68 43.18 0.92
N ASP H 210 -15.31 42.21 1.77
CA ASP H 210 -14.17 41.32 1.54
C ASP H 210 -14.52 39.94 2.11
N LEU H 211 -14.95 39.03 1.24
CA LEU H 211 -15.47 37.73 1.66
C LEU H 211 -14.71 36.59 1.00
N THR H 212 -14.51 35.50 1.75
CA THR H 212 -13.83 34.31 1.25
C THR H 212 -14.85 33.19 1.03
N PHE H 213 -14.71 32.48 -0.10
CA PHE H 213 -15.63 31.44 -0.52
C PHE H 213 -14.86 30.17 -0.83
N GLY H 214 -15.54 29.03 -0.63
CA GLY H 214 -14.98 27.76 -1.08
C GLY H 214 -15.20 27.56 -2.56
N ALA H 215 -14.16 27.05 -3.23
CA ALA H 215 -14.21 26.92 -4.69
C ALA H 215 -15.26 25.90 -5.13
N LYS H 216 -15.34 24.77 -4.44
CA LYS H 216 -16.27 23.72 -4.83
C LYS H 216 -17.71 24.21 -4.73
N TYR H 217 -18.03 24.94 -3.67
CA TYR H 217 -19.39 25.44 -3.51
C TYR H 217 -19.74 26.42 -4.63
N LEU H 218 -18.87 27.41 -4.88
CA LEU H 218 -19.10 28.36 -5.97
C LEU H 218 -19.29 27.65 -7.30
N LEU H 219 -18.49 26.60 -7.54
CA LEU H 219 -18.73 25.76 -8.71
C LEU H 219 -20.14 25.19 -8.69
N ASP H 220 -20.61 24.79 -7.50
CA ASP H 220 -21.94 24.21 -7.40
C ASP H 220 -23.04 25.22 -7.73
N ILE H 221 -22.89 26.49 -7.32
CA ILE H 221 -23.87 27.48 -7.78
C ILE H 221 -23.77 27.71 -9.29
N ILE H 222 -22.55 27.80 -9.84
CA ILE H 222 -22.44 28.25 -11.23
C ILE H 222 -22.98 27.21 -12.22
N LYS H 223 -23.43 26.06 -11.72
CA LYS H 223 -24.16 25.13 -12.57
C LYS H 223 -25.52 25.67 -12.99
N GLY H 224 -26.05 26.65 -12.26
CA GLY H 224 -27.38 27.15 -12.56
C GLY H 224 -27.40 28.22 -13.63
N SER H 225 -26.28 28.38 -14.35
CA SER H 225 -26.19 29.42 -15.37
C SER H 225 -27.09 29.16 -16.57
N SER H 226 -27.59 27.93 -16.72
CA SER H 226 -28.46 27.61 -17.85
C SER H 226 -29.87 28.17 -17.69
N LEU H 227 -30.21 28.70 -16.51
CA LEU H 227 -31.54 29.25 -16.30
C LEU H 227 -31.65 30.68 -16.81
N SER H 228 -30.76 31.57 -16.34
CA SER H 228 -30.85 32.99 -16.62
C SER H 228 -29.60 33.45 -17.34
N ASP H 229 -29.76 34.53 -18.12
CA ASP H 229 -28.63 35.12 -18.81
C ASP H 229 -27.71 35.87 -17.87
N ARG H 230 -28.22 36.30 -16.71
CA ARG H 230 -27.44 37.02 -15.72
C ARG H 230 -27.78 36.51 -14.32
N VAL H 231 -26.83 36.67 -13.41
CA VAL H 231 -26.96 36.25 -12.02
C VAL H 231 -26.77 37.47 -11.13
N GLY H 232 -27.60 37.58 -10.09
CA GLY H 232 -27.49 38.64 -9.11
C GLY H 232 -26.85 38.16 -7.83
N ILE H 233 -25.80 38.84 -7.40
CA ILE H 233 -24.96 38.37 -6.29
C ILE H 233 -25.02 39.42 -5.19
N ARG H 234 -25.43 39.01 -4.00
CA ARG H 234 -25.52 39.90 -2.84
C ARG H 234 -24.54 39.43 -1.77
N LEU H 235 -23.69 40.35 -1.31
CA LEU H 235 -22.65 40.09 -0.34
C LEU H 235 -22.97 40.80 0.97
N SER H 236 -22.68 40.15 2.09
CA SER H 236 -22.74 40.78 3.40
C SER H 236 -21.63 40.22 4.28
N SER H 237 -21.01 41.09 5.07
CA SER H 237 -19.89 40.69 5.90
C SER H 237 -20.31 39.85 7.10
N GLU H 238 -21.58 39.93 7.50
CA GLU H 238 -22.09 39.19 8.64
C GLU H 238 -23.26 38.27 8.29
N ALA H 239 -23.59 38.15 7.01
CA ALA H 239 -24.71 37.33 6.57
C ALA H 239 -24.25 36.42 5.43
N PRO H 240 -24.90 35.27 5.27
CA PRO H 240 -24.57 34.39 4.15
C PRO H 240 -24.75 35.09 2.81
N ALA H 241 -23.75 34.96 1.94
CA ALA H 241 -23.86 35.51 0.60
C ALA H 241 -24.95 34.81 -0.18
N LEU H 242 -25.66 35.57 -1.01
CA LEU H 242 -26.82 35.08 -1.73
C LEU H 242 -26.57 35.17 -3.22
N PHE H 243 -26.91 34.11 -3.95
CA PHE H 243 -26.71 34.03 -5.39
C PHE H 243 -28.06 33.71 -6.03
N GLN H 244 -28.56 34.59 -6.89
CA GLN H 244 -29.90 34.47 -7.45
C GLN H 244 -29.84 34.37 -8.97
N PHE H 245 -30.53 33.36 -9.51
CA PHE H 245 -30.86 33.30 -10.92
C PHE H 245 -32.36 33.55 -11.07
N ASP H 246 -32.73 34.48 -11.93
CA ASP H 246 -34.12 34.89 -12.10
C ASP H 246 -34.72 34.15 -13.30
N LEU H 247 -35.77 33.37 -13.03
CA LEU H 247 -36.50 32.68 -14.08
C LEU H 247 -37.53 33.62 -14.69
N LYS H 248 -38.43 33.08 -15.50
CA LYS H 248 -39.49 33.91 -16.08
C LYS H 248 -40.41 34.47 -14.99
N SER H 249 -40.82 33.62 -14.05
CA SER H 249 -41.63 34.05 -12.92
C SER H 249 -41.17 33.36 -11.65
N GLY H 250 -39.86 33.15 -11.52
CA GLY H 250 -39.33 32.47 -10.35
C GLY H 250 -37.87 32.74 -10.15
N PHE H 251 -37.37 32.29 -9.00
CA PHE H 251 -35.97 32.47 -8.63
C PHE H 251 -35.37 31.18 -8.11
N LEU H 252 -34.10 30.97 -8.42
CA LEU H 252 -33.28 29.95 -7.76
C LEU H 252 -32.21 30.69 -6.96
N GLN H 253 -32.20 30.46 -5.65
CA GLN H 253 -31.28 31.13 -4.75
C GLN H 253 -30.40 30.12 -4.03
N PHE H 254 -29.12 30.45 -3.95
CA PHE H 254 -28.15 29.71 -3.14
C PHE H 254 -27.68 30.61 -2.00
N PHE H 255 -27.79 30.11 -0.78
CA PHE H 255 -27.33 30.82 0.41
C PHE H 255 -26.05 30.12 0.87
N LEU H 256 -24.92 30.82 0.83
CA LEU H 256 -23.65 30.25 1.26
C LEU H 256 -23.20 30.97 2.53
N ALA H 257 -22.86 30.20 3.56
CA ALA H 257 -22.33 30.77 4.79
C ALA H 257 -20.81 30.91 4.66
N PRO H 258 -20.28 32.13 4.60
CA PRO H 258 -18.82 32.28 4.47
C PRO H 258 -18.10 31.93 5.75
N LYS H 259 -16.83 31.54 5.60
CA LYS H 259 -16.00 31.19 6.74
C LYS H 259 -15.51 32.45 7.45
PG AGS L . -9.98 -26.57 -12.57
S1G AGS L . -11.23 -25.82 -11.28
O2G AGS L . -8.54 -26.07 -12.25
O3G AGS L . -10.38 -26.12 -14.01
PB AGS L . -11.26 -28.94 -13.02
O1B AGS L . -12.28 -28.03 -13.62
O2B AGS L . -11.81 -29.71 -11.82
O3B AGS L . -10.02 -28.12 -12.48
PA AGS L . -11.45 -30.11 -15.50
O1A AGS L . -11.16 -28.89 -16.29
O2A AGS L . -12.94 -30.39 -15.29
O3A AGS L . -10.79 -30.03 -14.07
O5' AGS L . -10.73 -31.33 -16.23
C5' AGS L . -9.71 -31.10 -17.23
C4' AGS L . -9.33 -32.42 -17.85
O4' AGS L . -8.73 -33.28 -16.85
C3' AGS L . -10.49 -33.22 -18.43
O3' AGS L . -10.77 -32.83 -19.76
C2' AGS L . -9.94 -34.65 -18.36
O2' AGS L . -9.12 -34.96 -19.47
C1' AGS L . -9.13 -34.63 -17.07
N9 AGS L . -9.84 -35.09 -15.89
C8 AGS L . -10.07 -34.38 -14.74
N7 AGS L . -10.75 -35.04 -13.83
C5 AGS L . -10.99 -36.28 -14.43
C6 AGS L . -11.67 -37.43 -14.00
N6 AGS L . -12.25 -37.53 -12.80
N1 AGS L . -11.73 -38.48 -14.84
C2 AGS L . -11.14 -38.38 -16.04
N3 AGS L . -10.48 -37.34 -16.56
C4 AGS L . -10.44 -36.31 -15.70
MG MG M . -12.55 -25.98 -14.26
PG AGS N . 17.12 -15.51 -15.57
S1G AGS N . 15.22 -15.70 -15.18
O2G AGS N . 17.79 -14.62 -14.47
O3G AGS N . 17.30 -14.81 -16.96
PB AGS N . 17.98 -17.69 -16.97
O1B AGS N . 16.72 -17.63 -17.77
O2B AGS N . 18.37 -19.12 -16.60
O3B AGS N . 17.80 -16.91 -15.60
PA AGS N . 19.19 -17.20 -19.39
O1A AGS N . 18.58 -15.99 -19.99
O2A AGS N . 18.45 -18.49 -19.74
O3A AGS N . 19.19 -17.10 -17.80
O5' AGS N . 20.71 -17.26 -19.81
C5' AGS N . 21.60 -16.15 -19.60
C4' AGS N . 22.91 -16.44 -20.25
O4' AGS N . 23.71 -17.29 -19.39
C3' AGS N . 22.83 -17.19 -21.58
O3' AGS N . 22.67 -16.29 -22.66
C2' AGS N . 24.18 -17.90 -21.64
O2' AGS N . 25.21 -17.05 -22.13
C1' AGS N . 24.43 -18.24 -20.16
N9 AGS N . 23.99 -19.57 -19.76
C8 AGS N . 23.19 -19.89 -18.70
N7 AGS N . 22.94 -21.17 -18.56
C5 AGS N . 23.64 -21.74 -19.63
C6 AGS N . 23.79 -23.07 -20.05
N6 AGS N . 23.23 -24.12 -19.43
N1 AGS N . 24.55 -23.31 -21.15
C2 AGS N . 25.12 -22.27 -21.76
N3 AGS N . 25.04 -20.97 -21.46
C4 AGS N . 24.28 -20.77 -20.37
MG MG O . 15.58 -15.51 -17.90
PG AGS P . 26.44 8.17 -1.25
S1G AGS P . 25.65 6.54 -1.94
O2G AGS P . 26.06 8.34 0.25
O3G AGS P . 25.90 9.39 -2.04
PB AGS P . 28.69 8.73 -2.68
O1B AGS P . 27.73 8.79 -3.81
O2B AGS P . 29.90 7.85 -2.98
O3B AGS P . 28.00 8.12 -1.40
PA AGS P . 29.53 11.19 -3.56
O1A AGS P . 28.32 11.98 -3.88
O2A AGS P . 30.08 10.36 -4.72
O3A AGS P . 29.26 10.18 -2.36
O5' AGS P . 30.63 12.20 -3.00
C5' AGS P . 30.31 13.21 -2.04
C4' AGS P . 31.42 14.22 -2.00
O4' AGS P . 32.51 13.71 -1.20
C3' AGS P . 32.04 14.55 -3.36
O3' AGS P . 31.33 15.61 -3.98
C2' AGS P . 33.46 14.94 -2.98
O2' AGS P . 33.54 16.29 -2.57
C1' AGS P . 33.76 14.00 -1.81
N9 AGS P . 34.38 12.73 -2.19
C8 AGS P . 33.89 11.47 -1.95
N7 AGS P . 34.65 10.51 -2.41
C5 AGS P . 35.71 11.18 -3.01
C6 AGS P . 36.85 10.73 -3.69
N6 AGS P . 37.15 9.44 -3.88
N1 AGS P . 37.71 11.67 -4.17
C2 AGS P . 37.42 12.95 -3.98
N3 AGS P . 36.37 13.49 -3.35
C4 AGS P . 35.55 12.55 -2.89
MG MG Q . 25.63 9.09 -4.25
PG AGS R . 13.46 20.22 21.53
S1G AGS R . 14.54 18.89 20.63
O2G AGS R . 12.46 19.53 22.51
O3G AGS R . 12.64 21.02 20.47
PB AGS R . 14.95 22.51 21.63
O1B AGS R . 16.36 22.30 21.26
O2B AGS R . 14.04 22.80 20.43
O3B AGS R . 14.36 21.21 22.33
PA AGS R . 14.33 25.15 22.03
O1A AGS R . 15.32 25.67 21.05
O2A AGS R . 12.93 24.96 21.45
O3A AGS R . 14.78 23.74 22.61
O5' AGS R . 14.32 26.14 23.27
C5' AGS R . 13.15 26.25 24.11
C4' AGS R . 13.31 27.46 24.99
O4' AGS R . 14.35 27.20 25.97
C3' AGS R . 13.75 28.73 24.27
O3' AGS R . 12.61 29.46 23.82
C2' AGS R . 14.51 29.49 25.36
O2' AGS R . 13.63 30.20 26.23
C1' AGS R . 15.18 28.33 26.12
N9 AGS R . 16.51 27.98 25.62
C8 AGS R . 16.92 26.77 25.14
N7 AGS R . 18.17 26.74 24.76
C5 AGS R . 18.62 28.04 25.00
C6 AGS R . 19.87 28.65 24.80
N6 AGS R . 20.94 28.03 24.30
N1 AGS R . 19.98 29.96 25.15
C2 AGS R . 18.91 30.58 25.65
N3 AGS R . 17.69 30.10 25.88
C4 AGS R . 17.61 28.81 25.53
MG MG S . 12.80 22.28 18.83
PB ADP T . -8.57 11.28 38.39
O1B ADP T . -8.80 12.47 37.49
O2B ADP T . -7.19 11.22 38.99
O3B ADP T . -9.08 9.97 37.83
PA ADP T . -10.87 12.42 39.52
O1A ADP T . -10.53 13.87 39.25
O2A ADP T . -11.77 11.66 38.58
O3A ADP T . -9.52 11.57 39.66
O5' ADP T . -11.48 12.29 41.01
C5' ADP T . -12.31 11.18 41.32
C4' ADP T . -13.17 11.43 42.55
O4' ADP T . -12.43 12.00 43.62
C3' ADP T . -14.30 12.40 42.25
O3' ADP T . -15.53 11.68 42.11
C2' ADP T . -14.37 13.32 43.45
O2' ADP T . -15.66 13.24 44.06
C1' ADP T . -13.30 12.82 44.40
N9 ADP T . -12.59 13.95 45.03
C8 ADP T . -11.34 14.38 44.76
N7 ADP T . -11.02 15.45 45.53
C5 ADP T . -12.08 15.73 46.31
C6 ADP T . -12.41 16.73 47.35
N6 ADP T . -11.52 17.68 47.71
N1 ADP T . -13.64 16.67 47.91
C2 ADP T . -14.54 15.73 47.55
N3 ADP T . -14.30 14.79 46.62
C4 ADP T . -13.11 14.74 45.98
#